data_4GO4
#
_entry.id   4GO4
#
_cell.length_a   86.911
_cell.length_b   154.539
_cell.length_c   143.435
_cell.angle_alpha   90.00
_cell.angle_beta   95.24
_cell.angle_gamma   90.00
#
_symmetry.space_group_name_H-M   'P 1 21 1'
#
loop_
_entity.id
_entity.type
_entity.pdbx_description
1 polymer 'Putative gamma-hydroxymuconic semialdehyde dehydrogenase'
2 non-polymer NICOTINAMIDE-ADENINE-DINUCLEOTIDE
3 water water
#
_entity_poly.entity_id   1
_entity_poly.type   'polypeptide(L)'
_entity_poly.pdbx_seq_one_letter_code
;MQNQLYIDGRFVDAVAGGTIDVVSPHDGSLITRIAAAEAADVDLAVAAAKRAFPAWSALGAAERGRLLLKLADRIEECSE
ELAQLESLNTGHPIRDSRGLDVPRTAACFRYFGGMADKIEGSVIPVDAGFLNYVQRKPIGVVAQIVPWNFPLMFTSWKMG
PALAAGNTIVIKPSEITPLSTLRIVELMTEVGFPKGVVNVVPGYGHTAGQALAEHLDVGKIAFTGSTATGRRIVEASKSN
LKRIQLELGGKGANIVFEDANIEAAVNGAAWAIFHNQGQACIAGSRLILHKDIADQFLERFIALAKSIRLGDPMDPETEM
GPLTSALRRDRVLSYIDIAIEQGGKVLAGGKAPDDKALANGFYVEPTVVEAKPQDRVCQEEVFGPFVTVVRFSSDEEALA
IANNTEYGLGSGLWTQNLARAHKMAHAIHAGMCWINCYKRVSPGSPFGGVGQSGYGREMGFEAIHDYTEARSVWVNVDAK
IAPHFKRLGHHHHHH
;
_entity_poly.pdbx_strand_id   A,B,C,D,E,F,G,H
#
loop_
_chem_comp.id
_chem_comp.type
_chem_comp.name
_chem_comp.formula
NAD non-polymer NICOTINAMIDE-ADENINE-DINUCLEOTIDE 'C21 H27 N7 O14 P2'
#
# COMPACT_ATOMS: atom_id res chain seq x y z
N MET A 1 -6.68 -54.33 -18.37
CA MET A 1 -7.71 -53.68 -17.52
C MET A 1 -8.52 -52.54 -18.18
N GLN A 2 -7.96 -51.34 -18.21
CA GLN A 2 -8.57 -50.19 -18.90
C GLN A 2 -8.13 -50.23 -20.36
N ASN A 3 -9.08 -50.25 -21.29
CA ASN A 3 -8.75 -50.69 -22.64
C ASN A 3 -9.27 -49.93 -23.88
N GLN A 4 -9.94 -48.80 -23.66
CA GLN A 4 -10.51 -48.05 -24.78
C GLN A 4 -9.68 -46.81 -25.09
N LEU A 5 -10.01 -46.15 -26.21
CA LEU A 5 -9.44 -44.85 -26.51
C LEU A 5 -9.78 -43.92 -25.36
N TYR A 6 -9.03 -42.82 -25.24
CA TYR A 6 -9.35 -41.79 -24.26
C TYR A 6 -9.32 -40.46 -24.97
N ILE A 7 -10.50 -39.93 -25.26
CA ILE A 7 -10.62 -38.72 -26.03
C ILE A 7 -11.53 -37.68 -25.35
N ASP A 8 -10.99 -36.49 -25.10
CA ASP A 8 -11.75 -35.42 -24.45
C ASP A 8 -12.22 -35.87 -23.07
N GLY A 9 -11.36 -36.58 -22.36
CA GLY A 9 -11.64 -36.96 -20.98
C GLY A 9 -12.60 -38.11 -20.73
N ARG A 10 -12.96 -38.83 -21.80
N ARG A 10 -12.95 -38.85 -21.79
CA ARG A 10 -13.85 -39.99 -21.70
CA ARG A 10 -13.84 -39.99 -21.65
C ARG A 10 -13.22 -41.21 -22.34
C ARG A 10 -13.22 -41.21 -22.31
N PHE A 11 -13.40 -42.37 -21.72
CA PHE A 11 -12.99 -43.62 -22.35
C PHE A 11 -14.06 -44.04 -23.37
N VAL A 12 -13.70 -44.06 -24.66
CA VAL A 12 -14.67 -44.36 -25.71
C VAL A 12 -14.14 -45.45 -26.63
N ASP A 13 -15.06 -46.15 -27.30
CA ASP A 13 -14.67 -47.17 -28.25
C ASP A 13 -14.24 -46.52 -29.53
N ALA A 14 -13.56 -47.27 -30.38
CA ALA A 14 -13.19 -46.75 -31.70
C ALA A 14 -14.46 -46.46 -32.51
N VAL A 15 -14.44 -45.36 -33.24
CA VAL A 15 -15.58 -44.94 -34.04
C VAL A 15 -16.16 -46.06 -34.92
N ALA A 16 -15.29 -46.87 -35.52
CA ALA A 16 -15.73 -47.94 -36.42
C ALA A 16 -15.67 -49.30 -35.73
N GLY A 17 -15.63 -49.28 -34.40
CA GLY A 17 -15.63 -50.50 -33.61
C GLY A 17 -14.38 -51.34 -33.69
N GLY A 18 -13.38 -50.90 -34.46
CA GLY A 18 -12.10 -51.59 -34.58
C GLY A 18 -11.59 -52.15 -33.27
N THR A 19 -10.87 -53.25 -33.35
CA THR A 19 -10.37 -53.91 -32.15
C THR A 19 -8.98 -54.52 -32.38
N ILE A 20 -8.16 -54.51 -31.33
CA ILE A 20 -6.85 -55.12 -31.40
C ILE A 20 -6.58 -56.00 -30.16
N ASP A 21 -6.01 -57.18 -30.38
CA ASP A 21 -5.67 -58.11 -29.31
C ASP A 21 -4.38 -57.74 -28.58
N VAL A 22 -4.44 -57.62 -27.26
CA VAL A 22 -3.23 -57.37 -26.50
C VAL A 22 -2.87 -58.62 -25.72
N VAL A 23 -1.69 -59.15 -26.00
CA VAL A 23 -1.28 -60.45 -25.49
C VAL A 23 -0.18 -60.40 -24.43
N SER A 24 -0.21 -61.34 -23.48
CA SER A 24 0.88 -61.48 -22.52
C SER A 24 2.03 -62.26 -23.15
N PRO A 25 3.22 -61.64 -23.20
CA PRO A 25 4.44 -62.24 -23.75
C PRO A 25 4.94 -63.47 -22.98
N HIS A 26 4.34 -63.78 -21.83
CA HIS A 26 4.81 -64.90 -21.01
C HIS A 26 4.23 -66.26 -21.41
N ASP A 27 2.96 -66.27 -21.81
CA ASP A 27 2.27 -67.52 -22.09
C ASP A 27 1.50 -67.46 -23.40
N GLY A 28 1.52 -66.32 -24.07
CA GLY A 28 0.78 -66.14 -25.31
C GLY A 28 -0.69 -65.81 -25.03
N SER A 29 -1.05 -65.87 -23.75
CA SER A 29 -2.42 -65.60 -23.27
C SER A 29 -2.99 -64.23 -23.73
N LEU A 30 -4.29 -64.17 -23.97
CA LEU A 30 -4.94 -62.87 -24.24
C LEU A 30 -5.14 -62.10 -22.93
N ILE A 31 -4.73 -60.82 -22.93
CA ILE A 31 -4.85 -59.96 -21.75
C ILE A 31 -6.16 -59.17 -21.82
N THR A 32 -6.43 -58.61 -23.00
CA THR A 32 -7.67 -57.89 -23.27
C THR A 32 -7.69 -57.34 -24.69
N ARG A 33 -8.80 -56.73 -25.06
CA ARG A 33 -8.96 -56.17 -26.40
C ARG A 33 -8.97 -54.66 -26.37
N ILE A 34 -8.10 -54.05 -27.18
CA ILE A 34 -7.89 -52.62 -27.26
C ILE A 34 -8.77 -52.03 -28.35
N ALA A 35 -9.45 -50.93 -28.06
CA ALA A 35 -10.16 -50.20 -29.11
C ALA A 35 -9.13 -49.71 -30.12
N ALA A 36 -9.31 -50.07 -31.38
CA ALA A 36 -8.31 -49.73 -32.40
C ALA A 36 -8.65 -48.44 -33.13
N ALA A 37 -7.83 -47.44 -32.85
CA ALA A 37 -8.04 -46.12 -33.41
C ALA A 37 -7.67 -46.07 -34.88
N GLU A 38 -8.48 -45.35 -35.66
CA GLU A 38 -8.24 -45.15 -37.07
C GLU A 38 -8.37 -43.67 -37.38
N ALA A 39 -8.08 -43.29 -38.62
CA ALA A 39 -8.10 -41.90 -39.04
C ALA A 39 -9.23 -41.08 -38.41
N ALA A 40 -10.45 -41.59 -38.52
CA ALA A 40 -11.60 -40.84 -38.01
C ALA A 40 -11.47 -40.54 -36.50
N ASP A 41 -10.85 -41.46 -35.77
CA ASP A 41 -10.66 -41.32 -34.33
C ASP A 41 -9.65 -40.22 -33.97
N VAL A 42 -8.52 -40.18 -34.65
CA VAL A 42 -7.53 -39.17 -34.34
C VAL A 42 -8.08 -37.81 -34.72
N ASP A 43 -8.83 -37.73 -35.82
CA ASP A 43 -9.48 -36.46 -36.19
C ASP A 43 -10.21 -35.86 -34.99
N LEU A 44 -10.75 -36.71 -34.14
CA LEU A 44 -11.47 -36.25 -32.95
C LEU A 44 -10.53 -35.91 -31.82
N ALA A 45 -9.58 -36.80 -31.56
CA ALA A 45 -8.60 -36.59 -30.52
C ALA A 45 -7.88 -35.27 -30.75
N VAL A 46 -7.54 -34.98 -32.00
CA VAL A 46 -6.84 -33.75 -32.31
C VAL A 46 -7.78 -32.57 -32.17
N ALA A 47 -9.04 -32.73 -32.57
CA ALA A 47 -10.01 -31.64 -32.44
C ALA A 47 -10.25 -31.33 -30.98
N ALA A 48 -10.29 -32.37 -30.17
CA ALA A 48 -10.43 -32.22 -28.72
C ALA A 48 -9.25 -31.42 -28.14
N ALA A 49 -8.05 -31.79 -28.58
CA ALA A 49 -6.82 -31.13 -28.16
C ALA A 49 -6.78 -29.67 -28.63
N LYS A 50 -7.20 -29.42 -29.86
CA LYS A 50 -7.14 -28.08 -30.44
C LYS A 50 -8.03 -27.18 -29.64
N ARG A 51 -9.13 -27.77 -29.16
CA ARG A 51 -10.15 -27.02 -28.45
C ARG A 51 -9.66 -26.72 -27.04
N ALA A 52 -9.06 -27.71 -26.40
CA ALA A 52 -8.55 -27.54 -25.04
C ALA A 52 -7.31 -26.63 -24.92
N PHE A 53 -6.57 -26.48 -26.02
CA PHE A 53 -5.30 -25.75 -25.99
C PHE A 53 -5.40 -24.32 -25.45
N PRO A 54 -6.23 -23.47 -26.08
CA PRO A 54 -6.30 -22.07 -25.64
C PRO A 54 -6.40 -21.89 -24.11
N ALA A 55 -7.32 -22.61 -23.49
CA ALA A 55 -7.52 -22.52 -22.05
C ALA A 55 -6.34 -23.06 -21.27
N TRP A 56 -5.83 -24.19 -21.72
CA TRP A 56 -4.70 -24.85 -21.08
C TRP A 56 -3.41 -24.00 -21.13
N SER A 57 -3.08 -23.45 -22.29
CA SER A 57 -1.87 -22.66 -22.39
C SER A 57 -2.05 -21.32 -21.70
N ALA A 58 -3.31 -20.94 -21.48
CA ALA A 58 -3.63 -19.65 -20.86
C ALA A 58 -3.52 -19.68 -19.32
N LEU A 59 -3.66 -20.86 -18.74
CA LEU A 59 -3.34 -21.08 -17.33
C LEU A 59 -1.96 -20.54 -17.04
N GLY A 60 -1.76 -20.08 -15.82
CA GLY A 60 -0.43 -19.64 -15.41
C GLY A 60 0.49 -20.85 -15.48
N ALA A 61 1.75 -20.63 -15.79
CA ALA A 61 2.65 -21.77 -15.95
C ALA A 61 2.71 -22.59 -14.67
N ALA A 62 2.74 -21.89 -13.54
CA ALA A 62 2.86 -22.54 -12.24
C ALA A 62 1.75 -23.57 -12.03
N GLU A 63 0.58 -23.30 -12.60
CA GLU A 63 -0.56 -24.22 -12.51
C GLU A 63 -0.32 -25.53 -13.27
N ARG A 64 0.06 -25.41 -14.54
CA ARG A 64 0.45 -26.59 -15.29
C ARG A 64 1.52 -27.34 -14.49
N GLY A 65 2.40 -26.61 -13.85
CA GLY A 65 3.45 -27.24 -13.07
C GLY A 65 2.90 -28.05 -11.93
N ARG A 66 2.02 -27.43 -11.15
CA ARG A 66 1.41 -28.10 -9.99
C ARG A 66 0.73 -29.44 -10.39
N LEU A 67 -0.07 -29.44 -11.46
CA LEU A 67 -0.72 -30.66 -11.91
C LEU A 67 0.30 -31.77 -12.21
N LEU A 68 1.33 -31.46 -12.97
CA LEU A 68 2.40 -32.42 -13.23
C LEU A 68 2.98 -32.94 -11.92
N LEU A 69 3.22 -32.03 -10.99
CA LEU A 69 3.74 -32.41 -9.68
C LEU A 69 2.82 -33.39 -8.95
N LYS A 70 1.51 -33.15 -8.95
CA LYS A 70 0.57 -34.05 -8.28
C LYS A 70 0.54 -35.40 -9.00
N LEU A 71 0.47 -35.36 -10.32
CA LEU A 71 0.54 -36.58 -11.13
C LEU A 71 1.74 -37.43 -10.74
N ALA A 72 2.86 -36.81 -10.41
CA ALA A 72 4.02 -37.57 -10.03
C ALA A 72 3.80 -38.29 -8.70
N ASP A 73 3.29 -37.56 -7.70
CA ASP A 73 2.99 -38.15 -6.40
C ASP A 73 1.97 -39.27 -6.57
N ARG A 74 0.96 -38.99 -7.40
CA ARG A 74 -0.14 -39.92 -7.61
C ARG A 74 0.37 -41.21 -8.24
N ILE A 75 1.29 -41.09 -9.20
CA ILE A 75 1.87 -42.26 -9.86
C ILE A 75 2.59 -43.15 -8.87
N GLU A 76 3.17 -42.54 -7.84
CA GLU A 76 3.87 -43.30 -6.81
C GLU A 76 2.91 -43.95 -5.79
N GLU A 77 1.77 -43.29 -5.54
CA GLU A 77 0.70 -43.89 -4.76
C GLU A 77 0.21 -45.19 -5.42
N CYS A 78 -0.04 -45.14 -6.73
CA CYS A 78 -0.39 -46.34 -7.49
C CYS A 78 0.87 -47.10 -7.97
N SER A 79 1.96 -46.99 -7.24
CA SER A 79 3.22 -47.62 -7.60
C SER A 79 3.06 -49.08 -8.06
N GLU A 80 2.52 -49.92 -7.18
CA GLU A 80 2.37 -51.33 -7.50
C GLU A 80 1.31 -51.61 -8.57
N GLU A 81 0.15 -50.98 -8.43
CA GLU A 81 -0.89 -51.13 -9.42
C GLU A 81 -0.32 -51.01 -10.83
N LEU A 82 0.56 -50.03 -11.02
CA LEU A 82 1.17 -49.77 -12.33
C LEU A 82 2.30 -50.73 -12.67
N ALA A 83 3.29 -50.86 -11.78
CA ALA A 83 4.40 -51.79 -12.01
C ALA A 83 3.87 -53.14 -12.48
N GLN A 84 2.73 -53.54 -11.92
CA GLN A 84 2.11 -54.82 -12.21
C GLN A 84 1.49 -54.81 -13.59
N LEU A 85 0.72 -53.76 -13.87
CA LEU A 85 0.05 -53.62 -15.18
C LEU A 85 1.08 -53.59 -16.31
N GLU A 86 2.18 -52.88 -16.09
CA GLU A 86 3.24 -52.77 -17.08
C GLU A 86 3.97 -54.09 -17.30
N SER A 87 4.54 -54.67 -16.24
CA SER A 87 5.34 -55.89 -16.39
C SER A 87 4.50 -57.02 -17.00
N LEU A 88 3.21 -57.04 -16.70
CA LEU A 88 2.33 -58.01 -17.31
C LEU A 88 2.26 -57.86 -18.82
N ASN A 89 2.07 -56.61 -19.27
CA ASN A 89 1.84 -56.29 -20.67
C ASN A 89 3.09 -56.37 -21.53
N THR A 90 4.26 -56.19 -20.92
CA THR A 90 5.50 -56.04 -21.67
C THR A 90 6.53 -57.17 -21.44
N GLY A 91 6.35 -57.91 -20.35
CA GLY A 91 7.28 -58.97 -20.00
C GLY A 91 8.43 -58.47 -19.13
N HIS A 92 8.39 -57.20 -18.76
CA HIS A 92 9.39 -56.66 -17.85
C HIS A 92 9.25 -57.34 -16.49
N PRO A 93 10.35 -57.91 -15.99
CA PRO A 93 10.30 -58.46 -14.63
C PRO A 93 9.73 -57.41 -13.66
N ILE A 94 8.98 -57.81 -12.64
CA ILE A 94 8.42 -56.83 -11.74
C ILE A 94 9.54 -56.12 -11.02
N ARG A 95 10.57 -56.87 -10.65
CA ARG A 95 11.71 -56.28 -9.95
C ARG A 95 12.19 -55.05 -10.70
N ASP A 96 11.92 -55.02 -12.00
CA ASP A 96 12.34 -53.89 -12.84
C ASP A 96 11.22 -52.86 -12.92
N SER A 97 10.01 -53.32 -13.23
CA SER A 97 8.84 -52.44 -13.15
C SER A 97 8.69 -51.74 -11.79
N ARG A 98 9.04 -52.42 -10.71
CA ARG A 98 8.89 -51.81 -9.39
C ARG A 98 10.00 -50.80 -9.11
N GLY A 99 11.24 -51.15 -9.43
CA GLY A 99 12.39 -50.35 -9.04
C GLY A 99 12.90 -49.37 -10.08
N LEU A 100 12.48 -49.57 -11.33
CA LEU A 100 12.95 -48.72 -12.42
C LEU A 100 11.79 -48.06 -13.15
N ASP A 101 11.16 -48.80 -14.06
CA ASP A 101 10.08 -48.27 -14.87
C ASP A 101 9.22 -47.22 -14.12
N VAL A 102 8.67 -47.59 -12.97
CA VAL A 102 7.72 -46.71 -12.27
C VAL A 102 8.34 -45.47 -11.61
N PRO A 103 9.38 -45.65 -10.78
CA PRO A 103 9.95 -44.48 -10.11
C PRO A 103 10.53 -43.46 -11.10
N ARG A 104 11.14 -43.96 -12.18
CA ARG A 104 11.75 -43.07 -13.17
C ARG A 104 10.70 -42.35 -14.00
N THR A 105 9.51 -42.95 -14.11
CA THR A 105 8.40 -42.27 -14.77
C THR A 105 7.87 -41.15 -13.90
N ALA A 106 7.82 -41.40 -12.60
CA ALA A 106 7.35 -40.39 -11.65
C ALA A 106 8.40 -39.28 -11.58
N ALA A 107 9.65 -39.67 -11.38
CA ALA A 107 10.75 -38.71 -11.27
C ALA A 107 10.78 -37.72 -12.44
N CYS A 108 10.52 -38.24 -13.63
CA CYS A 108 10.57 -37.42 -14.81
C CYS A 108 9.41 -36.43 -14.81
N PHE A 109 8.21 -36.91 -14.53
CA PHE A 109 7.06 -36.00 -14.42
C PHE A 109 7.29 -34.93 -13.37
N ARG A 110 7.90 -35.32 -12.25
CA ARG A 110 8.18 -34.38 -11.18
C ARG A 110 9.19 -33.33 -11.61
N TYR A 111 10.19 -33.74 -12.38
CA TYR A 111 11.16 -32.81 -12.94
C TYR A 111 10.44 -31.71 -13.69
N PHE A 112 9.66 -32.11 -14.68
CA PHE A 112 8.97 -31.17 -15.55
C PHE A 112 7.85 -30.42 -14.89
N GLY A 113 7.35 -30.94 -13.79
CA GLY A 113 6.40 -30.20 -12.98
C GLY A 113 7.10 -28.99 -12.40
N GLY A 114 8.29 -29.21 -11.85
CA GLY A 114 9.11 -28.14 -11.33
C GLY A 114 9.70 -27.25 -12.40
N MET A 115 9.54 -27.64 -13.67
CA MET A 115 10.14 -26.93 -14.79
C MET A 115 9.20 -25.91 -15.45
N ALA A 116 7.90 -26.20 -15.40
CA ALA A 116 6.93 -25.48 -16.21
C ALA A 116 7.01 -23.95 -16.08
N ASP A 117 7.33 -23.45 -14.89
CA ASP A 117 7.39 -22.00 -14.65
C ASP A 117 8.80 -21.45 -14.56
N LYS A 118 9.75 -22.17 -15.17
CA LYS A 118 11.16 -21.78 -15.19
C LYS A 118 11.64 -21.62 -16.63
N ILE A 119 10.70 -21.79 -17.57
CA ILE A 119 10.92 -21.53 -18.98
C ILE A 119 10.85 -20.04 -19.24
N GLU A 120 12.00 -19.39 -19.35
CA GLU A 120 12.02 -17.92 -19.51
C GLU A 120 12.29 -17.43 -20.96
N GLY A 121 11.68 -16.29 -21.30
CA GLY A 121 11.93 -15.66 -22.57
C GLY A 121 13.24 -14.94 -22.46
N SER A 122 13.48 -13.96 -23.33
CA SER A 122 14.68 -13.14 -23.21
C SER A 122 14.45 -11.77 -23.78
N VAL A 123 15.24 -10.80 -23.30
CA VAL A 123 15.16 -9.40 -23.74
C VAL A 123 16.44 -9.03 -24.44
N ILE A 124 16.33 -8.75 -25.74
CA ILE A 124 17.48 -8.51 -26.61
C ILE A 124 18.06 -7.08 -26.57
N PRO A 125 19.40 -6.96 -26.48
CA PRO A 125 20.02 -5.65 -26.52
C PRO A 125 19.94 -5.19 -27.96
N VAL A 126 19.36 -4.03 -28.19
CA VAL A 126 18.97 -3.68 -29.52
C VAL A 126 19.09 -2.15 -29.74
N ASP A 127 18.88 -1.72 -30.98
CA ASP A 127 19.04 -0.30 -31.34
C ASP A 127 18.50 0.60 -30.23
N ALA A 128 19.11 1.76 -30.02
CA ALA A 128 18.66 2.63 -28.92
C ALA A 128 17.23 3.06 -29.19
N GLY A 129 16.45 3.21 -28.13
CA GLY A 129 15.06 3.63 -28.24
C GLY A 129 14.06 2.52 -28.53
N PHE A 130 14.54 1.34 -28.92
CA PHE A 130 13.67 0.16 -29.06
C PHE A 130 13.72 -0.76 -27.85
N LEU A 131 12.69 -1.58 -27.71
CA LEU A 131 12.60 -2.59 -26.65
C LEU A 131 12.20 -3.90 -27.32
N ASN A 132 13.09 -4.87 -27.33
CA ASN A 132 12.80 -6.10 -28.03
C ASN A 132 12.76 -7.25 -27.05
N TYR A 133 11.56 -7.69 -26.68
CA TYR A 133 11.44 -8.87 -25.82
C TYR A 133 10.92 -10.05 -26.61
N VAL A 134 11.41 -11.24 -26.29
CA VAL A 134 11.07 -12.43 -27.02
C VAL A 134 10.43 -13.44 -26.09
N GLN A 135 9.12 -13.66 -26.24
CA GLN A 135 8.40 -14.59 -25.40
C GLN A 135 8.58 -16.01 -25.90
N ARG A 136 8.57 -16.97 -24.98
CA ARG A 136 8.67 -18.36 -25.36
C ARG A 136 7.31 -19.00 -25.09
N LYS A 137 6.60 -19.37 -26.16
CA LYS A 137 5.20 -19.83 -26.06
C LYS A 137 5.01 -21.27 -26.57
N PRO A 138 3.89 -21.91 -26.18
CA PRO A 138 3.57 -23.27 -26.64
C PRO A 138 3.31 -23.32 -28.14
N ILE A 139 3.52 -24.50 -28.73
CA ILE A 139 3.35 -24.70 -30.16
C ILE A 139 1.87 -24.80 -30.52
N GLY A 140 1.11 -25.50 -29.69
CA GLY A 140 -0.29 -25.80 -29.95
C GLY A 140 -0.61 -27.27 -29.71
N VAL A 141 -1.13 -27.96 -30.73
CA VAL A 141 -1.35 -29.39 -30.61
C VAL A 141 -0.09 -30.18 -30.98
N VAL A 142 0.36 -31.01 -30.06
CA VAL A 142 1.54 -31.82 -30.29
C VAL A 142 1.13 -33.28 -30.45
N ALA A 143 1.65 -33.96 -31.48
CA ALA A 143 1.36 -35.38 -31.66
C ALA A 143 2.57 -36.16 -31.25
N GLN A 144 2.38 -37.18 -30.42
CA GLN A 144 3.49 -38.03 -30.01
C GLN A 144 3.25 -39.51 -30.30
N ILE A 145 4.27 -40.20 -30.81
CA ILE A 145 4.18 -41.63 -31.14
C ILE A 145 5.32 -42.37 -30.49
N VAL A 146 5.02 -43.45 -29.78
CA VAL A 146 6.09 -44.15 -29.06
C VAL A 146 6.15 -45.63 -29.45
N PRO A 147 7.27 -46.30 -29.12
CA PRO A 147 7.37 -47.75 -29.30
C PRO A 147 6.96 -48.45 -28.02
N TRP A 148 7.36 -49.72 -27.87
CA TRP A 148 6.79 -50.56 -26.84
C TRP A 148 7.82 -51.08 -25.86
N ASN A 149 9.02 -50.53 -25.89
CA ASN A 149 10.03 -51.04 -24.99
C ASN A 149 9.98 -50.46 -23.60
N PHE A 150 9.63 -49.17 -23.49
CA PHE A 150 9.40 -48.55 -22.18
C PHE A 150 8.08 -47.80 -22.14
N PRO A 151 6.97 -48.48 -22.49
CA PRO A 151 5.66 -47.83 -22.66
C PRO A 151 5.38 -46.84 -21.55
N LEU A 152 5.69 -47.22 -20.31
CA LEU A 152 5.37 -46.41 -19.14
C LEU A 152 6.31 -45.23 -19.00
N MET A 153 7.60 -45.50 -19.09
CA MET A 153 8.60 -44.44 -18.99
C MET A 153 8.40 -43.36 -20.07
N PHE A 154 8.04 -43.78 -21.29
CA PHE A 154 7.88 -42.84 -22.39
C PHE A 154 6.81 -41.80 -22.11
N THR A 155 5.75 -42.19 -21.42
CA THR A 155 4.69 -41.24 -21.15
C THR A 155 5.30 -40.03 -20.44
N SER A 156 6.23 -40.28 -19.54
CA SER A 156 6.85 -39.17 -18.82
C SER A 156 7.91 -38.44 -19.67
N TRP A 157 8.70 -39.21 -20.40
CA TRP A 157 9.73 -38.65 -21.29
C TRP A 157 9.14 -37.69 -22.32
N LYS A 158 7.98 -38.06 -22.84
CA LYS A 158 7.39 -37.35 -23.96
C LYS A 158 6.39 -36.28 -23.54
N MET A 159 5.46 -36.64 -22.67
CA MET A 159 4.39 -35.70 -22.32
C MET A 159 4.86 -34.74 -21.27
N GLY A 160 5.83 -35.19 -20.47
CA GLY A 160 6.42 -34.35 -19.42
C GLY A 160 6.81 -32.94 -19.86
N PRO A 161 7.72 -32.84 -20.84
CA PRO A 161 8.11 -31.55 -21.46
C PRO A 161 6.92 -30.85 -22.17
N ALA A 162 6.28 -31.56 -23.08
CA ALA A 162 5.23 -30.97 -23.91
C ALA A 162 4.14 -30.30 -23.09
N LEU A 163 3.76 -30.93 -21.99
CA LEU A 163 2.71 -30.38 -21.14
C LEU A 163 3.20 -29.19 -20.33
N ALA A 164 4.34 -29.32 -19.65
CA ALA A 164 4.91 -28.20 -18.90
C ALA A 164 4.98 -26.94 -19.76
N ALA A 165 5.42 -27.09 -21.00
CA ALA A 165 5.53 -25.98 -21.95
C ALA A 165 4.21 -25.29 -22.26
N GLY A 166 3.12 -26.00 -22.03
CA GLY A 166 1.79 -25.49 -22.30
C GLY A 166 1.13 -26.07 -23.54
N ASN A 167 1.75 -27.07 -24.16
CA ASN A 167 1.14 -27.72 -25.32
C ASN A 167 -0.01 -28.61 -24.90
N THR A 168 -0.75 -29.07 -25.89
CA THR A 168 -1.85 -29.98 -25.64
C THR A 168 -1.51 -31.22 -26.47
N ILE A 169 -1.85 -32.41 -25.98
CA ILE A 169 -1.26 -33.62 -26.56
C ILE A 169 -2.22 -34.67 -27.15
N VAL A 170 -1.78 -35.32 -28.22
CA VAL A 170 -2.44 -36.52 -28.73
C VAL A 170 -1.38 -37.59 -28.98
N ILE A 171 -1.44 -38.65 -28.19
CA ILE A 171 -0.36 -39.65 -28.15
C ILE A 171 -0.79 -41.06 -28.55
N LYS A 172 -0.06 -41.68 -29.47
CA LYS A 172 -0.42 -43.01 -29.93
C LYS A 172 0.60 -44.04 -29.50
N PRO A 173 0.30 -44.74 -28.40
CA PRO A 173 1.24 -45.74 -27.87
C PRO A 173 1.38 -46.94 -28.81
N SER A 174 2.11 -47.95 -28.37
CA SER A 174 2.31 -49.15 -29.19
C SER A 174 1.13 -50.09 -29.07
N GLU A 175 0.38 -50.22 -30.15
CA GLU A 175 -0.76 -51.13 -30.19
C GLU A 175 -0.44 -52.33 -29.31
N ILE A 176 0.83 -52.71 -29.27
CA ILE A 176 1.25 -53.86 -28.49
C ILE A 176 1.32 -53.61 -26.99
N THR A 177 1.66 -52.39 -26.61
CA THR A 177 1.77 -52.01 -25.21
C THR A 177 1.07 -50.70 -24.93
N PRO A 178 -0.28 -50.71 -24.99
CA PRO A 178 -1.06 -49.51 -24.74
C PRO A 178 -1.50 -49.43 -23.30
N LEU A 179 -1.68 -50.58 -22.67
CA LEU A 179 -2.36 -50.63 -21.38
C LEU A 179 -1.76 -49.67 -20.38
N SER A 180 -0.42 -49.73 -20.29
CA SER A 180 0.30 -48.96 -19.32
C SER A 180 -0.04 -47.48 -19.42
N THR A 181 0.02 -46.95 -20.62
CA THR A 181 -0.19 -45.52 -20.81
C THR A 181 -1.65 -45.09 -20.70
N LEU A 182 -2.60 -46.01 -20.91
CA LEU A 182 -4.03 -45.68 -20.80
C LEU A 182 -4.39 -45.35 -19.37
N ARG A 183 -3.86 -46.14 -18.45
CA ARG A 183 -4.06 -45.91 -17.03
C ARG A 183 -3.51 -44.53 -16.65
N ILE A 184 -2.38 -44.15 -17.23
CA ILE A 184 -1.75 -42.87 -16.92
C ILE A 184 -2.67 -41.68 -17.23
N VAL A 185 -3.31 -41.68 -18.38
CA VAL A 185 -4.22 -40.59 -18.69
C VAL A 185 -5.35 -40.51 -17.69
N GLU A 186 -5.84 -41.67 -17.24
CA GLU A 186 -6.89 -41.68 -16.25
C GLU A 186 -6.36 -40.99 -15.00
N LEU A 187 -5.16 -41.38 -14.59
CA LEU A 187 -4.47 -40.76 -13.45
C LEU A 187 -4.36 -39.25 -13.62
N MET A 188 -4.09 -38.83 -14.85
CA MET A 188 -3.98 -37.41 -15.13
C MET A 188 -5.29 -36.72 -14.76
N THR A 189 -6.40 -37.07 -15.41
CA THR A 189 -7.65 -36.35 -15.14
C THR A 189 -8.12 -36.56 -13.69
N GLU A 190 -7.76 -37.71 -13.10
CA GLU A 190 -7.96 -37.93 -11.67
C GLU A 190 -7.31 -36.85 -10.82
N VAL A 191 -6.18 -36.34 -11.28
CA VAL A 191 -5.38 -35.37 -10.54
C VAL A 191 -5.74 -33.92 -10.89
N GLY A 192 -6.52 -33.72 -11.95
CA GLY A 192 -7.05 -32.40 -12.24
C GLY A 192 -6.76 -31.86 -13.63
N PHE A 193 -6.25 -32.71 -14.52
CA PHE A 193 -5.93 -32.26 -15.87
C PHE A 193 -7.22 -32.09 -16.62
N PRO A 194 -7.42 -30.89 -17.18
CA PRO A 194 -8.59 -30.62 -18.01
C PRO A 194 -8.87 -31.69 -19.09
N LYS A 195 -10.13 -31.85 -19.43
CA LYS A 195 -10.46 -32.77 -20.49
C LYS A 195 -9.86 -32.23 -21.78
N GLY A 196 -9.31 -33.13 -22.59
CA GLY A 196 -8.87 -32.75 -23.92
C GLY A 196 -7.41 -32.34 -23.98
N VAL A 197 -6.83 -32.03 -22.82
CA VAL A 197 -5.42 -31.62 -22.75
C VAL A 197 -4.51 -32.79 -23.07
N VAL A 198 -4.97 -34.00 -22.75
CA VAL A 198 -4.28 -35.22 -23.15
C VAL A 198 -5.24 -36.22 -23.75
N ASN A 199 -4.83 -36.82 -24.87
CA ASN A 199 -5.67 -37.76 -25.60
C ASN A 199 -4.86 -38.95 -26.06
N VAL A 200 -5.25 -40.13 -25.60
CA VAL A 200 -4.57 -41.37 -25.98
C VAL A 200 -5.38 -42.14 -27.01
N VAL A 201 -4.68 -42.64 -28.03
CA VAL A 201 -5.33 -43.16 -29.22
C VAL A 201 -4.54 -44.38 -29.72
N PRO A 202 -4.57 -45.50 -28.96
CA PRO A 202 -3.81 -46.68 -29.37
C PRO A 202 -4.33 -47.23 -30.70
N GLY A 203 -3.46 -47.79 -31.54
CA GLY A 203 -3.87 -48.24 -32.86
C GLY A 203 -2.69 -48.60 -33.74
N TYR A 204 -2.99 -49.19 -34.90
CA TYR A 204 -1.94 -49.63 -35.80
C TYR A 204 -1.10 -48.45 -36.29
N GLY A 205 0.16 -48.72 -36.64
CA GLY A 205 1.04 -47.67 -37.12
C GLY A 205 0.52 -46.94 -38.35
N HIS A 206 0.08 -47.70 -39.35
CA HIS A 206 -0.38 -47.15 -40.63
C HIS A 206 -1.79 -46.58 -40.64
N THR A 207 -2.52 -46.75 -39.55
CA THR A 207 -3.82 -46.09 -39.41
C THR A 207 -3.73 -44.87 -38.51
N ALA A 208 -3.70 -45.10 -37.20
CA ALA A 208 -3.59 -44.01 -36.25
C ALA A 208 -2.32 -43.21 -36.51
N GLY A 209 -1.17 -43.88 -36.41
CA GLY A 209 0.13 -43.27 -36.62
C GLY A 209 0.23 -42.37 -37.85
N GLN A 210 -0.13 -42.88 -39.02
CA GLN A 210 -0.07 -42.10 -40.25
C GLN A 210 -1.05 -40.92 -40.21
N ALA A 211 -2.30 -41.19 -39.87
CA ALA A 211 -3.30 -40.13 -39.83
C ALA A 211 -2.85 -39.00 -38.93
N LEU A 212 -2.10 -39.34 -37.89
CA LEU A 212 -1.63 -38.38 -36.90
C LEU A 212 -0.52 -37.50 -37.45
N ALA A 213 0.50 -38.13 -38.01
CA ALA A 213 1.64 -37.42 -38.58
C ALA A 213 1.24 -36.52 -39.77
N GLU A 214 0.11 -36.85 -40.41
CA GLU A 214 -0.34 -36.11 -41.59
C GLU A 214 -1.28 -34.98 -41.20
N HIS A 215 -1.83 -35.05 -40.00
CA HIS A 215 -2.89 -34.13 -39.60
C HIS A 215 -2.51 -32.66 -39.70
N LEU A 216 -3.46 -31.83 -40.15
CA LEU A 216 -3.16 -30.45 -40.48
C LEU A 216 -3.25 -29.46 -39.32
N ASP A 217 -3.77 -29.93 -38.19
CA ASP A 217 -3.90 -29.10 -37.01
C ASP A 217 -2.82 -29.45 -35.99
N VAL A 218 -1.99 -30.42 -36.33
CA VAL A 218 -0.89 -30.81 -35.48
C VAL A 218 0.39 -30.01 -35.82
N GLY A 219 0.90 -29.27 -34.83
CA GLY A 219 1.98 -28.32 -35.04
C GLY A 219 3.39 -28.88 -34.93
N LYS A 220 3.49 -30.08 -34.37
CA LYS A 220 4.77 -30.77 -34.22
C LYS A 220 4.50 -32.24 -33.99
N ILE A 221 5.34 -33.09 -34.57
CA ILE A 221 5.16 -34.52 -34.38
C ILE A 221 6.43 -35.06 -33.73
N ALA A 222 6.30 -35.67 -32.56
CA ALA A 222 7.46 -36.21 -31.87
C ALA A 222 7.44 -37.72 -31.94
N PHE A 223 8.44 -38.29 -32.60
CA PHE A 223 8.44 -39.71 -32.88
C PHE A 223 9.61 -40.40 -32.26
N THR A 224 9.35 -41.54 -31.63
CA THR A 224 10.43 -42.43 -31.22
C THR A 224 10.16 -43.79 -31.86
N GLY A 225 11.12 -44.29 -32.64
CA GLY A 225 10.91 -45.54 -33.36
C GLY A 225 12.12 -45.98 -34.16
N SER A 226 11.88 -46.61 -35.29
CA SER A 226 12.96 -47.14 -36.12
C SER A 226 13.33 -46.14 -37.18
N THR A 227 14.56 -46.26 -37.70
CA THR A 227 15.01 -45.35 -38.73
C THR A 227 14.09 -45.49 -39.93
N ALA A 228 13.72 -46.73 -40.23
CA ALA A 228 12.83 -47.00 -41.35
C ALA A 228 11.54 -46.16 -41.30
N THR A 229 10.91 -46.17 -40.13
CA THR A 229 9.61 -45.55 -39.92
C THR A 229 9.73 -44.05 -39.81
N GLY A 230 10.88 -43.61 -39.30
CA GLY A 230 11.17 -42.20 -39.19
C GLY A 230 11.00 -41.48 -40.51
N ARG A 231 11.40 -42.13 -41.60
CA ARG A 231 11.29 -41.55 -42.93
C ARG A 231 9.82 -41.39 -43.34
N ARG A 232 8.94 -42.25 -42.84
CA ARG A 232 7.51 -42.15 -43.23
C ARG A 232 6.90 -40.97 -42.49
N ILE A 233 7.51 -40.64 -41.35
CA ILE A 233 7.06 -39.50 -40.54
C ILE A 233 7.49 -38.20 -41.20
N VAL A 234 8.73 -38.17 -41.67
CA VAL A 234 9.22 -37.00 -42.39
C VAL A 234 8.34 -36.74 -43.61
N GLU A 235 8.05 -37.79 -44.40
CA GLU A 235 7.13 -37.67 -45.54
C GLU A 235 5.80 -37.07 -45.10
N ALA A 236 5.23 -37.59 -44.03
CA ALA A 236 3.91 -37.15 -43.60
C ALA A 236 3.92 -35.66 -43.25
N SER A 237 5.00 -35.20 -42.63
CA SER A 237 5.05 -33.85 -42.08
C SER A 237 4.99 -32.78 -43.17
N LYS A 238 5.24 -33.18 -44.43
CA LYS A 238 5.27 -32.19 -45.51
C LYS A 238 3.88 -31.65 -45.78
N SER A 239 2.88 -32.20 -45.11
CA SER A 239 1.49 -31.78 -45.31
C SER A 239 1.24 -30.35 -44.85
N ASN A 240 1.71 -30.03 -43.64
CA ASN A 240 1.61 -28.67 -43.12
C ASN A 240 2.93 -28.18 -42.55
N LEU A 241 4.02 -28.86 -42.93
CA LEU A 241 5.36 -28.52 -42.46
C LEU A 241 5.43 -28.42 -40.94
N LYS A 242 4.87 -29.42 -40.28
CA LYS A 242 4.92 -29.50 -38.81
C LYS A 242 6.32 -29.83 -38.36
N ARG A 243 6.72 -29.29 -37.20
CA ARG A 243 8.03 -29.57 -36.66
C ARG A 243 8.19 -31.07 -36.38
N ILE A 244 9.43 -31.54 -36.30
CA ILE A 244 9.69 -32.96 -36.10
C ILE A 244 10.75 -33.16 -35.05
N GLN A 245 10.55 -34.22 -34.26
CA GLN A 245 11.57 -34.72 -33.34
C GLN A 245 11.69 -36.19 -33.69
N LEU A 246 12.92 -36.68 -33.86
CA LEU A 246 13.04 -38.07 -34.22
C LEU A 246 14.01 -38.68 -33.28
N GLU A 247 13.61 -39.82 -32.74
CA GLU A 247 14.52 -40.59 -31.94
C GLU A 247 14.57 -41.99 -32.48
N LEU A 248 15.13 -42.16 -33.65
CA LEU A 248 15.32 -43.49 -34.22
C LEU A 248 16.31 -44.16 -33.32
N GLY A 249 16.52 -45.46 -33.45
CA GLY A 249 17.41 -46.15 -32.52
C GLY A 249 18.89 -46.27 -32.83
N GLY A 250 19.63 -47.09 -32.09
CA GLY A 250 21.04 -47.29 -32.42
C GLY A 250 21.75 -48.50 -31.86
N LYS A 251 22.80 -48.96 -32.56
CA LYS A 251 23.59 -50.09 -32.09
C LYS A 251 24.67 -49.59 -31.13
N GLY A 252 24.28 -49.36 -29.87
CA GLY A 252 25.21 -48.84 -28.88
C GLY A 252 26.47 -49.67 -28.66
N ALA A 253 27.65 -49.03 -28.73
CA ALA A 253 28.93 -49.70 -28.50
C ALA A 253 29.36 -49.66 -27.03
N ASN A 254 30.13 -50.66 -26.61
CA ASN A 254 30.53 -50.77 -25.21
C ASN A 254 31.98 -51.24 -25.06
N ILE A 255 32.93 -50.30 -25.08
CA ILE A 255 34.34 -50.61 -25.13
C ILE A 255 35.01 -50.89 -23.79
N VAL A 256 35.82 -51.94 -23.72
CA VAL A 256 36.55 -52.24 -22.49
C VAL A 256 38.04 -52.27 -22.71
N PHE A 257 38.72 -51.28 -22.16
CA PHE A 257 40.17 -51.15 -22.31
C PHE A 257 40.95 -52.05 -21.36
N GLU A 258 42.24 -52.16 -21.61
CA GLU A 258 43.11 -53.04 -20.83
C GLU A 258 43.11 -52.68 -19.37
N ASP A 259 43.07 -51.39 -19.08
CA ASP A 259 43.15 -50.95 -17.70
C ASP A 259 41.78 -50.75 -17.08
N ALA A 260 40.79 -51.47 -17.56
CA ALA A 260 39.48 -51.37 -16.95
C ALA A 260 39.39 -52.13 -15.62
N ASN A 261 38.42 -51.74 -14.81
CA ASN A 261 38.06 -52.52 -13.64
C ASN A 261 37.09 -53.61 -14.09
N ILE A 262 37.65 -54.77 -14.42
CA ILE A 262 36.95 -55.82 -15.15
C ILE A 262 35.73 -56.40 -14.44
N GLU A 263 35.73 -56.37 -13.11
CA GLU A 263 34.53 -56.80 -12.41
C GLU A 263 33.40 -55.83 -12.75
N ALA A 264 33.63 -54.54 -12.52
CA ALA A 264 32.59 -53.54 -12.71
C ALA A 264 32.13 -53.46 -14.16
N ALA A 265 33.04 -53.74 -15.08
CA ALA A 265 32.73 -53.69 -16.50
C ALA A 265 31.86 -54.87 -16.94
N VAL A 266 32.12 -56.04 -16.38
CA VAL A 266 31.32 -57.20 -16.69
C VAL A 266 29.90 -56.95 -16.20
N ASN A 267 29.76 -56.40 -14.99
CA ASN A 267 28.46 -56.12 -14.41
C ASN A 267 27.69 -55.03 -15.14
N GLY A 268 28.42 -54.01 -15.55
CA GLY A 268 27.83 -52.96 -16.36
C GLY A 268 27.44 -53.49 -17.72
N ALA A 269 28.39 -54.13 -18.41
CA ALA A 269 28.12 -54.62 -19.75
C ALA A 269 26.93 -55.56 -19.76
N ALA A 270 26.77 -56.32 -18.67
CA ALA A 270 25.70 -57.30 -18.57
C ALA A 270 24.41 -56.59 -18.38
N TRP A 271 24.43 -55.58 -17.50
CA TRP A 271 23.25 -54.75 -17.28
C TRP A 271 22.89 -53.98 -18.56
N ALA A 272 23.90 -53.52 -19.27
CA ALA A 272 23.73 -52.75 -20.50
C ALA A 272 22.85 -53.44 -21.54
N ILE A 273 23.21 -54.66 -21.91
CA ILE A 273 22.53 -55.34 -23.00
C ILE A 273 21.37 -56.24 -22.54
N PHE A 274 21.46 -56.81 -21.34
CA PHE A 274 20.46 -57.78 -20.91
C PHE A 274 19.29 -57.20 -20.12
N HIS A 275 19.52 -56.11 -19.39
CA HIS A 275 18.40 -55.47 -18.72
C HIS A 275 17.35 -55.11 -19.74
N ASN A 276 16.10 -55.24 -19.33
CA ASN A 276 14.97 -55.01 -20.24
C ASN A 276 15.05 -55.91 -21.45
N GLN A 277 15.49 -57.15 -21.21
CA GLN A 277 15.54 -58.17 -22.25
C GLN A 277 16.11 -57.64 -23.56
N GLY A 278 17.10 -56.76 -23.46
CA GLY A 278 17.85 -56.27 -24.61
C GLY A 278 17.10 -55.30 -25.50
N GLN A 279 15.82 -55.13 -25.24
CA GLN A 279 14.97 -54.22 -25.99
C GLN A 279 15.17 -52.78 -25.52
N ALA A 280 16.42 -52.41 -25.34
CA ALA A 280 16.79 -51.03 -25.07
C ALA A 280 17.42 -50.42 -26.33
N CYS A 281 16.99 -49.22 -26.69
CA CYS A 281 17.64 -48.55 -27.83
C CYS A 281 19.06 -48.30 -27.48
N ILE A 282 19.21 -47.65 -26.34
CA ILE A 282 20.46 -47.36 -25.72
C ILE A 282 20.55 -48.75 -25.22
N ALA A 283 21.40 -49.57 -25.74
CA ALA A 283 21.58 -50.95 -25.21
C ALA A 283 22.83 -51.07 -25.94
N GLY A 284 23.78 -51.66 -25.24
CA GLY A 284 25.10 -51.94 -25.80
C GLY A 284 25.16 -53.28 -26.50
N SER A 285 24.67 -53.32 -27.72
CA SER A 285 24.62 -54.57 -28.47
C SER A 285 25.87 -54.78 -29.29
N ARG A 286 26.96 -54.19 -28.85
CA ARG A 286 28.25 -54.40 -29.47
C ARG A 286 29.34 -54.28 -28.43
N LEU A 287 29.88 -55.40 -27.98
CA LEU A 287 31.03 -55.39 -27.09
C LEU A 287 32.29 -55.22 -27.88
N ILE A 288 33.29 -54.61 -27.24
CA ILE A 288 34.54 -54.28 -27.91
C ILE A 288 35.67 -54.39 -26.90
N LEU A 289 36.39 -55.51 -26.91
CA LEU A 289 37.36 -55.81 -25.84
C LEU A 289 38.81 -55.77 -26.29
N HIS A 290 39.67 -55.24 -25.42
CA HIS A 290 41.10 -55.24 -25.69
C HIS A 290 41.66 -56.65 -25.64
N LYS A 291 42.59 -56.95 -26.55
CA LYS A 291 43.20 -58.29 -26.64
C LYS A 291 43.63 -58.87 -25.29
N ASP A 292 44.35 -58.07 -24.50
CA ASP A 292 44.95 -58.53 -23.25
C ASP A 292 43.95 -58.89 -22.14
N ILE A 293 42.72 -58.40 -22.26
CA ILE A 293 41.73 -58.69 -21.23
C ILE A 293 40.48 -59.36 -21.79
N ALA A 294 40.46 -59.60 -23.10
CA ALA A 294 39.30 -60.17 -23.76
C ALA A 294 38.92 -61.50 -23.13
N ASP A 295 39.88 -62.41 -23.09
CA ASP A 295 39.63 -63.77 -22.58
C ASP A 295 39.14 -63.69 -21.15
N GLN A 296 39.91 -63.04 -20.30
CA GLN A 296 39.57 -62.90 -18.89
C GLN A 296 38.18 -62.30 -18.64
N PHE A 297 37.75 -61.45 -19.56
CA PHE A 297 36.46 -60.78 -19.43
C PHE A 297 35.35 -61.77 -19.72
N LEU A 298 35.44 -62.43 -20.87
CA LEU A 298 34.39 -63.34 -21.31
C LEU A 298 34.20 -64.49 -20.33
N GLU A 299 35.28 -64.94 -19.69
CA GLU A 299 35.19 -66.01 -18.70
C GLU A 299 34.17 -65.60 -17.65
N ARG A 300 34.36 -64.41 -17.10
CA ARG A 300 33.47 -63.89 -16.08
C ARG A 300 32.09 -63.49 -16.64
N PHE A 301 32.08 -62.94 -17.86
CA PHE A 301 30.86 -62.46 -18.50
C PHE A 301 29.95 -63.61 -18.91
N ILE A 302 30.48 -64.54 -19.70
CA ILE A 302 29.69 -65.68 -20.16
C ILE A 302 29.11 -66.46 -18.97
N ALA A 303 29.92 -66.67 -17.94
CA ALA A 303 29.45 -67.31 -16.72
C ALA A 303 28.19 -66.60 -16.22
N LEU A 304 28.29 -65.28 -16.10
CA LEU A 304 27.19 -64.46 -15.62
C LEU A 304 25.96 -64.60 -16.51
N ALA A 305 26.19 -64.65 -17.82
CA ALA A 305 25.12 -64.72 -18.80
C ALA A 305 24.29 -65.98 -18.61
N LYS A 306 24.97 -67.12 -18.53
CA LYS A 306 24.29 -68.40 -18.44
C LYS A 306 23.55 -68.54 -17.11
N SER A 307 23.98 -67.76 -16.12
CA SER A 307 23.38 -67.83 -14.78
C SER A 307 22.33 -66.73 -14.56
N ILE A 308 21.46 -66.53 -15.54
CA ILE A 308 20.47 -65.47 -15.46
C ILE A 308 19.08 -66.04 -15.32
N ARG A 309 18.45 -65.82 -14.16
CA ARG A 309 17.12 -66.38 -13.88
C ARG A 309 16.17 -65.83 -14.94
N LEU A 310 15.87 -66.65 -15.93
CA LEU A 310 15.05 -66.23 -17.05
C LEU A 310 13.67 -66.88 -16.87
N GLY A 311 12.60 -66.07 -16.87
CA GLY A 311 11.25 -66.60 -16.71
C GLY A 311 10.10 -65.64 -16.45
N ASP A 312 9.02 -66.18 -15.88
CA ASP A 312 7.78 -65.44 -15.59
C ASP A 312 8.03 -64.02 -15.07
N PRO A 313 7.60 -63.02 -15.85
CA PRO A 313 7.77 -61.62 -15.50
C PRO A 313 7.22 -61.33 -14.12
N MET A 314 6.18 -62.05 -13.69
CA MET A 314 5.51 -61.78 -12.41
C MET A 314 6.26 -62.33 -11.19
N ASP A 315 7.35 -63.05 -11.43
CA ASP A 315 8.12 -63.59 -10.34
C ASP A 315 9.14 -62.54 -9.89
N PRO A 316 9.00 -62.08 -8.64
CA PRO A 316 9.91 -61.09 -8.04
C PRO A 316 11.35 -61.54 -8.13
N GLU A 317 11.57 -62.82 -8.40
CA GLU A 317 12.93 -63.34 -8.50
C GLU A 317 13.37 -63.54 -9.94
N THR A 318 12.52 -63.19 -10.89
CA THR A 318 12.89 -63.22 -12.29
C THR A 318 13.83 -62.06 -12.61
N GLU A 319 14.95 -62.39 -13.24
CA GLU A 319 15.99 -61.42 -13.59
C GLU A 319 15.79 -60.87 -15.00
N MET A 320 15.34 -61.74 -15.91
CA MET A 320 15.04 -61.38 -17.30
C MET A 320 13.78 -62.08 -17.81
N GLY A 321 12.96 -61.36 -18.57
CA GLY A 321 11.71 -61.92 -19.07
C GLY A 321 11.76 -62.20 -20.56
N PRO A 322 10.58 -62.25 -21.19
CA PRO A 322 10.39 -62.51 -22.62
C PRO A 322 10.52 -61.26 -23.47
N LEU A 323 10.53 -61.44 -24.79
CA LEU A 323 10.42 -60.32 -25.71
C LEU A 323 8.93 -59.95 -25.79
N THR A 324 8.63 -58.69 -26.05
CA THR A 324 7.26 -58.20 -25.85
C THR A 324 6.30 -58.60 -26.96
N SER A 325 6.84 -59.05 -28.09
CA SER A 325 6.00 -59.50 -29.22
C SER A 325 6.51 -60.81 -29.83
N ALA A 326 5.58 -61.59 -30.38
CA ALA A 326 5.95 -62.83 -31.04
C ALA A 326 6.78 -62.59 -32.29
N LEU A 327 6.53 -61.46 -32.95
CA LEU A 327 7.24 -61.13 -34.19
C LEU A 327 8.70 -60.80 -33.94
N ARG A 328 8.97 -60.13 -32.82
CA ARG A 328 10.34 -59.81 -32.46
C ARG A 328 11.09 -61.10 -32.20
N ARG A 329 10.60 -61.89 -31.24
CA ARG A 329 11.21 -63.18 -30.96
C ARG A 329 11.69 -63.79 -32.26
N ASP A 330 10.77 -63.96 -33.20
CA ASP A 330 11.14 -64.40 -34.53
C ASP A 330 12.08 -63.90 -35.61
N ARG A 331 12.05 -62.58 -35.85
CA ARG A 331 13.09 -61.69 -36.33
C ARG A 331 14.41 -61.96 -35.61
N VAL A 332 14.44 -61.68 -34.31
CA VAL A 332 15.64 -61.90 -33.52
C VAL A 332 16.27 -63.24 -33.86
N LEU A 333 15.62 -64.33 -33.48
CA LEU A 333 16.15 -65.65 -33.75
C LEU A 333 16.71 -65.78 -35.16
N SER A 334 16.05 -65.16 -36.13
CA SER A 334 16.58 -65.17 -37.48
C SER A 334 17.91 -64.42 -37.52
N TYR A 335 18.02 -63.33 -36.77
CA TYR A 335 19.29 -62.58 -36.70
C TYR A 335 20.40 -63.44 -36.11
N ILE A 336 20.03 -64.42 -35.29
CA ILE A 336 21.03 -65.29 -34.69
C ILE A 336 21.51 -66.30 -35.71
N ASP A 337 20.57 -66.95 -36.39
CA ASP A 337 20.92 -67.89 -37.45
C ASP A 337 21.83 -67.20 -38.46
N ILE A 338 21.57 -65.92 -38.71
CA ILE A 338 22.32 -65.12 -39.67
C ILE A 338 23.77 -64.90 -39.22
N ALA A 339 23.94 -64.58 -37.94
CA ALA A 339 25.26 -64.34 -37.40
C ALA A 339 26.11 -65.60 -37.56
N ILE A 340 25.47 -66.76 -37.53
CA ILE A 340 26.21 -68.02 -37.68
C ILE A 340 26.62 -68.28 -39.13
N GLU A 341 25.70 -68.01 -40.07
CA GLU A 341 25.97 -68.13 -41.51
C GLU A 341 27.14 -67.26 -41.96
N GLN A 342 27.53 -66.29 -41.14
CA GLN A 342 28.68 -65.43 -41.43
C GLN A 342 29.88 -65.78 -40.54
N GLY A 343 29.84 -66.97 -39.94
CA GLY A 343 30.98 -67.50 -39.20
C GLY A 343 31.07 -67.08 -37.75
N GLY A 344 29.91 -66.76 -37.17
CA GLY A 344 29.84 -66.39 -35.77
C GLY A 344 29.94 -67.58 -34.82
N LYS A 345 30.74 -67.45 -33.77
CA LYS A 345 30.90 -68.50 -32.78
C LYS A 345 30.09 -68.17 -31.52
N VAL A 346 28.87 -68.70 -31.44
CA VAL A 346 27.97 -68.45 -30.32
C VAL A 346 28.52 -68.95 -28.96
N LEU A 347 28.85 -68.00 -28.09
CA LEU A 347 29.54 -68.27 -26.83
C LEU A 347 28.62 -68.49 -25.64
N ALA A 348 27.36 -68.08 -25.76
CA ALA A 348 26.37 -68.32 -24.69
C ALA A 348 24.94 -68.23 -25.25
N GLY A 349 24.02 -68.98 -24.64
CA GLY A 349 22.66 -69.02 -25.13
C GLY A 349 22.63 -69.38 -26.60
N GLY A 350 21.77 -68.73 -27.38
CA GLY A 350 21.74 -68.97 -28.81
C GLY A 350 20.38 -69.37 -29.35
N LYS A 351 19.54 -69.98 -28.51
CA LYS A 351 18.17 -70.28 -28.91
C LYS A 351 17.19 -70.10 -27.78
N ALA A 352 15.91 -70.35 -28.11
CA ALA A 352 14.86 -70.21 -27.14
C ALA A 352 15.21 -71.17 -26.05
N PRO A 353 15.14 -70.71 -24.83
CA PRO A 353 15.46 -71.63 -23.74
C PRO A 353 14.53 -72.76 -24.07
N ASP A 354 14.63 -73.93 -23.47
CA ASP A 354 13.74 -75.06 -23.78
C ASP A 354 12.98 -75.52 -22.57
N ASP A 355 12.71 -74.64 -21.62
CA ASP A 355 11.96 -74.93 -20.44
C ASP A 355 10.51 -75.20 -20.81
N LYS A 356 9.72 -75.46 -19.78
CA LYS A 356 8.34 -75.90 -19.91
C LYS A 356 7.40 -74.72 -20.08
N ALA A 357 7.19 -73.99 -18.99
CA ALA A 357 6.30 -72.83 -18.95
C ALA A 357 6.71 -71.82 -20.02
N LEU A 358 8.01 -71.76 -20.28
CA LEU A 358 8.58 -70.74 -21.15
C LEU A 358 8.39 -71.07 -22.63
N ALA A 359 8.04 -72.31 -22.91
CA ALA A 359 7.81 -72.74 -24.29
C ALA A 359 6.59 -72.04 -24.91
N ASN A 360 5.82 -71.36 -24.07
CA ASN A 360 4.58 -70.72 -24.51
C ASN A 360 4.75 -69.24 -24.81
N GLY A 361 5.69 -68.62 -24.09
CA GLY A 361 5.96 -67.21 -24.25
C GLY A 361 7.05 -66.92 -25.29
N PHE A 362 7.23 -65.64 -25.59
CA PHE A 362 8.20 -65.24 -26.61
C PHE A 362 9.59 -65.08 -26.00
N TYR A 363 10.07 -66.14 -25.35
CA TYR A 363 11.37 -66.08 -24.69
C TYR A 363 12.53 -66.34 -25.65
N VAL A 364 13.68 -65.74 -25.34
CA VAL A 364 14.98 -66.06 -25.94
C VAL A 364 16.03 -65.90 -24.86
N GLU A 365 17.08 -66.71 -24.88
CA GLU A 365 18.04 -66.65 -23.78
C GLU A 365 19.24 -65.77 -24.09
N PRO A 366 19.90 -65.27 -23.03
CA PRO A 366 21.05 -64.36 -23.14
C PRO A 366 21.99 -64.89 -24.20
N THR A 367 22.18 -64.15 -25.29
CA THR A 367 23.05 -64.60 -26.36
C THR A 367 24.29 -63.73 -26.53
N VAL A 368 25.45 -64.36 -26.54
CA VAL A 368 26.70 -63.67 -26.83
C VAL A 368 27.37 -64.36 -28.03
N VAL A 369 27.74 -63.60 -29.04
CA VAL A 369 28.31 -64.16 -30.26
C VAL A 369 29.59 -63.45 -30.63
N GLU A 370 30.68 -64.22 -30.72
CA GLU A 370 31.93 -63.66 -31.23
C GLU A 370 31.84 -63.43 -32.75
N ALA A 371 32.42 -62.34 -33.23
CA ALA A 371 32.35 -62.01 -34.65
C ALA A 371 33.44 -61.02 -35.08
N LYS A 372 33.29 -60.50 -36.31
CA LYS A 372 34.16 -59.45 -36.82
C LYS A 372 33.26 -58.21 -36.99
N PRO A 373 33.85 -57.01 -37.03
CA PRO A 373 33.05 -55.84 -37.40
C PRO A 373 32.62 -56.02 -38.86
N GLN A 374 31.94 -55.01 -39.40
CA GLN A 374 31.55 -55.03 -40.82
C GLN A 374 30.73 -56.25 -41.04
N ASP A 375 30.33 -56.96 -39.99
CA ASP A 375 29.53 -58.22 -40.19
C ASP A 375 28.10 -57.68 -40.23
N ARG A 376 27.16 -58.47 -40.78
CA ARG A 376 25.80 -57.95 -40.94
C ARG A 376 25.11 -57.69 -39.60
N VAL A 377 25.47 -58.49 -38.60
CA VAL A 377 24.80 -58.45 -37.31
C VAL A 377 25.45 -57.45 -36.34
N CYS A 378 26.57 -56.88 -36.75
CA CYS A 378 27.22 -55.81 -35.99
C CYS A 378 26.83 -54.44 -36.54
N GLN A 379 25.96 -54.42 -37.54
CA GLN A 379 25.54 -53.18 -38.23
C GLN A 379 24.08 -52.84 -37.95
N GLU A 380 23.21 -53.83 -38.09
CA GLU A 380 21.79 -53.62 -37.96
C GLU A 380 21.36 -53.86 -36.53
N GLU A 381 20.33 -53.14 -36.09
CA GLU A 381 19.94 -53.24 -34.70
C GLU A 381 19.20 -54.54 -34.42
N VAL A 382 19.88 -55.44 -33.73
CA VAL A 382 19.25 -56.61 -33.20
C VAL A 382 18.60 -56.18 -31.91
N PHE A 383 17.27 -56.10 -31.92
CA PHE A 383 16.55 -55.59 -30.78
C PHE A 383 16.20 -56.74 -29.83
N GLY A 384 17.22 -57.27 -29.15
CA GLY A 384 17.03 -58.35 -28.20
C GLY A 384 18.24 -58.52 -27.29
N PRO A 385 18.25 -59.59 -26.48
CA PRO A 385 19.32 -59.89 -25.53
C PRO A 385 20.50 -60.48 -26.26
N PHE A 386 21.15 -59.68 -27.08
CA PHE A 386 22.08 -60.17 -28.08
C PHE A 386 23.30 -59.26 -28.20
N VAL A 387 24.45 -59.77 -27.80
CA VAL A 387 25.71 -59.02 -27.81
C VAL A 387 26.74 -59.62 -28.76
N THR A 388 27.32 -58.80 -29.63
CA THR A 388 28.41 -59.29 -30.46
C THR A 388 29.75 -58.87 -29.86
N VAL A 389 30.71 -59.78 -29.83
CA VAL A 389 32.03 -59.48 -29.29
C VAL A 389 33.05 -59.33 -30.40
N VAL A 390 33.82 -58.24 -30.34
CA VAL A 390 34.92 -58.02 -31.27
C VAL A 390 36.11 -57.64 -30.43
N ARG A 391 37.30 -57.74 -31.00
CA ARG A 391 38.51 -57.40 -30.27
C ARG A 391 39.35 -56.34 -31.00
N PHE A 392 40.02 -55.52 -30.19
CA PHE A 392 40.89 -54.44 -30.69
C PHE A 392 42.21 -54.45 -29.91
N SER A 393 43.20 -53.71 -30.41
CA SER A 393 44.52 -53.69 -29.76
C SER A 393 45.05 -52.28 -29.48
N SER A 394 44.62 -51.29 -30.26
CA SER A 394 45.04 -49.91 -30.08
C SER A 394 43.84 -49.01 -29.89
N ASP A 395 44.02 -47.94 -29.14
CA ASP A 395 42.93 -46.98 -28.95
C ASP A 395 42.30 -46.64 -30.30
N GLU A 396 43.16 -46.33 -31.28
CA GLU A 396 42.68 -45.79 -32.55
C GLU A 396 41.81 -46.79 -33.29
N GLU A 397 42.12 -48.08 -33.11
CA GLU A 397 41.34 -49.13 -33.74
C GLU A 397 39.96 -49.25 -33.08
N ALA A 398 39.91 -49.01 -31.76
CA ALA A 398 38.66 -49.09 -31.02
C ALA A 398 37.68 -47.99 -31.46
N LEU A 399 38.19 -46.77 -31.57
CA LEU A 399 37.39 -45.66 -32.08
C LEU A 399 36.83 -45.97 -33.47
N ALA A 400 37.69 -46.50 -34.33
CA ALA A 400 37.31 -46.80 -35.70
C ALA A 400 36.16 -47.78 -35.72
N ILE A 401 36.24 -48.79 -34.85
CA ILE A 401 35.19 -49.80 -34.73
C ILE A 401 33.86 -49.21 -34.24
N ALA A 402 33.96 -48.35 -33.23
CA ALA A 402 32.78 -47.76 -32.63
C ALA A 402 32.04 -46.80 -33.58
N ASN A 403 32.78 -46.16 -34.48
CA ASN A 403 32.22 -45.20 -35.43
C ASN A 403 31.77 -45.79 -36.77
N ASN A 404 32.07 -47.07 -37.01
CA ASN A 404 31.69 -47.71 -38.27
C ASN A 404 30.23 -48.16 -38.33
N THR A 405 29.33 -47.34 -37.81
CA THR A 405 27.91 -47.65 -37.83
C THR A 405 27.15 -46.47 -38.39
N GLU A 406 25.91 -46.71 -38.86
CA GLU A 406 25.02 -45.65 -39.28
C GLU A 406 24.44 -44.96 -38.04
N TYR A 407 24.25 -45.76 -36.99
CA TYR A 407 23.67 -45.31 -35.74
C TYR A 407 24.69 -44.62 -34.85
N GLY A 408 24.21 -43.64 -34.07
CA GLY A 408 25.09 -42.91 -33.17
C GLY A 408 24.60 -42.58 -31.75
N LEU A 409 23.47 -43.12 -31.38
CA LEU A 409 22.86 -42.86 -30.06
C LEU A 409 23.33 -43.32 -28.67
N GLY A 410 23.99 -44.45 -28.56
CA GLY A 410 24.48 -44.91 -27.28
C GLY A 410 25.90 -45.45 -27.41
N SER A 411 26.77 -45.01 -26.51
CA SER A 411 28.11 -45.53 -26.43
C SER A 411 28.56 -45.55 -24.95
N GLY A 412 29.56 -46.35 -24.60
CA GLY A 412 30.05 -46.38 -23.23
C GLY A 412 31.45 -46.91 -23.34
N LEU A 413 32.29 -46.64 -22.35
CA LEU A 413 33.68 -47.13 -22.38
C LEU A 413 34.24 -47.25 -20.98
N TRP A 414 35.13 -48.23 -20.78
CA TRP A 414 35.62 -48.58 -19.45
C TRP A 414 37.14 -48.48 -19.39
N THR A 415 37.62 -47.51 -18.61
CA THR A 415 39.04 -47.20 -18.48
C THR A 415 39.30 -46.57 -17.14
N GLN A 416 40.56 -46.39 -16.81
CA GLN A 416 40.90 -45.56 -15.67
C GLN A 416 41.96 -44.53 -16.03
N ASN A 417 42.17 -44.35 -17.33
CA ASN A 417 43.07 -43.32 -17.83
C ASN A 417 42.31 -42.05 -18.15
N LEU A 418 42.60 -41.01 -17.38
CA LEU A 418 42.03 -39.68 -17.56
C LEU A 418 41.98 -39.27 -19.02
N ALA A 419 43.14 -39.14 -19.64
CA ALA A 419 43.20 -38.76 -21.04
C ALA A 419 42.32 -39.66 -21.92
N ARG A 420 42.52 -40.97 -21.86
CA ARG A 420 41.81 -41.88 -22.75
C ARG A 420 40.29 -41.73 -22.66
N ALA A 421 39.78 -41.63 -21.45
CA ALA A 421 38.34 -41.51 -21.25
C ALA A 421 37.75 -40.30 -21.98
N HIS A 422 38.34 -39.12 -21.74
CA HIS A 422 37.83 -37.89 -22.35
C HIS A 422 38.09 -37.79 -23.88
N LYS A 423 39.30 -38.14 -24.29
CA LYS A 423 39.67 -38.15 -25.72
C LYS A 423 38.66 -39.00 -26.51
N MET A 424 38.34 -40.16 -25.96
CA MET A 424 37.42 -41.10 -26.61
C MET A 424 35.99 -40.57 -26.69
N ALA A 425 35.48 -40.09 -25.56
CA ALA A 425 34.11 -39.59 -25.48
C ALA A 425 33.91 -38.41 -26.42
N HIS A 426 35.02 -37.72 -26.70
CA HIS A 426 35.00 -36.54 -27.57
C HIS A 426 35.09 -36.90 -29.04
N ALA A 427 35.68 -38.06 -29.33
CA ALA A 427 35.83 -38.54 -30.69
C ALA A 427 34.67 -39.41 -31.19
N ILE A 428 34.04 -40.15 -30.29
CA ILE A 428 32.94 -41.03 -30.67
C ILE A 428 31.75 -40.22 -31.14
N HIS A 429 31.25 -40.50 -32.35
CA HIS A 429 30.09 -39.80 -32.85
C HIS A 429 28.83 -40.44 -32.28
N ALA A 430 28.39 -39.91 -31.15
CA ALA A 430 27.22 -40.40 -30.44
C ALA A 430 26.65 -39.31 -29.57
N GLY A 431 25.32 -39.30 -29.42
CA GLY A 431 24.64 -38.26 -28.68
C GLY A 431 24.87 -38.28 -27.19
N MET A 432 25.48 -39.35 -26.72
CA MET A 432 25.73 -39.54 -25.30
C MET A 432 26.70 -40.69 -25.10
N CYS A 433 27.48 -40.62 -24.05
CA CYS A 433 28.58 -41.54 -23.86
C CYS A 433 28.85 -41.71 -22.37
N TRP A 434 28.81 -42.95 -21.90
CA TRP A 434 28.99 -43.25 -20.47
C TRP A 434 30.33 -43.88 -20.20
N ILE A 435 31.01 -43.37 -19.18
CA ILE A 435 32.32 -43.85 -18.80
C ILE A 435 32.30 -44.55 -17.47
N ASN A 436 32.83 -45.77 -17.45
CA ASN A 436 32.78 -46.58 -16.23
C ASN A 436 31.35 -46.75 -15.65
N CYS A 437 30.37 -46.76 -16.55
CA CYS A 437 28.97 -47.01 -16.22
C CYS A 437 28.22 -47.06 -17.55
N TYR A 438 26.93 -47.36 -17.50
CA TYR A 438 26.17 -47.49 -18.75
C TYR A 438 24.66 -47.32 -18.53
N LYS A 439 23.95 -46.87 -19.55
CA LYS A 439 22.49 -46.73 -19.51
C LYS A 439 22.01 -45.88 -18.34
N ARG A 440 22.84 -44.95 -17.87
CA ARG A 440 22.43 -44.01 -16.82
C ARG A 440 21.64 -42.88 -17.45
N VAL A 441 20.37 -42.73 -17.09
CA VAL A 441 19.63 -41.54 -17.51
C VAL A 441 19.18 -40.74 -16.32
N SER A 442 18.68 -39.54 -16.62
CA SER A 442 18.27 -38.60 -15.61
C SER A 442 17.51 -37.49 -16.32
N PRO A 443 16.33 -37.11 -15.80
CA PRO A 443 15.62 -35.93 -16.34
C PRO A 443 16.53 -34.71 -16.17
N GLY A 444 16.66 -33.89 -17.19
CA GLY A 444 17.58 -32.76 -17.14
C GLY A 444 18.84 -32.95 -17.97
N SER A 445 19.25 -34.21 -18.16
CA SER A 445 20.36 -34.58 -19.04
C SER A 445 19.86 -35.02 -20.42
N PRO A 446 20.11 -34.20 -21.47
CA PRO A 446 19.59 -34.40 -22.84
C PRO A 446 19.84 -35.80 -23.38
N PHE A 447 18.76 -36.40 -23.86
CA PHE A 447 18.77 -37.77 -24.33
C PHE A 447 18.28 -37.76 -25.78
N GLY A 448 19.17 -38.14 -26.68
CA GLY A 448 18.84 -38.13 -28.09
C GLY A 448 19.98 -38.60 -28.98
N GLY A 449 19.70 -38.70 -30.27
CA GLY A 449 20.69 -39.24 -31.20
C GLY A 449 21.45 -38.22 -32.00
N VAL A 450 22.34 -38.73 -32.83
CA VAL A 450 23.15 -37.91 -33.72
C VAL A 450 23.23 -38.59 -35.10
N GLY A 451 23.00 -37.79 -36.14
CA GLY A 451 23.00 -38.30 -37.51
C GLY A 451 21.75 -39.09 -37.89
N GLN A 452 21.93 -40.39 -38.07
CA GLN A 452 20.84 -41.27 -38.49
C GLN A 452 20.14 -41.91 -37.29
N SER A 453 20.47 -41.44 -36.11
CA SER A 453 19.68 -41.77 -34.92
C SER A 453 18.79 -40.57 -34.56
N GLY A 454 18.72 -39.59 -35.46
CA GLY A 454 17.74 -38.52 -35.38
C GLY A 454 18.17 -37.17 -34.84
N TYR A 455 17.19 -36.30 -34.64
CA TYR A 455 17.44 -35.01 -34.03
C TYR A 455 16.52 -34.73 -32.84
N GLY A 456 16.81 -33.67 -32.11
CA GLY A 456 16.03 -33.36 -30.93
C GLY A 456 16.38 -34.18 -29.70
N ARG A 457 16.25 -33.56 -28.52
CA ARG A 457 16.57 -34.20 -27.25
C ARG A 457 15.34 -34.32 -26.38
N GLU A 458 15.35 -35.31 -25.49
CA GLU A 458 14.37 -35.40 -24.42
C GLU A 458 15.10 -35.13 -23.12
N MET A 459 14.36 -34.83 -22.06
CA MET A 459 14.96 -34.79 -20.69
C MET A 459 15.64 -33.60 -20.02
N GLY A 460 15.71 -32.45 -20.62
CA GLY A 460 16.63 -31.43 -20.16
C GLY A 460 15.91 -30.11 -20.33
N PHE A 461 16.62 -29.01 -20.22
CA PHE A 461 16.10 -27.74 -20.68
C PHE A 461 15.93 -27.79 -22.18
N GLU A 462 16.79 -28.59 -22.82
CA GLU A 462 16.74 -28.84 -24.26
C GLU A 462 15.37 -29.33 -24.65
N ALA A 463 14.87 -30.28 -23.88
CA ALA A 463 13.59 -30.91 -24.17
C ALA A 463 12.47 -29.87 -24.24
N ILE A 464 12.43 -28.97 -23.25
CA ILE A 464 11.49 -27.85 -23.23
C ILE A 464 11.57 -26.98 -24.49
N HIS A 465 12.79 -26.65 -24.90
CA HIS A 465 13.04 -25.84 -26.10
C HIS A 465 12.38 -26.44 -27.35
N ASP A 466 12.44 -27.77 -27.49
CA ASP A 466 11.85 -28.46 -28.63
C ASP A 466 10.33 -28.39 -28.69
N TYR A 467 9.70 -28.03 -27.56
CA TYR A 467 8.24 -27.92 -27.51
C TYR A 467 7.79 -26.48 -27.30
N THR A 468 8.41 -25.56 -28.04
CA THR A 468 8.17 -24.14 -27.80
C THR A 468 8.63 -23.22 -28.95
N GLU A 469 7.78 -22.25 -29.30
CA GLU A 469 8.05 -21.27 -30.36
C GLU A 469 8.68 -20.03 -29.77
N ALA A 470 9.18 -19.14 -30.60
CA ALA A 470 9.71 -17.89 -30.08
C ALA A 470 9.02 -16.70 -30.72
N ARG A 471 8.17 -16.01 -29.95
CA ARG A 471 7.51 -14.81 -30.44
C ARG A 471 8.37 -13.59 -30.11
N SER A 472 8.86 -12.90 -31.14
CA SER A 472 9.70 -11.71 -30.95
C SER A 472 8.85 -10.45 -31.09
N VAL A 473 8.88 -9.60 -30.09
CA VAL A 473 8.06 -8.40 -30.10
C VAL A 473 8.95 -7.16 -30.04
N TRP A 474 8.73 -6.23 -30.96
CA TRP A 474 9.49 -4.98 -30.99
C TRP A 474 8.59 -3.84 -30.60
N VAL A 475 9.03 -3.05 -29.62
CA VAL A 475 8.30 -1.85 -29.23
C VAL A 475 9.14 -0.61 -29.47
N ASN A 476 8.67 0.28 -30.32
CA ASN A 476 9.28 1.59 -30.51
C ASN A 476 8.83 2.54 -29.43
N VAL A 477 9.71 2.84 -28.47
CA VAL A 477 9.39 3.84 -27.44
C VAL A 477 9.97 5.23 -27.71
N ASP A 478 11.24 5.29 -28.12
CA ASP A 478 11.90 6.56 -28.42
C ASP A 478 12.69 6.44 -29.70
N ALA A 479 12.00 6.15 -30.79
CA ALA A 479 12.64 6.05 -32.09
C ALA A 479 12.04 7.06 -33.04
N LYS A 480 12.89 7.81 -33.72
CA LYS A 480 12.41 8.75 -34.72
C LYS A 480 13.19 8.54 -35.99
N ILE A 481 12.94 7.44 -36.65
CA ILE A 481 13.59 7.13 -37.91
C ILE A 481 13.15 8.13 -38.96
N ALA A 482 14.09 8.54 -39.80
CA ALA A 482 13.75 9.40 -40.92
C ALA A 482 12.87 8.55 -41.80
N PRO A 483 11.84 9.15 -42.42
CA PRO A 483 10.97 8.34 -43.28
C PRO A 483 11.86 7.78 -44.36
N HIS A 484 11.72 6.50 -44.69
CA HIS A 484 12.62 5.92 -45.68
C HIS A 484 12.49 6.64 -47.01
N PHE A 485 11.26 6.77 -47.46
CA PHE A 485 10.99 7.55 -48.66
C PHE A 485 10.94 9.02 -48.29
N LYS A 486 12.08 9.69 -48.47
CA LYS A 486 12.28 11.06 -48.00
C LYS A 486 11.35 12.03 -48.74
N ARG A 487 10.17 12.25 -48.16
CA ARG A 487 9.15 13.15 -48.70
C ARG A 487 9.20 13.31 -50.22
N MET B 1 31.77 -9.75 -62.21
CA MET B 1 33.15 -10.23 -62.36
C MET B 1 33.22 -11.75 -62.20
N GLN B 2 33.38 -12.21 -60.97
CA GLN B 2 33.45 -13.64 -60.70
C GLN B 2 32.13 -14.27 -61.08
N ASN B 3 32.17 -15.47 -61.67
CA ASN B 3 30.93 -16.11 -62.07
C ASN B 3 30.96 -17.64 -62.12
N GLN B 4 32.00 -18.26 -61.61
CA GLN B 4 32.07 -19.72 -61.64
C GLN B 4 31.72 -20.31 -60.28
N LEU B 5 31.55 -21.63 -60.22
CA LEU B 5 31.44 -22.32 -58.95
C LEU B 5 32.68 -22.03 -58.11
N TYR B 6 32.57 -22.19 -56.80
CA TYR B 6 33.72 -22.09 -55.90
C TYR B 6 33.81 -23.30 -55.01
N ILE B 7 34.70 -24.21 -55.35
CA ILE B 7 34.77 -25.48 -54.66
C ILE B 7 36.18 -25.77 -54.19
N ASP B 8 36.34 -26.03 -52.90
CA ASP B 8 37.65 -26.31 -52.33
C ASP B 8 38.64 -25.16 -52.60
N GLY B 9 38.15 -23.93 -52.42
CA GLY B 9 39.00 -22.74 -52.54
C GLY B 9 39.45 -22.32 -53.94
N ARG B 10 38.85 -22.92 -54.98
N ARG B 10 38.85 -22.90 -54.98
CA ARG B 10 39.17 -22.57 -56.36
CA ARG B 10 39.18 -22.53 -56.35
C ARG B 10 37.90 -22.26 -57.15
C ARG B 10 37.92 -22.25 -57.14
N PHE B 11 37.98 -21.25 -58.02
CA PHE B 11 36.88 -20.95 -58.91
C PHE B 11 36.96 -21.93 -60.07
N VAL B 12 35.95 -22.78 -60.21
CA VAL B 12 35.96 -23.79 -61.26
C VAL B 12 34.67 -23.75 -62.07
N ASP B 13 34.74 -24.23 -63.31
CA ASP B 13 33.55 -24.34 -64.13
C ASP B 13 32.73 -25.55 -63.70
N ALA B 14 31.48 -25.59 -64.16
CA ALA B 14 30.62 -26.74 -63.89
C ALA B 14 31.24 -27.96 -64.58
N VAL B 15 31.23 -29.10 -63.89
CA VAL B 15 31.77 -30.36 -64.41
C VAL B 15 31.33 -30.70 -65.85
N ALA B 16 30.04 -30.50 -66.14
CA ALA B 16 29.50 -30.80 -67.46
C ALA B 16 29.37 -29.54 -68.30
N GLY B 17 30.09 -28.49 -67.91
CA GLY B 17 30.11 -27.24 -68.66
C GLY B 17 28.84 -26.41 -68.64
N GLY B 18 27.83 -26.87 -67.90
CA GLY B 18 26.55 -26.17 -67.77
C GLY B 18 26.69 -24.66 -67.59
N THR B 19 25.71 -23.91 -68.06
CA THR B 19 25.79 -22.46 -68.02
C THR B 19 24.42 -21.85 -67.82
N ILE B 20 24.38 -20.73 -67.09
CA ILE B 20 23.12 -20.02 -66.84
C ILE B 20 23.29 -18.53 -67.02
N ASP B 21 22.32 -17.91 -67.69
CA ASP B 21 22.37 -16.48 -67.98
C ASP B 21 21.97 -15.62 -66.78
N VAL B 22 22.83 -14.70 -66.37
CA VAL B 22 22.46 -13.75 -65.31
C VAL B 22 22.19 -12.35 -65.86
N VAL B 23 20.95 -11.89 -65.72
CA VAL B 23 20.47 -10.69 -66.39
C VAL B 23 20.28 -9.51 -65.44
N SER B 24 20.54 -8.29 -65.94
CA SER B 24 20.18 -7.07 -65.22
C SER B 24 18.68 -6.76 -65.35
N PRO B 25 18.00 -6.64 -64.20
CA PRO B 25 16.57 -6.37 -64.14
C PRO B 25 16.18 -4.97 -64.65
N HIS B 26 17.15 -4.14 -64.98
CA HIS B 26 16.86 -2.77 -65.38
C HIS B 26 16.59 -2.58 -66.85
N ASP B 27 17.31 -3.34 -67.68
CA ASP B 27 17.24 -3.19 -69.12
C ASP B 27 17.12 -4.54 -69.84
N GLY B 28 17.14 -5.62 -69.06
CA GLY B 28 17.06 -6.95 -69.63
C GLY B 28 18.41 -7.41 -70.14
N SER B 29 19.39 -6.51 -70.08
CA SER B 29 20.75 -6.76 -70.54
C SER B 29 21.42 -7.98 -69.89
N LEU B 30 22.27 -8.68 -70.63
CA LEU B 30 23.05 -9.76 -70.06
C LEU B 30 24.19 -9.18 -69.21
N ILE B 31 24.32 -9.67 -67.98
CA ILE B 31 25.41 -9.25 -67.09
C ILE B 31 26.61 -10.19 -67.23
N THR B 32 26.35 -11.51 -67.24
CA THR B 32 27.39 -12.53 -67.39
C THR B 32 26.79 -13.93 -67.34
N ARG B 33 27.63 -14.93 -67.60
CA ARG B 33 27.19 -16.32 -67.58
C ARG B 33 27.73 -17.04 -66.34
N ILE B 34 26.82 -17.69 -65.63
CA ILE B 34 27.12 -18.44 -64.41
C ILE B 34 27.40 -19.90 -64.71
N ALA B 35 28.48 -20.45 -64.18
CA ALA B 35 28.68 -21.89 -64.25
C ALA B 35 27.50 -22.57 -63.55
N ALA B 36 26.79 -23.44 -64.25
CA ALA B 36 25.59 -24.06 -63.70
C ALA B 36 25.87 -25.41 -63.03
N ALA B 37 25.74 -25.42 -61.71
CA ALA B 37 26.05 -26.58 -60.93
C ALA B 37 24.96 -27.64 -61.08
N GLU B 38 25.38 -28.89 -61.15
CA GLU B 38 24.46 -30.01 -61.20
C GLU B 38 24.89 -31.05 -60.17
N ALA B 39 24.12 -32.13 -60.05
CA ALA B 39 24.39 -33.18 -59.06
C ALA B 39 25.89 -33.46 -58.88
N ALA B 40 26.59 -33.73 -59.99
CA ALA B 40 27.99 -34.14 -59.93
C ALA B 40 28.87 -33.07 -59.27
N ASP B 41 28.50 -31.81 -59.48
CA ASP B 41 29.19 -30.69 -58.87
C ASP B 41 29.04 -30.62 -57.34
N VAL B 42 27.80 -30.75 -56.86
CA VAL B 42 27.56 -30.68 -55.42
C VAL B 42 28.25 -31.85 -54.73
N ASP B 43 28.23 -33.02 -55.36
CA ASP B 43 28.95 -34.18 -54.86
C ASP B 43 30.38 -33.81 -54.48
N LEU B 44 30.94 -32.86 -55.22
CA LEU B 44 32.32 -32.45 -55.01
C LEU B 44 32.38 -31.41 -53.91
N ALA B 45 31.51 -30.42 -54.02
CA ALA B 45 31.45 -29.36 -53.04
C ALA B 45 31.25 -29.95 -51.64
N VAL B 46 30.35 -30.92 -51.52
CA VAL B 46 30.10 -31.60 -50.25
C VAL B 46 31.29 -32.42 -49.80
N ALA B 47 31.93 -33.11 -50.72
CA ALA B 47 33.09 -33.91 -50.36
C ALA B 47 34.22 -33.00 -49.87
N ALA B 48 34.30 -31.81 -50.47
CA ALA B 48 35.30 -30.79 -50.10
C ALA B 48 35.03 -30.33 -48.68
N ALA B 49 33.77 -30.06 -48.41
CA ALA B 49 33.33 -29.62 -47.10
C ALA B 49 33.56 -30.74 -46.06
N LYS B 50 33.26 -31.99 -46.43
CA LYS B 50 33.37 -33.10 -45.50
C LYS B 50 34.81 -33.26 -45.06
N ARG B 51 35.71 -32.99 -45.99
CA ARG B 51 37.13 -33.15 -45.78
C ARG B 51 37.66 -32.03 -44.90
N ALA B 52 37.21 -30.82 -45.19
CA ALA B 52 37.64 -29.63 -44.45
C ALA B 52 37.12 -29.60 -43.00
N PHE B 53 36.02 -30.29 -42.74
CA PHE B 53 35.33 -30.17 -41.46
C PHE B 53 36.21 -30.51 -40.24
N PRO B 54 36.78 -31.72 -40.21
CA PRO B 54 37.55 -32.10 -39.02
C PRO B 54 38.54 -31.04 -38.56
N ALA B 55 39.33 -30.51 -39.47
CA ALA B 55 40.32 -29.51 -39.10
C ALA B 55 39.70 -28.18 -38.67
N TRP B 56 38.68 -27.78 -39.41
CA TRP B 56 37.96 -26.53 -39.14
C TRP B 56 37.29 -26.51 -37.75
N SER B 57 36.56 -27.58 -37.43
CA SER B 57 35.89 -27.68 -36.15
C SER B 57 36.89 -27.88 -35.02
N ALA B 58 38.09 -28.33 -35.37
CA ALA B 58 39.14 -28.62 -34.39
C ALA B 58 39.91 -27.37 -33.99
N LEU B 59 39.88 -26.36 -34.85
CA LEU B 59 40.31 -25.01 -34.48
C LEU B 59 39.67 -24.58 -33.17
N GLY B 60 40.41 -23.80 -32.36
CA GLY B 60 39.80 -23.19 -31.18
C GLY B 60 38.65 -22.31 -31.64
N ALA B 61 37.57 -22.24 -30.86
CA ALA B 61 36.42 -21.46 -31.28
C ALA B 61 36.80 -20.00 -31.55
N ALA B 62 37.65 -19.45 -30.67
CA ALA B 62 38.09 -18.06 -30.83
C ALA B 62 38.66 -17.78 -32.23
N GLU B 63 39.33 -18.77 -32.80
CA GLU B 63 39.90 -18.64 -34.13
C GLU B 63 38.83 -18.49 -35.21
N ARG B 64 37.86 -19.39 -35.21
CA ARG B 64 36.74 -19.25 -36.13
C ARG B 64 36.12 -17.88 -35.95
N GLY B 65 36.12 -17.42 -34.71
CA GLY B 65 35.55 -16.12 -34.41
C GLY B 65 36.33 -15.00 -35.06
N ARG B 66 37.65 -15.02 -34.86
CA ARG B 66 38.51 -13.99 -35.44
C ARG B 66 38.33 -13.87 -36.97
N LEU B 67 38.25 -15.00 -37.67
CA LEU B 67 38.09 -14.95 -39.13
C LEU B 67 36.80 -14.27 -39.52
N LEU B 68 35.70 -14.68 -38.89
CA LEU B 68 34.42 -14.01 -39.14
C LEU B 68 34.55 -12.50 -38.90
N LEU B 69 35.23 -12.13 -37.82
CA LEU B 69 35.44 -10.73 -37.48
C LEU B 69 36.18 -9.97 -38.58
N LYS B 70 37.25 -10.57 -39.12
CA LYS B 70 38.01 -9.92 -40.20
C LYS B 70 37.15 -9.82 -41.45
N LEU B 71 36.48 -10.92 -41.78
CA LEU B 71 35.56 -10.93 -42.91
C LEU B 71 34.63 -9.73 -42.81
N ALA B 72 34.22 -9.38 -41.60
CA ALA B 72 33.25 -8.30 -41.46
C ALA B 72 33.88 -6.95 -41.79
N ASP B 73 35.08 -6.70 -41.25
CA ASP B 73 35.84 -5.51 -41.55
C ASP B 73 36.13 -5.42 -43.05
N ARG B 74 36.54 -6.57 -43.62
CA ARG B 74 36.86 -6.69 -45.04
C ARG B 74 35.67 -6.35 -45.95
N ILE B 75 34.50 -6.86 -45.60
CA ILE B 75 33.30 -6.57 -46.35
C ILE B 75 33.04 -5.07 -46.40
N GLU B 76 33.40 -4.37 -45.32
CA GLU B 76 33.16 -2.91 -45.24
C GLU B 76 34.21 -2.13 -46.05
N GLU B 77 35.44 -2.64 -46.09
CA GLU B 77 36.47 -2.09 -46.98
C GLU B 77 35.98 -2.14 -48.43
N CYS B 78 35.48 -3.29 -48.87
CA CYS B 78 34.88 -3.41 -50.19
C CYS B 78 33.41 -2.97 -50.22
N SER B 79 33.03 -2.10 -49.29
CA SER B 79 31.66 -1.60 -49.19
C SER B 79 31.02 -1.25 -50.55
N GLU B 80 31.66 -0.36 -51.32
CA GLU B 80 31.11 0.09 -52.60
C GLU B 80 31.18 -0.97 -53.71
N GLU B 81 32.34 -1.61 -53.82
CA GLU B 81 32.49 -2.69 -54.77
C GLU B 81 31.33 -3.66 -54.68
N LEU B 82 30.91 -3.97 -53.45
CA LEU B 82 29.81 -4.91 -53.24
C LEU B 82 28.44 -4.29 -53.45
N ALA B 83 28.17 -3.16 -52.79
CA ALA B 83 26.88 -2.52 -52.95
C ALA B 83 26.52 -2.39 -54.42
N GLN B 84 27.55 -2.15 -55.24
CA GLN B 84 27.40 -1.94 -56.68
C GLN B 84 27.10 -3.24 -57.41
N LEU B 85 27.87 -4.28 -57.09
CA LEU B 85 27.68 -5.60 -57.68
C LEU B 85 26.27 -6.11 -57.37
N GLU B 86 25.85 -5.93 -56.12
CA GLU B 86 24.54 -6.39 -55.68
C GLU B 86 23.40 -5.64 -56.36
N SER B 87 23.38 -4.32 -56.24
CA SER B 87 22.27 -3.52 -56.78
C SER B 87 22.13 -3.72 -58.29
N LEU B 88 23.26 -3.99 -58.96
CA LEU B 88 23.26 -4.26 -60.39
C LEU B 88 22.52 -5.55 -60.74
N ASN B 89 22.84 -6.61 -59.98
CA ASN B 89 22.30 -7.94 -60.18
C ASN B 89 20.84 -8.14 -59.73
N THR B 90 20.37 -7.33 -58.79
CA THR B 90 19.06 -7.54 -58.15
C THR B 90 18.05 -6.43 -58.40
N GLY B 91 18.54 -5.26 -58.79
CA GLY B 91 17.68 -4.11 -59.02
C GLY B 91 17.49 -3.26 -57.78
N HIS B 92 18.19 -3.61 -56.70
CA HIS B 92 18.13 -2.84 -55.47
C HIS B 92 18.75 -1.47 -55.70
N PRO B 93 18.00 -0.40 -55.42
CA PRO B 93 18.62 0.92 -55.55
C PRO B 93 19.93 0.95 -54.78
N ILE B 94 20.90 1.73 -55.23
CA ILE B 94 22.14 1.86 -54.47
C ILE B 94 21.78 2.56 -53.16
N ARG B 95 20.68 3.30 -53.17
CA ARG B 95 20.21 3.91 -51.94
C ARG B 95 20.18 2.83 -50.87
N ASP B 96 19.72 1.65 -51.26
CA ASP B 96 19.60 0.53 -50.34
C ASP B 96 20.90 -0.25 -50.21
N SER B 97 21.44 -0.72 -51.33
CA SER B 97 22.68 -1.50 -51.29
C SER B 97 23.79 -0.86 -50.47
N ARG B 98 23.91 0.47 -50.52
CA ARG B 98 24.96 1.15 -49.77
C ARG B 98 24.66 1.25 -48.28
N GLY B 99 23.42 1.63 -47.96
CA GLY B 99 23.01 1.93 -46.59
C GLY B 99 22.44 0.79 -45.78
N LEU B 100 21.94 -0.23 -46.47
CA LEU B 100 21.28 -1.39 -45.84
C LEU B 100 21.97 -2.70 -46.16
N ASP B 101 21.66 -3.26 -47.33
CA ASP B 101 22.23 -4.54 -47.75
C ASP B 101 23.68 -4.77 -47.23
N VAL B 102 24.61 -3.85 -47.51
CA VAL B 102 26.00 -4.11 -47.14
C VAL B 102 26.33 -3.99 -45.65
N PRO B 103 25.99 -2.85 -45.01
CA PRO B 103 26.32 -2.72 -43.58
C PRO B 103 25.66 -3.80 -42.70
N ARG B 104 24.43 -4.19 -43.01
CA ARG B 104 23.72 -5.24 -42.26
C ARG B 104 24.31 -6.65 -42.50
N THR B 105 24.90 -6.86 -43.68
CA THR B 105 25.60 -8.11 -43.94
C THR B 105 26.89 -8.18 -43.15
N ALA B 106 27.60 -7.06 -43.06
CA ALA B 106 28.80 -7.01 -42.26
C ALA B 106 28.46 -7.12 -40.76
N ALA B 107 27.44 -6.36 -40.32
CA ALA B 107 27.06 -6.30 -38.92
C ALA B 107 26.71 -7.68 -38.40
N CYS B 108 26.05 -8.45 -39.28
CA CYS B 108 25.67 -9.81 -38.93
C CYS B 108 26.87 -10.78 -38.78
N PHE B 109 27.84 -10.69 -39.69
CA PHE B 109 29.05 -11.49 -39.61
C PHE B 109 29.83 -11.11 -38.38
N ARG B 110 29.85 -9.82 -38.09
CA ARG B 110 30.56 -9.33 -36.91
C ARG B 110 29.94 -9.89 -35.63
N TYR B 111 28.60 -9.88 -35.58
CA TYR B 111 27.88 -10.45 -34.46
C TYR B 111 28.40 -11.87 -34.20
N PHE B 112 28.29 -12.72 -35.21
CA PHE B 112 28.65 -14.14 -35.07
C PHE B 112 30.13 -14.39 -34.94
N GLY B 113 30.93 -13.40 -35.30
CA GLY B 113 32.35 -13.50 -35.07
C GLY B 113 32.55 -13.49 -33.58
N GLY B 114 31.89 -12.53 -32.94
CA GLY B 114 31.99 -12.34 -31.51
C GLY B 114 31.24 -13.42 -30.75
N MET B 115 30.52 -14.27 -31.49
CA MET B 115 29.67 -15.28 -30.88
C MET B 115 30.37 -16.62 -30.74
N ALA B 116 31.24 -16.92 -31.69
CA ALA B 116 31.78 -18.26 -31.86
C ALA B 116 32.32 -18.91 -30.58
N ASP B 117 32.91 -18.09 -29.72
CA ASP B 117 33.52 -18.61 -28.48
C ASP B 117 32.70 -18.31 -27.24
N LYS B 118 31.42 -18.05 -27.43
CA LYS B 118 30.51 -17.79 -26.32
C LYS B 118 29.38 -18.83 -26.31
N ILE B 119 29.49 -19.80 -27.22
CA ILE B 119 28.62 -20.97 -27.25
C ILE B 119 29.05 -21.96 -26.18
N GLU B 120 28.32 -22.01 -25.07
CA GLU B 120 28.76 -22.84 -23.96
C GLU B 120 27.94 -24.12 -23.78
N GLY B 121 28.59 -25.16 -23.26
CA GLY B 121 27.90 -26.40 -22.92
C GLY B 121 27.24 -26.23 -21.57
N SER B 122 26.93 -27.32 -20.91
CA SER B 122 26.37 -27.23 -19.56
C SER B 122 26.71 -28.44 -18.74
N VAL B 123 26.69 -28.27 -17.41
CA VAL B 123 27.01 -29.34 -16.47
C VAL B 123 25.76 -29.66 -15.63
N ILE B 124 25.21 -30.85 -15.82
CA ILE B 124 23.91 -31.24 -15.25
C ILE B 124 24.03 -31.77 -13.82
N PRO B 125 23.14 -31.29 -12.93
CA PRO B 125 23.12 -31.74 -11.54
C PRO B 125 22.54 -33.13 -11.59
N VAL B 126 23.27 -34.09 -11.06
CA VAL B 126 22.92 -35.45 -11.34
C VAL B 126 23.25 -36.35 -10.14
N ASP B 127 22.85 -37.62 -10.22
CA ASP B 127 22.99 -38.57 -9.12
C ASP B 127 24.33 -38.34 -8.41
N ALA B 128 24.39 -38.53 -7.10
CA ALA B 128 25.65 -38.30 -6.40
C ALA B 128 26.74 -39.22 -6.92
N GLY B 129 27.98 -38.73 -7.01
CA GLY B 129 29.09 -39.54 -7.48
C GLY B 129 29.30 -39.55 -8.98
N PHE B 130 28.30 -39.13 -9.74
CA PHE B 130 28.48 -38.94 -11.19
C PHE B 130 28.77 -37.50 -11.58
N LEU B 131 29.33 -37.33 -12.77
CA LEU B 131 29.63 -36.02 -13.34
C LEU B 131 29.11 -36.04 -14.77
N ASN B 132 28.05 -35.28 -15.02
CA ASN B 132 27.47 -35.25 -16.34
C ASN B 132 27.67 -33.90 -17.02
N TYR B 133 28.63 -33.82 -17.94
CA TYR B 133 28.80 -32.60 -18.71
C TYR B 133 28.33 -32.83 -20.15
N VAL B 134 27.73 -31.80 -20.72
CA VAL B 134 27.16 -31.86 -22.06
C VAL B 134 27.85 -30.84 -22.97
N GLN B 135 28.61 -31.32 -23.94
CA GLN B 135 29.31 -30.44 -24.84
C GLN B 135 28.41 -30.04 -25.99
N ARG B 136 28.59 -28.82 -26.49
CA ARG B 136 27.81 -28.39 -27.63
C ARG B 136 28.76 -28.34 -28.84
N LYS B 137 28.55 -29.25 -29.80
CA LYS B 137 29.47 -29.45 -30.93
C LYS B 137 28.83 -29.22 -32.28
N PRO B 138 29.67 -28.93 -33.31
CA PRO B 138 29.17 -28.69 -34.65
C PRO B 138 28.48 -29.92 -35.22
N ILE B 139 27.37 -29.69 -35.92
CA ILE B 139 26.59 -30.78 -36.50
C ILE B 139 27.37 -31.55 -37.56
N GLY B 140 28.10 -30.84 -38.40
CA GLY B 140 28.80 -31.45 -39.51
C GLY B 140 28.67 -30.54 -40.71
N VAL B 141 28.84 -31.09 -41.91
CA VAL B 141 28.65 -30.29 -43.11
C VAL B 141 27.20 -29.82 -43.14
N VAL B 142 27.00 -28.55 -43.49
CA VAL B 142 25.65 -27.98 -43.52
C VAL B 142 25.30 -27.47 -44.91
N ALA B 143 24.11 -27.80 -45.40
CA ALA B 143 23.71 -27.35 -46.72
C ALA B 143 22.77 -26.18 -46.58
N GLN B 144 23.01 -25.12 -47.32
CA GLN B 144 22.13 -23.95 -47.22
C GLN B 144 21.67 -23.54 -48.61
N ILE B 145 20.40 -23.16 -48.72
CA ILE B 145 19.79 -22.75 -49.97
C ILE B 145 19.05 -21.44 -49.75
N VAL B 146 19.31 -20.45 -50.58
CA VAL B 146 18.65 -19.16 -50.38
C VAL B 146 17.86 -18.68 -51.59
N PRO B 147 16.94 -17.72 -51.40
CA PRO B 147 16.27 -17.06 -52.53
C PRO B 147 17.07 -15.85 -52.99
N TRP B 148 16.43 -14.98 -53.75
CA TRP B 148 17.14 -13.93 -54.46
C TRP B 148 16.75 -12.53 -54.04
N ASN B 149 16.05 -12.42 -52.92
CA ASN B 149 15.59 -11.09 -52.52
C ASN B 149 16.63 -10.31 -51.74
N PHE B 150 17.40 -10.99 -50.90
CA PHE B 150 18.51 -10.34 -50.21
C PHE B 150 19.79 -11.15 -50.34
N PRO B 151 20.20 -11.48 -51.57
CA PRO B 151 21.27 -12.43 -51.83
C PRO B 151 22.46 -12.17 -50.92
N LEU B 152 22.78 -10.89 -50.74
CA LEU B 152 23.98 -10.48 -49.99
C LEU B 152 23.78 -10.63 -48.51
N MET B 153 22.63 -10.16 -48.02
CA MET B 153 22.33 -10.24 -46.61
C MET B 153 22.23 -11.68 -46.14
N PHE B 154 21.68 -12.56 -46.98
CA PHE B 154 21.52 -13.97 -46.61
C PHE B 154 22.83 -14.68 -46.35
N THR B 155 23.87 -14.29 -47.06
CA THR B 155 25.15 -14.93 -46.84
C THR B 155 25.52 -14.79 -45.37
N SER B 156 25.25 -13.62 -44.78
CA SER B 156 25.59 -13.40 -43.37
C SER B 156 24.56 -14.06 -42.45
N TRP B 157 23.29 -13.94 -42.80
CA TRP B 157 22.24 -14.55 -42.01
C TRP B 157 22.45 -16.06 -41.84
N LYS B 158 22.92 -16.68 -42.89
CA LYS B 158 22.93 -18.13 -42.97
C LYS B 158 24.28 -18.71 -42.58
N MET B 159 25.36 -18.23 -43.17
CA MET B 159 26.66 -18.82 -42.91
C MET B 159 27.23 -18.31 -41.60
N GLY B 160 26.83 -17.11 -41.20
CA GLY B 160 27.29 -16.50 -39.96
C GLY B 160 27.21 -17.40 -38.72
N PRO B 161 26.00 -17.88 -38.39
CA PRO B 161 25.79 -18.87 -37.33
C PRO B 161 26.49 -20.21 -37.59
N ALA B 162 26.21 -20.83 -38.74
CA ALA B 162 26.79 -22.12 -39.11
C ALA B 162 28.31 -22.19 -39.00
N LEU B 163 28.99 -21.13 -39.41
CA LEU B 163 30.44 -21.11 -39.35
C LEU B 163 30.92 -20.94 -37.93
N ALA B 164 30.42 -19.93 -37.23
CA ALA B 164 30.85 -19.73 -35.85
C ALA B 164 30.75 -21.03 -35.05
N ALA B 165 29.66 -21.77 -35.25
CA ALA B 165 29.42 -23.01 -34.51
C ALA B 165 30.47 -24.09 -34.79
N GLY B 166 31.16 -23.96 -35.91
CA GLY B 166 32.19 -24.90 -36.28
C GLY B 166 31.78 -25.80 -37.44
N ASN B 167 30.64 -25.52 -38.03
CA ASN B 167 30.14 -26.25 -39.20
C ASN B 167 30.87 -25.87 -40.50
N THR B 168 30.81 -26.75 -41.48
CA THR B 168 31.45 -26.51 -42.77
C THR B 168 30.30 -26.40 -43.76
N ILE B 169 30.41 -25.53 -44.76
CA ILE B 169 29.23 -25.13 -45.53
C ILE B 169 29.22 -25.41 -47.03
N VAL B 170 28.05 -25.77 -47.56
CA VAL B 170 27.83 -25.82 -48.99
C VAL B 170 26.53 -25.06 -49.33
N ILE B 171 26.67 -23.95 -50.02
CA ILE B 171 25.56 -23.05 -50.19
C ILE B 171 25.20 -22.80 -51.65
N LYS B 172 23.91 -22.93 -51.96
CA LYS B 172 23.39 -22.70 -53.30
C LYS B 172 22.50 -21.47 -53.37
N PRO B 173 23.05 -20.34 -53.87
CA PRO B 173 22.27 -19.10 -54.00
C PRO B 173 21.21 -19.24 -55.07
N SER B 174 20.61 -18.12 -55.45
CA SER B 174 19.58 -18.14 -56.47
C SER B 174 20.19 -18.04 -57.86
N GLU B 175 19.93 -19.03 -58.69
CA GLU B 175 20.42 -19.00 -60.05
C GLU B 175 20.20 -17.60 -60.64
N ILE B 176 19.39 -16.80 -59.93
CA ILE B 176 19.05 -15.47 -60.40
C ILE B 176 19.96 -14.41 -59.82
N THR B 177 20.45 -14.65 -58.61
CA THR B 177 21.32 -13.68 -57.94
C THR B 177 22.46 -14.38 -57.22
N PRO B 178 23.38 -14.95 -58.01
CA PRO B 178 24.55 -15.63 -57.45
C PRO B 178 25.76 -14.73 -57.31
N LEU B 179 25.81 -13.64 -58.08
CA LEU B 179 27.03 -12.85 -58.23
C LEU B 179 27.47 -12.30 -56.89
N SER B 180 26.49 -11.75 -56.16
CA SER B 180 26.75 -11.13 -54.89
C SER B 180 27.51 -12.10 -53.98
N THR B 181 26.95 -13.30 -53.83
CA THR B 181 27.49 -14.23 -52.85
C THR B 181 28.80 -14.89 -53.27
N LEU B 182 29.08 -14.92 -54.59
CA LEU B 182 30.33 -15.50 -55.10
C LEU B 182 31.53 -14.65 -54.72
N ARG B 183 31.36 -13.34 -54.79
CA ARG B 183 32.39 -12.42 -54.33
C ARG B 183 32.67 -12.62 -52.85
N ILE B 184 31.61 -12.89 -52.08
CA ILE B 184 31.76 -13.06 -50.63
C ILE B 184 32.70 -14.23 -50.28
N VAL B 185 32.52 -15.38 -50.91
CA VAL B 185 33.45 -16.49 -50.69
C VAL B 185 34.89 -16.14 -51.01
N GLU B 186 35.10 -15.41 -52.10
CA GLU B 186 36.45 -14.97 -52.43
C GLU B 186 37.00 -14.16 -51.25
N LEU B 187 36.20 -13.20 -50.77
CA LEU B 187 36.54 -12.38 -49.61
C LEU B 187 36.86 -13.23 -48.41
N MET B 188 36.11 -14.31 -48.23
CA MET B 188 36.40 -15.21 -47.13
C MET B 188 37.82 -15.73 -47.22
N THR B 189 38.17 -16.47 -48.28
CA THR B 189 39.50 -17.07 -48.31
C THR B 189 40.60 -16.00 -48.38
N GLU B 190 40.30 -14.85 -48.98
CA GLU B 190 41.18 -13.67 -48.89
C GLU B 190 41.55 -13.34 -47.44
N VAL B 191 40.60 -13.56 -46.54
CA VAL B 191 40.73 -13.16 -45.14
C VAL B 191 41.29 -14.29 -44.28
N GLY B 192 41.32 -15.50 -44.84
CA GLY B 192 42.04 -16.57 -44.18
C GLY B 192 41.24 -17.84 -43.96
N PHE B 193 40.07 -17.91 -44.58
CA PHE B 193 39.23 -19.09 -44.40
C PHE B 193 39.85 -20.25 -45.15
N PRO B 194 40.13 -21.35 -44.43
CA PRO B 194 40.60 -22.58 -45.09
C PRO B 194 39.80 -22.95 -46.35
N LYS B 195 40.48 -23.59 -47.29
CA LYS B 195 39.81 -24.08 -48.46
C LYS B 195 38.79 -25.14 -48.04
N GLY B 196 37.63 -25.13 -48.69
CA GLY B 196 36.65 -26.18 -48.50
C GLY B 196 35.70 -25.95 -47.34
N VAL B 197 36.06 -25.02 -46.46
CA VAL B 197 35.19 -24.68 -45.34
C VAL B 197 33.90 -24.02 -45.83
N VAL B 198 34.00 -23.30 -46.94
CA VAL B 198 32.81 -22.77 -47.59
C VAL B 198 32.83 -23.06 -49.09
N ASN B 199 31.69 -23.48 -49.62
CA ASN B 199 31.61 -23.90 -51.01
C ASN B 199 30.34 -23.36 -51.66
N VAL B 200 30.51 -22.52 -52.67
CA VAL B 200 29.36 -21.95 -53.36
C VAL B 200 29.09 -22.65 -54.68
N VAL B 201 27.83 -22.94 -54.95
CA VAL B 201 27.46 -23.84 -56.04
C VAL B 201 26.16 -23.36 -56.68
N PRO B 202 26.20 -22.21 -57.39
CA PRO B 202 24.96 -21.63 -57.96
C PRO B 202 24.42 -22.59 -58.99
N GLY B 203 23.10 -22.66 -59.15
CA GLY B 203 22.52 -23.65 -60.06
C GLY B 203 21.01 -23.72 -59.94
N TYR B 204 20.37 -24.40 -60.89
CA TYR B 204 18.92 -24.49 -60.87
C TYR B 204 18.44 -25.18 -59.59
N GLY B 205 17.20 -24.93 -59.21
CA GLY B 205 16.66 -25.53 -58.00
C GLY B 205 16.60 -27.05 -58.07
N HIS B 206 16.07 -27.59 -59.15
CA HIS B 206 15.86 -29.03 -59.30
C HIS B 206 17.12 -29.84 -59.64
N THR B 207 18.23 -29.14 -59.88
CA THR B 207 19.51 -29.82 -60.07
C THR B 207 20.39 -29.69 -58.83
N ALA B 208 20.99 -28.51 -58.66
CA ALA B 208 21.84 -28.26 -57.50
C ALA B 208 21.04 -28.43 -56.22
N GLY B 209 20.02 -27.60 -56.07
CA GLY B 209 19.14 -27.64 -54.91
C GLY B 209 18.70 -29.03 -54.45
N GLN B 210 18.11 -29.82 -55.35
CA GLN B 210 17.64 -31.16 -55.01
C GLN B 210 18.80 -32.09 -54.64
N ALA B 211 19.86 -32.08 -55.45
CA ALA B 211 20.99 -32.96 -55.21
C ALA B 211 21.57 -32.71 -53.83
N LEU B 212 21.49 -31.45 -53.41
CA LEU B 212 22.03 -31.00 -52.14
C LEU B 212 21.18 -31.48 -50.96
N ALA B 213 19.88 -31.23 -51.02
CA ALA B 213 18.97 -31.65 -49.96
C ALA B 213 18.91 -33.18 -49.79
N GLU B 214 19.26 -33.91 -50.85
CA GLU B 214 19.18 -35.36 -50.82
C GLU B 214 20.49 -35.96 -50.33
N HIS B 215 21.55 -35.17 -50.37
CA HIS B 215 22.90 -35.71 -50.17
C HIS B 215 23.07 -36.40 -48.82
N LEU B 216 23.80 -37.51 -48.81
CA LEU B 216 23.86 -38.35 -47.61
C LEU B 216 24.93 -37.97 -46.60
N ASP B 217 25.80 -37.04 -46.97
CA ASP B 217 26.88 -36.59 -46.10
C ASP B 217 26.53 -35.23 -45.50
N VAL B 218 25.36 -34.72 -45.87
CA VAL B 218 24.88 -33.46 -45.37
C VAL B 218 24.02 -33.69 -44.14
N GLY B 219 24.45 -33.15 -43.00
CA GLY B 219 23.84 -33.39 -41.71
C GLY B 219 22.65 -32.52 -41.34
N LYS B 220 22.50 -31.39 -42.04
CA LYS B 220 21.38 -30.48 -41.83
C LYS B 220 21.22 -29.66 -43.10
N ILE B 221 19.96 -29.38 -43.46
CA ILE B 221 19.66 -28.58 -44.63
C ILE B 221 18.88 -27.33 -44.19
N ALA B 222 19.39 -26.15 -44.45
CA ALA B 222 18.76 -24.91 -44.03
C ALA B 222 18.22 -24.17 -45.23
N PHE B 223 16.90 -24.05 -45.31
CA PHE B 223 16.26 -23.57 -46.51
C PHE B 223 15.50 -22.31 -46.23
N THR B 224 15.66 -21.32 -47.10
CA THR B 224 14.78 -20.15 -47.10
C THR B 224 14.13 -20.06 -48.49
N GLY B 225 12.80 -20.06 -48.56
CA GLY B 225 12.12 -20.07 -49.84
C GLY B 225 10.61 -20.07 -49.68
N SER B 226 9.93 -20.73 -50.63
CA SER B 226 8.48 -20.73 -50.64
C SER B 226 7.94 -21.95 -49.89
N THR B 227 6.70 -21.86 -49.43
CA THR B 227 6.08 -22.99 -48.76
C THR B 227 6.06 -24.20 -49.70
N ALA B 228 5.65 -23.96 -50.94
CA ALA B 228 5.64 -25.00 -51.96
C ALA B 228 6.94 -25.81 -52.00
N THR B 229 8.07 -25.11 -52.11
CA THR B 229 9.39 -25.73 -52.25
C THR B 229 9.89 -26.35 -50.95
N GLY B 230 9.40 -25.81 -49.83
CA GLY B 230 9.76 -26.29 -48.51
C GLY B 230 9.38 -27.75 -48.38
N ARG B 231 8.26 -28.11 -49.00
CA ARG B 231 7.82 -29.49 -48.96
C ARG B 231 8.75 -30.44 -49.73
N ARG B 232 9.38 -29.93 -50.80
CA ARG B 232 10.28 -30.75 -51.61
C ARG B 232 11.59 -30.98 -50.85
N ILE B 233 11.89 -30.07 -49.93
CA ILE B 233 13.08 -30.18 -49.06
C ILE B 233 12.84 -31.22 -47.96
N VAL B 234 11.65 -31.16 -47.38
CA VAL B 234 11.27 -32.15 -46.39
C VAL B 234 11.36 -33.54 -46.98
N GLU B 235 10.74 -33.74 -48.15
CA GLU B 235 10.82 -35.02 -48.88
C GLU B 235 12.27 -35.48 -49.07
N ALA B 236 13.12 -34.57 -49.52
CA ALA B 236 14.51 -34.88 -49.76
C ALA B 236 15.23 -35.35 -48.49
N SER B 237 14.93 -34.71 -47.37
CA SER B 237 15.66 -34.97 -46.13
C SER B 237 15.48 -36.41 -45.61
N LYS B 238 14.43 -37.08 -46.07
CA LYS B 238 14.13 -38.42 -45.57
C LYS B 238 15.21 -39.44 -45.99
N SER B 239 16.13 -39.01 -46.84
CA SER B 239 17.21 -39.87 -47.32
C SER B 239 18.17 -40.31 -46.22
N ASN B 240 18.63 -39.35 -45.41
CA ASN B 240 19.46 -39.66 -44.25
C ASN B 240 18.97 -38.93 -43.00
N LEU B 241 17.70 -38.52 -43.03
CA LEU B 241 17.07 -37.86 -41.89
C LEU B 241 17.94 -36.71 -41.37
N LYS B 242 18.37 -35.89 -42.30
CA LYS B 242 19.12 -34.70 -41.94
C LYS B 242 18.19 -33.69 -41.26
N ARG B 243 18.74 -32.91 -40.33
CA ARG B 243 17.96 -31.83 -39.71
C ARG B 243 17.48 -30.80 -40.72
N ILE B 244 16.44 -30.07 -40.38
CA ILE B 244 15.87 -29.10 -41.29
C ILE B 244 15.59 -27.76 -40.60
N GLN B 245 15.80 -26.68 -41.36
CA GLN B 245 15.42 -25.36 -40.93
C GLN B 245 14.62 -24.84 -42.09
N LEU B 246 13.44 -24.27 -41.82
CA LEU B 246 12.59 -23.81 -42.90
C LEU B 246 12.25 -22.39 -42.71
N GLU B 247 12.68 -21.56 -43.63
CA GLU B 247 12.30 -20.18 -43.59
C GLU B 247 11.38 -19.83 -44.72
N LEU B 248 10.22 -20.45 -44.78
CA LEU B 248 9.24 -20.19 -45.84
C LEU B 248 8.72 -18.81 -45.68
N GLY B 249 7.74 -18.44 -46.51
CA GLY B 249 7.31 -17.05 -46.52
C GLY B 249 6.04 -16.65 -45.80
N GLY B 250 5.68 -15.36 -45.89
CA GLY B 250 4.41 -14.91 -45.30
C GLY B 250 3.77 -13.65 -45.84
N LYS B 251 2.46 -13.55 -45.67
CA LYS B 251 1.75 -12.33 -46.01
C LYS B 251 1.67 -11.47 -44.74
N GLY B 252 2.74 -10.72 -44.44
CA GLY B 252 2.77 -9.87 -43.25
C GLY B 252 1.67 -8.82 -43.15
N ALA B 253 1.01 -8.76 -41.99
CA ALA B 253 -0.05 -7.79 -41.75
C ALA B 253 0.46 -6.49 -41.11
N ASN B 254 -0.25 -5.41 -41.39
CA ASN B 254 0.15 -4.10 -40.92
C ASN B 254 -1.04 -3.24 -40.44
N ILE B 255 -1.39 -3.38 -39.17
CA ILE B 255 -2.58 -2.77 -38.60
C ILE B 255 -2.38 -1.33 -38.11
N VAL B 256 -3.31 -0.44 -38.47
CA VAL B 256 -3.30 0.94 -38.00
C VAL B 256 -4.58 1.29 -37.23
N PHE B 257 -4.47 1.39 -35.91
CA PHE B 257 -5.63 1.70 -35.07
C PHE B 257 -5.96 3.18 -35.06
N GLU B 258 -7.11 3.50 -34.47
CA GLU B 258 -7.63 4.86 -34.51
C GLU B 258 -6.72 5.87 -33.83
N ASP B 259 -5.93 5.41 -32.88
CA ASP B 259 -5.13 6.33 -32.09
C ASP B 259 -3.66 6.30 -32.52
N ALA B 260 -3.40 5.87 -33.75
CA ALA B 260 -2.02 5.77 -34.21
C ALA B 260 -1.50 7.14 -34.59
N ASN B 261 -0.18 7.23 -34.77
CA ASN B 261 0.42 8.45 -35.28
C ASN B 261 0.44 8.38 -36.79
N ILE B 262 -0.63 8.87 -37.39
CA ILE B 262 -0.82 8.74 -38.83
C ILE B 262 0.44 9.03 -39.64
N GLU B 263 1.13 10.13 -39.35
CA GLU B 263 2.30 10.45 -40.15
C GLU B 263 3.29 9.28 -40.08
N ALA B 264 3.70 8.90 -38.88
CA ALA B 264 4.71 7.87 -38.69
C ALA B 264 4.27 6.53 -39.28
N ALA B 265 2.97 6.29 -39.26
CA ALA B 265 2.42 5.02 -39.73
C ALA B 265 2.40 4.95 -41.24
N VAL B 266 2.13 6.09 -41.87
CA VAL B 266 2.18 6.16 -43.32
C VAL B 266 3.60 5.90 -43.81
N ASN B 267 4.56 6.52 -43.14
CA ASN B 267 5.96 6.36 -43.52
C ASN B 267 6.50 4.97 -43.26
N GLY B 268 6.10 4.39 -42.13
CA GLY B 268 6.42 3.01 -41.81
C GLY B 268 5.77 2.04 -42.80
N ALA B 269 4.46 2.16 -42.96
CA ALA B 269 3.72 1.28 -43.87
C ALA B 269 4.25 1.35 -45.30
N ALA B 270 4.69 2.53 -45.71
CA ALA B 270 5.26 2.72 -47.05
C ALA B 270 6.63 2.04 -47.17
N TRP B 271 7.46 2.22 -46.15
CA TRP B 271 8.73 1.55 -46.09
C TRP B 271 8.54 0.05 -46.02
N ALA B 272 7.51 -0.37 -45.29
CA ALA B 272 7.22 -1.79 -45.07
C ALA B 272 7.04 -2.59 -46.36
N ILE B 273 6.13 -2.13 -47.20
CA ILE B 273 5.80 -2.89 -48.40
C ILE B 273 6.62 -2.49 -49.63
N PHE B 274 7.01 -1.22 -49.72
CA PHE B 274 7.69 -0.74 -50.92
C PHE B 274 9.23 -0.85 -50.91
N HIS B 275 9.85 -0.74 -49.75
CA HIS B 275 11.29 -0.92 -49.70
C HIS B 275 11.62 -2.29 -50.27
N ASN B 276 12.75 -2.36 -50.96
CA ASN B 276 13.16 -3.57 -51.63
C ASN B 276 12.10 -4.04 -52.63
N GLN B 277 11.47 -3.07 -53.28
CA GLN B 277 10.50 -3.34 -54.35
C GLN B 277 9.52 -4.43 -53.94
N GLY B 278 9.13 -4.43 -52.66
CA GLY B 278 8.11 -5.33 -52.16
C GLY B 278 8.50 -6.80 -52.05
N GLN B 279 9.69 -7.13 -52.56
CA GLN B 279 10.22 -8.50 -52.51
C GLN B 279 10.82 -8.81 -51.14
N ALA B 280 10.10 -8.42 -50.10
CA ALA B 280 10.49 -8.77 -48.75
C ALA B 280 9.53 -9.83 -48.24
N CYS B 281 10.09 -10.85 -47.62
CA CYS B 281 9.29 -11.89 -46.98
C CYS B 281 8.43 -11.29 -45.86
N ILE B 282 9.03 -10.41 -45.06
CA ILE B 282 8.35 -9.71 -43.96
C ILE B 282 7.51 -8.53 -44.40
N ALA B 283 7.53 -8.24 -45.69
CA ALA B 283 6.83 -7.08 -46.26
C ALA B 283 5.39 -7.07 -45.81
N GLY B 284 4.92 -5.91 -45.36
CA GLY B 284 3.53 -5.74 -44.99
C GLY B 284 2.59 -5.62 -46.18
N SER B 285 2.33 -6.76 -46.85
CA SER B 285 1.50 -6.81 -48.06
C SER B 285 0.00 -6.91 -47.75
N ARG B 286 -0.36 -6.52 -46.54
CA ARG B 286 -1.75 -6.42 -46.13
C ARG B 286 -1.91 -5.28 -45.15
N LEU B 287 -2.49 -4.18 -45.62
CA LEU B 287 -2.84 -3.07 -44.75
C LEU B 287 -4.20 -3.32 -44.11
N ILE B 288 -4.41 -2.80 -42.89
CA ILE B 288 -5.62 -3.04 -42.14
C ILE B 288 -5.91 -1.79 -41.33
N LEU B 289 -6.85 -0.99 -41.79
CA LEU B 289 -7.05 0.34 -41.19
C LEU B 289 -8.38 0.51 -40.47
N HIS B 290 -8.34 1.23 -39.36
CA HIS B 290 -9.56 1.55 -38.63
C HIS B 290 -10.44 2.50 -39.43
N LYS B 291 -11.75 2.26 -39.39
CA LYS B 291 -12.72 3.09 -40.10
C LYS B 291 -12.48 4.59 -39.97
N ASP B 292 -12.32 5.06 -38.73
CA ASP B 292 -12.22 6.49 -38.44
C ASP B 292 -10.97 7.18 -39.01
N ILE B 293 -9.95 6.41 -39.33
CA ILE B 293 -8.71 7.01 -39.84
C ILE B 293 -8.34 6.47 -41.20
N ALA B 294 -9.17 5.58 -41.74
CA ALA B 294 -8.85 4.92 -43.00
C ALA B 294 -8.67 5.93 -44.12
N ASP B 295 -9.67 6.79 -44.30
CA ASP B 295 -9.65 7.78 -45.37
C ASP B 295 -8.43 8.67 -45.22
N GLN B 296 -8.34 9.30 -44.04
CA GLN B 296 -7.24 10.21 -43.76
C GLN B 296 -5.85 9.61 -43.99
N PHE B 297 -5.74 8.30 -43.81
CA PHE B 297 -4.49 7.61 -43.97
C PHE B 297 -4.18 7.48 -45.45
N LEU B 298 -5.14 6.96 -46.20
CA LEU B 298 -4.92 6.70 -47.61
C LEU B 298 -4.63 7.98 -48.38
N GLU B 299 -5.23 9.10 -47.95
CA GLU B 299 -4.95 10.39 -48.59
C GLU B 299 -3.44 10.67 -48.60
N ARG B 300 -2.84 10.59 -47.42
CA ARG B 300 -1.41 10.76 -47.24
C ARG B 300 -0.56 9.62 -47.82
N PHE B 301 -1.05 8.37 -47.68
CA PHE B 301 -0.34 7.20 -48.17
C PHE B 301 -0.30 7.15 -49.71
N ILE B 302 -1.47 7.19 -50.34
CA ILE B 302 -1.54 7.11 -51.79
C ILE B 302 -0.73 8.23 -52.40
N ALA B 303 -0.85 9.43 -51.84
CA ALA B 303 -0.01 10.54 -52.29
C ALA B 303 1.48 10.16 -52.32
N LEU B 304 1.95 9.64 -51.19
CA LEU B 304 3.34 9.17 -51.07
C LEU B 304 3.68 8.08 -52.09
N ALA B 305 2.74 7.18 -52.33
CA ALA B 305 2.97 6.08 -53.25
C ALA B 305 3.26 6.58 -54.67
N LYS B 306 2.41 7.47 -55.16
CA LYS B 306 2.53 7.94 -56.55
C LYS B 306 3.78 8.80 -56.74
N SER B 307 4.29 9.34 -55.64
CA SER B 307 5.49 10.19 -55.67
C SER B 307 6.78 9.44 -55.31
N ILE B 308 6.96 8.25 -55.87
CA ILE B 308 8.13 7.44 -55.56
C ILE B 308 9.02 7.33 -56.77
N ARG B 309 10.21 7.91 -56.69
CA ARG B 309 11.14 7.94 -57.82
C ARG B 309 11.52 6.52 -58.18
N LEU B 310 10.82 5.99 -59.18
CA LEU B 310 11.03 4.63 -59.62
C LEU B 310 11.91 4.63 -60.85
N GLY B 311 13.00 3.85 -60.82
CA GLY B 311 13.91 3.79 -61.96
C GLY B 311 15.27 3.10 -61.78
N ASP B 312 16.19 3.44 -62.68
CA ASP B 312 17.53 2.82 -62.76
C ASP B 312 18.13 2.59 -61.37
N PRO B 313 18.36 1.30 -61.03
CA PRO B 313 18.93 0.93 -59.73
C PRO B 313 20.22 1.67 -59.42
N MET B 314 20.99 2.01 -60.45
CA MET B 314 22.30 2.64 -60.28
C MET B 314 22.22 4.13 -59.96
N ASP B 315 21.02 4.69 -59.99
CA ASP B 315 20.81 6.10 -59.68
C ASP B 315 20.69 6.30 -58.16
N PRO B 316 21.69 6.98 -57.58
CA PRO B 316 21.70 7.27 -56.14
C PRO B 316 20.41 7.94 -55.72
N GLU B 317 19.64 8.44 -56.69
CA GLU B 317 18.39 9.12 -56.39
C GLU B 317 17.18 8.26 -56.66
N THR B 318 17.43 7.03 -57.10
CA THR B 318 16.35 6.07 -57.26
C THR B 318 15.86 5.57 -55.92
N GLU B 319 14.55 5.67 -55.70
CA GLU B 319 13.92 5.25 -54.45
C GLU B 319 13.47 3.79 -54.50
N MET B 320 12.95 3.37 -55.65
CA MET B 320 12.54 1.99 -55.88
C MET B 320 12.96 1.49 -57.26
N GLY B 321 13.38 0.24 -57.35
CA GLY B 321 13.82 -0.33 -58.61
C GLY B 321 12.86 -1.34 -59.18
N PRO B 322 13.37 -2.22 -60.05
CA PRO B 322 12.60 -3.26 -60.76
C PRO B 322 12.47 -4.51 -59.93
N LEU B 323 11.64 -5.45 -60.38
CA LEU B 323 11.63 -6.79 -59.80
C LEU B 323 12.82 -7.56 -60.37
N THR B 324 13.35 -8.53 -59.62
CA THR B 324 14.66 -9.12 -59.95
C THR B 324 14.61 -10.16 -61.08
N SER B 325 13.41 -10.60 -61.43
CA SER B 325 13.26 -11.55 -62.54
C SER B 325 12.08 -11.20 -63.43
N ALA B 326 12.20 -11.49 -64.71
CA ALA B 326 11.12 -11.26 -65.65
C ALA B 326 9.91 -12.08 -65.25
N LEU B 327 10.13 -13.37 -64.97
CA LEU B 327 9.05 -14.23 -64.51
C LEU B 327 8.18 -13.52 -63.46
N ARG B 328 8.72 -13.34 -62.26
CA ARG B 328 7.98 -12.68 -61.20
C ARG B 328 7.13 -11.51 -61.64
N ARG B 329 7.78 -10.48 -62.19
CA ARG B 329 7.07 -9.35 -62.76
C ARG B 329 5.78 -9.88 -63.36
N ASP B 330 5.90 -10.72 -64.38
CA ASP B 330 4.74 -11.35 -64.96
C ASP B 330 3.79 -11.77 -63.84
N ARG B 331 4.21 -12.76 -63.06
CA ARG B 331 3.40 -13.26 -61.96
C ARG B 331 2.62 -12.14 -61.30
N VAL B 332 3.36 -11.23 -60.67
CA VAL B 332 2.73 -10.11 -59.98
C VAL B 332 1.61 -9.51 -60.81
N LEU B 333 1.94 -9.01 -62.00
CA LEU B 333 0.95 -8.37 -62.84
C LEU B 333 -0.31 -9.22 -63.00
N SER B 334 -0.14 -10.53 -63.14
CA SER B 334 -1.31 -11.41 -63.18
C SER B 334 -2.06 -11.36 -61.85
N TYR B 335 -1.33 -11.25 -60.74
CA TYR B 335 -1.97 -11.14 -59.42
C TYR B 335 -2.79 -9.87 -59.33
N ILE B 336 -2.36 -8.83 -60.04
CA ILE B 336 -3.10 -7.58 -60.07
C ILE B 336 -4.41 -7.69 -60.85
N ASP B 337 -4.32 -8.22 -62.07
CA ASP B 337 -5.50 -8.45 -62.88
C ASP B 337 -6.51 -9.26 -62.07
N ILE B 338 -6.00 -10.18 -61.27
CA ILE B 338 -6.82 -11.11 -60.47
C ILE B 338 -7.57 -10.36 -59.39
N ALA B 339 -6.87 -9.46 -58.71
CA ALA B 339 -7.48 -8.68 -57.64
C ALA B 339 -8.64 -7.86 -58.18
N ILE B 340 -8.57 -7.48 -59.45
CA ILE B 340 -9.65 -6.68 -60.04
C ILE B 340 -10.88 -7.55 -60.40
N GLU B 341 -10.62 -8.73 -60.95
CA GLU B 341 -11.66 -9.70 -61.29
C GLU B 341 -12.49 -10.06 -60.06
N GLN B 342 -11.95 -9.79 -58.87
CA GLN B 342 -12.67 -10.06 -57.63
C GLN B 342 -13.23 -8.78 -57.02
N GLY B 343 -13.26 -7.71 -57.82
CA GLY B 343 -13.87 -6.45 -57.42
C GLY B 343 -12.96 -5.50 -56.67
N GLY B 344 -11.65 -5.63 -56.90
CA GLY B 344 -10.68 -4.75 -56.26
C GLY B 344 -10.67 -3.37 -56.90
N LYS B 345 -10.64 -2.33 -56.08
CA LYS B 345 -10.53 -0.95 -56.55
C LYS B 345 -9.10 -0.37 -56.44
N VAL B 346 -8.34 -0.49 -57.53
CA VAL B 346 -6.94 -0.05 -57.55
C VAL B 346 -6.75 1.45 -57.28
N LEU B 347 -6.19 1.75 -56.12
CA LEU B 347 -6.08 3.13 -55.65
C LEU B 347 -4.78 3.85 -56.04
N ALA B 348 -3.76 3.11 -56.45
CA ALA B 348 -2.51 3.71 -56.91
C ALA B 348 -1.71 2.74 -57.76
N GLY B 349 -0.95 3.26 -58.70
CA GLY B 349 -0.24 2.41 -59.65
C GLY B 349 -1.20 1.43 -60.31
N GLY B 350 -0.77 0.18 -60.45
CA GLY B 350 -1.62 -0.84 -61.04
C GLY B 350 -1.04 -1.54 -62.26
N LYS B 351 -0.15 -0.88 -63.00
CA LYS B 351 0.54 -1.52 -64.11
C LYS B 351 2.00 -1.05 -64.25
N ALA B 352 2.70 -1.57 -65.25
CA ALA B 352 4.07 -1.15 -65.50
C ALA B 352 4.12 0.35 -65.71
N PRO B 353 5.33 0.91 -65.59
CA PRO B 353 5.57 2.34 -65.78
C PRO B 353 5.41 2.77 -67.23
N ASP B 354 4.90 3.99 -67.41
CA ASP B 354 4.72 4.59 -68.73
C ASP B 354 6.03 4.79 -69.48
N ASP B 355 7.07 5.15 -68.74
CA ASP B 355 8.35 5.56 -69.33
C ASP B 355 9.02 4.54 -70.25
N LYS B 356 9.55 5.08 -71.34
CA LYS B 356 10.26 4.36 -72.38
C LYS B 356 11.55 3.73 -71.88
N ALA B 357 12.27 4.48 -71.06
CA ALA B 357 13.53 4.04 -70.49
C ALA B 357 13.25 2.94 -69.50
N LEU B 358 12.19 3.12 -68.73
CA LEU B 358 11.80 2.15 -67.72
C LEU B 358 11.44 0.80 -68.30
N ALA B 359 10.71 0.79 -69.42
CA ALA B 359 10.31 -0.49 -69.97
C ALA B 359 11.39 -1.09 -70.86
N ASN B 360 12.51 -1.43 -70.24
CA ASN B 360 13.56 -2.25 -70.82
C ASN B 360 13.86 -3.25 -69.72
N GLY B 361 13.23 -2.98 -68.58
CA GLY B 361 13.42 -3.74 -67.36
C GLY B 361 12.13 -4.30 -66.77
N PHE B 362 12.26 -5.13 -65.74
CA PHE B 362 11.11 -5.77 -65.14
C PHE B 362 10.45 -4.87 -64.09
N TYR B 363 10.08 -3.67 -64.48
CA TYR B 363 9.48 -2.71 -63.54
C TYR B 363 7.98 -2.91 -63.37
N VAL B 364 7.50 -2.56 -62.17
CA VAL B 364 6.08 -2.45 -61.83
C VAL B 364 5.97 -1.32 -60.84
N GLU B 365 4.91 -0.53 -60.93
CA GLU B 365 4.81 0.62 -60.03
C GLU B 365 4.03 0.35 -58.73
N PRO B 366 4.33 1.15 -57.69
CA PRO B 366 3.71 1.04 -56.36
C PRO B 366 2.22 0.83 -56.51
N THR B 367 1.72 -0.34 -56.11
CA THR B 367 0.31 -0.64 -56.25
C THR B 367 -0.40 -0.81 -54.91
N VAL B 368 -1.52 -0.09 -54.78
CA VAL B 368 -2.38 -0.20 -53.61
C VAL B 368 -3.80 -0.53 -54.07
N VAL B 369 -4.36 -1.61 -53.54
CA VAL B 369 -5.67 -2.09 -53.97
C VAL B 369 -6.62 -2.31 -52.80
N GLU B 370 -7.75 -1.62 -52.81
CA GLU B 370 -8.77 -1.82 -51.80
C GLU B 370 -9.48 -3.14 -52.08
N ALA B 371 -9.80 -3.88 -51.02
CA ALA B 371 -10.42 -5.19 -51.15
C ALA B 371 -11.11 -5.65 -49.87
N LYS B 372 -11.53 -6.91 -49.86
CA LYS B 372 -12.09 -7.55 -48.67
C LYS B 372 -11.08 -8.60 -48.24
N PRO B 373 -11.14 -9.04 -46.97
CA PRO B 373 -10.32 -10.20 -46.60
C PRO B 373 -10.87 -11.42 -47.35
N GLN B 374 -10.34 -12.62 -47.11
CA GLN B 374 -10.90 -13.81 -47.77
C GLN B 374 -10.93 -13.65 -49.28
N ASP B 375 -10.25 -12.64 -49.80
CA ASP B 375 -10.14 -12.43 -51.23
C ASP B 375 -8.90 -13.25 -51.55
N ARG B 376 -8.74 -13.62 -52.81
CA ARG B 376 -7.65 -14.50 -53.21
C ARG B 376 -6.29 -13.80 -53.03
N VAL B 377 -6.28 -12.48 -53.21
CA VAL B 377 -5.03 -11.77 -53.25
C VAL B 377 -4.60 -11.30 -51.85
N CYS B 378 -5.47 -11.52 -50.87
CA CYS B 378 -5.17 -11.21 -49.47
C CYS B 378 -4.71 -12.47 -48.74
N GLN B 379 -4.62 -13.59 -49.48
CA GLN B 379 -4.26 -14.88 -48.91
C GLN B 379 -2.90 -15.35 -49.37
N GLU B 380 -2.67 -15.25 -50.68
CA GLU B 380 -1.44 -15.78 -51.29
C GLU B 380 -0.38 -14.70 -51.37
N GLU B 381 0.88 -15.09 -51.27
CA GLU B 381 1.92 -14.09 -51.20
C GLU B 381 2.18 -13.47 -52.56
N VAL B 382 1.72 -12.23 -52.71
CA VAL B 382 2.09 -11.42 -53.86
C VAL B 382 3.45 -10.84 -53.56
N PHE B 383 4.46 -11.38 -54.25
CA PHE B 383 5.84 -11.00 -53.97
C PHE B 383 6.24 -9.81 -54.84
N GLY B 384 5.66 -8.64 -54.51
CA GLY B 384 5.96 -7.41 -55.22
C GLY B 384 5.51 -6.19 -54.44
N PRO B 385 5.56 -5.00 -55.08
CA PRO B 385 5.21 -3.72 -54.46
C PRO B 385 3.70 -3.58 -54.43
N PHE B 386 3.05 -4.43 -53.66
CA PHE B 386 1.62 -4.61 -53.77
C PHE B 386 0.95 -4.73 -52.41
N VAL B 387 0.12 -3.74 -52.06
CA VAL B 387 -0.54 -3.71 -50.75
C VAL B 387 -2.03 -3.78 -50.88
N THR B 388 -2.69 -4.64 -50.13
CA THR B 388 -4.14 -4.65 -50.13
C THR B 388 -4.65 -3.91 -48.90
N VAL B 389 -5.68 -3.11 -49.08
CA VAL B 389 -6.27 -2.39 -47.96
C VAL B 389 -7.61 -2.98 -47.54
N VAL B 390 -7.77 -3.24 -46.25
CA VAL B 390 -9.05 -3.66 -45.70
C VAL B 390 -9.37 -2.75 -44.54
N ARG B 391 -10.61 -2.74 -44.09
CA ARG B 391 -10.95 -1.91 -42.96
C ARG B 391 -11.59 -2.72 -41.82
N PHE B 392 -11.37 -2.25 -40.58
CA PHE B 392 -11.91 -2.90 -39.39
C PHE B 392 -12.46 -1.82 -38.46
N SER B 393 -13.23 -2.21 -37.45
CA SER B 393 -13.84 -1.25 -36.54
C SER B 393 -13.60 -1.55 -35.05
N SER B 394 -13.34 -2.81 -34.72
CA SER B 394 -13.05 -3.21 -33.32
C SER B 394 -11.72 -3.92 -33.26
N ASP B 395 -11.07 -3.85 -32.10
CA ASP B 395 -9.83 -4.58 -31.93
C ASP B 395 -9.99 -6.04 -32.33
N GLU B 396 -11.06 -6.67 -31.83
CA GLU B 396 -11.24 -8.10 -32.02
C GLU B 396 -11.36 -8.47 -33.51
N GLU B 397 -11.94 -7.55 -34.29
CA GLU B 397 -12.10 -7.77 -35.72
C GLU B 397 -10.75 -7.69 -36.42
N ALA B 398 -9.89 -6.80 -35.95
CA ALA B 398 -8.57 -6.66 -36.52
C ALA B 398 -7.71 -7.91 -36.29
N LEU B 399 -7.72 -8.44 -35.07
CA LEU B 399 -6.98 -9.66 -34.76
C LEU B 399 -7.46 -10.78 -35.68
N ALA B 400 -8.76 -10.89 -35.84
CA ALA B 400 -9.37 -11.94 -36.65
C ALA B 400 -8.88 -11.88 -38.09
N ILE B 401 -8.80 -10.67 -38.63
CA ILE B 401 -8.30 -10.44 -39.99
C ILE B 401 -6.83 -10.81 -40.13
N ALA B 402 -6.03 -10.42 -39.13
CA ALA B 402 -4.59 -10.68 -39.14
C ALA B 402 -4.26 -12.16 -39.03
N ASN B 403 -5.08 -12.92 -38.31
CA ASN B 403 -4.87 -14.35 -38.14
C ASN B 403 -5.51 -15.27 -39.21
N ASN B 404 -6.31 -14.71 -40.12
CA ASN B 404 -6.96 -15.52 -41.16
C ASN B 404 -6.06 -15.83 -42.36
N THR B 405 -4.81 -16.17 -42.09
CA THR B 405 -3.86 -16.55 -43.14
C THR B 405 -3.19 -17.85 -42.77
N GLU B 406 -2.61 -18.50 -43.78
CA GLU B 406 -1.95 -19.73 -43.51
C GLU B 406 -0.50 -19.36 -43.37
N TYR B 407 -0.23 -18.08 -43.22
CA TYR B 407 1.14 -17.57 -43.07
C TYR B 407 1.41 -16.71 -41.87
N GLY B 408 2.43 -17.02 -41.10
CA GLY B 408 2.71 -16.16 -39.97
C GLY B 408 4.14 -15.81 -39.66
N LEU B 409 4.77 -15.09 -40.57
CA LEU B 409 6.16 -14.72 -40.43
C LEU B 409 6.30 -13.40 -39.72
N GLY B 410 5.66 -12.37 -40.24
CA GLY B 410 5.79 -11.06 -39.63
C GLY B 410 4.56 -10.20 -39.71
N SER B 411 4.49 -9.22 -38.83
CA SER B 411 3.34 -8.38 -38.78
C SER B 411 3.63 -7.23 -37.85
N GLY B 412 2.87 -6.15 -37.93
CA GLY B 412 3.17 -5.07 -37.02
C GLY B 412 1.90 -4.36 -36.73
N LEU B 413 1.94 -3.35 -35.87
CA LEU B 413 0.73 -2.61 -35.56
C LEU B 413 1.05 -1.23 -35.00
N TRP B 414 0.15 -0.29 -35.21
CA TRP B 414 0.42 1.09 -34.84
C TRP B 414 -0.63 1.63 -33.89
N THR B 415 -0.22 1.93 -32.66
CA THR B 415 -1.13 2.40 -31.61
C THR B 415 -0.36 3.24 -30.61
N GLN B 416 -1.07 3.89 -29.72
CA GLN B 416 -0.41 4.45 -28.56
C GLN B 416 -1.01 3.98 -27.25
N ASN B 417 -1.85 2.95 -27.31
CA ASN B 417 -2.43 2.33 -26.11
C ASN B 417 -1.55 1.20 -25.62
N LEU B 418 -0.98 1.40 -24.45
CA LEU B 418 -0.21 0.38 -23.76
C LEU B 418 -0.86 -0.99 -23.84
N ALA B 419 -2.02 -1.15 -23.24
CA ALA B 419 -2.70 -2.44 -23.28
C ALA B 419 -2.86 -2.98 -24.71
N ARG B 420 -3.41 -2.18 -25.61
CA ARG B 420 -3.73 -2.68 -26.94
C ARG B 420 -2.51 -3.21 -27.65
N ALA B 421 -1.40 -2.51 -27.54
CA ALA B 421 -0.20 -2.92 -28.21
C ALA B 421 0.27 -4.32 -27.78
N HIS B 422 0.37 -4.53 -26.47
CA HIS B 422 0.86 -5.80 -25.95
C HIS B 422 -0.15 -6.93 -26.09
N LYS B 423 -1.43 -6.65 -25.80
CA LYS B 423 -2.52 -7.62 -25.97
C LYS B 423 -2.49 -8.19 -27.39
N MET B 424 -2.35 -7.30 -28.37
CA MET B 424 -2.36 -7.67 -29.78
C MET B 424 -1.16 -8.50 -30.17
N ALA B 425 0.03 -8.04 -29.81
CA ALA B 425 1.26 -8.74 -30.18
C ALA B 425 1.29 -10.16 -29.60
N HIS B 426 0.56 -10.33 -28.50
CA HIS B 426 0.50 -11.60 -27.79
C HIS B 426 -0.45 -12.56 -28.51
N ALA B 427 -1.51 -11.98 -29.09
CA ALA B 427 -2.57 -12.74 -29.73
C ALA B 427 -2.27 -13.11 -31.18
N ILE B 428 -1.58 -12.23 -31.88
CA ILE B 428 -1.26 -12.47 -33.28
C ILE B 428 -0.36 -13.68 -33.41
N HIS B 429 -0.75 -14.65 -34.23
CA HIS B 429 0.08 -15.83 -34.43
C HIS B 429 1.13 -15.57 -35.48
N ALA B 430 2.29 -15.09 -35.02
CA ALA B 430 3.37 -14.68 -35.90
C ALA B 430 4.68 -14.75 -35.14
N GLY B 431 5.77 -15.08 -35.84
CA GLY B 431 7.06 -15.28 -35.22
C GLY B 431 7.73 -14.00 -34.75
N MET B 432 7.15 -12.88 -35.14
CA MET B 432 7.68 -11.59 -34.78
C MET B 432 6.66 -10.50 -35.09
N CYS B 433 6.66 -9.45 -34.28
CA CYS B 433 5.63 -8.45 -34.37
C CYS B 433 6.18 -7.06 -33.97
N TRP B 434 6.03 -6.08 -34.86
CA TRP B 434 6.62 -4.76 -34.64
C TRP B 434 5.57 -3.74 -34.30
N ILE B 435 5.84 -2.94 -33.26
CA ILE B 435 4.88 -1.95 -32.80
C ILE B 435 5.42 -0.54 -33.06
N ASN B 436 4.62 0.28 -33.73
CA ASN B 436 5.04 1.63 -34.07
C ASN B 436 6.36 1.67 -34.84
N CYS B 437 6.57 0.63 -35.65
CA CYS B 437 7.73 0.49 -36.53
C CYS B 437 7.55 -0.78 -37.33
N TYR B 438 8.44 -1.05 -38.27
CA TYR B 438 8.26 -2.24 -39.09
C TYR B 438 9.58 -2.69 -39.74
N LYS B 439 9.68 -3.97 -40.05
CA LYS B 439 10.85 -4.55 -40.74
C LYS B 439 12.17 -4.25 -40.04
N ARG B 440 12.13 -4.03 -38.74
CA ARG B 440 13.36 -3.83 -37.96
C ARG B 440 13.99 -5.18 -37.67
N VAL B 441 15.18 -5.43 -38.18
CA VAL B 441 15.91 -6.61 -37.76
C VAL B 441 17.22 -6.25 -37.07
N SER B 442 17.83 -7.28 -36.50
CA SER B 442 19.03 -7.11 -35.70
C SER B 442 19.59 -8.50 -35.43
N PRO B 443 20.89 -8.70 -35.67
CA PRO B 443 21.51 -9.97 -35.31
C PRO B 443 21.35 -10.12 -33.80
N GLY B 444 20.98 -11.30 -33.32
CA GLY B 444 20.73 -11.47 -31.90
C GLY B 444 19.24 -11.58 -31.55
N SER B 445 18.40 -10.98 -32.39
CA SER B 445 16.94 -11.09 -32.27
C SER B 445 16.36 -12.12 -33.25
N PRO B 446 15.89 -13.28 -32.72
CA PRO B 446 15.42 -14.42 -33.50
C PRO B 446 14.46 -14.04 -34.60
N PHE B 447 14.77 -14.52 -35.80
CA PHE B 447 14.04 -14.20 -37.02
C PHE B 447 13.57 -15.51 -37.66
N GLY B 448 12.26 -15.71 -37.70
CA GLY B 448 11.73 -16.93 -38.25
C GLY B 448 10.22 -16.99 -38.19
N GLY B 449 9.67 -18.06 -38.74
CA GLY B 449 8.23 -18.16 -38.84
C GLY B 449 7.55 -19.02 -37.78
N VAL B 450 6.23 -19.11 -37.92
CA VAL B 450 5.41 -19.93 -37.07
C VAL B 450 4.34 -20.66 -37.90
N GLY B 451 4.25 -21.97 -37.70
CA GLY B 451 3.26 -22.77 -38.40
C GLY B 451 3.69 -23.12 -39.81
N GLN B 452 2.99 -22.54 -40.78
CA GLN B 452 3.28 -22.80 -42.20
C GLN B 452 4.29 -21.84 -42.80
N SER B 453 4.88 -21.00 -41.95
CA SER B 453 6.02 -20.17 -42.35
C SER B 453 7.30 -20.81 -41.83
N GLY B 454 7.17 -22.04 -41.33
CA GLY B 454 8.31 -22.89 -41.02
C GLY B 454 8.78 -22.97 -39.58
N TYR B 455 9.95 -23.56 -39.39
CA TYR B 455 10.56 -23.67 -38.06
C TYR B 455 12.00 -23.22 -38.07
N GLY B 456 12.56 -23.06 -36.88
CA GLY B 456 13.93 -22.58 -36.74
C GLY B 456 14.06 -21.08 -36.88
N ARG B 457 15.03 -20.52 -36.16
CA ARG B 457 15.27 -19.09 -36.17
C ARG B 457 16.66 -18.79 -36.71
N GLU B 458 16.81 -17.59 -37.28
CA GLU B 458 18.13 -17.05 -37.60
C GLU B 458 18.40 -15.90 -36.66
N MET B 459 19.65 -15.47 -36.59
CA MET B 459 20.01 -14.24 -35.89
C MET B 459 20.56 -14.34 -34.47
N GLY B 460 19.89 -15.05 -33.58
CA GLY B 460 20.17 -14.89 -32.16
C GLY B 460 21.10 -15.92 -31.57
N PHE B 461 21.01 -16.14 -30.26
CA PHE B 461 21.59 -17.34 -29.67
C PHE B 461 20.85 -18.55 -30.19
N GLU B 462 19.56 -18.37 -30.46
CA GLU B 462 18.71 -19.38 -31.07
C GLU B 462 19.36 -19.93 -32.33
N ALA B 463 19.83 -19.02 -33.18
CA ALA B 463 20.41 -19.38 -34.46
C ALA B 463 21.55 -20.36 -34.27
N ILE B 464 22.46 -20.04 -33.36
CA ILE B 464 23.57 -20.92 -33.00
C ILE B 464 23.11 -22.33 -32.58
N HIS B 465 22.09 -22.41 -31.72
CA HIS B 465 21.53 -23.67 -31.27
C HIS B 465 21.11 -24.57 -32.45
N ASP B 466 20.52 -23.98 -33.48
CA ASP B 466 20.06 -24.74 -34.65
C ASP B 466 21.19 -25.40 -35.43
N TYR B 467 22.42 -24.93 -35.21
CA TYR B 467 23.57 -25.43 -35.96
C TYR B 467 24.53 -26.14 -35.01
N THR B 468 23.99 -26.98 -34.14
CA THR B 468 24.80 -27.60 -33.11
C THR B 468 24.11 -28.77 -32.39
N GLU B 469 24.87 -29.85 -32.19
CA GLU B 469 24.38 -31.08 -31.54
C GLU B 469 24.71 -31.00 -30.05
N ALA B 470 24.20 -31.95 -29.28
CA ALA B 470 24.54 -32.01 -27.87
C ALA B 470 25.10 -33.36 -27.48
N ARG B 471 26.42 -33.41 -27.27
CA ARG B 471 27.05 -34.63 -26.79
C ARG B 471 27.02 -34.67 -25.26
N SER B 472 26.28 -35.63 -24.70
CA SER B 472 26.19 -35.79 -23.24
C SER B 472 27.21 -36.82 -22.76
N VAL B 473 28.04 -36.45 -21.79
CA VAL B 473 29.06 -37.38 -21.32
C VAL B 473 28.89 -37.63 -19.85
N TRP B 474 28.83 -38.90 -19.49
CA TRP B 474 28.73 -39.30 -18.08
C TRP B 474 30.05 -39.89 -17.60
N VAL B 475 30.53 -39.38 -16.48
CA VAL B 475 31.69 -39.96 -15.84
C VAL B 475 31.39 -40.48 -14.44
N ASN B 476 31.52 -41.79 -14.25
CA ASN B 476 31.40 -42.37 -12.92
C ASN B 476 32.68 -42.14 -12.13
N VAL B 477 32.64 -41.26 -11.13
CA VAL B 477 33.81 -41.05 -10.26
C VAL B 477 33.74 -41.75 -8.90
N ASP B 478 32.66 -41.48 -8.18
CA ASP B 478 32.56 -41.86 -6.77
C ASP B 478 31.33 -42.68 -6.46
N ALA B 479 30.66 -43.17 -7.48
CA ALA B 479 29.47 -43.95 -7.26
C ALA B 479 29.78 -45.34 -7.70
N LYS B 480 29.49 -46.30 -6.85
CA LYS B 480 29.80 -47.68 -7.18
C LYS B 480 28.50 -48.39 -7.46
N ILE B 481 28.43 -48.99 -8.63
CA ILE B 481 27.25 -49.74 -9.04
C ILE B 481 27.10 -50.99 -8.22
N ALA B 482 25.85 -51.36 -7.98
CA ALA B 482 25.54 -52.60 -7.32
C ALA B 482 25.04 -53.38 -8.50
N PRO B 483 25.61 -54.56 -8.71
CA PRO B 483 25.32 -55.27 -9.95
C PRO B 483 23.82 -55.45 -10.09
N HIS B 484 23.30 -55.13 -11.27
CA HIS B 484 21.87 -55.28 -11.47
C HIS B 484 21.48 -56.74 -11.33
N PHE B 485 22.21 -57.60 -12.03
CA PHE B 485 22.01 -59.03 -11.88
C PHE B 485 22.77 -59.50 -10.63
N LYS B 486 22.06 -59.56 -9.51
CA LYS B 486 22.66 -59.82 -8.20
C LYS B 486 23.27 -61.21 -8.16
N ARG B 487 24.55 -61.29 -8.52
CA ARG B 487 25.31 -62.53 -8.50
C ARG B 487 24.47 -63.78 -8.75
N MET C 1 57.24 6.96 -20.25
CA MET C 1 56.84 7.78 -21.43
C MET C 1 55.64 8.74 -21.22
N GLN C 2 54.41 8.22 -21.31
CA GLN C 2 53.18 8.98 -21.04
C GLN C 2 52.87 8.90 -19.55
N ASN C 3 52.76 10.03 -18.86
CA ASN C 3 52.92 9.99 -17.39
C ASN C 3 51.97 10.79 -16.50
N GLN C 4 50.93 11.38 -17.09
CA GLN C 4 50.01 12.20 -16.32
C GLN C 4 48.68 11.48 -16.10
N LEU C 5 47.82 12.04 -15.24
CA LEU C 5 46.46 11.56 -15.12
C LEU C 5 45.80 11.66 -16.48
N TYR C 6 44.72 10.90 -16.69
CA TYR C 6 43.94 11.02 -17.92
C TYR C 6 42.49 11.17 -17.54
N ILE C 7 41.97 12.39 -17.62
CA ILE C 7 40.64 12.71 -17.15
C ILE C 7 39.83 13.43 -18.23
N ASP C 8 38.69 12.88 -18.59
CA ASP C 8 37.83 13.49 -19.59
C ASP C 8 38.60 13.65 -20.89
N GLY C 9 39.38 12.64 -21.24
CA GLY C 9 40.02 12.61 -22.55
C GLY C 9 41.25 13.48 -22.74
N ARG C 10 41.77 14.03 -21.64
N ARG C 10 41.78 14.02 -21.65
CA ARG C 10 42.98 14.86 -21.69
CA ARG C 10 42.98 14.85 -21.71
C ARG C 10 44.00 14.39 -20.66
C ARG C 10 44.00 14.38 -20.67
N PHE C 11 45.27 14.40 -21.04
CA PHE C 11 46.33 14.13 -20.09
C PHE C 11 46.57 15.39 -19.27
N VAL C 12 46.33 15.31 -17.97
CA VAL C 12 46.47 16.47 -17.09
C VAL C 12 47.32 16.15 -15.88
N ASP C 13 47.90 17.19 -15.28
CA ASP C 13 48.69 17.03 -14.08
C ASP C 13 47.75 16.90 -12.91
N ALA C 14 48.28 16.43 -11.79
CA ALA C 14 47.50 16.36 -10.56
C ALA C 14 47.11 17.77 -10.16
N VAL C 15 45.89 17.94 -9.67
CA VAL C 15 45.39 19.25 -9.24
C VAL C 15 46.33 20.00 -8.29
N ALA C 16 46.91 19.28 -7.33
CA ALA C 16 47.80 19.88 -6.35
C ALA C 16 49.28 19.66 -6.71
N GLY C 17 49.53 19.34 -7.98
CA GLY C 17 50.87 19.14 -8.49
C GLY C 17 51.57 17.89 -7.99
N GLY C 18 50.93 17.10 -7.13
CA GLY C 18 51.52 15.89 -6.58
C GLY C 18 52.32 15.09 -7.60
N THR C 19 53.35 14.39 -7.13
CA THR C 19 54.21 13.62 -8.02
C THR C 19 54.69 12.33 -7.35
N ILE C 20 54.80 11.26 -8.16
CA ILE C 20 55.32 9.98 -7.69
C ILE C 20 56.41 9.40 -8.62
N ASP C 21 57.48 8.88 -8.04
CA ASP C 21 58.61 8.36 -8.81
C ASP C 21 58.33 6.95 -9.32
N VAL C 22 58.44 6.75 -10.62
CA VAL C 22 58.32 5.40 -11.16
C VAL C 22 59.67 4.83 -11.58
N VAL C 23 60.08 3.75 -10.92
CA VAL C 23 61.43 3.20 -11.02
C VAL C 23 61.51 1.90 -11.83
N SER C 24 62.61 1.69 -12.55
CA SER C 24 62.90 0.39 -13.17
C SER C 24 63.48 -0.61 -12.15
N PRO C 25 62.82 -1.76 -11.98
CA PRO C 25 63.21 -2.80 -11.02
C PRO C 25 64.55 -3.46 -11.36
N HIS C 26 65.12 -3.15 -12.52
CA HIS C 26 66.34 -3.82 -12.98
C HIS C 26 67.61 -3.18 -12.43
N ASP C 27 67.63 -1.85 -12.36
CA ASP C 27 68.82 -1.11 -11.96
C ASP C 27 68.53 -0.07 -10.89
N GLY C 28 67.26 0.07 -10.50
CA GLY C 28 66.87 1.07 -9.52
C GLY C 28 66.69 2.43 -10.16
N SER C 29 67.03 2.51 -11.45
CA SER C 29 66.98 3.74 -12.23
C SER C 29 65.59 4.42 -12.22
N LEU C 30 65.55 5.75 -12.28
CA LEU C 30 64.28 6.46 -12.46
C LEU C 30 63.80 6.37 -13.92
N ILE C 31 62.55 5.96 -14.11
CA ILE C 31 61.96 5.86 -15.44
C ILE C 31 61.24 7.16 -15.81
N THR C 32 60.46 7.68 -14.87
CA THR C 32 59.77 8.96 -15.03
C THR C 32 58.95 9.31 -13.79
N ARG C 33 58.34 10.48 -13.80
CA ARG C 33 57.53 10.93 -12.68
C ARG C 33 56.05 10.97 -13.04
N ILE C 34 55.25 10.35 -12.18
CA ILE C 34 53.80 10.16 -12.39
C ILE C 34 53.04 11.27 -11.69
N ALA C 35 52.03 11.83 -12.35
CA ALA C 35 51.17 12.78 -11.68
C ALA C 35 50.42 12.05 -10.59
N ALA C 36 50.53 12.50 -9.33
CA ALA C 36 49.95 11.77 -8.21
C ALA C 36 48.56 12.25 -7.86
N ALA C 37 47.59 11.40 -8.15
CA ALA C 37 46.19 11.75 -7.98
C ALA C 37 45.82 11.72 -6.52
N GLU C 38 45.01 12.68 -6.12
CA GLU C 38 44.52 12.73 -4.75
C GLU C 38 43.03 12.94 -4.77
N ALA C 39 42.42 13.03 -3.59
CA ALA C 39 40.97 13.14 -3.50
C ALA C 39 40.38 14.06 -4.55
N ALA C 40 40.89 15.29 -4.62
CA ALA C 40 40.35 16.31 -5.51
C ALA C 40 40.35 15.86 -6.98
N ASP C 41 41.35 15.07 -7.34
CA ASP C 41 41.49 14.58 -8.69
C ASP C 41 40.43 13.53 -9.04
N VAL C 42 40.19 12.59 -8.14
CA VAL C 42 39.21 11.55 -8.42
C VAL C 42 37.82 12.18 -8.53
N ASP C 43 37.53 13.14 -7.65
CA ASP C 43 36.27 13.88 -7.70
C ASP C 43 35.98 14.33 -9.13
N LEU C 44 37.02 14.64 -9.89
CA LEU C 44 36.87 15.11 -11.26
C LEU C 44 36.74 13.96 -12.22
N ALA C 45 37.59 12.96 -12.04
CA ALA C 45 37.53 11.80 -12.91
C ALA C 45 36.15 11.15 -12.81
N VAL C 46 35.62 11.07 -11.60
CA VAL C 46 34.29 10.49 -11.39
C VAL C 46 33.23 11.36 -12.01
N ALA C 47 33.33 12.68 -11.81
CA ALA C 47 32.37 13.61 -12.40
C ALA C 47 32.41 13.56 -13.92
N ALA C 48 33.60 13.38 -14.47
CA ALA C 48 33.76 13.17 -15.91
C ALA C 48 33.04 11.91 -16.35
N ALA C 49 33.23 10.84 -15.59
CA ALA C 49 32.62 9.55 -15.89
C ALA C 49 31.10 9.62 -15.77
N LYS C 50 30.61 10.29 -14.72
CA LYS C 50 29.16 10.43 -14.47
C LYS C 50 28.49 11.16 -15.61
N ARG C 51 29.19 12.13 -16.15
CA ARG C 51 28.68 12.95 -17.24
C ARG C 51 28.65 12.13 -18.54
N ALA C 52 29.70 11.36 -18.78
CA ALA C 52 29.81 10.60 -20.02
C ALA C 52 28.88 9.39 -20.08
N PHE C 53 28.43 8.92 -18.92
CA PHE C 53 27.67 7.67 -18.84
C PHE C 53 26.37 7.64 -19.65
N PRO C 54 25.48 8.62 -19.43
CA PRO C 54 24.20 8.58 -20.15
C PRO C 54 24.36 8.34 -21.66
N ALA C 55 25.24 9.11 -22.30
CA ALA C 55 25.43 8.98 -23.73
C ALA C 55 26.06 7.64 -24.10
N TRP C 56 27.02 7.22 -23.29
CA TRP C 56 27.75 5.98 -23.56
C TRP C 56 26.86 4.77 -23.43
N SER C 57 26.09 4.67 -22.35
CA SER C 57 25.17 3.54 -22.17
C SER C 57 24.00 3.61 -23.14
N ALA C 58 23.74 4.79 -23.70
CA ALA C 58 22.63 4.96 -24.61
C ALA C 58 23.00 4.52 -26.02
N LEU C 59 24.30 4.46 -26.31
CA LEU C 59 24.79 3.83 -27.53
C LEU C 59 24.17 2.44 -27.68
N GLY C 60 23.92 2.02 -28.92
CA GLY C 60 23.55 0.64 -29.17
C GLY C 60 24.65 -0.27 -28.67
N ALA C 61 24.31 -1.43 -28.12
CA ALA C 61 25.34 -2.28 -27.53
C ALA C 61 26.39 -2.66 -28.55
N ALA C 62 25.95 -2.92 -29.77
CA ALA C 62 26.86 -3.30 -30.84
C ALA C 62 28.00 -2.27 -31.06
N GLU C 63 27.68 -1.00 -30.83
CA GLU C 63 28.66 0.05 -30.95
C GLU C 63 29.76 -0.06 -29.89
N ARG C 64 29.37 -0.12 -28.63
CA ARG C 64 30.33 -0.33 -27.57
C ARG C 64 31.17 -1.55 -27.94
N GLY C 65 30.53 -2.53 -28.56
CA GLY C 65 31.23 -3.74 -28.94
C GLY C 65 32.30 -3.51 -29.98
N ARG C 66 31.92 -2.80 -31.06
CA ARG C 66 32.85 -2.48 -32.12
C ARG C 66 34.11 -1.75 -31.60
N LEU C 67 33.93 -0.73 -30.74
CA LEU C 67 35.09 -0.02 -30.20
C LEU C 67 36.03 -0.96 -29.46
N LEU C 68 35.49 -1.80 -28.59
CA LEU C 68 36.32 -2.77 -27.88
C LEU C 68 37.08 -3.62 -28.89
N LEU C 69 36.40 -3.99 -29.96
CA LEU C 69 37.00 -4.82 -30.98
C LEU C 69 38.17 -4.13 -31.64
N LYS C 70 38.01 -2.84 -31.98
CA LYS C 70 39.09 -2.10 -32.63
C LYS C 70 40.25 -1.94 -31.65
N LEU C 71 39.94 -1.57 -30.42
CA LEU C 71 40.97 -1.45 -29.40
C LEU C 71 41.80 -2.71 -29.37
N ALA C 72 41.18 -3.85 -29.63
CA ALA C 72 41.92 -5.10 -29.52
C ALA C 72 42.91 -5.23 -30.66
N ASP C 73 42.46 -4.97 -31.87
CA ASP C 73 43.33 -4.95 -33.05
C ASP C 73 44.44 -3.91 -32.88
N ARG C 74 44.06 -2.72 -32.44
CA ARG C 74 44.99 -1.63 -32.19
C ARG C 74 46.07 -1.99 -31.17
N ILE C 75 45.70 -2.66 -30.10
CA ILE C 75 46.67 -3.09 -29.10
C ILE C 75 47.72 -4.03 -29.71
N GLU C 76 47.31 -4.80 -30.72
CA GLU C 76 48.21 -5.75 -31.37
C GLU C 76 49.12 -5.05 -32.39
N GLU C 77 48.61 -4.01 -33.01
CA GLU C 77 49.43 -3.14 -33.86
C GLU C 77 50.57 -2.56 -33.04
N CYS C 78 50.27 -2.06 -31.84
CA CYS C 78 51.30 -1.53 -30.99
C CYS C 78 51.88 -2.61 -30.10
N SER C 79 51.84 -3.84 -30.59
CA SER C 79 52.31 -5.00 -29.83
C SER C 79 53.66 -4.78 -29.12
N GLU C 80 54.67 -4.36 -29.88
CA GLU C 80 56.02 -4.21 -29.31
C GLU C 80 56.14 -2.96 -28.46
N GLU C 81 55.68 -1.85 -28.99
CA GLU C 81 55.70 -0.64 -28.17
C GLU C 81 55.26 -1.00 -26.75
N LEU C 82 54.12 -1.67 -26.63
CA LEU C 82 53.56 -1.98 -25.32
C LEU C 82 54.38 -3.01 -24.55
N ALA C 83 54.66 -4.15 -25.16
CA ALA C 83 55.40 -5.21 -24.47
C ALA C 83 56.63 -4.62 -23.84
N GLN C 84 57.22 -3.64 -24.54
CA GLN C 84 58.46 -2.98 -24.14
C GLN C 84 58.22 -2.06 -22.95
N LEU C 85 57.22 -1.19 -23.07
CA LEU C 85 56.85 -0.31 -21.99
C LEU C 85 56.54 -1.09 -20.72
N GLU C 86 55.82 -2.20 -20.86
CA GLU C 86 55.38 -2.98 -19.72
C GLU C 86 56.57 -3.65 -19.05
N SER C 87 57.35 -4.39 -19.83
CA SER C 87 58.43 -5.19 -19.23
C SER C 87 59.43 -4.27 -18.55
N LEU C 88 59.59 -3.07 -19.11
CA LEU C 88 60.50 -2.10 -18.53
C LEU C 88 60.05 -1.69 -17.13
N ASN C 89 58.76 -1.39 -17.02
CA ASN C 89 58.15 -0.86 -15.79
C ASN C 89 58.00 -1.87 -14.65
N THR C 90 57.88 -3.15 -15.02
CA THR C 90 57.50 -4.21 -14.09
C THR C 90 58.57 -5.27 -13.86
N GLY C 91 59.53 -5.36 -14.79
CA GLY C 91 60.59 -6.34 -14.71
C GLY C 91 60.22 -7.66 -15.37
N HIS C 92 59.06 -7.68 -16.04
CA HIS C 92 58.65 -8.85 -16.81
C HIS C 92 59.58 -9.03 -18.01
N PRO C 93 60.22 -10.21 -18.10
CA PRO C 93 61.04 -10.49 -19.29
C PRO C 93 60.26 -10.13 -20.54
N ILE C 94 60.94 -9.68 -21.60
CA ILE C 94 60.27 -9.39 -22.86
C ILE C 94 59.86 -10.70 -23.47
N ARG C 95 60.53 -11.78 -23.04
CA ARG C 95 60.12 -13.12 -23.43
C ARG C 95 58.62 -13.22 -23.18
N ASP C 96 58.24 -12.77 -21.99
CA ASP C 96 56.84 -12.80 -21.57
C ASP C 96 56.06 -11.66 -22.20
N SER C 97 56.32 -10.44 -21.76
CA SER C 97 55.56 -9.30 -22.29
C SER C 97 55.13 -9.47 -23.75
N ARG C 98 55.98 -10.06 -24.57
CA ARG C 98 55.67 -10.18 -25.99
C ARG C 98 54.69 -11.31 -26.25
N GLY C 99 54.89 -12.44 -25.57
CA GLY C 99 54.13 -13.65 -25.87
C GLY C 99 52.92 -13.92 -25.00
N LEU C 100 52.90 -13.28 -23.84
CA LEU C 100 51.81 -13.41 -22.88
C LEU C 100 51.10 -12.09 -22.60
N ASP C 101 51.66 -11.30 -21.68
CA ASP C 101 51.06 -10.04 -21.29
C ASP C 101 50.28 -9.37 -22.41
N VAL C 102 50.90 -9.15 -23.57
CA VAL C 102 50.21 -8.38 -24.60
C VAL C 102 49.10 -9.11 -25.38
N PRO C 103 49.38 -10.29 -25.92
CA PRO C 103 48.32 -10.99 -26.66
C PRO C 103 47.09 -11.33 -25.79
N ARG C 104 47.30 -11.73 -24.53
CA ARG C 104 46.19 -12.05 -23.65
C ARG C 104 45.38 -10.81 -23.24
N THR C 105 45.99 -9.64 -23.25
CA THR C 105 45.27 -8.40 -23.00
C THR C 105 44.40 -8.05 -24.20
N ALA C 106 44.93 -8.24 -25.41
CA ALA C 106 44.14 -8.02 -26.61
C ALA C 106 43.03 -9.05 -26.71
N ALA C 107 43.36 -10.31 -26.50
CA ALA C 107 42.39 -11.40 -26.60
C ALA C 107 41.19 -11.18 -25.69
N CYS C 108 41.48 -10.67 -24.49
CA CYS C 108 40.45 -10.41 -23.52
C CYS C 108 39.55 -9.26 -23.96
N PHE C 109 40.13 -8.18 -24.46
CA PHE C 109 39.34 -7.07 -24.98
C PHE C 109 38.48 -7.51 -26.14
N ARG C 110 39.03 -8.39 -26.98
CA ARG C 110 38.33 -8.88 -28.16
C ARG C 110 37.16 -9.74 -27.75
N TYR C 111 37.38 -10.59 -26.75
CA TYR C 111 36.29 -11.40 -26.20
C TYR C 111 35.11 -10.51 -25.86
N PHE C 112 35.35 -9.53 -24.99
CA PHE C 112 34.31 -8.63 -24.52
C PHE C 112 33.76 -7.68 -25.57
N GLY C 113 34.52 -7.46 -26.64
CA GLY C 113 34.01 -6.71 -27.77
C GLY C 113 32.87 -7.49 -28.40
N GLY C 114 33.10 -8.78 -28.59
CA GLY C 114 32.10 -9.65 -29.17
C GLY C 114 30.99 -10.00 -28.20
N MET C 115 31.14 -9.55 -26.96
CA MET C 115 30.20 -9.90 -25.89
C MET C 115 29.14 -8.82 -25.70
N ALA C 116 29.52 -7.57 -25.94
CA ALA C 116 28.68 -6.43 -25.56
C ALA C 116 27.21 -6.50 -25.99
N ASP C 117 26.94 -7.12 -27.14
CA ASP C 117 25.58 -7.19 -27.67
C ASP C 117 24.98 -8.58 -27.55
N LYS C 118 25.52 -9.38 -26.65
CA LYS C 118 25.03 -10.73 -26.39
C LYS C 118 24.58 -10.90 -24.94
N ILE C 119 24.61 -9.79 -24.21
CA ILE C 119 24.04 -9.66 -22.86
C ILE C 119 22.51 -9.53 -22.95
N GLU C 120 21.79 -10.61 -22.66
CA GLU C 120 20.36 -10.58 -22.89
C GLU C 120 19.56 -10.50 -21.58
N GLY C 121 18.42 -9.81 -21.63
CA GLY C 121 17.51 -9.77 -20.50
C GLY C 121 16.73 -11.08 -20.47
N SER C 122 15.58 -11.08 -19.81
CA SER C 122 14.73 -12.27 -19.85
C SER C 122 13.26 -11.91 -19.67
N VAL C 123 12.38 -12.77 -20.20
CA VAL C 123 10.93 -12.60 -20.09
C VAL C 123 10.29 -13.66 -19.19
N ILE C 124 9.83 -13.25 -18.01
CA ILE C 124 9.33 -14.16 -16.96
C ILE C 124 7.90 -14.68 -17.18
N PRO C 125 7.72 -16.01 -17.02
CA PRO C 125 6.38 -16.59 -17.14
C PRO C 125 5.67 -16.17 -15.90
N VAL C 126 4.52 -15.54 -16.06
CA VAL C 126 3.93 -14.85 -14.93
C VAL C 126 2.41 -14.90 -15.03
N ASP C 127 1.72 -14.41 -14.00
CA ASP C 127 0.27 -14.49 -13.90
C ASP C 127 -0.36 -14.21 -15.25
N ALA C 128 -1.48 -14.87 -15.56
CA ALA C 128 -2.08 -14.66 -16.87
C ALA C 128 -2.47 -13.18 -17.03
N GLY C 129 -2.35 -12.65 -18.25
CA GLY C 129 -2.68 -11.26 -18.52
C GLY C 129 -1.59 -10.21 -18.25
N PHE C 130 -0.55 -10.61 -17.51
CA PHE C 130 0.60 -9.73 -17.33
C PHE C 130 1.74 -10.06 -18.28
N LEU C 131 2.64 -9.09 -18.44
CA LEU C 131 3.85 -9.26 -19.24
C LEU C 131 5.01 -8.74 -18.43
N ASN C 132 5.88 -9.63 -17.98
CA ASN C 132 6.99 -9.24 -17.13
C ASN C 132 8.34 -9.45 -17.83
N TYR C 133 8.91 -8.37 -18.36
CA TYR C 133 10.23 -8.46 -18.97
C TYR C 133 11.24 -7.78 -18.06
N VAL C 134 12.44 -8.35 -18.00
CA VAL C 134 13.49 -7.85 -17.13
C VAL C 134 14.72 -7.47 -17.95
N GLN C 135 14.96 -6.17 -18.06
CA GLN C 135 16.10 -5.68 -18.82
C GLN C 135 17.36 -5.87 -18.01
N ARG C 136 18.48 -6.00 -18.70
CA ARG C 136 19.76 -6.02 -18.00
C ARG C 136 20.53 -4.75 -18.40
N LYS C 137 20.71 -3.83 -17.45
CA LYS C 137 21.27 -2.49 -17.71
C LYS C 137 22.57 -2.17 -16.97
N PRO C 138 23.36 -1.23 -17.49
CA PRO C 138 24.61 -0.87 -16.82
C PRO C 138 24.36 -0.24 -15.46
N ILE C 139 25.37 -0.32 -14.58
CA ILE C 139 25.27 0.18 -13.21
C ILE C 139 25.43 1.67 -13.16
N GLY C 140 26.37 2.18 -13.94
CA GLY C 140 26.68 3.59 -13.94
C GLY C 140 28.18 3.84 -13.91
N VAL C 141 28.66 4.57 -12.91
CA VAL C 141 30.09 4.77 -12.79
C VAL C 141 30.70 3.64 -11.98
N VAL C 142 31.64 2.94 -12.59
CA VAL C 142 32.32 1.84 -11.94
C VAL C 142 33.75 2.26 -11.59
N ALA C 143 34.16 2.00 -10.35
CA ALA C 143 35.51 2.31 -9.91
C ALA C 143 36.30 1.03 -9.86
N GLN C 144 37.49 1.03 -10.47
CA GLN C 144 38.31 -0.17 -10.47
C GLN C 144 39.70 0.13 -9.92
N ILE C 145 40.21 -0.76 -9.06
CA ILE C 145 41.52 -0.63 -8.45
C ILE C 145 42.33 -1.89 -8.70
N VAL C 146 43.56 -1.78 -9.21
CA VAL C 146 44.35 -2.98 -9.50
C VAL C 146 45.71 -2.96 -8.82
N PRO C 147 46.34 -4.13 -8.70
CA PRO C 147 47.71 -4.22 -8.19
C PRO C 147 48.69 -4.10 -9.36
N TRP C 148 49.93 -4.53 -9.14
CA TRP C 148 51.01 -4.23 -10.07
C TRP C 148 51.65 -5.46 -10.68
N ASN C 149 51.03 -6.62 -10.51
CA ASN C 149 51.64 -7.82 -11.05
C ASN C 149 51.34 -8.06 -12.51
N PHE C 150 50.14 -7.73 -12.97
CA PHE C 150 49.86 -7.81 -14.40
C PHE C 150 49.23 -6.53 -14.91
N PRO C 151 49.88 -5.39 -14.68
CA PRO C 151 49.28 -4.07 -14.91
C PRO C 151 48.56 -4.01 -16.25
N LEU C 152 49.17 -4.55 -17.29
CA LEU C 152 48.64 -4.50 -18.63
C LEU C 152 47.44 -5.44 -18.81
N MET C 153 47.56 -6.66 -18.33
CA MET C 153 46.51 -7.65 -18.47
C MET C 153 45.25 -7.22 -17.69
N PHE C 154 45.45 -6.63 -16.53
CA PHE C 154 44.32 -6.19 -15.72
C PHE C 154 43.45 -5.18 -16.42
N THR C 155 44.04 -4.30 -17.21
CA THR C 155 43.22 -3.34 -17.93
C THR C 155 42.14 -4.08 -18.73
N SER C 156 42.49 -5.20 -19.34
CA SER C 156 41.51 -5.93 -20.13
C SER C 156 40.57 -6.72 -19.23
N TRP C 157 41.14 -7.37 -18.22
CA TRP C 157 40.34 -8.17 -17.29
C TRP C 157 39.22 -7.39 -16.61
N LYS C 158 39.51 -6.14 -16.32
CA LYS C 158 38.65 -5.30 -15.53
C LYS C 158 37.77 -4.40 -16.39
N MET C 159 38.36 -3.65 -17.31
CA MET C 159 37.57 -2.71 -18.09
C MET C 159 36.81 -3.40 -19.22
N GLY C 160 37.35 -4.53 -19.67
CA GLY C 160 36.73 -5.31 -20.73
C GLY C 160 35.25 -5.57 -20.51
N PRO C 161 34.89 -6.23 -19.39
CA PRO C 161 33.49 -6.47 -19.00
C PRO C 161 32.70 -5.18 -18.75
N ALA C 162 33.23 -4.34 -17.85
CA ALA C 162 32.52 -3.14 -17.42
C ALA C 162 32.14 -2.24 -18.58
N LEU C 163 33.00 -2.17 -19.58
CA LEU C 163 32.73 -1.32 -20.73
C LEU C 163 31.69 -1.95 -21.64
N ALA C 164 31.89 -3.22 -21.99
CA ALA C 164 30.92 -3.89 -22.83
C ALA C 164 29.50 -3.70 -22.26
N ALA C 165 29.37 -3.87 -20.95
CA ALA C 165 28.06 -3.81 -20.29
C ALA C 165 27.40 -2.44 -20.40
N GLY C 166 28.21 -1.42 -20.72
CA GLY C 166 27.74 -0.05 -20.85
C GLY C 166 28.07 0.84 -19.67
N ASN C 167 28.92 0.37 -18.77
CA ASN C 167 29.34 1.23 -17.66
C ASN C 167 30.41 2.23 -18.10
N THR C 168 30.70 3.16 -17.22
CA THR C 168 31.69 4.18 -17.51
C THR C 168 32.73 3.99 -16.40
N ILE C 169 34.01 4.23 -16.67
CA ILE C 169 35.02 3.77 -15.73
C ILE C 169 35.98 4.81 -15.12
N VAL C 170 36.37 4.58 -13.87
CA VAL C 170 37.46 5.34 -13.26
C VAL C 170 38.39 4.35 -12.59
N ILE C 171 39.60 4.23 -13.12
CA ILE C 171 40.50 3.16 -12.72
C ILE C 171 41.83 3.64 -12.14
N LYS C 172 42.21 3.10 -10.98
CA LYS C 172 43.45 3.48 -10.33
C LYS C 172 44.44 2.35 -10.31
N PRO C 173 45.41 2.38 -11.25
CA PRO C 173 46.45 1.37 -11.31
C PRO C 173 47.37 1.54 -10.11
N SER C 174 48.40 0.70 -10.02
CA SER C 174 49.33 0.82 -8.93
C SER C 174 50.28 1.98 -9.18
N GLU C 175 50.44 2.83 -8.18
CA GLU C 175 51.35 3.96 -8.30
C GLU C 175 52.72 3.44 -8.67
N ILE C 176 52.85 2.13 -8.72
CA ILE C 176 54.13 1.50 -9.02
C ILE C 176 54.24 1.12 -10.49
N THR C 177 53.11 0.72 -11.08
CA THR C 177 53.09 0.27 -12.46
C THR C 177 51.94 0.89 -13.21
N PRO C 178 51.96 2.22 -13.33
CA PRO C 178 50.89 2.94 -14.00
C PRO C 178 51.13 3.04 -15.48
N LEU C 179 52.39 3.00 -15.90
CA LEU C 179 52.75 3.44 -17.23
C LEU C 179 51.99 2.65 -18.28
N SER C 180 51.92 1.35 -18.02
CA SER C 180 51.37 0.43 -18.98
C SER C 180 49.96 0.84 -19.30
N THR C 181 49.17 1.02 -18.25
CA THR C 181 47.75 1.28 -18.39
C THR C 181 47.39 2.70 -18.91
N LEU C 182 48.30 3.65 -18.72
CA LEU C 182 48.10 5.02 -19.22
C LEU C 182 48.11 5.04 -20.75
N ARG C 183 49.05 4.30 -21.32
CA ARG C 183 49.11 4.18 -22.76
C ARG C 183 47.82 3.58 -23.29
N ILE C 184 47.26 2.62 -22.55
CA ILE C 184 46.06 1.94 -22.98
C ILE C 184 44.89 2.90 -23.17
N VAL C 185 44.68 3.81 -22.23
CA VAL C 185 43.61 4.80 -22.36
C VAL C 185 43.81 5.67 -23.59
N GLU C 186 45.04 6.07 -23.85
CA GLU C 186 45.34 6.85 -25.03
C GLU C 186 44.89 6.05 -26.24
N LEU C 187 45.29 4.79 -26.28
CA LEU C 187 44.89 3.89 -27.35
C LEU C 187 43.37 3.85 -27.50
N MET C 188 42.68 3.88 -26.36
CA MET C 188 41.23 3.84 -26.39
C MET C 188 40.74 5.02 -27.19
N THR C 189 41.03 6.23 -26.72
CA THR C 189 40.44 7.39 -27.38
C THR C 189 40.94 7.53 -28.81
N GLU C 190 42.16 7.06 -29.07
CA GLU C 190 42.67 6.93 -30.43
C GLU C 190 41.72 6.12 -31.33
N VAL C 191 41.10 5.11 -30.76
CA VAL C 191 40.26 4.18 -31.49
C VAL C 191 38.79 4.63 -31.54
N GLY C 192 38.43 5.59 -30.70
CA GLY C 192 37.13 6.24 -30.81
C GLY C 192 36.28 6.26 -29.57
N PHE C 193 36.89 5.96 -28.43
CA PHE C 193 36.17 5.96 -27.17
C PHE C 193 35.91 7.38 -26.77
N PRO C 194 34.64 7.71 -26.56
CA PRO C 194 34.28 9.05 -26.07
C PRO C 194 35.13 9.51 -24.87
N LYS C 195 35.31 10.82 -24.78
CA LYS C 195 35.98 11.39 -23.64
C LYS C 195 35.15 11.10 -22.40
N GLY C 196 35.84 10.75 -21.31
CA GLY C 196 35.17 10.61 -20.02
C GLY C 196 34.64 9.21 -19.74
N VAL C 197 34.53 8.40 -20.81
CA VAL C 197 34.09 7.01 -20.67
C VAL C 197 35.13 6.16 -19.93
N VAL C 198 36.40 6.51 -20.10
CA VAL C 198 37.43 5.92 -19.27
C VAL C 198 38.37 6.95 -18.69
N ASN C 199 38.67 6.81 -17.40
CA ASN C 199 39.49 7.79 -16.71
C ASN C 199 40.55 7.11 -15.83
N VAL C 200 41.82 7.38 -16.10
CA VAL C 200 42.88 6.77 -15.34
C VAL C 200 43.48 7.76 -14.37
N VAL C 201 43.72 7.31 -13.15
CA VAL C 201 44.02 8.18 -12.03
C VAL C 201 45.04 7.51 -11.11
N PRO C 202 46.29 7.34 -11.59
CA PRO C 202 47.31 6.68 -10.78
C PRO C 202 47.58 7.47 -9.52
N GLY C 203 47.87 6.81 -8.40
CA GLY C 203 48.12 7.53 -7.16
C GLY C 203 48.21 6.61 -5.99
N TYR C 204 48.57 7.13 -4.82
CA TYR C 204 48.73 6.31 -3.63
C TYR C 204 47.45 5.61 -3.23
N GLY C 205 47.58 4.49 -2.53
CA GLY C 205 46.40 3.75 -2.16
C GLY C 205 45.49 4.55 -1.24
N HIS C 206 46.07 5.17 -0.23
CA HIS C 206 45.29 5.86 0.80
C HIS C 206 44.83 7.26 0.38
N THR C 207 45.23 7.70 -0.80
CA THR C 207 44.71 8.94 -1.35
C THR C 207 43.70 8.65 -2.46
N ALA C 208 44.20 8.35 -3.65
CA ALA C 208 43.31 8.05 -4.76
C ALA C 208 42.40 6.87 -4.41
N GLY C 209 42.99 5.73 -4.12
CA GLY C 209 42.24 4.54 -3.77
C GLY C 209 41.10 4.72 -2.78
N GLN C 210 41.38 5.34 -1.63
CA GLN C 210 40.36 5.54 -0.59
C GLN C 210 39.28 6.49 -1.07
N ALA C 211 39.70 7.62 -1.64
CA ALA C 211 38.76 8.61 -2.13
C ALA C 211 37.80 8.00 -3.15
N LEU C 212 38.29 7.02 -3.88
CA LEU C 212 37.53 6.39 -4.93
C LEU C 212 36.50 5.43 -4.34
N ALA C 213 36.93 4.60 -3.40
CA ALA C 213 36.03 3.60 -2.81
C ALA C 213 34.96 4.26 -1.95
N GLU C 214 35.22 5.49 -1.52
CA GLU C 214 34.28 6.19 -0.65
C GLU C 214 33.30 7.00 -1.47
N HIS C 215 33.66 7.31 -2.72
CA HIS C 215 32.89 8.25 -3.52
C HIS C 215 31.41 7.91 -3.67
N LEU C 216 30.57 8.94 -3.67
CA LEU C 216 29.12 8.72 -3.54
C LEU C 216 28.41 8.57 -4.89
N ASP C 217 29.14 8.83 -5.97
CA ASP C 217 28.59 8.72 -7.31
C ASP C 217 29.12 7.44 -8.00
N VAL C 218 29.92 6.66 -7.28
CA VAL C 218 30.42 5.41 -7.79
C VAL C 218 29.48 4.31 -7.35
N GLY C 219 28.92 3.58 -8.31
CA GLY C 219 27.89 2.59 -8.05
C GLY C 219 28.36 1.19 -7.72
N LYS C 220 29.62 0.90 -8.06
CA LYS C 220 30.25 -0.39 -7.76
C LYS C 220 31.77 -0.19 -7.70
N ILE C 221 32.45 -0.88 -6.78
CA ILE C 221 33.90 -0.77 -6.68
C ILE C 221 34.47 -2.17 -6.91
N ALA C 222 35.33 -2.34 -7.91
CA ALA C 222 35.92 -3.64 -8.22
C ALA C 222 37.37 -3.62 -7.85
N PHE C 223 37.74 -4.45 -6.88
CA PHE C 223 39.06 -4.38 -6.29
C PHE C 223 39.80 -5.68 -6.46
N THR C 224 41.06 -5.59 -6.87
CA THR C 224 41.96 -6.74 -6.87
C THR C 224 43.18 -6.36 -6.03
N GLY C 225 43.42 -7.10 -4.97
CA GLY C 225 44.52 -6.76 -4.07
C GLY C 225 44.70 -7.77 -2.95
N SER C 226 45.11 -7.28 -1.79
CA SER C 226 45.38 -8.16 -0.66
C SER C 226 44.15 -8.27 0.20
N THR C 227 44.06 -9.36 0.97
CA THR C 227 42.94 -9.52 1.91
C THR C 227 42.89 -8.35 2.88
N ALA C 228 44.06 -7.94 3.36
CA ALA C 228 44.15 -6.82 4.30
C ALA C 228 43.48 -5.55 3.77
N THR C 229 43.75 -5.20 2.52
CA THR C 229 43.24 -3.98 1.92
C THR C 229 41.80 -4.14 1.51
N GLY C 230 41.39 -5.37 1.22
CA GLY C 230 40.02 -5.64 0.84
C GLY C 230 39.04 -5.24 1.92
N ARG C 231 39.46 -5.36 3.17
CA ARG C 231 38.63 -4.93 4.27
C ARG C 231 38.51 -3.41 4.34
N ARG C 232 39.49 -2.66 3.84
CA ARG C 232 39.40 -1.19 3.86
C ARG C 232 38.47 -0.71 2.76
N ILE C 233 38.30 -1.56 1.73
CA ILE C 233 37.38 -1.30 0.64
C ILE C 233 35.95 -1.54 1.10
N VAL C 234 35.73 -2.65 1.79
CA VAL C 234 34.43 -2.94 2.37
C VAL C 234 33.96 -1.80 3.29
N GLU C 235 34.82 -1.36 4.21
CA GLU C 235 34.52 -0.21 5.07
C GLU C 235 34.14 1.01 4.24
N ALA C 236 34.88 1.26 3.17
CA ALA C 236 34.62 2.44 2.35
C ALA C 236 33.27 2.38 1.66
N SER C 237 32.86 1.21 1.25
CA SER C 237 31.66 1.10 0.46
C SER C 237 30.41 1.44 1.27
N LYS C 238 30.50 1.41 2.59
CA LYS C 238 29.32 1.64 3.43
C LYS C 238 28.77 3.04 3.25
N SER C 239 29.50 3.87 2.51
CA SER C 239 29.15 5.27 2.37
C SER C 239 27.85 5.44 1.57
N ASN C 240 27.77 4.73 0.46
CA ASN C 240 26.57 4.72 -0.39
C ASN C 240 26.21 3.29 -0.80
N LEU C 241 26.63 2.33 0.01
CA LEU C 241 26.32 0.94 -0.25
C LEU C 241 26.50 0.58 -1.71
N LYS C 242 27.65 0.99 -2.26
CA LYS C 242 28.05 0.59 -3.60
C LYS C 242 28.36 -0.91 -3.65
N ARG C 243 28.08 -1.55 -4.78
CA ARG C 243 28.40 -2.97 -4.93
C ARG C 243 29.91 -3.21 -4.83
N ILE C 244 30.30 -4.44 -4.49
CA ILE C 244 31.71 -4.80 -4.35
C ILE C 244 32.10 -6.06 -5.11
N GLN C 245 33.30 -6.05 -5.70
CA GLN C 245 33.90 -7.25 -6.27
C GLN C 245 35.25 -7.33 -5.61
N LEU C 246 35.59 -8.49 -5.05
CA LEU C 246 36.89 -8.65 -4.43
C LEU C 246 37.67 -9.83 -4.99
N GLU C 247 38.90 -9.55 -5.39
CA GLU C 247 39.76 -10.60 -5.84
C GLU C 247 40.93 -10.67 -4.92
N LEU C 248 40.72 -11.03 -3.67
CA LEU C 248 41.82 -11.05 -2.74
C LEU C 248 42.74 -12.14 -3.20
N GLY C 249 43.81 -12.44 -2.47
CA GLY C 249 44.81 -13.33 -2.99
C GLY C 249 44.81 -14.73 -2.41
N GLY C 250 45.64 -15.60 -2.95
CA GLY C 250 45.72 -16.96 -2.45
C GLY C 250 47.02 -17.73 -2.55
N LYS C 251 47.30 -18.54 -1.53
CA LYS C 251 48.45 -19.41 -1.55
C LYS C 251 48.06 -20.65 -2.35
N GLY C 252 48.12 -20.58 -3.68
CA GLY C 252 47.76 -21.71 -4.53
C GLY C 252 48.54 -23.01 -4.31
N ALA C 253 47.83 -24.12 -4.15
CA ALA C 253 48.47 -25.42 -3.94
C ALA C 253 48.72 -26.16 -5.26
N ASN C 254 49.73 -27.01 -5.26
CA ASN C 254 50.12 -27.74 -6.47
C ASN C 254 50.52 -29.18 -6.15
N ILE C 255 49.55 -30.08 -6.19
CA ILE C 255 49.75 -31.47 -5.75
C ILE C 255 50.27 -32.41 -6.84
N VAL C 256 51.25 -33.24 -6.48
CA VAL C 256 51.77 -34.25 -7.41
C VAL C 256 51.66 -35.67 -6.88
N PHE C 257 50.75 -36.45 -7.46
CA PHE C 257 50.47 -37.79 -6.97
C PHE C 257 51.40 -38.87 -7.53
N GLU C 258 51.37 -40.03 -6.91
CA GLU C 258 52.25 -41.13 -7.28
C GLU C 258 52.30 -41.38 -8.79
N ASP C 259 51.14 -41.34 -9.43
CA ASP C 259 51.05 -41.72 -10.84
C ASP C 259 51.06 -40.53 -11.79
N ALA C 260 51.78 -39.47 -11.42
CA ALA C 260 51.87 -38.29 -12.28
C ALA C 260 52.89 -38.52 -13.37
N ASN C 261 52.75 -37.78 -14.47
CA ASN C 261 53.79 -37.72 -15.47
C ASN C 261 54.81 -36.69 -15.03
N ILE C 262 55.85 -37.18 -14.36
CA ILE C 262 56.76 -36.32 -13.59
C ILE C 262 57.57 -35.31 -14.40
N GLU C 263 57.80 -35.59 -15.67
CA GLU C 263 58.41 -34.58 -16.50
C GLU C 263 57.46 -33.39 -16.64
N ALA C 264 56.23 -33.67 -17.08
CA ALA C 264 55.26 -32.61 -17.34
C ALA C 264 54.94 -31.82 -16.08
N ALA C 265 54.96 -32.50 -14.95
CA ALA C 265 54.63 -31.88 -13.69
C ALA C 265 55.76 -30.96 -13.21
N VAL C 266 57.01 -31.35 -13.44
CA VAL C 266 58.13 -30.50 -13.08
C VAL C 266 58.07 -29.21 -13.90
N ASN C 267 57.79 -29.35 -15.19
CA ASN C 267 57.69 -28.19 -16.07
C ASN C 267 56.52 -27.28 -15.76
N GLY C 268 55.38 -27.88 -15.44
CA GLY C 268 54.22 -27.12 -15.03
C GLY C 268 54.47 -26.44 -13.70
N ALA C 269 54.87 -27.21 -12.70
CA ALA C 269 55.13 -26.66 -11.37
C ALA C 269 56.15 -25.54 -11.38
N ALA C 270 57.15 -25.64 -12.25
CA ALA C 270 58.18 -24.61 -12.41
C ALA C 270 57.60 -23.37 -13.07
N TRP C 271 56.79 -23.55 -14.11
CA TRP C 271 56.08 -22.44 -14.73
C TRP C 271 55.08 -21.80 -13.78
N ALA C 272 54.46 -22.63 -12.96
CA ALA C 272 53.46 -22.19 -12.01
C ALA C 272 53.98 -21.12 -11.05
N ILE C 273 55.09 -21.41 -10.39
CA ILE C 273 55.56 -20.51 -9.34
C ILE C 273 56.59 -19.50 -9.81
N PHE C 274 57.37 -19.86 -10.81
CA PHE C 274 58.47 -19.00 -11.24
C PHE C 274 58.12 -18.02 -12.36
N HIS C 275 57.19 -18.39 -13.23
CA HIS C 275 56.76 -17.45 -14.27
C HIS C 275 56.25 -16.18 -13.59
N ASN C 276 56.54 -15.05 -14.23
CA ASN C 276 56.21 -13.75 -13.67
C ASN C 276 56.83 -13.58 -12.30
N GLN C 277 58.06 -14.06 -12.17
CA GLN C 277 58.85 -13.89 -10.97
C GLN C 277 58.03 -14.17 -9.71
N GLY C 278 57.14 -15.16 -9.77
CA GLY C 278 56.37 -15.60 -8.62
C GLY C 278 55.27 -14.66 -8.13
N GLN C 279 55.24 -13.47 -8.71
CA GLN C 279 54.25 -12.45 -8.36
C GLN C 279 52.95 -12.74 -9.09
N ALA C 280 52.55 -14.01 -9.05
CA ALA C 280 51.24 -14.40 -9.53
C ALA C 280 50.34 -14.71 -8.34
N CYS C 281 49.15 -14.11 -8.37
CA CYS C 281 48.17 -14.21 -7.31
C CYS C 281 47.72 -15.65 -7.20
N ILE C 282 47.51 -16.27 -8.35
CA ILE C 282 47.26 -17.69 -8.40
C ILE C 282 48.57 -18.28 -8.86
N ALA C 283 49.25 -18.96 -7.97
CA ALA C 283 50.53 -19.56 -8.30
C ALA C 283 50.65 -20.73 -7.35
N GLY C 284 51.50 -21.69 -7.70
CA GLY C 284 51.71 -22.79 -6.78
C GLY C 284 52.77 -22.44 -5.76
N SER C 285 52.53 -21.48 -4.88
CA SER C 285 53.53 -21.25 -3.85
C SER C 285 53.50 -22.30 -2.71
N ARG C 286 52.90 -23.45 -3.01
CA ARG C 286 52.91 -24.59 -2.12
C ARG C 286 52.95 -25.89 -2.92
N LEU C 287 54.11 -26.54 -2.97
CA LEU C 287 54.21 -27.85 -3.59
C LEU C 287 53.81 -28.92 -2.60
N ILE C 288 53.27 -30.02 -3.11
CA ILE C 288 52.77 -31.08 -2.26
C ILE C 288 53.00 -32.40 -2.97
N LEU C 289 54.04 -33.11 -2.54
CA LEU C 289 54.51 -34.29 -3.26
C LEU C 289 54.27 -35.62 -2.55
N HIS C 290 53.88 -36.65 -3.31
CA HIS C 290 53.74 -37.99 -2.76
C HIS C 290 55.11 -38.56 -2.39
N LYS C 291 55.17 -39.26 -1.25
CA LYS C 291 56.42 -39.85 -0.75
C LYS C 291 57.24 -40.57 -1.83
N ASP C 292 56.58 -41.47 -2.57
CA ASP C 292 57.24 -42.34 -3.55
C ASP C 292 57.88 -41.61 -4.73
N ILE C 293 57.45 -40.38 -5.01
CA ILE C 293 58.00 -39.64 -6.14
C ILE C 293 58.62 -38.31 -5.72
N ALA C 294 58.60 -38.01 -4.43
CA ALA C 294 59.09 -36.74 -3.93
C ALA C 294 60.54 -36.52 -4.32
N ASP C 295 61.39 -37.48 -3.96
CA ASP C 295 62.83 -37.38 -4.23
C ASP C 295 63.08 -37.23 -5.72
N GLN C 296 62.58 -38.16 -6.51
CA GLN C 296 62.74 -38.13 -7.95
C GLN C 296 62.30 -36.81 -8.59
N PHE C 297 61.28 -36.18 -8.00
CA PHE C 297 60.74 -34.93 -8.52
C PHE C 297 61.69 -33.79 -8.27
N LEU C 298 62.10 -33.63 -7.02
CA LEU C 298 62.98 -32.54 -6.63
C LEU C 298 64.32 -32.57 -7.37
N GLU C 299 64.83 -33.78 -7.64
CA GLU C 299 66.07 -33.90 -8.39
C GLU C 299 65.94 -33.14 -9.69
N ARG C 300 64.89 -33.43 -10.44
CA ARG C 300 64.63 -32.77 -11.73
C ARG C 300 64.21 -31.32 -11.58
N PHE C 301 63.40 -31.04 -10.55
CA PHE C 301 62.90 -29.69 -10.30
C PHE C 301 64.02 -28.74 -9.85
N ILE C 302 64.70 -29.08 -8.75
CA ILE C 302 65.77 -28.22 -8.26
C ILE C 302 66.79 -27.94 -9.34
N ALA C 303 67.14 -28.97 -10.11
CA ALA C 303 68.05 -28.78 -11.24
C ALA C 303 67.55 -27.68 -12.17
N LEU C 304 66.29 -27.78 -12.54
CA LEU C 304 65.64 -26.78 -13.40
C LEU C 304 65.67 -25.39 -12.78
N ALA C 305 65.42 -25.33 -11.48
CA ALA C 305 65.39 -24.07 -10.74
C ALA C 305 66.72 -23.31 -10.82
N LYS C 306 67.81 -24.01 -10.53
CA LYS C 306 69.12 -23.37 -10.49
C LYS C 306 69.57 -22.95 -11.89
N SER C 307 68.97 -23.56 -12.92
CA SER C 307 69.36 -23.29 -14.31
C SER C 307 68.39 -22.35 -15.01
N ILE C 308 68.03 -21.28 -14.31
CA ILE C 308 67.07 -20.31 -14.82
C ILE C 308 67.74 -18.98 -15.12
N ARG C 309 67.81 -18.62 -16.40
CA ARG C 309 68.51 -17.40 -16.81
C ARG C 309 67.85 -16.19 -16.20
N LEU C 310 68.39 -15.76 -15.07
CA LEU C 310 67.81 -14.65 -14.32
C LEU C 310 68.58 -13.37 -14.63
N GLY C 311 67.88 -12.31 -15.04
CA GLY C 311 68.53 -11.05 -15.36
C GLY C 311 67.71 -9.97 -16.05
N ASP C 312 68.40 -9.06 -16.72
CA ASP C 312 67.82 -7.89 -17.39
C ASP C 312 66.54 -8.23 -18.13
N PRO C 313 65.42 -7.63 -17.70
CA PRO C 313 64.11 -7.86 -18.30
C PRO C 313 64.13 -7.64 -19.82
N MET C 314 65.01 -6.74 -20.28
CA MET C 314 65.03 -6.35 -21.69
C MET C 314 65.77 -7.36 -22.59
N ASP C 315 66.38 -8.37 -21.97
CA ASP C 315 67.07 -9.41 -22.72
C ASP C 315 66.08 -10.49 -23.16
N PRO C 316 65.89 -10.59 -24.48
CA PRO C 316 65.00 -11.61 -25.06
C PRO C 316 65.31 -13.01 -24.56
N GLU C 317 66.50 -13.17 -23.99
CA GLU C 317 66.90 -14.47 -23.48
C GLU C 317 66.75 -14.58 -21.98
N THR C 318 66.25 -13.53 -21.34
CA THR C 318 65.99 -13.60 -19.92
C THR C 318 64.77 -14.42 -19.66
N GLU C 319 64.90 -15.38 -18.74
CA GLU C 319 63.84 -16.28 -18.37
C GLU C 319 62.99 -15.76 -17.22
N MET C 320 63.68 -15.16 -16.26
CA MET C 320 63.04 -14.56 -15.09
C MET C 320 63.67 -13.21 -14.73
N GLY C 321 62.86 -12.24 -14.34
CA GLY C 321 63.37 -10.93 -14.01
C GLY C 321 63.33 -10.65 -12.52
N PRO C 322 63.32 -9.35 -12.16
CA PRO C 322 63.33 -8.86 -10.77
C PRO C 322 61.94 -8.78 -10.19
N LEU C 323 61.84 -8.53 -8.90
CA LEU C 323 60.56 -8.18 -8.30
C LEU C 323 60.29 -6.71 -8.62
N THR C 324 59.01 -6.33 -8.73
CA THR C 324 58.63 -5.03 -9.28
C THR C 324 58.81 -3.86 -8.32
N SER C 325 58.98 -4.15 -7.04
CA SER C 325 59.27 -3.08 -6.08
C SER C 325 60.37 -3.45 -5.11
N ALA C 326 61.11 -2.43 -4.67
CA ALA C 326 62.17 -2.64 -3.69
C ALA C 326 61.56 -3.21 -2.42
N LEU C 327 60.55 -2.52 -1.90
CA LEU C 327 59.86 -2.92 -0.66
C LEU C 327 59.55 -4.40 -0.79
N ARG C 328 59.26 -4.82 -2.00
CA ARG C 328 58.90 -6.20 -2.28
C ARG C 328 60.07 -7.10 -2.00
N ARG C 329 61.17 -6.89 -2.74
CA ARG C 329 62.35 -7.73 -2.58
C ARG C 329 62.66 -7.93 -1.12
N ASP C 330 62.60 -6.86 -0.34
CA ASP C 330 62.91 -6.96 1.08
C ASP C 330 61.93 -7.91 1.77
N ARG C 331 60.65 -7.62 1.65
CA ARG C 331 59.63 -8.47 2.24
C ARG C 331 59.98 -9.94 2.03
N VAL C 332 59.91 -10.37 0.79
CA VAL C 332 60.18 -11.77 0.47
C VAL C 332 61.42 -12.31 1.18
N LEU C 333 62.54 -11.60 1.09
CA LEU C 333 63.76 -12.05 1.73
C LEU C 333 63.56 -12.27 3.23
N SER C 334 62.79 -11.38 3.87
CA SER C 334 62.51 -11.58 5.29
C SER C 334 61.67 -12.85 5.46
N TYR C 335 60.78 -13.13 4.50
CA TYR C 335 59.98 -14.36 4.56
C TYR C 335 60.87 -15.58 4.48
N ILE C 336 61.99 -15.44 3.78
CA ILE C 336 62.93 -16.54 3.62
C ILE C 336 63.67 -16.81 4.91
N ASP C 337 64.23 -15.76 5.49
CA ASP C 337 64.92 -15.87 6.78
C ASP C 337 63.98 -16.55 7.78
N ILE C 338 62.69 -16.23 7.66
CA ILE C 338 61.67 -16.73 8.57
C ILE C 338 61.44 -18.22 8.43
N ALA C 339 61.35 -18.67 7.19
CA ALA C 339 61.16 -20.08 6.92
C ALA C 339 62.30 -20.88 7.53
N ILE C 340 63.49 -20.29 7.61
CA ILE C 340 64.66 -20.99 8.19
C ILE C 340 64.63 -21.04 9.71
N GLU C 341 64.25 -19.93 10.35
CA GLU C 341 64.05 -19.89 11.81
C GLU C 341 63.02 -20.92 12.30
N GLN C 342 62.20 -21.47 11.40
CA GLN C 342 61.22 -22.50 11.75
C GLN C 342 61.68 -23.88 11.25
N GLY C 343 62.96 -23.99 10.89
CA GLY C 343 63.57 -25.26 10.54
C GLY C 343 63.45 -25.64 9.08
N GLY C 344 63.33 -24.65 8.21
CA GLY C 344 63.24 -24.91 6.79
C GLY C 344 64.58 -25.23 6.19
N LYS C 345 64.61 -26.23 5.31
CA LYS C 345 65.83 -26.63 4.61
C LYS C 345 65.85 -26.12 3.17
N VAL C 346 66.48 -24.97 2.95
CA VAL C 346 66.50 -24.33 1.65
C VAL C 346 67.22 -25.15 0.57
N LEU C 347 66.45 -25.66 -0.41
CA LEU C 347 66.94 -26.62 -1.38
C LEU C 347 67.47 -25.99 -2.67
N ALA C 348 67.14 -24.72 -2.91
CA ALA C 348 67.62 -24.01 -4.10
C ALA C 348 67.49 -22.51 -3.94
N GLY C 349 68.40 -21.75 -4.57
CA GLY C 349 68.47 -20.32 -4.35
C GLY C 349 68.51 -19.96 -2.86
N GLY C 350 67.75 -18.94 -2.45
CA GLY C 350 67.69 -18.60 -1.05
C GLY C 350 68.06 -17.16 -0.74
N LYS C 351 68.84 -16.52 -1.61
CA LYS C 351 69.15 -15.11 -1.43
C LYS C 351 69.30 -14.39 -2.76
N ALA C 352 69.60 -13.09 -2.72
CA ALA C 352 69.76 -12.32 -3.94
C ALA C 352 70.88 -12.95 -4.78
N PRO C 353 70.94 -12.62 -6.08
CA PRO C 353 72.03 -13.17 -6.90
C PRO C 353 73.30 -12.38 -6.65
N ASP C 354 74.44 -13.06 -6.61
CA ASP C 354 75.68 -12.39 -6.29
C ASP C 354 76.19 -11.62 -7.51
N ASP C 355 75.43 -11.66 -8.60
CA ASP C 355 75.79 -10.98 -9.87
C ASP C 355 76.01 -9.48 -9.77
N LYS C 356 76.64 -8.98 -10.82
CA LYS C 356 77.09 -7.60 -10.92
C LYS C 356 75.93 -6.65 -11.22
N ALA C 357 75.46 -6.69 -12.46
CA ALA C 357 74.40 -5.81 -12.95
C ALA C 357 73.17 -5.96 -12.08
N LEU C 358 72.97 -7.16 -11.55
CA LEU C 358 71.77 -7.49 -10.81
C LEU C 358 71.82 -6.98 -9.37
N ALA C 359 73.00 -6.56 -8.91
CA ALA C 359 73.13 -6.07 -7.54
C ALA C 359 72.40 -4.73 -7.37
N ASN C 360 71.95 -4.16 -8.48
CA ASN C 360 71.30 -2.86 -8.47
C ASN C 360 69.77 -2.96 -8.47
N GLY C 361 69.26 -4.00 -9.13
CA GLY C 361 67.83 -4.21 -9.21
C GLY C 361 67.29 -5.00 -8.04
N PHE C 362 65.98 -5.15 -7.99
CA PHE C 362 65.31 -5.86 -6.89
C PHE C 362 65.19 -7.33 -7.20
N TYR C 363 66.31 -7.99 -7.47
CA TYR C 363 66.31 -9.39 -7.84
C TYR C 363 66.32 -10.30 -6.63
N VAL C 364 65.74 -11.49 -6.81
CA VAL C 364 65.82 -12.61 -5.88
C VAL C 364 65.83 -13.87 -6.74
N GLU C 365 66.56 -14.89 -6.31
CA GLU C 365 66.68 -16.09 -7.14
C GLU C 365 65.67 -17.18 -6.76
N PRO C 366 65.32 -18.04 -7.74
CA PRO C 366 64.38 -19.14 -7.57
C PRO C 366 64.63 -19.86 -6.26
N THR C 367 63.68 -19.82 -5.35
CA THR C 367 63.88 -20.41 -4.04
C THR C 367 62.92 -21.53 -3.77
N VAL C 368 63.45 -22.67 -3.34
CA VAL C 368 62.64 -23.82 -2.97
C VAL C 368 63.01 -24.21 -1.55
N VAL C 369 62.03 -24.31 -0.67
CA VAL C 369 62.29 -24.60 0.74
C VAL C 369 61.46 -25.76 1.24
N GLU C 370 62.11 -26.82 1.72
CA GLU C 370 61.39 -27.92 2.35
C GLU C 370 60.87 -27.48 3.72
N ALA C 371 59.68 -27.95 4.08
CA ALA C 371 59.07 -27.54 5.35
C ALA C 371 57.95 -28.48 5.78
N LYS C 372 57.20 -28.07 6.80
CA LYS C 372 55.99 -28.77 7.25
C LYS C 372 54.80 -27.85 6.96
N PRO C 373 53.58 -28.41 6.89
CA PRO C 373 52.41 -27.52 6.79
C PRO C 373 52.29 -26.78 8.11
N GLN C 374 51.26 -25.96 8.32
CA GLN C 374 51.12 -25.27 9.61
C GLN C 374 52.37 -24.51 9.97
N ASP C 375 53.26 -24.28 9.02
CA ASP C 375 54.46 -23.48 9.24
C ASP C 375 53.95 -22.12 8.83
N ARG C 376 54.62 -21.08 9.29
CA ARG C 376 54.15 -19.72 9.04
C ARG C 376 54.23 -19.36 7.56
N VAL C 377 55.21 -19.92 6.86
CA VAL C 377 55.48 -19.53 5.49
C VAL C 377 54.67 -20.35 4.48
N CYS C 378 53.94 -21.36 4.99
CA CYS C 378 53.01 -22.17 4.20
C CYS C 378 51.57 -21.65 4.34
N GLN C 379 51.42 -20.58 5.11
CA GLN C 379 50.10 -20.01 5.40
C GLN C 379 49.90 -18.65 4.73
N GLU C 380 50.90 -17.77 4.89
CA GLU C 380 50.81 -16.40 4.41
C GLU C 380 51.37 -16.27 3.00
N GLU C 381 50.80 -15.37 2.22
CA GLU C 381 51.20 -15.29 0.83
C GLU C 381 52.58 -14.66 0.66
N VAL C 382 53.56 -15.51 0.36
CA VAL C 382 54.88 -15.04 -0.04
C VAL C 382 54.76 -14.68 -1.51
N PHE C 383 54.77 -13.38 -1.78
CA PHE C 383 54.54 -12.91 -3.13
C PHE C 383 55.86 -12.79 -3.88
N GLY C 384 56.47 -13.94 -4.19
CA GLY C 384 57.73 -13.97 -4.90
C GLY C 384 58.01 -15.35 -5.47
N PRO C 385 59.24 -15.55 -6.00
CA PRO C 385 59.66 -16.82 -6.61
C PRO C 385 59.99 -17.82 -5.51
N PHE C 386 58.99 -18.26 -4.77
CA PHE C 386 59.21 -18.96 -3.52
C PHE C 386 58.24 -20.13 -3.35
N VAL C 387 58.75 -21.36 -3.34
CA VAL C 387 57.91 -22.54 -3.25
C VAL C 387 58.25 -23.31 -2.02
N THR C 388 57.25 -23.70 -1.24
CA THR C 388 57.47 -24.60 -0.11
C THR C 388 57.10 -26.03 -0.48
N VAL C 389 57.94 -26.98 -0.10
CA VAL C 389 57.70 -28.39 -0.38
C VAL C 389 57.25 -29.13 0.88
N VAL C 390 56.12 -29.84 0.75
CA VAL C 390 55.66 -30.72 1.80
C VAL C 390 55.39 -32.09 1.18
N ARG C 391 55.32 -33.12 2.01
CA ARG C 391 55.07 -34.47 1.51
C ARG C 391 53.85 -35.10 2.13
N PHE C 392 53.17 -35.93 1.34
CA PHE C 392 51.97 -36.63 1.77
C PHE C 392 52.06 -38.08 1.32
N SER C 393 51.17 -38.93 1.85
CA SER C 393 51.18 -40.35 1.52
C SER C 393 49.83 -40.92 1.06
N SER C 394 48.74 -40.30 1.50
CA SER C 394 47.41 -40.75 1.11
C SER C 394 46.64 -39.61 0.48
N ASP C 395 45.72 -39.94 -0.41
CA ASP C 395 44.90 -38.91 -1.03
C ASP C 395 44.29 -38.00 0.03
N GLU C 396 43.71 -38.60 1.06
CA GLU C 396 42.99 -37.85 2.07
C GLU C 396 43.89 -36.86 2.80
N GLU C 397 45.18 -37.20 2.95
CA GLU C 397 46.13 -36.33 3.61
C GLU C 397 46.47 -35.13 2.74
N ALA C 398 46.52 -35.38 1.43
CA ALA C 398 46.81 -34.32 0.48
C ALA C 398 45.67 -33.28 0.45
N LEU C 399 44.43 -33.74 0.42
CA LEU C 399 43.29 -32.83 0.45
C LEU C 399 43.35 -31.97 1.71
N ALA C 400 43.63 -32.62 2.83
CA ALA C 400 43.69 -31.94 4.11
C ALA C 400 44.72 -30.80 4.08
N ILE C 401 45.88 -31.08 3.52
CA ILE C 401 46.94 -30.09 3.42
C ILE C 401 46.52 -28.94 2.53
N ALA C 402 45.84 -29.25 1.44
CA ALA C 402 45.49 -28.23 0.46
C ALA C 402 44.40 -27.29 0.98
N ASN C 403 43.58 -27.80 1.90
CA ASN C 403 42.47 -27.03 2.47
C ASN C 403 42.78 -26.32 3.79
N ASN C 404 43.97 -26.55 4.35
CA ASN C 404 44.35 -25.90 5.61
C ASN C 404 44.91 -24.48 5.44
N THR C 405 44.28 -23.70 4.56
CA THR C 405 44.66 -22.30 4.34
C THR C 405 43.42 -21.41 4.42
N GLU C 406 43.65 -20.11 4.66
CA GLU C 406 42.55 -19.16 4.65
C GLU C 406 42.16 -18.86 3.20
N TYR C 407 43.14 -18.92 2.33
CA TYR C 407 42.99 -18.60 0.92
C TYR C 407 42.46 -19.79 0.14
N GLY C 408 41.67 -19.50 -0.89
CA GLY C 408 41.15 -20.54 -1.75
C GLY C 408 40.97 -20.21 -3.22
N LEU C 409 41.92 -19.47 -3.78
CA LEU C 409 41.86 -19.07 -5.18
C LEU C 409 42.45 -20.01 -6.27
N GLY C 410 43.70 -20.42 -6.09
CA GLY C 410 44.32 -21.32 -7.04
C GLY C 410 44.41 -22.72 -6.46
N SER C 411 44.64 -23.69 -7.33
CA SER C 411 44.93 -25.05 -6.93
C SER C 411 45.22 -25.78 -8.25
N GLY C 412 45.96 -26.88 -8.20
CA GLY C 412 46.32 -27.61 -9.39
C GLY C 412 46.81 -28.96 -8.92
N LEU C 413 46.58 -30.02 -9.70
CA LEU C 413 46.99 -31.36 -9.27
C LEU C 413 47.37 -32.20 -10.46
N TRP C 414 48.30 -33.13 -10.25
CA TRP C 414 48.86 -33.93 -11.33
C TRP C 414 48.66 -35.42 -11.09
N THR C 415 47.83 -36.05 -11.92
CA THR C 415 47.51 -37.48 -11.82
C THR C 415 47.16 -38.02 -13.17
N GLN C 416 46.98 -39.33 -13.26
CA GLN C 416 46.38 -39.91 -14.44
C GLN C 416 45.23 -40.83 -14.08
N ASN C 417 44.78 -40.75 -12.84
CA ASN C 417 43.61 -41.51 -12.39
C ASN C 417 42.35 -40.67 -12.55
N LEU C 418 41.48 -41.13 -13.45
CA LEU C 418 40.16 -40.54 -13.67
C LEU C 418 39.48 -40.14 -12.36
N ALA C 419 39.19 -41.13 -11.52
CA ALA C 419 38.50 -40.86 -10.27
C ALA C 419 39.24 -39.82 -9.43
N ARG C 420 40.53 -40.04 -9.21
CA ARG C 420 41.27 -39.17 -8.30
C ARG C 420 41.23 -37.70 -8.74
N ALA C 421 41.42 -37.46 -10.02
CA ALA C 421 41.43 -36.09 -10.52
C ALA C 421 40.11 -35.35 -10.21
N HIS C 422 38.98 -35.93 -10.56
CA HIS C 422 37.72 -35.29 -10.37
C HIS C 422 37.29 -35.22 -8.89
N LYS C 423 37.47 -36.33 -8.17
CA LYS C 423 37.14 -36.37 -6.74
C LYS C 423 37.85 -35.22 -6.03
N MET C 424 39.13 -35.03 -6.37
CA MET C 424 39.97 -34.01 -5.74
C MET C 424 39.54 -32.58 -6.09
N ALA C 425 39.33 -32.34 -7.37
CA ALA C 425 38.92 -31.01 -7.83
C ALA C 425 37.57 -30.60 -7.25
N HIS C 426 36.76 -31.59 -6.91
CA HIS C 426 35.46 -31.38 -6.33
C HIS C 426 35.57 -31.01 -4.84
N ALA C 427 36.55 -31.62 -4.16
CA ALA C 427 36.72 -31.46 -2.72
C ALA C 427 37.54 -30.23 -2.32
N ILE C 428 38.52 -29.87 -3.12
CA ILE C 428 39.36 -28.74 -2.81
C ILE C 428 38.54 -27.47 -2.78
N HIS C 429 38.57 -26.74 -1.68
CA HIS C 429 37.85 -25.48 -1.61
C HIS C 429 38.65 -24.37 -2.30
N ALA C 430 38.40 -24.22 -3.61
CA ALA C 430 39.11 -23.24 -4.42
C ALA C 430 38.25 -22.84 -5.63
N GLY C 431 38.37 -21.59 -6.05
CA GLY C 431 37.53 -21.06 -7.11
C GLY C 431 37.86 -21.60 -8.48
N MET C 432 38.96 -22.32 -8.57
CA MET C 432 39.40 -22.88 -9.83
C MET C 432 40.53 -23.89 -9.57
N CYS C 433 40.57 -24.92 -10.40
CA CYS C 433 41.45 -26.04 -10.15
C CYS C 433 41.92 -26.65 -11.48
N TRP C 434 43.25 -26.73 -11.65
CA TRP C 434 43.84 -27.19 -12.91
C TRP C 434 44.43 -28.57 -12.75
N ILE C 435 44.10 -29.45 -13.68
CA ILE C 435 44.57 -30.83 -13.65
C ILE C 435 45.53 -31.10 -14.81
N ASN C 436 46.72 -31.60 -14.46
CA ASN C 436 47.77 -31.87 -15.44
C ASN C 436 48.14 -30.63 -16.25
N CYS C 437 48.07 -29.47 -15.60
CA CYS C 437 48.44 -28.18 -16.17
C CYS C 437 48.27 -27.14 -15.06
N TYR C 438 48.62 -25.90 -15.32
CA TYR C 438 48.52 -24.88 -14.28
C TYR C 438 48.49 -23.46 -14.84
N LYS C 439 47.89 -22.53 -14.10
CA LYS C 439 47.82 -21.12 -14.49
C LYS C 439 47.24 -20.88 -15.89
N ARG C 440 46.40 -21.79 -16.36
CA ARG C 440 45.74 -21.62 -17.66
C ARG C 440 44.57 -20.69 -17.46
N VAL C 441 44.58 -19.53 -18.10
CA VAL C 441 43.36 -18.71 -18.11
C VAL C 441 42.80 -18.55 -19.52
N SER C 442 41.60 -17.99 -19.59
CA SER C 442 40.93 -17.79 -20.85
C SER C 442 39.73 -16.88 -20.59
N PRO C 443 39.56 -15.83 -21.43
CA PRO C 443 38.36 -15.00 -21.30
C PRO C 443 37.15 -15.91 -21.53
N GLY C 444 36.12 -15.81 -20.71
CA GLY C 444 34.97 -16.69 -20.81
C GLY C 444 34.93 -17.75 -19.72
N SER C 445 36.09 -18.09 -19.16
CA SER C 445 36.20 -19.00 -18.01
C SER C 445 36.38 -18.21 -16.70
N PRO C 446 35.33 -18.22 -15.84
CA PRO C 446 35.28 -17.43 -14.61
C PRO C 446 36.54 -17.54 -13.74
N PHE C 447 37.08 -16.39 -13.38
CA PHE C 447 38.32 -16.29 -12.62
C PHE C 447 38.04 -15.52 -11.34
N GLY C 448 38.17 -16.19 -10.19
CA GLY C 448 37.89 -15.53 -8.92
C GLY C 448 38.10 -16.43 -7.74
N GLY C 449 37.95 -15.86 -6.55
CA GLY C 449 38.21 -16.61 -5.34
C GLY C 449 37.00 -17.19 -4.64
N VAL C 450 37.28 -17.86 -3.54
CA VAL C 450 36.25 -18.45 -2.70
C VAL C 450 36.62 -18.21 -1.23
N GLY C 451 35.64 -17.74 -0.46
CA GLY C 451 35.84 -17.47 0.96
C GLY C 451 36.60 -16.19 1.24
N GLN C 452 37.83 -16.35 1.75
CA GLN C 452 38.66 -15.20 2.07
C GLN C 452 39.56 -14.77 0.93
N SER C 453 39.35 -15.37 -0.25
CA SER C 453 39.97 -14.87 -1.49
C SER C 453 38.94 -14.08 -2.30
N GLY C 454 37.81 -13.77 -1.66
CA GLY C 454 36.84 -12.80 -2.17
C GLY C 454 35.59 -13.34 -2.85
N TYR C 455 34.86 -12.43 -3.48
CA TYR C 455 33.70 -12.77 -4.28
C TYR C 455 33.75 -12.14 -5.66
N GLY C 456 32.87 -12.61 -6.54
CA GLY C 456 32.81 -12.07 -7.89
C GLY C 456 33.84 -12.71 -8.78
N ARG C 457 33.48 -12.85 -10.05
CA ARG C 457 34.35 -13.47 -11.05
C ARG C 457 34.73 -12.46 -12.13
N GLU C 458 35.88 -12.69 -12.78
CA GLU C 458 36.26 -11.99 -14.00
C GLU C 458 36.25 -13.00 -15.15
N MET C 459 36.25 -12.49 -16.38
CA MET C 459 36.41 -13.35 -17.54
C MET C 459 35.33 -14.21 -18.23
N GLY C 460 34.15 -14.37 -17.64
CA GLY C 460 33.11 -15.08 -18.38
C GLY C 460 31.83 -14.30 -18.69
N PHE C 461 30.73 -15.02 -18.91
CA PHE C 461 29.43 -14.37 -18.86
C PHE C 461 29.23 -13.87 -17.43
N GLU C 462 29.80 -14.60 -16.47
CA GLU C 462 29.75 -14.24 -15.05
C GLU C 462 30.23 -12.82 -14.89
N ALA C 463 31.33 -12.50 -15.54
CA ALA C 463 31.94 -11.19 -15.39
C ALA C 463 30.98 -10.10 -15.80
N ILE C 464 30.33 -10.27 -16.94
CA ILE C 464 29.30 -9.33 -17.39
C ILE C 464 28.17 -9.12 -16.36
N HIS C 465 27.67 -10.22 -15.80
CA HIS C 465 26.64 -10.17 -14.76
C HIS C 465 27.02 -9.23 -13.59
N ASP C 466 28.29 -9.27 -13.18
CA ASP C 466 28.79 -8.47 -12.05
C ASP C 466 28.81 -6.97 -12.33
N TYR C 467 28.68 -6.60 -13.59
CA TYR C 467 28.70 -5.20 -13.96
C TYR C 467 27.35 -4.79 -14.56
N THR C 468 26.27 -5.26 -13.95
CA THR C 468 24.94 -5.04 -14.52
C THR C 468 23.76 -5.24 -13.53
N GLU C 469 22.79 -4.32 -13.59
CA GLU C 469 21.62 -4.32 -12.73
C GLU C 469 20.48 -5.05 -13.42
N ALA C 470 19.40 -5.33 -12.72
CA ALA C 470 18.26 -5.93 -13.35
C ALA C 470 17.01 -5.07 -13.15
N ARG C 471 16.57 -4.39 -14.21
CA ARG C 471 15.31 -3.65 -14.15
C ARG C 471 14.13 -4.56 -14.52
N SER C 472 13.24 -4.82 -13.57
CA SER C 472 12.06 -5.64 -13.83
C SER C 472 10.86 -4.78 -14.15
N VAL C 473 10.21 -5.03 -15.28
CA VAL C 473 9.08 -4.19 -15.68
C VAL C 473 7.83 -5.04 -15.82
N TRP C 474 6.76 -4.60 -15.18
CA TRP C 474 5.49 -5.28 -15.29
C TRP C 474 4.51 -4.48 -16.10
N VAL C 475 3.92 -5.11 -17.12
CA VAL C 475 2.87 -4.47 -17.87
C VAL C 475 1.55 -5.23 -17.72
N ASN C 476 0.53 -4.55 -17.21
CA ASN C 476 -0.81 -5.08 -17.19
C ASN C 476 -1.47 -4.89 -18.55
N VAL C 477 -1.65 -5.98 -19.30
CA VAL C 477 -2.40 -5.91 -20.57
C VAL C 477 -3.87 -6.37 -20.49
N ASP C 478 -4.10 -7.52 -19.85
CA ASP C 478 -5.41 -8.08 -19.69
C ASP C 478 -5.51 -8.55 -18.26
N ALA C 479 -5.46 -7.60 -17.34
CA ALA C 479 -5.51 -7.91 -15.92
C ALA C 479 -6.73 -7.26 -15.33
N LYS C 480 -7.49 -8.04 -14.57
CA LYS C 480 -8.68 -7.51 -13.93
C LYS C 480 -8.61 -7.90 -12.48
N ILE C 481 -7.69 -7.25 -11.78
CA ILE C 481 -7.51 -7.49 -10.36
C ILE C 481 -8.77 -7.00 -9.68
N ALA C 482 -9.23 -7.71 -8.66
CA ALA C 482 -10.42 -7.28 -7.98
C ALA C 482 -9.98 -6.24 -6.97
N PRO C 483 -10.47 -5.01 -7.13
CA PRO C 483 -10.09 -3.95 -6.21
C PRO C 483 -9.85 -4.56 -4.84
N HIS C 484 -8.68 -4.36 -4.24
CA HIS C 484 -8.39 -5.00 -2.94
C HIS C 484 -9.34 -4.55 -1.85
N PHE C 485 -9.50 -3.25 -1.71
CA PHE C 485 -10.50 -2.68 -0.81
C PHE C 485 -11.85 -2.70 -1.50
N LYS C 486 -12.62 -3.75 -1.24
CA LYS C 486 -13.85 -4.04 -1.95
C LYS C 486 -14.87 -2.95 -1.64
N ARG C 487 -14.90 -1.93 -2.50
CA ARG C 487 -15.84 -0.82 -2.40
C ARG C 487 -16.30 -0.51 -0.96
N MET D 1 2.62 -19.54 20.47
CA MET D 1 2.60 -21.02 20.63
C MET D 1 3.95 -21.75 20.79
N GLN D 2 4.65 -21.97 19.68
CA GLN D 2 6.00 -22.55 19.70
C GLN D 2 7.01 -21.42 19.83
N ASN D 3 7.85 -21.45 20.87
CA ASN D 3 8.51 -20.21 21.28
C ASN D 3 10.00 -20.22 21.61
N GLN D 4 10.69 -21.32 21.39
CA GLN D 4 12.10 -21.38 21.73
C GLN D 4 13.00 -21.31 20.49
N LEU D 5 14.31 -21.21 20.69
CA LEU D 5 15.26 -21.36 19.59
C LEU D 5 15.06 -22.73 18.95
N TYR D 6 15.52 -22.88 17.71
CA TYR D 6 15.52 -24.17 17.06
C TYR D 6 16.88 -24.42 16.49
N ILE D 7 17.64 -25.30 17.14
CA ILE D 7 19.03 -25.54 16.76
C ILE D 7 19.32 -27.03 16.66
N ASP D 8 19.80 -27.46 15.50
CA ASP D 8 20.13 -28.86 15.28
C ASP D 8 18.88 -29.70 15.52
N GLY D 9 17.74 -29.23 15.01
CA GLY D 9 16.53 -30.03 15.03
C GLY D 9 15.79 -30.19 16.36
N ARG D 10 16.19 -29.41 17.36
N ARG D 10 16.18 -29.40 17.36
CA ARG D 10 15.55 -29.43 18.67
CA ARG D 10 15.51 -29.45 18.64
C ARG D 10 15.15 -28.03 19.09
C ARG D 10 15.14 -28.04 19.09
N PHE D 11 13.99 -27.90 19.74
CA PHE D 11 13.59 -26.62 20.30
C PHE D 11 14.29 -26.49 21.64
N VAL D 12 15.14 -25.50 21.78
CA VAL D 12 15.89 -25.33 23.01
C VAL D 12 15.79 -23.91 23.52
N ASP D 13 15.98 -23.75 24.83
CA ASP D 13 16.00 -22.41 25.43
C ASP D 13 17.32 -21.72 25.09
N ALA D 14 17.37 -20.42 25.32
CA ALA D 14 18.60 -19.68 25.14
C ALA D 14 19.61 -20.14 26.18
N VAL D 15 20.87 -20.21 25.77
CA VAL D 15 21.96 -20.72 26.62
C VAL D 15 22.06 -20.01 27.96
N ALA D 16 21.86 -18.69 27.96
CA ALA D 16 21.89 -17.91 29.18
C ALA D 16 20.49 -17.56 29.69
N GLY D 17 19.50 -18.33 29.21
CA GLY D 17 18.15 -18.20 29.72
C GLY D 17 17.45 -16.93 29.31
N GLY D 18 18.12 -16.09 28.52
CA GLY D 18 17.51 -14.86 28.01
C GLY D 18 16.09 -15.01 27.49
N THR D 19 15.31 -13.94 27.62
CA THR D 19 13.90 -13.98 27.27
C THR D 19 13.41 -12.66 26.68
N ILE D 20 12.50 -12.74 25.71
CA ILE D 20 11.93 -11.56 25.06
C ILE D 20 10.40 -11.65 24.95
N ASP D 21 9.72 -10.55 25.25
CA ASP D 21 8.26 -10.54 25.25
C ASP D 21 7.70 -10.38 23.84
N VAL D 22 6.83 -11.29 23.41
CA VAL D 22 6.16 -11.12 22.12
C VAL D 22 4.70 -10.70 22.31
N VAL D 23 4.35 -9.51 21.84
CA VAL D 23 3.07 -8.88 22.12
C VAL D 23 2.13 -8.85 20.91
N SER D 24 0.83 -8.91 21.17
CA SER D 24 -0.19 -8.71 20.14
C SER D 24 -0.46 -7.24 19.88
N PRO D 25 -0.31 -6.79 18.63
CA PRO D 25 -0.44 -5.39 18.24
C PRO D 25 -1.85 -4.85 18.35
N HIS D 26 -2.80 -5.72 18.65
CA HIS D 26 -4.20 -5.32 18.69
C HIS D 26 -4.67 -4.79 20.04
N ASP D 27 -4.16 -5.37 21.11
CA ASP D 27 -4.59 -4.99 22.45
C ASP D 27 -3.43 -4.75 23.40
N GLY D 28 -2.21 -4.97 22.91
CA GLY D 28 -1.01 -4.80 23.72
C GLY D 28 -0.75 -6.00 24.58
N SER D 29 -1.67 -6.96 24.51
CA SER D 29 -1.62 -8.22 25.26
C SER D 29 -0.33 -9.04 25.03
N LEU D 30 0.12 -9.76 26.06
CA LEU D 30 1.24 -10.66 25.90
C LEU D 30 0.81 -11.95 25.20
N ILE D 31 1.52 -12.32 24.14
CA ILE D 31 1.21 -13.54 23.39
C ILE D 31 2.00 -14.73 23.93
N THR D 32 3.30 -14.51 24.15
CA THR D 32 4.19 -15.48 24.77
C THR D 32 5.62 -14.94 24.93
N ARG D 33 6.49 -15.71 25.57
CA ARG D 33 7.86 -15.30 25.75
C ARG D 33 8.81 -16.11 24.84
N ILE D 34 9.67 -15.40 24.12
CA ILE D 34 10.61 -15.96 23.16
C ILE D 34 11.98 -16.19 23.79
N ALA D 35 12.58 -17.35 23.58
CA ALA D 35 13.95 -17.55 24.03
C ALA D 35 14.82 -16.54 23.28
N ALA D 36 15.54 -15.70 24.01
CA ALA D 36 16.34 -14.65 23.37
C ALA D 36 17.75 -15.10 23.06
N ALA D 37 18.05 -15.25 21.78
CA ALA D 37 19.34 -15.75 21.35
C ALA D 37 20.43 -14.71 21.47
N GLU D 38 21.61 -15.12 21.93
CA GLU D 38 22.77 -14.24 22.06
C GLU D 38 23.97 -14.90 21.39
N ALA D 39 25.10 -14.20 21.42
CA ALA D 39 26.29 -14.67 20.73
C ALA D 39 26.50 -16.17 20.91
N ALA D 40 26.51 -16.64 22.16
CA ALA D 40 26.81 -18.04 22.44
C ALA D 40 25.86 -18.99 21.71
N ASP D 41 24.62 -18.54 21.55
CA ASP D 41 23.59 -19.33 20.89
C ASP D 41 23.84 -19.47 19.40
N VAL D 42 24.23 -18.39 18.73
CA VAL D 42 24.44 -18.47 17.29
C VAL D 42 25.67 -19.31 17.00
N ASP D 43 26.68 -19.22 17.88
CA ASP D 43 27.86 -20.03 17.75
C ASP D 43 27.46 -21.50 17.58
N LEU D 44 26.38 -21.90 18.24
CA LEU D 44 25.91 -23.27 18.19
C LEU D 44 25.14 -23.51 16.92
N ALA D 45 24.24 -22.58 16.62
CA ALA D 45 23.40 -22.70 15.44
C ALA D 45 24.26 -22.78 14.18
N VAL D 46 25.32 -21.99 14.15
CA VAL D 46 26.23 -22.00 13.01
C VAL D 46 27.04 -23.29 12.98
N ALA D 47 27.50 -23.74 14.13
CA ALA D 47 28.25 -24.99 14.20
C ALA D 47 27.38 -26.18 13.79
N ALA D 48 26.10 -26.12 14.13
CA ALA D 48 25.14 -27.14 13.74
C ALA D 48 25.00 -27.14 12.23
N ALA D 49 24.92 -25.94 11.66
CA ALA D 49 24.79 -25.74 10.23
C ALA D 49 26.05 -26.14 9.46
N LYS D 50 27.21 -25.78 9.99
CA LYS D 50 28.47 -26.17 9.38
C LYS D 50 28.61 -27.69 9.31
N ARG D 51 28.12 -28.37 10.35
CA ARG D 51 28.20 -29.80 10.46
C ARG D 51 27.24 -30.45 9.47
N ALA D 52 26.04 -29.91 9.36
CA ALA D 52 25.01 -30.49 8.50
C ALA D 52 25.27 -30.27 7.00
N PHE D 53 26.11 -29.29 6.69
CA PHE D 53 26.29 -28.88 5.31
C PHE D 53 26.82 -29.96 4.37
N PRO D 54 27.99 -30.53 4.69
CA PRO D 54 28.54 -31.54 3.79
C PRO D 54 27.52 -32.59 3.31
N ALA D 55 26.73 -33.16 4.23
CA ALA D 55 25.78 -34.21 3.87
C ALA D 55 24.66 -33.65 3.05
N TRP D 56 24.19 -32.47 3.47
CA TRP D 56 23.07 -31.79 2.80
C TRP D 56 23.39 -31.40 1.35
N SER D 57 24.54 -30.77 1.14
CA SER D 57 24.92 -30.41 -0.22
C SER D 57 25.31 -31.62 -1.04
N ALA D 58 25.60 -32.73 -0.37
CA ALA D 58 26.01 -33.96 -1.06
C ALA D 58 24.82 -34.74 -1.60
N LEU D 59 23.66 -34.50 -1.02
CA LEU D 59 22.41 -35.01 -1.55
C LEU D 59 22.29 -34.63 -3.01
N GLY D 60 21.63 -35.47 -3.79
CA GLY D 60 21.34 -35.11 -5.17
C GLY D 60 20.44 -33.89 -5.16
N ALA D 61 20.60 -33.00 -6.13
CA ALA D 61 19.84 -31.75 -6.13
C ALA D 61 18.35 -32.03 -6.12
N ALA D 62 17.94 -33.06 -6.84
CA ALA D 62 16.53 -33.40 -6.95
C ALA D 62 15.92 -33.73 -5.59
N GLU D 63 16.74 -34.26 -4.69
CA GLU D 63 16.29 -34.54 -3.33
C GLU D 63 15.98 -33.28 -2.53
N ARG D 64 16.94 -32.35 -2.48
CA ARG D 64 16.69 -31.05 -1.87
C ARG D 64 15.43 -30.48 -2.46
N GLY D 65 15.22 -30.68 -3.77
CA GLY D 65 14.05 -30.16 -4.45
C GLY D 65 12.77 -30.76 -3.91
N ARG D 66 12.73 -32.09 -3.85
CA ARG D 66 11.55 -32.79 -3.37
C ARG D 66 11.15 -32.32 -1.96
N LEU D 67 12.11 -32.20 -1.04
CA LEU D 67 11.79 -31.70 0.31
C LEU D 67 11.11 -30.32 0.26
N LEU D 68 11.69 -29.38 -0.48
CA LEU D 68 11.08 -28.07 -0.64
C LEU D 68 9.68 -28.23 -1.15
N LEU D 69 9.50 -29.12 -2.11
CA LEU D 69 8.18 -29.34 -2.69
C LEU D 69 7.16 -29.83 -1.67
N LYS D 70 7.56 -30.75 -0.80
CA LYS D 70 6.65 -31.27 0.22
C LYS D 70 6.33 -30.19 1.25
N LEU D 71 7.36 -29.49 1.70
CA LEU D 71 7.17 -28.36 2.57
C LEU D 71 6.10 -27.40 2.02
N ALA D 72 6.08 -27.20 0.71
CA ALA D 72 5.10 -26.30 0.15
C ALA D 72 3.69 -26.84 0.31
N ASP D 73 3.49 -28.11 -0.02
CA ASP D 73 2.21 -28.78 0.16
C ASP D 73 1.81 -28.75 1.63
N ARG D 74 2.76 -29.06 2.49
CA ARG D 74 2.54 -29.10 3.92
C ARG D 74 2.12 -27.75 4.47
N ILE D 75 2.78 -26.68 4.04
CA ILE D 75 2.38 -25.33 4.44
C ILE D 75 0.93 -25.03 4.08
N GLU D 76 0.44 -25.59 2.98
CA GLU D 76 -0.92 -25.35 2.56
C GLU D 76 -1.93 -26.18 3.35
N GLU D 77 -1.50 -27.38 3.75
CA GLU D 77 -2.29 -28.19 4.67
C GLU D 77 -2.51 -27.43 5.97
N CYS D 78 -1.45 -26.86 6.55
CA CYS D 78 -1.61 -26.03 7.74
C CYS D 78 -1.98 -24.59 7.41
N SER D 79 -2.61 -24.38 6.26
CA SER D 79 -2.97 -23.04 5.80
C SER D 79 -3.53 -22.14 6.90
N GLU D 80 -4.59 -22.58 7.57
CA GLU D 80 -5.25 -21.74 8.57
C GLU D 80 -4.44 -21.64 9.84
N GLU D 81 -3.93 -22.77 10.31
CA GLU D 81 -3.10 -22.75 11.50
C GLU D 81 -2.06 -21.66 11.42
N LEU D 82 -1.48 -21.50 10.23
CA LEU D 82 -0.45 -20.49 10.04
C LEU D 82 -1.02 -19.09 9.85
N ALA D 83 -1.95 -18.94 8.93
CA ALA D 83 -2.52 -17.63 8.68
C ALA D 83 -2.92 -16.98 10.00
N GLN D 84 -3.39 -17.81 10.92
CA GLN D 84 -3.88 -17.37 12.21
C GLN D 84 -2.75 -16.98 13.14
N LEU D 85 -1.72 -17.82 13.19
CA LEU D 85 -0.54 -17.53 14.00
C LEU D 85 0.12 -16.25 13.54
N GLU D 86 0.18 -16.04 12.24
CA GLU D 86 0.83 -14.87 11.67
C GLU D 86 0.05 -13.60 11.96
N SER D 87 -1.23 -13.60 11.59
CA SER D 87 -2.01 -12.38 11.70
C SER D 87 -2.14 -11.96 13.16
N LEU D 88 -2.12 -12.93 14.06
CA LEU D 88 -2.15 -12.63 15.47
C LEU D 88 -0.89 -11.87 15.91
N ASN D 89 0.26 -12.34 15.45
CA ASN D 89 1.56 -11.82 15.88
C ASN D 89 1.92 -10.48 15.25
N THR D 90 1.39 -10.20 14.07
CA THR D 90 1.82 -9.07 13.25
C THR D 90 0.75 -8.02 13.04
N GLY D 91 -0.51 -8.40 13.25
CA GLY D 91 -1.62 -7.47 13.06
C GLY D 91 -2.20 -7.51 11.66
N HIS D 92 -1.65 -8.39 10.83
CA HIS D 92 -2.14 -8.55 9.47
C HIS D 92 -3.56 -9.07 9.53
N PRO D 93 -4.50 -8.37 8.92
CA PRO D 93 -5.86 -8.92 8.86
C PRO D 93 -5.81 -10.36 8.41
N ILE D 94 -6.70 -11.25 8.86
CA ILE D 94 -6.73 -12.57 8.24
C ILE D 94 -7.26 -12.50 6.79
N ARG D 95 -7.98 -11.46 6.44
CA ARG D 95 -8.37 -11.35 5.04
C ARG D 95 -7.08 -11.47 4.24
N ASP D 96 -5.98 -10.97 4.80
CA ASP D 96 -4.66 -11.00 4.16
C ASP D 96 -3.88 -12.29 4.44
N SER D 97 -3.62 -12.60 5.70
CA SER D 97 -2.89 -13.81 6.03
C SER D 97 -3.42 -15.05 5.32
N ARG D 98 -4.72 -15.12 5.10
CA ARG D 98 -5.31 -16.30 4.46
C ARG D 98 -5.09 -16.30 2.95
N GLY D 99 -5.34 -15.16 2.31
CA GLY D 99 -5.28 -15.07 0.87
C GLY D 99 -3.95 -14.65 0.25
N LEU D 100 -3.07 -14.04 1.04
CA LEU D 100 -1.78 -13.56 0.57
C LEU D 100 -0.62 -14.21 1.32
N ASP D 101 -0.31 -13.68 2.50
CA ASP D 101 0.84 -14.16 3.26
C ASP D 101 1.08 -15.67 3.08
N VAL D 102 0.06 -16.50 3.27
CA VAL D 102 0.29 -17.96 3.27
C VAL D 102 0.47 -18.59 1.90
N PRO D 103 -0.47 -18.37 0.98
CA PRO D 103 -0.32 -18.96 -0.36
C PRO D 103 0.98 -18.54 -1.07
N ARG D 104 1.37 -17.28 -0.95
CA ARG D 104 2.58 -16.78 -1.59
C ARG D 104 3.85 -17.32 -0.96
N THR D 105 3.78 -17.71 0.32
CA THR D 105 4.91 -18.35 1.00
C THR D 105 5.06 -19.75 0.49
N ALA D 106 3.94 -20.44 0.28
CA ALA D 106 3.95 -21.80 -0.29
C ALA D 106 4.39 -21.77 -1.72
N ALA D 107 3.78 -20.88 -2.49
CA ALA D 107 4.08 -20.74 -3.91
C ALA D 107 5.57 -20.59 -4.12
N CYS D 108 6.20 -19.82 -3.24
CA CYS D 108 7.61 -19.48 -3.39
C CYS D 108 8.48 -20.68 -3.06
N PHE D 109 8.17 -21.39 -1.99
CA PHE D 109 8.87 -22.63 -1.69
C PHE D 109 8.72 -23.67 -2.81
N ARG D 110 7.51 -23.77 -3.36
CA ARG D 110 7.26 -24.67 -4.47
C ARG D 110 8.10 -24.31 -5.70
N TYR D 111 8.20 -23.02 -6.00
CA TYR D 111 9.05 -22.56 -7.11
C TYR D 111 10.44 -23.13 -6.93
N PHE D 112 11.06 -22.82 -5.80
CA PHE D 112 12.43 -23.23 -5.56
C PHE D 112 12.61 -24.72 -5.36
N GLY D 113 11.52 -25.40 -5.04
CA GLY D 113 11.56 -26.84 -4.99
C GLY D 113 11.82 -27.33 -6.38
N GLY D 114 11.07 -26.81 -7.34
CA GLY D 114 11.22 -27.22 -8.72
C GLY D 114 12.48 -26.66 -9.34
N MET D 115 13.18 -25.81 -8.60
CA MET D 115 14.36 -25.13 -9.14
C MET D 115 15.64 -25.87 -8.82
N ALA D 116 15.66 -26.55 -7.68
CA ALA D 116 16.90 -27.08 -7.13
C ALA D 116 17.77 -27.86 -8.12
N ASP D 117 17.13 -28.58 -9.05
CA ASP D 117 17.86 -29.44 -9.97
C ASP D 117 17.86 -28.90 -11.40
N LYS D 118 17.69 -27.59 -11.51
CA LYS D 118 17.74 -26.93 -12.80
C LYS D 118 18.84 -25.88 -12.81
N ILE D 119 19.59 -25.82 -11.70
CA ILE D 119 20.77 -24.97 -11.56
C ILE D 119 21.94 -25.63 -12.29
N GLU D 120 22.26 -25.15 -13.48
CA GLU D 120 23.26 -25.85 -14.28
C GLU D 120 24.60 -25.09 -14.35
N GLY D 121 25.66 -25.86 -14.51
CA GLY D 121 26.99 -25.29 -14.69
C GLY D 121 27.13 -24.88 -16.13
N SER D 122 28.37 -24.69 -16.58
CA SER D 122 28.61 -24.45 -18.00
C SER D 122 29.95 -25.04 -18.45
N VAL D 123 30.05 -25.30 -19.75
CA VAL D 123 31.29 -25.79 -20.35
C VAL D 123 31.85 -24.76 -21.33
N ILE D 124 32.98 -24.15 -20.98
CA ILE D 124 33.61 -23.04 -21.73
C ILE D 124 34.36 -23.48 -22.96
N PRO D 125 34.11 -22.82 -24.11
CA PRO D 125 34.89 -23.07 -25.32
C PRO D 125 36.28 -22.50 -25.09
N VAL D 126 37.29 -23.34 -25.24
CA VAL D 126 38.59 -22.97 -24.72
C VAL D 126 39.72 -23.53 -25.61
N ASP D 127 40.96 -23.16 -25.29
CA ASP D 127 42.11 -23.53 -26.12
C ASP D 127 41.93 -24.98 -26.59
N ALA D 128 42.36 -25.29 -27.82
CA ALA D 128 42.18 -26.66 -28.31
C ALA D 128 42.93 -27.64 -27.42
N GLY D 129 42.35 -28.83 -27.21
CA GLY D 129 42.95 -29.86 -26.37
C GLY D 129 42.65 -29.78 -24.87
N PHE D 130 42.14 -28.65 -24.42
CA PHE D 130 41.67 -28.53 -23.05
C PHE D 130 40.15 -28.75 -22.91
N LEU D 131 39.73 -29.01 -21.68
CA LEU D 131 38.33 -29.15 -21.37
C LEU D 131 38.02 -28.34 -20.11
N ASN D 132 37.27 -27.25 -20.27
CA ASN D 132 37.04 -26.39 -19.12
C ASN D 132 35.58 -26.43 -18.74
N TYR D 133 35.23 -27.16 -17.69
CA TYR D 133 33.86 -27.12 -17.17
C TYR D 133 33.80 -26.39 -15.84
N VAL D 134 32.71 -25.66 -15.62
CA VAL D 134 32.55 -24.82 -14.44
C VAL D 134 31.35 -25.28 -13.67
N GLN D 135 31.57 -25.84 -12.49
CA GLN D 135 30.49 -26.32 -11.65
C GLN D 135 29.88 -25.17 -10.89
N ARG D 136 28.59 -25.26 -10.59
CA ARG D 136 27.97 -24.25 -9.74
C ARG D 136 27.61 -24.93 -8.42
N LYS D 137 28.31 -24.57 -7.34
CA LYS D 137 28.21 -25.24 -6.03
C LYS D 137 27.73 -24.35 -4.88
N PRO D 138 27.19 -24.96 -3.84
CA PRO D 138 26.73 -24.21 -2.68
C PRO D 138 27.84 -23.32 -2.13
N ILE D 139 27.48 -22.42 -1.23
CA ILE D 139 28.46 -21.54 -0.61
C ILE D 139 28.88 -22.12 0.72
N GLY D 140 27.92 -22.72 1.42
CA GLY D 140 28.18 -23.30 2.71
C GLY D 140 27.16 -22.82 3.71
N VAL D 141 27.62 -22.27 4.82
CA VAL D 141 26.71 -21.75 5.83
C VAL D 141 26.28 -20.35 5.48
N VAL D 142 24.98 -20.19 5.26
CA VAL D 142 24.41 -18.89 4.90
C VAL D 142 23.64 -18.31 6.09
N ALA D 143 23.93 -17.05 6.43
CA ALA D 143 23.23 -16.39 7.52
C ALA D 143 22.19 -15.46 6.95
N GLN D 144 20.97 -15.51 7.47
CA GLN D 144 19.92 -14.64 6.94
C GLN D 144 19.22 -13.88 8.06
N ILE D 145 19.00 -12.59 7.84
CA ILE D 145 18.36 -11.71 8.82
C ILE D 145 17.16 -11.01 8.20
N VAL D 146 16.01 -11.03 8.82
CA VAL D 146 14.86 -10.41 8.20
C VAL D 146 14.05 -9.54 9.12
N PRO D 147 13.24 -8.65 8.57
CA PRO D 147 12.50 -7.70 9.38
C PRO D 147 11.17 -8.34 9.73
N TRP D 148 10.20 -7.53 10.13
CA TRP D 148 8.98 -8.04 10.72
C TRP D 148 7.71 -7.73 9.94
N ASN D 149 7.87 -7.24 8.71
CA ASN D 149 6.70 -6.85 7.95
C ASN D 149 6.03 -8.00 7.23
N PHE D 150 6.81 -8.95 6.73
CA PHE D 150 6.24 -10.17 6.16
C PHE D 150 6.94 -11.41 6.72
N PRO D 151 6.95 -11.58 8.04
CA PRO D 151 7.75 -12.62 8.70
C PRO D 151 7.61 -13.95 8.02
N LEU D 152 6.39 -14.30 7.62
CA LEU D 152 6.10 -15.60 7.04
C LEU D 152 6.55 -15.70 5.58
N MET D 153 6.22 -14.71 4.78
CA MET D 153 6.64 -14.69 3.39
C MET D 153 8.18 -14.73 3.27
N PHE D 154 8.89 -14.00 4.13
CA PHE D 154 10.35 -13.93 4.04
C PHE D 154 11.00 -15.28 4.21
N THR D 155 10.42 -16.14 5.04
CA THR D 155 10.99 -17.45 5.20
C THR D 155 11.14 -18.11 3.83
N SER D 156 10.14 -17.94 2.96
CA SER D 156 10.20 -18.57 1.64
C SER D 156 11.09 -17.78 0.70
N TRP D 157 10.99 -16.45 0.72
CA TRP D 157 11.83 -15.59 -0.11
C TRP D 157 13.32 -15.83 0.10
N LYS D 158 13.68 -16.07 1.36
CA LYS D 158 15.07 -16.14 1.76
C LYS D 158 15.62 -17.56 1.79
N MET D 159 14.94 -18.48 2.45
CA MET D 159 15.46 -19.83 2.57
C MET D 159 15.18 -20.65 1.31
N GLY D 160 14.14 -20.26 0.58
CA GLY D 160 13.77 -20.94 -0.64
C GLY D 160 14.94 -21.16 -1.60
N PRO D 161 15.61 -20.07 -2.02
CA PRO D 161 16.78 -20.13 -2.90
C PRO D 161 17.97 -20.79 -2.21
N ALA D 162 18.33 -20.29 -1.04
CA ALA D 162 19.51 -20.79 -0.33
C ALA D 162 19.51 -22.29 -0.12
N LEU D 163 18.35 -22.86 0.20
CA LEU D 163 18.23 -24.29 0.41
C LEU D 163 18.30 -25.07 -0.88
N ALA D 164 17.53 -24.64 -1.88
CA ALA D 164 17.57 -25.29 -3.19
C ALA D 164 19.02 -25.43 -3.68
N ALA D 165 19.77 -24.34 -3.60
CA ALA D 165 21.17 -24.31 -4.04
C ALA D 165 22.08 -25.30 -3.32
N GLY D 166 21.66 -25.72 -2.13
CA GLY D 166 22.41 -26.68 -1.35
C GLY D 166 23.09 -26.09 -0.14
N ASN D 167 22.76 -24.85 0.18
CA ASN D 167 23.34 -24.22 1.36
C ASN D 167 22.68 -24.69 2.62
N THR D 168 23.27 -24.33 3.73
CA THR D 168 22.72 -24.70 5.01
C THR D 168 22.51 -23.37 5.73
N ILE D 169 21.44 -23.24 6.52
CA ILE D 169 20.99 -21.90 6.94
C ILE D 169 20.92 -21.63 8.43
N VAL D 170 21.26 -20.40 8.81
CA VAL D 170 21.01 -19.91 10.16
C VAL D 170 20.30 -18.56 10.08
N ILE D 171 19.05 -18.50 10.54
CA ILE D 171 18.18 -17.36 10.24
C ILE D 171 17.64 -16.69 11.48
N LYS D 172 17.77 -15.37 11.53
CA LYS D 172 17.33 -14.57 12.67
C LYS D 172 16.15 -13.67 12.31
N PRO D 173 14.94 -14.11 12.64
CA PRO D 173 13.74 -13.32 12.35
C PRO D 173 13.66 -12.14 13.28
N SER D 174 12.62 -11.34 13.15
CA SER D 174 12.45 -10.21 14.04
C SER D 174 12.15 -10.73 15.42
N GLU D 175 12.60 -10.02 16.44
CA GLU D 175 12.30 -10.40 17.81
C GLU D 175 10.86 -10.03 18.10
N ILE D 176 10.25 -9.33 17.16
CA ILE D 176 8.88 -8.88 17.29
C ILE D 176 7.92 -9.87 16.68
N THR D 177 8.33 -10.47 15.56
CA THR D 177 7.49 -11.42 14.84
C THR D 177 8.27 -12.67 14.49
N PRO D 178 8.56 -13.48 15.48
CA PRO D 178 9.38 -14.67 15.29
C PRO D 178 8.55 -15.93 15.33
N LEU D 179 7.33 -15.81 15.83
CA LEU D 179 6.47 -16.98 15.99
C LEU D 179 6.17 -17.65 14.67
N SER D 180 5.86 -16.84 13.68
CA SER D 180 5.49 -17.35 12.38
C SER D 180 6.58 -18.25 11.84
N THR D 181 7.81 -17.79 11.85
CA THR D 181 8.89 -18.53 11.24
C THR D 181 9.34 -19.74 12.06
N LEU D 182 9.13 -19.74 13.37
CA LEU D 182 9.50 -20.88 14.21
C LEU D 182 8.70 -22.12 13.86
N ARG D 183 7.40 -21.93 13.66
CA ARG D 183 6.53 -23.01 13.23
C ARG D 183 7.00 -23.57 11.89
N ILE D 184 7.48 -22.69 11.00
CA ILE D 184 7.93 -23.13 9.69
C ILE D 184 9.08 -24.14 9.78
N VAL D 185 10.05 -23.89 10.66
CA VAL D 185 11.14 -24.83 10.84
C VAL D 185 10.65 -26.18 11.33
N GLU D 186 9.70 -26.16 12.26
CA GLU D 186 9.12 -27.41 12.71
C GLU D 186 8.54 -28.14 11.50
N LEU D 187 7.74 -27.43 10.72
CA LEU D 187 7.17 -27.99 9.52
C LEU D 187 8.24 -28.57 8.60
N MET D 188 9.39 -27.90 8.54
CA MET D 188 10.48 -28.42 7.71
C MET D 188 10.84 -29.81 8.19
N THR D 189 11.31 -29.93 9.43
CA THR D 189 11.79 -31.24 9.84
C THR D 189 10.66 -32.26 9.90
N GLU D 190 9.43 -31.81 10.10
CA GLU D 190 8.27 -32.70 9.94
C GLU D 190 8.24 -33.35 8.55
N VAL D 191 8.71 -32.62 7.55
CA VAL D 191 8.58 -33.04 6.16
C VAL D 191 9.82 -33.81 5.71
N GLY D 192 10.87 -33.78 6.52
CA GLY D 192 12.04 -34.59 6.26
C GLY D 192 13.38 -33.86 6.17
N PHE D 193 13.40 -32.58 6.50
CA PHE D 193 14.65 -31.83 6.42
C PHE D 193 15.55 -32.33 7.52
N PRO D 194 16.79 -32.72 7.15
CA PRO D 194 17.79 -33.11 8.14
C PRO D 194 17.98 -32.10 9.27
N LYS D 195 18.34 -32.58 10.44
CA LYS D 195 18.61 -31.70 11.56
C LYS D 195 19.81 -30.84 11.22
N GLY D 196 19.74 -29.57 11.58
CA GLY D 196 20.89 -28.70 11.42
C GLY D 196 20.96 -27.98 10.09
N VAL D 197 20.21 -28.45 9.11
CA VAL D 197 20.16 -27.81 7.79
C VAL D 197 19.51 -26.43 7.88
N VAL D 198 18.57 -26.28 8.81
CA VAL D 198 17.98 -24.97 9.08
C VAL D 198 17.96 -24.72 10.57
N ASN D 199 18.37 -23.53 10.95
CA ASN D 199 18.47 -23.14 12.35
C ASN D 199 17.88 -21.75 12.58
N VAL D 200 16.86 -21.65 13.44
CA VAL D 200 16.23 -20.38 13.72
C VAL D 200 16.62 -19.90 15.10
N VAL D 201 16.98 -18.64 15.16
CA VAL D 201 17.63 -18.06 16.32
C VAL D 201 17.09 -16.64 16.59
N PRO D 202 15.81 -16.51 17.01
CA PRO D 202 15.24 -15.19 17.24
C PRO D 202 15.99 -14.50 18.34
N GLY D 203 16.11 -13.17 18.28
CA GLY D 203 16.84 -12.42 19.28
C GLY D 203 17.08 -10.99 18.87
N TYR D 204 17.59 -10.16 19.77
CA TYR D 204 17.78 -8.75 19.49
C TYR D 204 18.79 -8.54 18.37
N GLY D 205 18.69 -7.40 17.69
CA GLY D 205 19.56 -7.14 16.56
C GLY D 205 21.03 -7.08 16.90
N HIS D 206 21.37 -6.39 17.99
CA HIS D 206 22.76 -6.19 18.40
C HIS D 206 23.38 -7.37 19.16
N THR D 207 22.57 -8.38 19.46
CA THR D 207 23.12 -9.61 20.01
C THR D 207 23.20 -10.68 18.94
N ALA D 208 22.08 -11.34 18.67
CA ALA D 208 22.04 -12.39 17.66
C ALA D 208 22.52 -11.85 16.33
N GLY D 209 21.82 -10.84 15.81
CA GLY D 209 22.15 -10.24 14.53
C GLY D 209 23.61 -9.93 14.30
N GLN D 210 24.23 -9.19 15.21
CA GLN D 210 25.63 -8.84 15.07
C GLN D 210 26.53 -10.07 15.14
N ALA D 211 26.31 -10.93 16.13
CA ALA D 211 27.12 -12.14 16.30
C ALA D 211 27.10 -12.95 15.01
N LEU D 212 25.97 -12.89 14.33
CA LEU D 212 25.74 -13.67 13.14
C LEU D 212 26.52 -13.09 11.96
N ALA D 213 26.42 -11.79 11.77
CA ALA D 213 27.07 -11.13 10.65
C ALA D 213 28.58 -11.09 10.80
N GLU D 214 29.07 -11.22 12.03
CA GLU D 214 30.50 -11.27 12.28
C GLU D 214 31.08 -12.68 12.18
N HIS D 215 30.23 -13.71 12.25
CA HIS D 215 30.72 -15.08 12.45
C HIS D 215 31.68 -15.50 11.38
N LEU D 216 32.71 -16.25 11.74
CA LEU D 216 33.79 -16.57 10.79
C LEU D 216 33.54 -17.84 9.94
N ASP D 217 32.49 -18.59 10.27
CA ASP D 217 32.17 -19.81 9.57
C ASP D 217 31.00 -19.56 8.63
N VAL D 218 30.51 -18.32 8.65
CA VAL D 218 29.39 -17.92 7.81
C VAL D 218 29.91 -17.34 6.49
N GLY D 219 29.52 -17.96 5.37
CA GLY D 219 30.12 -17.64 4.08
C GLY D 219 29.45 -16.56 3.27
N LYS D 220 28.23 -16.22 3.68
CA LYS D 220 27.46 -15.13 3.08
C LYS D 220 26.41 -14.68 4.09
N ILE D 221 26.12 -13.38 4.11
CA ILE D 221 25.11 -12.85 4.99
C ILE D 221 24.08 -12.14 4.12
N ALA D 222 22.83 -12.59 4.17
CA ALA D 222 21.72 -12.00 3.42
C ALA D 222 20.79 -11.21 4.33
N PHE D 223 20.75 -9.90 4.11
CA PHE D 223 20.07 -9.02 5.04
C PHE D 223 18.96 -8.26 4.35
N THR D 224 17.81 -8.19 5.00
CA THR D 224 16.74 -7.32 4.55
C THR D 224 16.36 -6.45 5.74
N GLY D 225 16.40 -5.13 5.55
CA GLY D 225 16.21 -4.21 6.66
C GLY D 225 16.30 -2.74 6.27
N SER D 226 16.83 -1.89 7.17
CA SER D 226 16.97 -0.47 6.89
C SER D 226 18.35 -0.14 6.37
N THR D 227 18.43 0.96 5.64
CA THR D 227 19.71 1.40 5.12
C THR D 227 20.70 1.59 6.29
N ALA D 228 20.22 2.18 7.37
CA ALA D 228 21.06 2.41 8.55
C ALA D 228 21.73 1.13 9.00
N THR D 229 20.95 0.07 9.12
CA THR D 229 21.42 -1.20 9.65
C THR D 229 22.26 -1.93 8.64
N GLY D 230 21.95 -1.72 7.37
CA GLY D 230 22.73 -2.31 6.29
C GLY D 230 24.21 -1.99 6.41
N ARG D 231 24.54 -0.81 6.88
CA ARG D 231 25.93 -0.44 7.05
C ARG D 231 26.62 -1.16 8.21
N ARG D 232 25.85 -1.55 9.24
CA ARG D 232 26.44 -2.29 10.35
C ARG D 232 26.75 -3.72 9.93
N ILE D 233 26.02 -4.18 8.91
CA ILE D 233 26.22 -5.51 8.32
C ILE D 233 27.47 -5.52 7.46
N VAL D 234 27.62 -4.48 6.65
CA VAL D 234 28.83 -4.33 5.85
C VAL D 234 30.08 -4.29 6.74
N GLU D 235 30.05 -3.48 7.78
CA GLU D 235 31.12 -3.49 8.76
C GLU D 235 31.40 -4.88 9.31
N ALA D 236 30.36 -5.62 9.67
CA ALA D 236 30.56 -6.91 10.29
C ALA D 236 31.24 -7.88 9.33
N SER D 237 30.91 -7.76 8.03
CA SER D 237 31.36 -8.74 7.05
C SER D 237 32.86 -8.70 6.82
N LYS D 238 33.49 -7.59 7.19
CA LYS D 238 34.92 -7.48 6.98
C LYS D 238 35.73 -8.49 7.81
N SER D 239 35.06 -9.22 8.70
CA SER D 239 35.75 -10.16 9.56
C SER D 239 36.34 -11.32 8.77
N ASN D 240 35.54 -11.89 7.86
CA ASN D 240 36.01 -12.97 7.00
C ASN D 240 35.62 -12.72 5.56
N LEU D 241 35.32 -11.47 5.25
CA LEU D 241 34.93 -11.07 3.90
C LEU D 241 33.87 -11.97 3.31
N LYS D 242 32.85 -12.24 4.11
CA LYS D 242 31.71 -13.02 3.65
C LYS D 242 30.93 -12.24 2.62
N ARG D 243 30.31 -12.93 1.69
CA ARG D 243 29.50 -12.23 0.68
C ARG D 243 28.31 -11.57 1.33
N ILE D 244 27.76 -10.55 0.67
CA ILE D 244 26.63 -9.78 1.20
C ILE D 244 25.47 -9.64 0.21
N GLN D 245 24.26 -9.73 0.74
CA GLN D 245 23.07 -9.39 -0.01
C GLN D 245 22.36 -8.34 0.83
N LEU D 246 21.95 -7.24 0.23
CA LEU D 246 21.24 -6.21 0.94
C LEU D 246 19.97 -5.91 0.23
N GLU D 247 18.92 -5.74 1.00
CA GLU D 247 17.68 -5.34 0.47
C GLU D 247 17.14 -4.36 1.44
N LEU D 248 16.95 -3.14 0.99
CA LEU D 248 16.73 -2.07 1.91
C LEU D 248 15.45 -1.36 1.64
N GLY D 249 15.27 -0.28 2.35
CA GLY D 249 14.00 0.39 2.34
C GLY D 249 13.71 0.83 0.97
N GLY D 250 12.83 1.80 0.85
CA GLY D 250 12.54 2.43 -0.40
C GLY D 250 11.32 3.26 -0.26
N LYS D 251 11.42 4.53 -0.57
CA LYS D 251 10.23 5.36 -0.67
C LYS D 251 9.67 5.22 -2.07
N GLY D 252 8.95 4.12 -2.33
CA GLY D 252 8.36 3.86 -3.63
C GLY D 252 7.41 4.94 -4.17
N ALA D 253 7.63 5.37 -5.40
CA ALA D 253 6.82 6.41 -6.00
C ALA D 253 5.66 5.81 -6.77
N ASN D 254 4.59 6.59 -6.93
CA ASN D 254 3.40 6.09 -7.60
C ASN D 254 2.77 7.17 -8.45
N ILE D 255 3.18 7.25 -9.71
CA ILE D 255 2.77 8.34 -10.60
C ILE D 255 1.45 8.09 -11.35
N VAL D 256 0.58 9.10 -11.36
CA VAL D 256 -0.67 9.04 -12.13
C VAL D 256 -0.74 10.15 -13.17
N PHE D 257 -0.59 9.79 -14.44
CA PHE D 257 -0.64 10.76 -15.53
C PHE D 257 -2.06 11.12 -15.92
N GLU D 258 -2.19 12.17 -16.72
CA GLU D 258 -3.48 12.67 -17.14
C GLU D 258 -4.37 11.62 -17.79
N ASP D 259 -3.77 10.70 -18.54
CA ASP D 259 -4.55 9.76 -19.31
C ASP D 259 -4.75 8.42 -18.61
N ALA D 260 -4.62 8.43 -17.29
CA ALA D 260 -4.76 7.22 -16.50
C ALA D 260 -6.22 6.89 -16.27
N ASN D 261 -6.52 5.62 -16.10
CA ASN D 261 -7.86 5.19 -15.74
C ASN D 261 -8.03 5.40 -14.25
N ILE D 262 -8.49 6.58 -13.87
CA ILE D 262 -8.54 6.94 -12.46
C ILE D 262 -9.20 5.92 -11.56
N GLU D 263 -10.20 5.16 -12.05
CA GLU D 263 -10.77 4.21 -11.11
C GLU D 263 -9.69 3.21 -10.73
N ALA D 264 -9.07 2.59 -11.73
CA ALA D 264 -8.11 1.52 -11.47
C ALA D 264 -6.94 2.03 -10.67
N ALA D 265 -6.57 3.27 -10.93
CA ALA D 265 -5.41 3.87 -10.28
C ALA D 265 -5.68 4.19 -8.81
N VAL D 266 -6.89 4.64 -8.52
CA VAL D 266 -7.23 4.89 -7.13
C VAL D 266 -7.20 3.58 -6.36
N ASN D 267 -7.73 2.52 -6.96
CA ASN D 267 -7.76 1.21 -6.29
C ASN D 267 -6.38 0.60 -6.12
N GLY D 268 -5.55 0.77 -7.14
CA GLY D 268 -4.16 0.32 -7.06
C GLY D 268 -3.40 1.13 -6.04
N ALA D 269 -3.44 2.45 -6.19
CA ALA D 269 -2.74 3.31 -5.27
C ALA D 269 -3.12 3.07 -3.81
N ALA D 270 -4.40 2.77 -3.57
CA ALA D 270 -4.90 2.51 -2.22
C ALA D 270 -4.37 1.17 -1.71
N TRP D 271 -4.38 0.17 -2.58
CA TRP D 271 -3.81 -1.12 -2.25
C TRP D 271 -2.30 -1.00 -2.01
N ALA D 272 -1.67 -0.18 -2.84
CA ALA D 272 -0.22 0.03 -2.78
C ALA D 272 0.26 0.45 -1.40
N ILE D 273 -0.31 1.51 -0.85
CA ILE D 273 0.22 2.08 0.38
C ILE D 273 -0.48 1.54 1.61
N PHE D 274 -1.77 1.19 1.49
CA PHE D 274 -2.52 0.80 2.69
C PHE D 274 -2.54 -0.69 3.00
N HIS D 275 -2.41 -1.54 1.99
CA HIS D 275 -2.32 -2.97 2.27
C HIS D 275 -1.15 -3.23 3.17
N ASN D 276 -1.31 -4.20 4.05
CA ASN D 276 -0.29 -4.50 5.05
C ASN D 276 0.03 -3.26 5.88
N GLN D 277 -1.00 -2.50 6.21
CA GLN D 277 -0.88 -1.33 7.07
C GLN D 277 0.33 -0.47 6.74
N GLY D 278 0.63 -0.36 5.44
CA GLY D 278 1.69 0.52 4.96
C GLY D 278 3.11 0.06 5.20
N GLN D 279 3.26 -0.99 6.01
CA GLN D 279 4.56 -1.55 6.36
C GLN D 279 5.07 -2.43 5.25
N ALA D 280 4.95 -1.94 4.03
CA ALA D 280 5.56 -2.60 2.89
C ALA D 280 6.76 -1.77 2.45
N CYS D 281 7.85 -2.43 2.12
CA CYS D 281 8.98 -1.67 1.67
C CYS D 281 8.70 -1.11 0.28
N ILE D 282 8.05 -1.90 -0.56
CA ILE D 282 7.67 -1.45 -1.89
C ILE D 282 6.56 -0.43 -1.88
N ALA D 283 5.82 -0.39 -0.77
CA ALA D 283 4.68 0.52 -0.59
C ALA D 283 4.82 1.90 -1.25
N GLY D 284 3.88 2.25 -2.11
CA GLY D 284 3.90 3.58 -2.72
C GLY D 284 3.58 4.61 -1.64
N SER D 285 4.63 5.22 -1.06
CA SER D 285 4.45 6.15 0.06
C SER D 285 4.67 7.56 -0.47
N ARG D 286 4.60 7.68 -1.79
CA ARG D 286 4.69 8.96 -2.48
C ARG D 286 3.80 8.96 -3.70
N LEU D 287 2.66 9.65 -3.61
CA LEU D 287 1.77 9.84 -4.75
C LEU D 287 2.24 11.02 -5.56
N ILE D 288 2.04 10.95 -6.86
CA ILE D 288 2.48 12.00 -7.76
C ILE D 288 1.46 12.18 -8.87
N LEU D 289 0.64 13.24 -8.77
CA LEU D 289 -0.51 13.35 -9.63
C LEU D 289 -0.41 14.49 -10.63
N HIS D 290 -0.86 14.25 -11.86
CA HIS D 290 -0.95 15.30 -12.87
C HIS D 290 -1.98 16.35 -12.49
N LYS D 291 -1.67 17.63 -12.72
CA LYS D 291 -2.58 18.73 -12.38
C LYS D 291 -4.04 18.48 -12.79
N ASP D 292 -4.24 18.11 -14.05
CA ASP D 292 -5.58 17.97 -14.62
C ASP D 292 -6.47 16.90 -13.97
N ILE D 293 -5.86 15.95 -13.29
CA ILE D 293 -6.61 14.85 -12.70
C ILE D 293 -6.37 14.72 -11.21
N ALA D 294 -5.58 15.63 -10.66
CA ALA D 294 -5.23 15.57 -9.26
C ALA D 294 -6.46 15.63 -8.38
N ASP D 295 -7.26 16.68 -8.60
CA ASP D 295 -8.45 16.90 -7.80
C ASP D 295 -9.42 15.73 -7.91
N GLN D 296 -9.79 15.38 -9.14
CA GLN D 296 -10.70 14.28 -9.40
C GLN D 296 -10.25 12.97 -8.76
N PHE D 297 -8.93 12.80 -8.62
CA PHE D 297 -8.35 11.59 -8.07
C PHE D 297 -8.54 11.57 -6.58
N LEU D 298 -8.11 12.62 -5.91
CA LEU D 298 -8.22 12.70 -4.47
C LEU D 298 -9.66 12.57 -3.97
N GLU D 299 -10.61 13.14 -4.71
CA GLU D 299 -12.01 13.02 -4.32
C GLU D 299 -12.30 11.54 -4.11
N ARG D 300 -12.02 10.75 -5.13
CA ARG D 300 -12.30 9.32 -5.09
C ARG D 300 -11.39 8.60 -4.09
N PHE D 301 -10.14 9.04 -4.02
CA PHE D 301 -9.13 8.38 -3.19
C PHE D 301 -9.39 8.62 -1.71
N ILE D 302 -9.46 9.88 -1.33
CA ILE D 302 -9.71 10.21 0.06
C ILE D 302 -10.99 9.56 0.59
N ALA D 303 -12.05 9.59 -0.22
CA ALA D 303 -13.28 8.91 0.14
C ALA D 303 -13.00 7.45 0.50
N LEU D 304 -12.27 6.77 -0.39
CA LEU D 304 -11.89 5.37 -0.17
C LEU D 304 -11.09 5.19 1.11
N ALA D 305 -10.21 6.13 1.38
CA ALA D 305 -9.33 6.06 2.54
C ALA D 305 -10.12 6.09 3.84
N LYS D 306 -11.04 7.05 3.96
CA LYS D 306 -11.79 7.22 5.20
C LYS D 306 -12.76 6.06 5.44
N SER D 307 -13.07 5.32 4.37
CA SER D 307 -14.00 4.20 4.44
C SER D 307 -13.31 2.85 4.49
N ILE D 308 -12.29 2.74 5.32
CA ILE D 308 -11.49 1.51 5.41
C ILE D 308 -11.70 0.87 6.77
N ARG D 309 -12.29 -0.33 6.77
CA ARG D 309 -12.63 -1.01 8.03
C ARG D 309 -11.37 -1.32 8.79
N LEU D 310 -11.03 -0.43 9.72
CA LEU D 310 -9.80 -0.57 10.50
C LEU D 310 -10.12 -1.21 11.84
N GLY D 311 -9.48 -2.32 12.16
CA GLY D 311 -9.75 -2.99 13.41
C GLY D 311 -9.08 -4.34 13.65
N ASP D 312 -9.64 -5.08 14.62
CA ASP D 312 -9.15 -6.39 15.08
C ASP D 312 -8.66 -7.27 13.95
N PRO D 313 -7.37 -7.61 13.96
CA PRO D 313 -6.77 -8.41 12.89
C PRO D 313 -7.51 -9.72 12.67
N MET D 314 -8.09 -10.26 13.73
CA MET D 314 -8.75 -11.55 13.67
C MET D 314 -10.16 -11.51 13.06
N ASP D 315 -10.66 -10.32 12.74
CA ASP D 315 -11.98 -10.18 12.13
C ASP D 315 -11.84 -10.32 10.61
N PRO D 316 -12.42 -11.39 10.07
CA PRO D 316 -12.40 -11.66 8.64
C PRO D 316 -12.88 -10.48 7.84
N GLU D 317 -13.51 -9.53 8.50
CA GLU D 317 -13.99 -8.36 7.78
C GLU D 317 -13.10 -7.15 7.98
N THR D 318 -12.01 -7.32 8.73
CA THR D 318 -11.06 -6.24 8.89
C THR D 318 -10.25 -6.07 7.63
N GLU D 319 -10.22 -4.84 7.12
CA GLU D 319 -9.51 -4.49 5.91
C GLU D 319 -8.06 -4.05 6.21
N MET D 320 -7.85 -3.34 7.31
CA MET D 320 -6.52 -2.91 7.76
C MET D 320 -6.38 -3.07 9.27
N GLY D 321 -5.21 -3.47 9.73
CA GLY D 321 -5.00 -3.69 11.15
C GLY D 321 -4.05 -2.65 11.73
N PRO D 322 -3.39 -2.98 12.84
CA PRO D 322 -2.46 -2.14 13.58
C PRO D 322 -1.04 -2.20 13.03
N LEU D 323 -0.18 -1.31 13.51
CA LEU D 323 1.24 -1.43 13.27
C LEU D 323 1.78 -2.50 14.20
N THR D 324 2.82 -3.22 13.79
CA THR D 324 3.26 -4.42 14.49
C THR D 324 4.02 -4.16 15.78
N SER D 325 4.46 -2.93 16.01
CA SER D 325 5.19 -2.59 17.23
C SER D 325 4.75 -1.25 17.78
N ALA D 326 4.80 -1.13 19.10
CA ALA D 326 4.44 0.11 19.74
C ALA D 326 5.42 1.20 19.27
N LEU D 327 6.72 0.93 19.40
CA LEU D 327 7.76 1.87 19.01
C LEU D 327 7.41 2.40 17.63
N ARG D 328 6.78 1.55 16.84
CA ARG D 328 6.49 1.86 15.44
C ARG D 328 5.33 2.83 15.28
N ARG D 329 4.27 2.61 16.04
CA ARG D 329 3.15 3.56 16.06
C ARG D 329 3.61 4.95 16.47
N ASP D 330 4.51 5.03 17.45
CA ASP D 330 5.08 6.30 17.85
C ASP D 330 5.90 6.89 16.72
N ARG D 331 6.70 6.04 16.08
CA ARG D 331 7.53 6.45 14.97
C ARG D 331 6.70 7.17 13.92
N VAL D 332 5.66 6.50 13.45
CA VAL D 332 4.82 7.04 12.39
C VAL D 332 4.15 8.35 12.78
N LEU D 333 3.66 8.42 14.01
CA LEU D 333 2.91 9.59 14.47
C LEU D 333 3.79 10.84 14.56
N SER D 334 5.05 10.67 14.95
CA SER D 334 5.94 11.81 14.99
C SER D 334 6.22 12.27 13.58
N TYR D 335 6.30 11.33 12.64
CA TYR D 335 6.51 11.70 11.23
C TYR D 335 5.33 12.51 10.73
N ILE D 336 4.16 12.29 11.31
CA ILE D 336 2.97 13.02 10.91
C ILE D 336 3.03 14.45 11.41
N ASP D 337 3.32 14.60 12.70
CA ASP D 337 3.45 15.91 13.31
C ASP D 337 4.48 16.75 12.54
N ILE D 338 5.51 16.06 12.08
CA ILE D 338 6.59 16.65 11.31
C ILE D 338 6.13 17.20 9.98
N ALA D 339 5.36 16.40 9.26
CA ALA D 339 4.88 16.82 7.95
C ALA D 339 4.05 18.08 8.10
N ILE D 340 3.42 18.27 9.26
CA ILE D 340 2.58 19.45 9.49
C ILE D 340 3.41 20.69 9.76
N GLU D 341 4.45 20.50 10.58
CA GLU D 341 5.40 21.56 10.88
C GLU D 341 6.07 22.12 9.62
N GLN D 342 6.02 21.38 8.53
CA GLN D 342 6.56 21.85 7.26
C GLN D 342 5.47 22.30 6.29
N GLY D 343 4.26 22.51 6.83
CA GLY D 343 3.17 23.08 6.06
C GLY D 343 2.34 22.04 5.33
N GLY D 344 2.29 20.83 5.87
CA GLY D 344 1.52 19.77 5.25
C GLY D 344 0.03 19.88 5.53
N LYS D 345 -0.80 19.71 4.51
CA LYS D 345 -2.25 19.78 4.67
C LYS D 345 -2.82 18.37 4.73
N VAL D 346 -2.99 17.85 5.92
CA VAL D 346 -3.52 16.49 6.12
C VAL D 346 -4.95 16.29 5.56
N LEU D 347 -5.05 15.51 4.49
CA LEU D 347 -6.30 15.33 3.75
C LEU D 347 -7.18 14.17 4.23
N ALA D 348 -6.60 13.24 4.98
CA ALA D 348 -7.39 12.12 5.51
C ALA D 348 -6.66 11.49 6.69
N GLY D 349 -7.42 10.94 7.62
CA GLY D 349 -6.85 10.39 8.83
C GLY D 349 -5.98 11.41 9.52
N GLY D 350 -4.82 10.98 10.00
CA GLY D 350 -3.88 11.88 10.62
C GLY D 350 -3.49 11.53 12.05
N LYS D 351 -4.30 10.71 12.69
CA LYS D 351 -3.91 10.23 13.98
C LYS D 351 -4.53 8.90 14.30
N ALA D 352 -4.52 8.52 15.55
CA ALA D 352 -4.97 7.21 15.93
C ALA D 352 -6.43 7.24 16.19
N PRO D 353 -7.17 6.26 15.69
CA PRO D 353 -8.62 6.23 15.75
C PRO D 353 -9.13 6.35 17.17
N ASP D 354 -10.31 6.94 17.33
CA ASP D 354 -10.83 7.21 18.64
C ASP D 354 -11.65 6.08 19.14
N ASP D 355 -11.70 5.00 18.39
CA ASP D 355 -12.50 3.89 18.83
C ASP D 355 -11.94 3.33 20.10
N LYS D 356 -12.75 2.49 20.69
CA LYS D 356 -12.60 1.87 22.00
C LYS D 356 -11.58 0.76 22.07
N ALA D 357 -11.92 -0.37 21.45
CA ALA D 357 -11.05 -1.54 21.43
C ALA D 357 -9.68 -1.19 20.88
N LEU D 358 -9.67 -0.22 19.98
CA LEU D 358 -8.47 0.12 19.27
C LEU D 358 -7.55 1.03 20.08
N ALA D 359 -8.05 1.56 21.18
CA ALA D 359 -7.23 2.47 21.97
C ALA D 359 -6.12 1.71 22.67
N ASN D 360 -6.20 0.38 22.62
CA ASN D 360 -5.22 -0.47 23.30
C ASN D 360 -4.10 -0.96 22.39
N GLY D 361 -4.41 -1.13 21.11
CA GLY D 361 -3.44 -1.58 20.12
C GLY D 361 -2.70 -0.46 19.44
N PHE D 362 -1.70 -0.83 18.65
CA PHE D 362 -0.84 0.14 18.01
C PHE D 362 -1.42 0.58 16.69
N TYR D 363 -2.66 1.07 16.72
CA TYR D 363 -3.31 1.50 15.50
C TYR D 363 -3.00 2.95 15.09
N VAL D 364 -3.08 3.19 13.79
CA VAL D 364 -3.03 4.51 13.19
C VAL D 364 -3.93 4.45 11.96
N GLU D 365 -4.64 5.52 11.66
CA GLU D 365 -5.55 5.47 10.53
C GLU D 365 -4.95 5.93 9.20
N PRO D 366 -5.49 5.44 8.08
CA PRO D 366 -5.07 5.82 6.75
C PRO D 366 -4.81 7.31 6.68
N THR D 367 -3.56 7.69 6.46
CA THR D 367 -3.21 9.11 6.37
C THR D 367 -2.72 9.56 5.00
N VAL D 368 -3.30 10.62 4.49
CA VAL D 368 -2.88 11.21 3.23
C VAL D 368 -2.57 12.67 3.48
N VAL D 369 -1.38 13.09 3.09
CA VAL D 369 -0.92 14.46 3.35
C VAL D 369 -0.41 15.16 2.10
N GLU D 370 -0.98 16.32 1.78
CA GLU D 370 -0.52 17.09 0.65
C GLU D 370 0.76 17.79 1.07
N ALA D 371 1.73 17.86 0.15
CA ALA D 371 3.01 18.50 0.43
C ALA D 371 3.77 18.90 -0.84
N LYS D 372 5.03 19.27 -0.65
CA LYS D 372 5.94 19.56 -1.75
C LYS D 372 7.02 18.47 -1.75
N PRO D 373 7.72 18.28 -2.90
CA PRO D 373 8.88 17.37 -2.85
C PRO D 373 9.92 18.02 -1.95
N GLN D 374 11.10 17.43 -1.81
CA GLN D 374 12.17 18.05 -1.02
C GLN D 374 11.61 18.50 0.32
N ASP D 375 10.59 17.79 0.82
CA ASP D 375 10.05 18.07 2.14
C ASP D 375 10.69 16.87 2.84
N ARG D 376 10.79 16.96 4.16
CA ARG D 376 11.48 15.93 4.93
C ARG D 376 10.76 14.59 4.90
N VAL D 377 9.44 14.64 4.79
CA VAL D 377 8.62 13.45 4.89
C VAL D 377 8.42 12.78 3.53
N CYS D 378 8.91 13.42 2.47
CA CYS D 378 8.88 12.84 1.13
C CYS D 378 10.23 12.21 0.80
N GLN D 379 11.14 12.24 1.76
CA GLN D 379 12.50 11.74 1.55
C GLN D 379 12.77 10.48 2.36
N GLU D 380 12.42 10.52 3.64
CA GLU D 380 12.71 9.44 4.56
C GLU D 380 11.57 8.45 4.59
N GLU D 381 11.87 7.20 4.84
CA GLU D 381 10.82 6.19 4.75
C GLU D 381 9.92 6.22 5.96
N VAL D 382 8.72 6.72 5.75
CA VAL D 382 7.68 6.61 6.75
C VAL D 382 7.10 5.23 6.59
N PHE D 383 7.38 4.37 7.56
CA PHE D 383 6.97 2.98 7.45
C PHE D 383 5.60 2.74 8.06
N GLY D 384 4.58 3.27 7.40
CA GLY D 384 3.22 3.14 7.87
C GLY D 384 2.20 3.45 6.79
N PRO D 385 0.91 3.54 7.17
CA PRO D 385 -0.18 3.85 6.24
C PRO D 385 -0.19 5.33 5.89
N PHE D 386 0.82 5.80 5.16
CA PHE D 386 1.09 7.23 5.07
C PHE D 386 1.53 7.58 3.66
N VAL D 387 0.71 8.37 2.96
CA VAL D 387 1.01 8.74 1.59
C VAL D 387 1.14 10.25 1.47
N THR D 388 2.18 10.72 0.81
CA THR D 388 2.30 12.14 0.53
C THR D 388 1.87 12.44 -0.91
N VAL D 389 1.13 13.53 -1.09
CA VAL D 389 0.69 13.88 -2.43
C VAL D 389 1.48 15.06 -2.93
N VAL D 390 2.00 14.94 -4.15
CA VAL D 390 2.59 16.06 -4.86
C VAL D 390 1.99 16.15 -6.25
N ARG D 391 2.13 17.30 -6.90
CA ARG D 391 1.58 17.46 -8.24
C ARG D 391 2.64 17.82 -9.27
N PHE D 392 2.45 17.36 -10.51
CA PHE D 392 3.36 17.64 -11.61
C PHE D 392 2.54 18.03 -12.84
N SER D 393 3.20 18.60 -13.85
CA SER D 393 2.51 19.03 -15.07
C SER D 393 3.10 18.48 -16.36
N SER D 394 4.39 18.17 -16.35
CA SER D 394 5.03 17.58 -17.53
C SER D 394 5.65 16.23 -17.21
N ASP D 395 5.76 15.36 -18.21
CA ASP D 395 6.42 14.07 -18.00
C ASP D 395 7.76 14.28 -17.35
N GLU D 396 8.53 15.23 -17.85
CA GLU D 396 9.91 15.43 -17.40
C GLU D 396 9.98 15.85 -15.93
N GLU D 397 8.97 16.58 -15.48
CA GLU D 397 8.92 17.00 -14.10
C GLU D 397 8.61 15.81 -13.21
N ALA D 398 7.79 14.90 -13.70
CA ALA D 398 7.41 13.73 -12.92
C ALA D 398 8.62 12.83 -12.71
N LEU D 399 9.40 12.60 -13.76
CA LEU D 399 10.59 11.77 -13.65
C LEU D 399 11.52 12.36 -12.62
N ALA D 400 11.69 13.67 -12.70
CA ALA D 400 12.57 14.38 -11.78
C ALA D 400 12.16 14.15 -10.32
N ILE D 401 10.87 14.23 -10.05
CA ILE D 401 10.36 14.03 -8.70
C ILE D 401 10.61 12.61 -8.23
N ALA D 402 10.43 11.66 -9.13
CA ALA D 402 10.51 10.25 -8.76
C ALA D 402 11.95 9.84 -8.46
N ASN D 403 12.90 10.52 -9.09
CA ASN D 403 14.33 10.21 -8.94
C ASN D 403 15.04 11.02 -7.84
N ASN D 404 14.37 12.00 -7.25
CA ASN D 404 14.98 12.84 -6.22
C ASN D 404 14.94 12.19 -4.85
N THR D 405 15.24 10.91 -4.80
CA THR D 405 15.32 10.17 -3.53
C THR D 405 16.62 9.38 -3.48
N GLU D 406 17.03 9.02 -2.27
CA GLU D 406 18.19 8.16 -2.09
C GLU D 406 17.80 6.73 -2.43
N TYR D 407 16.54 6.40 -2.15
CA TYR D 407 16.02 5.07 -2.35
C TYR D 407 15.61 4.84 -3.80
N GLY D 408 15.72 3.60 -4.25
CA GLY D 408 15.32 3.24 -5.59
C GLY D 408 14.72 1.86 -5.81
N LEU D 409 14.04 1.34 -4.81
CA LEU D 409 13.42 0.02 -4.92
C LEU D 409 12.03 -0.27 -5.50
N GLY D 410 11.08 0.63 -5.27
CA GLY D 410 9.75 0.44 -5.82
C GLY D 410 9.54 1.60 -6.75
N SER D 411 8.56 1.45 -7.65
CA SER D 411 8.07 2.55 -8.48
C SER D 411 6.91 1.99 -9.30
N GLY D 412 5.91 2.82 -9.57
CA GLY D 412 4.79 2.38 -10.38
C GLY D 412 4.23 3.60 -11.06
N LEU D 413 3.60 3.43 -12.22
CA LEU D 413 3.02 4.56 -12.93
C LEU D 413 1.78 4.14 -13.70
N TRP D 414 0.86 5.08 -13.89
CA TRP D 414 -0.44 4.78 -14.48
C TRP D 414 -0.68 5.64 -15.71
N THR D 415 -0.73 4.99 -16.88
CA THR D 415 -0.89 5.65 -18.18
C THR D 415 -1.53 4.70 -19.16
N GLN D 416 -1.94 5.22 -20.31
CA GLN D 416 -2.35 4.37 -21.40
C GLN D 416 -1.59 4.72 -22.66
N ASN D 417 -0.53 5.51 -22.50
CA ASN D 417 0.36 5.84 -23.61
C ASN D 417 1.53 4.88 -23.69
N LEU D 418 1.55 4.06 -24.76
CA LEU D 418 2.64 3.12 -25.05
C LEU D 418 4.01 3.73 -24.82
N ALA D 419 4.34 4.76 -25.58
CA ALA D 419 5.60 5.43 -25.40
C ALA D 419 5.86 5.87 -23.94
N ARG D 420 4.95 6.63 -23.35
CA ARG D 420 5.20 7.16 -22.02
C ARG D 420 5.48 6.08 -21.00
N ALA D 421 4.72 4.99 -21.03
CA ALA D 421 4.92 3.92 -20.05
C ALA D 421 6.33 3.36 -20.08
N HIS D 422 6.81 2.97 -21.27
CA HIS D 422 8.12 2.36 -21.39
C HIS D 422 9.25 3.36 -21.20
N LYS D 423 9.11 4.56 -21.77
CA LYS D 423 10.13 5.60 -21.65
C LYS D 423 10.39 5.83 -20.18
N MET D 424 9.31 5.92 -19.40
CA MET D 424 9.39 6.22 -17.97
C MET D 424 10.00 5.09 -17.15
N ALA D 425 9.55 3.87 -17.38
CA ALA D 425 10.06 2.73 -16.65
C ALA D 425 11.56 2.53 -16.91
N HIS D 426 12.01 3.03 -18.06
CA HIS D 426 13.41 2.93 -18.47
C HIS D 426 14.25 3.99 -17.75
N ALA D 427 13.65 5.17 -17.56
CA ALA D 427 14.36 6.31 -16.95
C ALA D 427 14.39 6.33 -15.42
N ILE D 428 13.34 5.81 -14.79
CA ILE D 428 13.25 5.78 -13.34
C ILE D 428 14.32 4.87 -12.78
N HIS D 429 15.13 5.40 -11.87
CA HIS D 429 16.19 4.58 -11.26
C HIS D 429 15.62 3.78 -10.12
N ALA D 430 15.17 2.56 -10.45
CA ALA D 430 14.53 1.68 -9.48
C ALA D 430 14.67 0.25 -9.95
N GLY D 431 14.78 -0.67 -9.01
CA GLY D 431 15.01 -2.06 -9.33
C GLY D 431 13.83 -2.79 -9.93
N MET D 432 12.68 -2.14 -9.92
CA MET D 432 11.46 -2.72 -10.46
C MET D 432 10.42 -1.62 -10.58
N CYS D 433 9.55 -1.77 -11.57
CA CYS D 433 8.60 -0.71 -11.91
C CYS D 433 7.32 -1.32 -12.47
N TRP D 434 6.20 -0.98 -11.85
CA TRP D 434 4.89 -1.53 -12.23
C TRP D 434 4.04 -0.53 -13.00
N ILE D 435 3.45 -0.98 -14.10
CA ILE D 435 2.64 -0.10 -14.93
C ILE D 435 1.18 -0.55 -14.92
N ASN D 436 0.29 0.38 -14.59
CA ASN D 436 -1.12 0.10 -14.46
C ASN D 436 -1.41 -1.03 -13.48
N CYS D 437 -0.56 -1.14 -12.46
CA CYS D 437 -0.70 -2.08 -11.37
C CYS D 437 0.40 -1.79 -10.34
N TYR D 438 0.40 -2.49 -9.22
CA TYR D 438 1.40 -2.18 -8.22
C TYR D 438 1.60 -3.33 -7.24
N LYS D 439 2.79 -3.41 -6.64
CA LYS D 439 3.12 -4.42 -5.62
C LYS D 439 2.87 -5.85 -6.11
N ARG D 440 2.97 -6.06 -7.42
CA ARG D 440 2.82 -7.41 -7.97
C ARG D 440 4.14 -8.13 -7.85
N VAL D 441 4.18 -9.21 -7.08
CA VAL D 441 5.39 -10.02 -7.07
C VAL D 441 5.11 -11.42 -7.57
N SER D 442 6.19 -12.16 -7.81
CA SER D 442 6.10 -13.51 -8.32
C SER D 442 7.47 -14.14 -8.17
N PRO D 443 7.53 -15.39 -7.67
CA PRO D 443 8.81 -16.11 -7.63
C PRO D 443 9.28 -16.28 -9.08
N GLY D 444 10.54 -16.05 -9.35
CA GLY D 444 11.03 -16.07 -10.73
C GLY D 444 11.29 -14.70 -11.32
N SER D 445 10.61 -13.68 -10.80
CA SER D 445 10.85 -12.29 -11.14
C SER D 445 11.70 -11.58 -10.09
N PRO D 446 12.95 -11.24 -10.44
CA PRO D 446 13.93 -10.64 -9.52
C PRO D 446 13.38 -9.45 -8.72
N PHE D 447 13.58 -9.52 -7.41
CA PHE D 447 13.07 -8.54 -6.47
C PHE D 447 14.25 -7.99 -5.68
N GLY D 448 14.53 -6.70 -5.84
CA GLY D 448 15.66 -6.10 -5.17
C GLY D 448 15.83 -4.64 -5.50
N GLY D 449 16.78 -4.00 -4.84
CA GLY D 449 16.96 -2.57 -4.99
C GLY D 449 18.06 -2.14 -5.92
N VAL D 450 18.22 -0.83 -6.02
CA VAL D 450 19.27 -0.24 -6.83
C VAL D 450 19.87 0.95 -6.08
N GLY D 451 21.20 1.02 -6.03
CA GLY D 451 21.89 2.09 -5.35
C GLY D 451 21.91 1.94 -3.85
N GLN D 452 21.20 2.84 -3.16
CA GLN D 452 21.13 2.83 -1.71
C GLN D 452 19.97 2.01 -1.17
N SER D 453 19.30 1.28 -2.06
CA SER D 453 18.35 0.27 -1.62
C SER D 453 18.98 -1.12 -1.72
N GLY D 454 20.29 -1.15 -1.96
CA GLY D 454 21.08 -2.37 -1.84
C GLY D 454 21.47 -3.08 -3.13
N TYR D 455 22.00 -4.28 -2.96
CA TYR D 455 22.33 -5.14 -4.08
C TYR D 455 21.77 -6.54 -3.91
N GLY D 456 21.82 -7.32 -4.98
CA GLY D 456 21.34 -8.69 -4.95
C GLY D 456 19.84 -8.76 -5.13
N ARG D 457 19.39 -9.83 -5.76
CA ARG D 457 17.96 -10.04 -6.01
C ARG D 457 17.44 -11.29 -5.28
N GLU D 458 16.13 -11.30 -4.98
CA GLU D 458 15.46 -12.51 -4.51
C GLU D 458 14.52 -12.94 -5.61
N MET D 459 14.01 -14.16 -5.52
CA MET D 459 12.93 -14.60 -6.41
C MET D 459 13.30 -15.43 -7.65
N GLY D 460 14.22 -14.98 -8.49
CA GLY D 460 14.35 -15.57 -9.82
C GLY D 460 15.41 -16.63 -9.99
N PHE D 461 15.88 -16.81 -11.21
CA PHE D 461 17.14 -17.51 -11.39
C PHE D 461 18.26 -16.68 -10.73
N GLU D 462 18.09 -15.36 -10.76
CA GLU D 462 19.04 -14.44 -10.15
C GLU D 462 19.29 -14.85 -8.72
N ALA D 463 18.20 -15.16 -8.01
CA ALA D 463 18.28 -15.43 -6.57
C ALA D 463 19.16 -16.62 -6.33
N ILE D 464 18.99 -17.66 -7.15
CA ILE D 464 19.86 -18.84 -7.07
C ILE D 464 21.34 -18.53 -7.25
N HIS D 465 21.67 -17.72 -8.25
CA HIS D 465 23.03 -17.28 -8.51
C HIS D 465 23.67 -16.66 -7.27
N ASP D 466 22.91 -15.88 -6.52
CA ASP D 466 23.43 -15.18 -5.33
C ASP D 466 23.81 -16.12 -4.21
N TYR D 467 23.34 -17.37 -4.30
CA TYR D 467 23.59 -18.36 -3.26
C TYR D 467 24.45 -19.49 -3.79
N THR D 468 25.46 -19.14 -4.58
CA THR D 468 26.24 -20.15 -5.29
C THR D 468 27.59 -19.68 -5.85
N GLU D 469 28.63 -20.51 -5.67
CA GLU D 469 30.00 -20.22 -6.09
C GLU D 469 30.23 -20.82 -7.47
N ALA D 470 31.33 -20.49 -8.09
CA ALA D 470 31.64 -21.11 -9.36
C ALA D 470 33.01 -21.79 -9.32
N ARG D 471 33.01 -23.10 -9.28
CA ARG D 471 34.26 -23.85 -9.35
C ARG D 471 34.63 -24.13 -10.81
N SER D 472 35.75 -23.55 -11.26
CA SER D 472 36.23 -23.75 -12.64
C SER D 472 37.22 -24.88 -12.63
N VAL D 473 37.00 -25.89 -13.45
CA VAL D 473 37.95 -26.99 -13.56
C VAL D 473 38.54 -27.14 -14.95
N TRP D 474 39.87 -27.20 -15.02
CA TRP D 474 40.55 -27.35 -16.29
C TRP D 474 41.14 -28.75 -16.39
N VAL D 475 40.84 -29.45 -17.48
CA VAL D 475 41.46 -30.73 -17.74
C VAL D 475 42.25 -30.70 -19.05
N ASN D 476 43.56 -30.98 -18.94
CA ASN D 476 44.43 -31.14 -20.09
C ASN D 476 44.29 -32.55 -20.65
N VAL D 477 43.64 -32.70 -21.80
CA VAL D 477 43.53 -34.01 -22.43
C VAL D 477 44.55 -34.18 -23.60
N ASP D 478 44.71 -33.17 -24.43
CA ASP D 478 45.69 -33.21 -25.49
C ASP D 478 46.25 -31.83 -25.65
N ALA D 479 47.55 -31.67 -25.49
CA ALA D 479 48.11 -30.36 -25.67
C ALA D 479 49.62 -30.39 -25.77
N LYS D 480 50.18 -29.36 -26.40
CA LYS D 480 51.61 -29.25 -26.62
C LYS D 480 52.26 -28.23 -25.69
N ILE D 481 51.94 -28.28 -24.42
CA ILE D 481 52.49 -27.35 -23.45
C ILE D 481 53.95 -27.37 -23.88
N ALA D 482 54.47 -26.19 -24.18
CA ALA D 482 55.85 -26.00 -24.61
C ALA D 482 56.43 -25.56 -23.28
N PRO D 483 57.31 -26.40 -22.70
CA PRO D 483 57.89 -26.06 -21.39
C PRO D 483 58.26 -24.58 -21.39
N HIS D 484 57.76 -23.81 -20.42
CA HIS D 484 57.97 -22.37 -20.46
C HIS D 484 59.46 -22.04 -20.37
N PHE D 485 60.10 -22.63 -19.37
CA PHE D 485 61.55 -22.51 -19.23
C PHE D 485 62.20 -23.54 -20.16
N LYS D 486 62.54 -23.07 -21.38
CA LYS D 486 63.02 -23.91 -22.47
C LYS D 486 64.34 -24.55 -22.09
N ARG D 487 64.26 -25.72 -21.47
CA ARG D 487 65.41 -26.51 -21.05
C ARG D 487 66.65 -25.68 -20.69
N MET E 1 23.06 -4.51 40.54
CA MET E 1 22.91 -4.84 41.97
C MET E 1 21.47 -4.94 42.55
N GLN E 2 20.87 -3.81 42.91
CA GLN E 2 19.46 -3.76 43.34
C GLN E 2 18.55 -3.59 42.13
N ASN E 3 17.61 -4.50 41.90
CA ASN E 3 17.03 -4.61 40.57
C ASN E 3 15.52 -4.75 40.38
N GLN E 4 14.75 -4.62 41.45
CA GLN E 4 13.31 -4.84 41.34
C GLN E 4 12.57 -3.51 41.43
N LEU E 5 11.27 -3.52 41.18
CA LEU E 5 10.45 -2.34 41.44
C LEU E 5 10.57 -1.96 42.91
N TYR E 6 10.22 -0.72 43.22
CA TYR E 6 10.16 -0.29 44.61
C TYR E 6 8.82 0.40 44.86
N ILE E 7 7.92 -0.29 45.53
CA ILE E 7 6.56 0.20 45.73
C ILE E 7 6.15 0.11 47.19
N ASP E 8 5.74 1.23 47.75
CA ASP E 8 5.33 1.26 49.14
C ASP E 8 6.45 0.75 50.04
N GLY E 9 7.67 1.16 49.76
CA GLY E 9 8.79 0.89 50.65
C GLY E 9 9.35 -0.52 50.65
N ARG E 10 8.94 -1.31 49.67
N ARG E 10 8.96 -1.31 49.66
CA ARG E 10 9.45 -2.67 49.52
CA ARG E 10 9.48 -2.67 49.54
C ARG E 10 9.93 -2.93 48.09
C ARG E 10 9.94 -2.92 48.10
N PHE E 11 11.04 -3.65 47.96
CA PHE E 11 11.49 -4.07 46.65
C PHE E 11 10.67 -5.29 46.23
N VAL E 12 9.89 -5.14 45.18
CA VAL E 12 9.04 -6.23 44.72
C VAL E 12 9.24 -6.55 43.25
N ASP E 13 8.94 -7.78 42.85
CA ASP E 13 8.99 -8.14 41.44
C ASP E 13 7.79 -7.54 40.71
N ALA E 14 7.83 -7.57 39.39
CA ALA E 14 6.71 -7.11 38.61
C ALA E 14 5.56 -8.07 38.80
N VAL E 15 4.34 -7.54 38.83
CA VAL E 15 3.15 -8.34 39.09
C VAL E 15 3.01 -9.54 38.14
N ALA E 16 3.34 -9.33 36.86
CA ALA E 16 3.25 -10.39 35.87
C ALA E 16 4.61 -11.00 35.56
N GLY E 17 5.54 -10.82 36.50
CA GLY E 17 6.85 -11.43 36.38
C GLY E 17 7.72 -10.92 35.24
N GLY E 18 7.21 -9.95 34.48
CA GLY E 18 7.98 -9.30 33.43
C GLY E 18 9.42 -9.00 33.80
N THR E 19 10.30 -9.03 32.80
CA THR E 19 11.73 -8.88 33.01
C THR E 19 12.40 -8.15 31.84
N ILE E 20 13.42 -7.34 32.16
CA ILE E 20 14.14 -6.55 31.16
C ILE E 20 15.64 -6.64 31.41
N ASP E 21 16.40 -6.85 30.33
CA ASP E 21 17.84 -7.01 30.44
C ASP E 21 18.55 -5.67 30.54
N VAL E 22 19.39 -5.49 31.56
CA VAL E 22 20.19 -4.27 31.66
C VAL E 22 21.64 -4.55 31.38
N VAL E 23 22.17 -3.91 30.34
CA VAL E 23 23.47 -4.25 29.75
C VAL E 23 24.52 -3.18 30.02
N SER E 24 25.77 -3.60 30.18
CA SER E 24 26.92 -2.68 30.21
C SER E 24 27.37 -2.25 28.82
N PRO E 25 27.41 -0.93 28.57
CA PRO E 25 27.69 -0.35 27.26
C PRO E 25 29.13 -0.50 26.83
N HIS E 26 29.96 -1.07 27.71
CA HIS E 26 31.37 -1.21 27.42
C HIS E 26 31.75 -2.50 26.69
N ASP E 27 31.10 -3.60 27.06
CA ASP E 27 31.41 -4.90 26.49
C ASP E 27 30.17 -5.66 26.01
N GLY E 28 28.99 -5.08 26.19
CA GLY E 28 27.76 -5.71 25.78
C GLY E 28 27.29 -6.72 26.81
N SER E 29 28.10 -6.87 27.85
CA SER E 29 27.87 -7.80 28.95
C SER E 29 26.54 -7.55 29.69
N LEU E 30 25.92 -8.61 30.18
CA LEU E 30 24.72 -8.48 31.01
C LEU E 30 25.08 -8.06 32.42
N ILE E 31 24.45 -7.00 32.91
CA ILE E 31 24.71 -6.49 34.27
C ILE E 31 23.75 -7.12 35.25
N THR E 32 22.47 -7.13 34.90
CA THR E 32 21.40 -7.77 35.68
C THR E 32 20.03 -7.70 34.98
N ARG E 33 19.04 -8.32 35.57
CA ARG E 33 17.69 -8.28 35.04
C ARG E 33 16.79 -7.41 35.92
N ILE E 34 16.08 -6.50 35.27
CA ILE E 34 15.21 -5.54 35.93
C ILE E 34 13.79 -6.06 35.94
N ALA E 35 13.10 -5.97 37.07
CA ALA E 35 11.67 -6.24 37.07
C ALA E 35 10.97 -5.24 36.13
N ALA E 36 10.26 -5.73 35.12
CA ALA E 36 9.62 -4.86 34.12
C ALA E 36 8.19 -4.48 34.47
N ALA E 37 8.02 -3.21 34.82
CA ALA E 37 6.74 -2.71 35.28
C ALA E 37 5.77 -2.55 34.14
N GLU E 38 4.50 -2.90 34.38
CA GLU E 38 3.45 -2.75 33.38
C GLU E 38 2.27 -2.05 34.03
N ALA E 39 1.22 -1.82 33.26
CA ALA E 39 0.06 -1.11 33.78
C ALA E 39 -0.34 -1.48 35.21
N ALA E 40 -0.52 -2.78 35.47
CA ALA E 40 -0.99 -3.26 36.78
C ALA E 40 -0.08 -2.82 37.91
N ASP E 41 1.22 -2.73 37.59
CA ASP E 41 2.25 -2.31 38.55
C ASP E 41 2.16 -0.85 38.92
N VAL E 42 1.99 0.02 37.93
CA VAL E 42 1.89 1.44 38.24
C VAL E 42 0.62 1.73 39.03
N ASP E 43 -0.46 1.03 38.70
CA ASP E 43 -1.72 1.13 39.45
C ASP E 43 -1.47 1.04 40.94
N LEU E 44 -0.50 0.21 41.32
CA LEU E 44 -0.15 0.00 42.72
C LEU E 44 0.74 1.12 43.23
N ALA E 45 1.75 1.43 42.45
CA ALA E 45 2.69 2.46 42.82
C ALA E 45 1.92 3.75 43.06
N VAL E 46 1.00 4.06 42.17
CA VAL E 46 0.20 5.27 42.31
C VAL E 46 -0.73 5.21 43.50
N ALA E 47 -1.40 4.07 43.69
CA ALA E 47 -2.27 3.87 44.85
C ALA E 47 -1.47 4.00 46.17
N ALA E 48 -0.22 3.49 46.17
CA ALA E 48 0.68 3.64 47.31
C ALA E 48 0.99 5.12 47.55
N ALA E 49 1.23 5.84 46.46
CA ALA E 49 1.55 7.25 46.54
C ALA E 49 0.35 8.07 46.99
N LYS E 50 -0.84 7.76 46.44
CA LYS E 50 -2.07 8.46 46.84
C LYS E 50 -2.36 8.29 48.32
N ARG E 51 -2.04 7.12 48.85
CA ARG E 51 -2.27 6.78 50.24
C ARG E 51 -1.28 7.54 51.15
N ALA E 52 -0.02 7.59 50.72
CA ALA E 52 1.03 8.23 51.51
C ALA E 52 0.94 9.75 51.51
N PHE E 53 0.25 10.31 50.53
CA PHE E 53 0.25 11.76 50.35
C PHE E 53 -0.28 12.55 51.55
N PRO E 54 -1.52 12.31 51.96
CA PRO E 54 -2.10 13.11 53.06
C PRO E 54 -1.14 13.27 54.24
N ALA E 55 -0.53 12.19 54.72
CA ALA E 55 0.37 12.26 55.87
C ALA E 55 1.62 13.04 55.52
N TRP E 56 2.15 12.78 54.34
CA TRP E 56 3.40 13.39 53.90
C TRP E 56 3.26 14.91 53.74
N SER E 57 2.21 15.36 53.08
CA SER E 57 2.03 16.78 52.89
C SER E 57 1.62 17.45 54.20
N ALA E 58 1.14 16.64 55.16
CA ALA E 58 0.67 17.17 56.44
C ALA E 58 1.84 17.43 57.38
N LEU E 59 2.96 16.75 57.12
CA LEU E 59 4.18 17.04 57.83
C LEU E 59 4.45 18.53 57.72
N GLY E 60 5.09 19.11 58.75
CA GLY E 60 5.58 20.48 58.64
C GLY E 60 6.59 20.54 57.49
N ALA E 61 6.64 21.67 56.78
CA ALA E 61 7.53 21.77 55.63
C ALA E 61 8.97 21.51 56.02
N ALA E 62 9.37 22.06 57.17
CA ALA E 62 10.72 21.91 57.67
C ALA E 62 11.16 20.45 57.79
N GLU E 63 10.22 19.57 58.07
CA GLU E 63 10.50 18.14 58.17
C GLU E 63 10.83 17.51 56.82
N ARG E 64 9.97 17.71 55.83
CA ARG E 64 10.29 17.26 54.48
C ARG E 64 11.67 17.80 54.11
N GLY E 65 11.94 19.03 54.54
CA GLY E 65 13.22 19.66 54.26
C GLY E 65 14.37 18.87 54.83
N ARG E 66 14.28 18.59 56.14
CA ARG E 66 15.32 17.85 56.85
C ARG E 66 15.65 16.51 56.20
N LEU E 67 14.64 15.75 55.83
CA LEU E 67 14.87 14.47 55.15
C LEU E 67 15.65 14.63 53.83
N LEU E 68 15.20 15.56 52.99
CA LEU E 68 15.96 15.87 51.79
C LEU E 68 17.41 16.19 52.15
N LEU E 69 17.60 16.98 53.19
CA LEU E 69 18.94 17.38 53.61
C LEU E 69 19.80 16.20 53.99
N LYS E 70 19.23 15.23 54.69
CA LYS E 70 19.98 14.05 55.13
C LYS E 70 20.28 13.18 53.92
N LEU E 71 19.27 12.99 53.08
CA LEU E 71 19.49 12.27 51.82
C LEU E 71 20.69 12.82 51.07
N ALA E 72 20.85 14.13 51.06
CA ALA E 72 21.99 14.72 50.38
C ALA E 72 23.32 14.29 51.01
N ASP E 73 23.43 14.43 52.33
CA ASP E 73 24.63 13.99 53.05
C ASP E 73 24.87 12.50 52.78
N ARG E 74 23.79 11.74 52.84
CA ARG E 74 23.85 10.30 52.69
C ARG E 74 24.36 9.88 51.31
N ILE E 75 23.89 10.59 50.29
CA ILE E 75 24.34 10.34 48.92
C ILE E 75 25.85 10.55 48.82
N GLU E 76 26.38 11.49 49.58
CA GLU E 76 27.82 11.79 49.54
C GLU E 76 28.65 10.77 50.32
N GLU E 77 28.08 10.23 51.38
CA GLU E 77 28.69 9.11 52.09
C GLU E 77 28.84 7.93 51.13
N CYS E 78 27.80 7.59 50.40
CA CYS E 78 27.90 6.53 49.41
C CYS E 78 28.44 7.02 48.07
N SER E 79 29.23 8.09 48.11
CA SER E 79 29.75 8.73 46.90
C SER E 79 30.27 7.71 45.86
N GLU E 80 31.19 6.85 46.28
CA GLU E 80 31.84 5.95 45.35
C GLU E 80 30.92 4.80 44.94
N GLU E 81 30.27 4.22 45.93
CA GLU E 81 29.31 3.15 45.66
C GLU E 81 28.40 3.55 44.51
N LEU E 82 27.91 4.79 44.54
CA LEU E 82 27.04 5.29 43.48
C LEU E 82 27.78 5.61 42.19
N ALA E 83 28.85 6.41 42.27
CA ALA E 83 29.54 6.82 41.06
C ALA E 83 29.85 5.61 40.21
N GLN E 84 30.15 4.51 40.90
CA GLN E 84 30.53 3.25 40.28
C GLN E 84 29.35 2.53 39.63
N LEU E 85 28.25 2.42 40.38
CA LEU E 85 27.04 1.85 39.88
C LEU E 85 26.55 2.60 38.65
N GLU E 86 26.62 3.93 38.69
CA GLU E 86 26.16 4.75 37.57
C GLU E 86 27.05 4.57 36.35
N SER E 87 28.34 4.78 36.51
CA SER E 87 29.23 4.76 35.36
C SER E 87 29.22 3.40 34.69
N LEU E 88 29.07 2.37 35.51
CA LEU E 88 28.94 1.02 34.98
C LEU E 88 27.74 0.87 34.04
N ASN E 89 26.59 1.34 34.48
CA ASN E 89 25.31 1.18 33.80
C ASN E 89 25.18 2.04 32.56
N THR E 90 25.87 3.18 32.54
CA THR E 90 25.61 4.21 31.53
C THR E 90 26.78 4.45 30.62
N GLY E 91 27.96 4.05 31.06
CA GLY E 91 29.17 4.25 30.28
C GLY E 91 29.88 5.56 30.59
N HIS E 92 29.37 6.27 31.58
CA HIS E 92 29.96 7.52 31.97
C HIS E 92 31.31 7.21 32.59
N PRO E 93 32.38 7.82 32.10
CA PRO E 93 33.67 7.61 32.74
C PRO E 93 33.56 7.86 34.24
N ILE E 94 34.30 7.18 35.09
CA ILE E 94 34.27 7.58 36.50
C ILE E 94 34.93 8.92 36.71
N ARG E 95 35.76 9.34 35.77
CA ARG E 95 36.30 10.67 35.84
C ARG E 95 35.13 11.62 36.07
N ASP E 96 34.00 11.28 35.42
CA ASP E 96 32.77 12.08 35.46
C ASP E 96 31.85 11.70 36.63
N SER E 97 31.40 10.45 36.68
CA SER E 97 30.56 9.98 37.79
C SER E 97 31.02 10.41 39.17
N ARG E 98 32.32 10.51 39.38
CA ARG E 98 32.82 10.86 40.70
C ARG E 98 32.78 12.35 40.92
N GLY E 99 33.17 13.11 39.91
CA GLY E 99 33.27 14.55 40.05
C GLY E 99 32.05 15.39 39.64
N LEU E 100 31.18 14.81 38.83
CA LEU E 100 30.02 15.51 38.33
C LEU E 100 28.73 14.83 38.74
N ASP E 101 28.35 13.79 38.01
CA ASP E 101 27.10 13.08 38.28
C ASP E 101 26.75 13.04 39.78
N VAL E 102 27.64 12.56 40.64
CA VAL E 102 27.26 12.39 42.04
C VAL E 102 27.17 13.65 42.89
N PRO E 103 28.22 14.50 42.89
CA PRO E 103 28.14 15.73 43.68
C PRO E 103 26.98 16.65 43.27
N ARG E 104 26.71 16.78 41.96
CA ARG E 104 25.62 17.64 41.50
C ARG E 104 24.26 17.06 41.86
N THR E 105 24.19 15.74 42.04
CA THR E 105 22.94 15.12 42.47
C THR E 105 22.69 15.43 43.92
N ALA E 106 23.73 15.35 44.72
CA ALA E 106 23.60 15.67 46.14
C ALA E 106 23.32 17.16 46.31
N ALA E 107 24.07 18.00 45.62
CA ALA E 107 23.93 19.45 45.72
C ALA E 107 22.52 19.89 45.42
N CYS E 108 21.90 19.24 44.44
CA CYS E 108 20.56 19.58 44.04
C CYS E 108 19.54 19.17 45.11
N PHE E 109 19.70 17.98 45.69
CA PHE E 109 18.83 17.56 46.80
C PHE E 109 18.97 18.47 48.03
N ARG E 110 20.20 18.88 48.30
CA ARG E 110 20.48 19.78 49.41
C ARG E 110 19.84 21.14 49.19
N TYR E 111 19.88 21.63 47.96
CA TYR E 111 19.21 22.90 47.63
C TYR E 111 17.79 22.78 48.03
N PHE E 112 17.11 21.79 47.48
CA PHE E 112 15.67 21.65 47.74
C PHE E 112 15.33 21.26 49.17
N GLY E 113 16.29 20.70 49.89
CA GLY E 113 16.07 20.43 51.29
C GLY E 113 15.92 21.75 52.01
N GLY E 114 16.81 22.69 51.70
CA GLY E 114 16.77 24.00 52.31
C GLY E 114 15.66 24.86 51.75
N MET E 115 14.96 24.35 50.75
CA MET E 115 13.93 25.13 50.06
C MET E 115 12.57 24.84 50.64
N ALA E 116 12.35 23.61 51.09
CA ALA E 116 11.01 23.13 51.42
C ALA E 116 10.20 24.08 52.29
N ASP E 117 10.87 24.76 53.21
CA ASP E 117 10.15 25.63 54.16
C ASP E 117 10.30 27.12 53.86
N LYS E 118 10.60 27.42 52.59
CA LYS E 118 10.76 28.79 52.16
C LYS E 118 9.81 29.07 51.02
N ILE E 119 8.95 28.09 50.73
CA ILE E 119 7.86 28.26 49.78
C ILE E 119 6.73 29.01 50.47
N GLU E 120 6.55 30.28 50.15
CA GLU E 120 5.57 31.10 50.85
C GLU E 120 4.31 31.44 50.05
N GLY E 121 3.19 31.54 50.74
CA GLY E 121 1.95 31.98 50.11
C GLY E 121 1.98 33.48 49.96
N SER E 122 0.83 34.09 49.71
CA SER E 122 0.81 35.55 49.71
C SER E 122 -0.53 36.07 50.25
N VAL E 123 -0.52 37.31 50.75
CA VAL E 123 -1.73 37.98 51.22
C VAL E 123 -2.10 39.16 50.31
N ILE E 124 -3.22 39.05 49.61
CA ILE E 124 -3.63 40.03 48.60
C ILE E 124 -4.29 41.29 49.18
N PRO E 125 -3.87 42.48 48.71
CA PRO E 125 -4.53 43.72 49.11
C PRO E 125 -5.89 43.72 48.41
N VAL E 126 -6.94 43.87 49.19
CA VAL E 126 -8.24 43.57 48.63
C VAL E 126 -9.31 44.49 49.25
N ASP E 127 -10.53 44.42 48.73
CA ASP E 127 -11.62 45.29 49.13
C ASP E 127 -11.53 45.49 50.64
N ALA E 128 -11.89 46.67 51.13
CA ALA E 128 -11.81 46.94 52.56
C ALA E 128 -12.73 45.99 53.34
N GLY E 129 -12.29 45.54 54.51
CA GLY E 129 -13.08 44.62 55.33
C GLY E 129 -12.89 43.13 55.04
N PHE E 130 -12.35 42.81 53.86
CA PHE E 130 -12.00 41.41 53.55
C PHE E 130 -10.54 41.08 53.85
N LEU E 131 -10.29 39.78 54.02
CA LEU E 131 -8.94 39.27 54.18
C LEU E 131 -8.70 38.13 53.21
N ASN E 132 -7.85 38.36 52.20
CA ASN E 132 -7.64 37.36 51.17
C ASN E 132 -6.22 36.80 51.22
N TYR E 133 -6.06 35.64 51.85
CA TYR E 133 -4.76 34.95 51.81
C TYR E 133 -4.78 33.74 50.88
N VAL E 134 -3.65 33.54 50.19
CA VAL E 134 -3.54 32.49 49.18
C VAL E 134 -2.45 31.50 49.57
N GLN E 135 -2.86 30.30 49.98
CA GLN E 135 -1.88 29.31 50.39
C GLN E 135 -1.25 28.66 49.17
N ARG E 136 -0.03 28.17 49.31
CA ARG E 136 0.61 27.43 48.22
C ARG E 136 0.77 25.96 48.67
N LYS E 137 0.01 25.06 48.05
CA LYS E 137 -0.12 23.68 48.50
C LYS E 137 0.32 22.63 47.47
N PRO E 138 0.72 21.46 47.95
CA PRO E 138 1.16 20.41 47.04
C PRO E 138 0.08 20.12 46.01
N ILE E 139 0.36 19.26 45.05
CA ILE E 139 -0.52 19.00 43.93
C ILE E 139 -1.18 17.66 44.15
N GLY E 140 -0.44 16.76 44.76
CA GLY E 140 -0.92 15.42 45.01
C GLY E 140 0.10 14.41 44.54
N VAL E 141 -0.37 13.40 43.83
CA VAL E 141 0.51 12.40 43.27
C VAL E 141 1.09 12.94 41.99
N VAL E 142 2.42 13.03 41.97
CA VAL E 142 3.14 13.50 40.79
C VAL E 142 3.82 12.35 40.07
N ALA E 143 3.61 12.24 38.76
CA ALA E 143 4.28 11.21 37.95
C ALA E 143 5.46 11.80 37.21
N GLN E 144 6.62 11.16 37.31
CA GLN E 144 7.79 11.67 36.61
C GLN E 144 8.44 10.59 35.73
N ILE E 145 8.77 10.95 34.49
CA ILE E 145 9.39 10.05 33.52
C ILE E 145 10.70 10.64 33.02
N VAL E 146 11.81 9.88 33.09
CA VAL E 146 13.11 10.44 32.70
C VAL E 146 13.80 9.64 31.61
N PRO E 147 14.80 10.23 30.94
CA PRO E 147 15.58 9.48 29.97
C PRO E 147 16.79 8.90 30.66
N TRP E 148 17.79 8.51 29.87
CA TRP E 148 18.91 7.71 30.37
C TRP E 148 20.26 8.39 30.25
N ASN E 149 20.28 9.67 29.95
CA ASN E 149 21.56 10.34 29.82
C ASN E 149 22.17 10.77 31.13
N PHE E 150 21.36 11.20 32.08
CA PHE E 150 21.86 11.50 33.42
C PHE E 150 20.98 10.88 34.48
N PRO E 151 20.82 9.54 34.43
CA PRO E 151 19.86 8.83 35.26
C PRO E 151 19.93 9.29 36.71
N LEU E 152 21.15 9.41 37.23
CA LEU E 152 21.36 9.77 38.63
C LEU E 152 21.06 11.24 38.94
N MET E 153 21.57 12.15 38.11
CA MET E 153 21.30 13.56 38.30
C MET E 153 19.81 13.85 38.25
N PHE E 154 19.10 13.21 37.32
CA PHE E 154 17.66 13.45 37.14
C PHE E 154 16.85 13.16 38.39
N THR E 155 17.27 12.16 39.16
CA THR E 155 16.55 11.87 40.38
C THR E 155 16.48 13.15 41.25
N SER E 156 17.57 13.90 41.30
CA SER E 156 17.58 15.10 42.12
C SER E 156 16.86 16.25 41.42
N TRP E 157 17.07 16.39 40.12
CA TRP E 157 16.44 17.46 39.37
C TRP E 157 14.92 17.40 39.46
N LYS E 158 14.39 16.17 39.47
CA LYS E 158 12.95 15.94 39.33
C LYS E 158 12.26 15.75 40.67
N MET E 159 12.79 14.88 41.51
CA MET E 159 12.14 14.60 42.79
C MET E 159 12.45 15.66 43.84
N GLY E 160 13.60 16.31 43.67
CA GLY E 160 14.01 17.36 44.58
C GLY E 160 12.95 18.41 44.84
N PRO E 161 12.47 19.09 43.80
CA PRO E 161 11.38 20.06 43.91
C PRO E 161 10.07 19.42 44.36
N ALA E 162 9.66 18.36 43.67
CA ALA E 162 8.36 17.77 43.90
C ALA E 162 8.19 17.34 45.35
N LEU E 163 9.24 16.77 45.92
CA LEU E 163 9.18 16.34 47.32
C LEU E 163 9.17 17.52 48.29
N ALA E 164 10.11 18.44 48.15
CA ALA E 164 10.11 19.62 48.98
C ALA E 164 8.72 20.25 49.08
N ALA E 165 8.05 20.36 47.93
CA ALA E 165 6.74 21.03 47.84
C ALA E 165 5.66 20.28 48.61
N GLY E 166 5.91 19.01 48.90
CA GLY E 166 4.97 18.18 49.63
C GLY E 166 4.23 17.16 48.80
N ASN E 167 4.63 17.01 47.54
CA ASN E 167 3.98 16.03 46.68
C ASN E 167 4.50 14.64 46.99
N THR E 168 3.85 13.67 46.40
CA THR E 168 4.23 12.29 46.58
C THR E 168 4.52 11.76 45.16
N ILE E 169 5.49 10.87 45.01
CA ILE E 169 6.03 10.61 43.68
C ILE E 169 5.95 9.19 43.15
N VAL E 170 5.69 9.07 41.86
CA VAL E 170 5.84 7.81 41.14
C VAL E 170 6.69 8.03 39.89
N ILE E 171 7.91 7.47 39.87
CA ILE E 171 8.89 7.81 38.85
C ILE E 171 9.36 6.62 38.02
N LYS E 172 9.36 6.81 36.70
CA LYS E 172 9.77 5.76 35.79
C LYS E 172 11.05 6.12 35.06
N PRO E 173 12.21 5.59 35.52
CA PRO E 173 13.47 5.84 34.80
C PRO E 173 13.50 5.07 33.50
N SER E 174 14.59 5.11 32.76
CA SER E 174 14.67 4.38 31.51
C SER E 174 14.90 2.90 31.76
N GLU E 175 14.15 2.05 31.06
CA GLU E 175 14.43 0.63 31.07
C GLU E 175 15.94 0.41 30.95
N ILE E 176 16.62 1.34 30.28
CA ILE E 176 18.06 1.24 29.99
C ILE E 176 18.98 1.57 31.16
N THR E 177 18.61 2.54 31.99
CA THR E 177 19.47 2.95 33.09
C THR E 177 18.73 3.14 34.42
N PRO E 178 18.13 2.07 34.94
CA PRO E 178 17.29 2.14 36.14
C PRO E 178 18.12 1.98 37.38
N LEU E 179 19.23 1.29 37.27
CA LEU E 179 19.93 0.83 38.47
C LEU E 179 20.29 1.97 39.39
N SER E 180 20.79 3.04 38.80
CA SER E 180 21.25 4.19 39.55
C SER E 180 20.11 4.69 40.45
N THR E 181 18.94 4.92 39.87
CA THR E 181 17.88 5.55 40.62
C THR E 181 17.21 4.60 41.61
N LEU E 182 17.30 3.29 41.40
CA LEU E 182 16.72 2.32 42.34
C LEU E 182 17.43 2.33 43.67
N ARG E 183 18.75 2.42 43.64
CA ARG E 183 19.55 2.58 44.85
C ARG E 183 19.16 3.88 45.57
N ILE E 184 18.87 4.93 44.81
CA ILE E 184 18.52 6.19 45.42
C ILE E 184 17.30 6.05 46.32
N VAL E 185 16.25 5.39 45.85
CA VAL E 185 15.04 5.20 46.67
C VAL E 185 15.37 4.46 47.95
N GLU E 186 16.23 3.44 47.85
CA GLU E 186 16.62 2.70 49.04
C GLU E 186 17.26 3.69 50.01
N LEU E 187 18.19 4.48 49.49
CA LEU E 187 18.81 5.53 50.30
C LEU E 187 17.77 6.45 50.94
N MET E 188 16.70 6.74 50.22
CA MET E 188 15.69 7.61 50.76
C MET E 188 15.13 6.97 52.00
N THR E 189 14.52 5.80 51.87
CA THR E 189 13.89 5.21 53.05
C THR E 189 14.91 4.88 54.17
N GLU E 190 16.15 4.57 53.79
CA GLU E 190 17.25 4.47 54.78
C GLU E 190 17.39 5.72 55.64
N VAL E 191 17.07 6.87 55.07
CA VAL E 191 17.28 8.16 55.72
C VAL E 191 16.00 8.63 56.42
N GLY E 192 14.89 7.96 56.16
CA GLY E 192 13.69 8.22 56.93
C GLY E 192 12.47 8.63 56.12
N PHE E 193 12.54 8.44 54.82
CA PHE E 193 11.39 8.79 54.00
C PHE E 193 10.30 7.76 54.23
N PRO E 194 9.07 8.22 54.58
CA PRO E 194 7.94 7.30 54.70
C PRO E 194 7.77 6.38 53.49
N LYS E 195 7.25 5.19 53.75
CA LYS E 195 6.94 4.27 52.67
C LYS E 195 5.86 4.90 51.80
N GLY E 196 6.01 4.72 50.49
CA GLY E 196 4.98 5.13 49.59
C GLY E 196 5.14 6.55 49.12
N VAL E 197 5.98 7.33 49.80
CA VAL E 197 6.21 8.73 49.41
C VAL E 197 6.99 8.81 48.12
N VAL E 198 7.85 7.82 47.90
CA VAL E 198 8.49 7.66 46.60
C VAL E 198 8.39 6.22 46.07
N ASN E 199 8.06 6.10 44.79
CA ASN E 199 7.83 4.81 44.16
C ASN E 199 8.53 4.73 42.80
N VAL E 200 9.48 3.82 42.67
CA VAL E 200 10.19 3.65 41.41
C VAL E 200 9.69 2.44 40.64
N VAL E 201 9.48 2.65 39.35
CA VAL E 201 8.75 1.71 38.53
C VAL E 201 9.39 1.58 37.13
N PRO E 202 10.63 1.07 37.05
CA PRO E 202 11.32 0.96 35.76
C PRO E 202 10.53 0.06 34.83
N GLY E 203 10.55 0.33 33.53
CA GLY E 203 9.74 -0.43 32.59
C GLY E 203 9.69 0.23 31.23
N TYR E 204 9.20 -0.50 30.22
CA TYR E 204 9.19 0.06 28.88
C TYR E 204 8.40 1.35 28.84
N GLY E 205 8.58 2.12 27.78
CA GLY E 205 7.89 3.38 27.64
C GLY E 205 6.41 3.21 27.43
N HIS E 206 6.02 2.31 26.52
CA HIS E 206 4.62 2.09 26.13
C HIS E 206 3.79 1.26 27.14
N THR E 207 4.46 0.68 28.13
CA THR E 207 3.76 0.02 29.20
C THR E 207 3.71 0.92 30.43
N ALA E 208 4.79 0.97 31.19
CA ALA E 208 4.81 1.77 32.41
C ALA E 208 4.55 3.22 32.08
N GLY E 209 5.38 3.79 31.22
CA GLY E 209 5.24 5.19 30.85
C GLY E 209 3.86 5.64 30.43
N GLN E 210 3.22 4.93 29.51
CA GLN E 210 1.87 5.27 29.07
C GLN E 210 0.84 5.13 30.19
N ALA E 211 0.86 3.97 30.86
CA ALA E 211 -0.09 3.73 31.95
C ALA E 211 0.01 4.83 33.00
N LEU E 212 1.21 5.40 33.14
CA LEU E 212 1.49 6.42 34.12
C LEU E 212 0.90 7.75 33.68
N ALA E 213 1.16 8.14 32.44
CA ALA E 213 0.67 9.41 31.93
C ALA E 213 -0.84 9.46 31.76
N GLU E 214 -1.46 8.28 31.65
CA GLU E 214 -2.91 8.21 31.54
C GLU E 214 -3.65 8.13 32.89
N HIS E 215 -2.93 7.78 33.96
CA HIS E 215 -3.55 7.43 35.23
C HIS E 215 -4.40 8.56 35.76
N LEU E 216 -5.52 8.22 36.39
CA LEU E 216 -6.53 9.23 36.76
C LEU E 216 -6.36 9.83 38.14
N ASP E 217 -5.43 9.27 38.93
CA ASP E 217 -5.13 9.74 40.27
C ASP E 217 -3.84 10.56 40.27
N VAL E 218 -3.23 10.66 39.09
CA VAL E 218 -2.00 11.43 38.92
C VAL E 218 -2.33 12.87 38.53
N GLY E 219 -1.93 13.82 39.39
CA GLY E 219 -2.33 15.20 39.23
C GLY E 219 -1.49 16.04 38.30
N LYS E 220 -0.28 15.57 37.99
CA LYS E 220 0.65 16.26 37.09
C LYS E 220 1.65 15.25 36.59
N ILE E 221 2.04 15.38 35.33
CA ILE E 221 3.02 14.47 34.75
C ILE E 221 4.21 15.31 34.29
N ALA E 222 5.40 15.01 34.80
CA ALA E 222 6.61 15.75 34.43
C ALA E 222 7.51 14.89 33.59
N PHE E 223 7.69 15.28 32.34
CA PHE E 223 8.38 14.43 31.38
C PHE E 223 9.61 15.11 30.85
N THR E 224 10.70 14.35 30.80
CA THR E 224 11.92 14.76 30.10
C THR E 224 12.24 13.73 29.03
N GLY E 225 12.35 14.16 27.78
CA GLY E 225 12.49 13.22 26.69
C GLY E 225 12.55 13.85 25.31
N SER E 226 12.05 13.14 24.29
CA SER E 226 12.11 13.64 22.92
C SER E 226 10.85 14.39 22.58
N THR E 227 10.93 15.28 21.62
CA THR E 227 9.74 15.97 21.16
C THR E 227 8.67 14.98 20.68
N ALA E 228 9.09 13.94 19.96
CA ALA E 228 8.16 12.93 19.46
C ALA E 228 7.31 12.35 20.60
N THR E 229 7.98 11.97 21.69
CA THR E 229 7.33 11.30 22.81
C THR E 229 6.51 12.27 23.63
N GLY E 230 6.94 13.53 23.62
CA GLY E 230 6.25 14.58 24.34
C GLY E 230 4.81 14.75 23.91
N ARG E 231 4.56 14.55 22.63
CA ARG E 231 3.20 14.55 22.15
C ARG E 231 2.35 13.35 22.60
N ARG E 232 2.96 12.19 22.86
CA ARG E 232 2.19 11.06 23.35
C ARG E 232 1.80 11.29 24.80
N ILE E 233 2.59 12.12 25.49
CA ILE E 233 2.33 12.51 26.87
C ILE E 233 1.16 13.49 26.93
N VAL E 234 1.19 14.47 26.02
CA VAL E 234 0.12 15.42 25.92
C VAL E 234 -1.20 14.72 25.66
N GLU E 235 -1.20 13.78 24.72
CA GLU E 235 -2.38 12.95 24.44
C GLU E 235 -2.88 12.22 25.69
N ALA E 236 -1.97 11.61 26.44
CA ALA E 236 -2.35 10.85 27.60
C ALA E 236 -3.03 11.74 28.65
N SER E 237 -2.53 12.96 28.82
CA SER E 237 -2.99 13.84 29.90
C SER E 237 -4.46 14.25 29.76
N LYS E 238 -5.00 14.15 28.55
CA LYS E 238 -6.39 14.55 28.35
C LYS E 238 -7.39 13.66 29.12
N SER E 239 -6.88 12.58 29.71
CA SER E 239 -7.73 11.66 30.48
C SER E 239 -8.35 12.31 31.71
N ASN E 240 -7.51 13.03 32.48
CA ASN E 240 -7.99 13.74 33.65
C ASN E 240 -7.43 15.14 33.69
N LEU E 241 -6.99 15.62 32.52
CA LEU E 241 -6.43 16.97 32.38
C LEU E 241 -5.38 17.27 33.43
N LYS E 242 -4.47 16.33 33.63
CA LYS E 242 -3.38 16.50 34.57
C LYS E 242 -2.42 17.57 34.05
N ARG E 243 -1.71 18.27 34.95
CA ARG E 243 -0.78 19.30 34.54
C ARG E 243 0.39 18.63 33.87
N ILE E 244 1.09 19.39 33.02
CA ILE E 244 2.22 18.87 32.25
C ILE E 244 3.47 19.74 32.34
N GLN E 245 4.63 19.09 32.47
CA GLN E 245 5.92 19.75 32.34
C GLN E 245 6.65 19.01 31.23
N LEU E 246 7.22 19.73 30.29
CA LEU E 246 7.91 19.10 29.21
C LEU E 246 9.32 19.65 29.04
N GLU E 247 10.29 18.76 29.13
CA GLU E 247 11.61 19.19 28.84
C GLU E 247 12.07 18.39 27.69
N LEU E 248 11.46 18.60 26.55
CA LEU E 248 11.95 18.05 25.29
C LEU E 248 13.26 18.72 25.13
N GLY E 249 14.22 18.15 24.44
CA GLY E 249 15.47 18.90 24.31
C GLY E 249 15.79 19.36 22.92
N GLY E 250 16.99 19.84 22.63
CA GLY E 250 17.22 20.20 21.24
C GLY E 250 18.63 20.57 20.88
N LYS E 251 18.82 21.02 19.66
CA LYS E 251 20.12 21.14 19.04
C LYS E 251 20.62 22.46 19.61
N GLY E 252 21.61 22.40 20.49
CA GLY E 252 22.16 23.58 21.12
C GLY E 252 23.24 24.18 20.24
N ALA E 253 23.15 25.48 19.99
CA ALA E 253 24.15 26.17 19.17
C ALA E 253 25.33 26.71 19.99
N ASN E 254 26.48 26.86 19.35
CA ASN E 254 27.70 27.28 20.04
C ASN E 254 28.50 28.19 19.12
N ILE E 255 28.22 29.49 19.20
CA ILE E 255 28.84 30.49 18.33
C ILE E 255 30.20 31.03 18.81
N VAL E 256 31.16 31.10 17.88
CA VAL E 256 32.47 31.67 18.17
C VAL E 256 32.74 32.88 17.29
N PHE E 257 32.69 34.07 17.85
CA PHE E 257 32.99 35.28 17.11
C PHE E 257 34.48 35.55 16.92
N GLU E 258 34.81 36.51 16.07
CA GLU E 258 36.18 36.82 15.73
C GLU E 258 37.02 37.20 16.94
N ASP E 259 36.41 37.87 17.91
CA ASP E 259 37.16 38.38 19.02
C ASP E 259 37.15 37.46 20.23
N ALA E 260 36.95 36.17 19.99
CA ALA E 260 36.85 35.22 21.10
C ALA E 260 38.21 34.86 21.63
N ASN E 261 38.25 34.42 22.88
CA ASN E 261 39.47 33.86 23.41
C ASN E 261 39.50 32.42 22.96
N ILE E 262 40.12 32.19 21.81
CA ILE E 262 40.04 30.92 21.11
C ILE E 262 40.56 29.68 21.87
N GLU E 263 41.52 29.84 22.77
CA GLU E 263 41.91 28.71 23.60
C GLU E 263 40.70 28.30 24.43
N ALA E 264 40.13 29.26 25.18
CA ALA E 264 39.02 28.97 26.10
C ALA E 264 37.82 28.44 25.38
N ALA E 265 37.62 28.90 24.15
CA ALA E 265 36.46 28.49 23.36
C ALA E 265 36.62 27.09 22.83
N VAL E 266 37.83 26.71 22.45
CA VAL E 266 38.06 25.34 21.99
C VAL E 266 37.82 24.39 23.14
N ASN E 267 38.29 24.72 24.33
CA ASN E 267 38.11 23.86 25.51
C ASN E 267 36.66 23.78 25.99
N GLY E 268 35.95 24.90 25.92
CA GLY E 268 34.55 24.93 26.23
C GLY E 268 33.78 24.14 25.21
N ALA E 269 33.95 24.48 23.93
CA ALA E 269 33.25 23.79 22.85
C ALA E 269 33.48 22.29 22.87
N ALA E 270 34.67 21.85 23.24
CA ALA E 270 34.97 20.42 23.30
C ALA E 270 34.28 19.80 24.49
N TRP E 271 34.26 20.51 25.61
CA TRP E 271 33.54 20.03 26.78
C TRP E 271 32.05 20.00 26.50
N ALA E 272 31.57 21.00 25.80
CA ALA E 272 30.16 21.12 25.47
C ALA E 272 29.58 19.90 24.78
N ILE E 273 30.18 19.49 23.67
CA ILE E 273 29.61 18.41 22.89
C ILE E 273 30.14 17.03 23.27
N PHE E 274 31.36 16.93 23.75
CA PHE E 274 31.95 15.62 23.96
C PHE E 274 31.82 15.09 25.37
N HIS E 275 31.71 15.97 26.35
CA HIS E 275 31.45 15.48 27.70
C HIS E 275 30.15 14.69 27.71
N ASN E 276 30.12 13.66 28.52
CA ASN E 276 28.97 12.76 28.57
C ASN E 276 28.69 12.17 27.20
N GLN E 277 29.75 11.84 26.49
CA GLN E 277 29.66 11.19 25.19
C GLN E 277 28.58 11.80 24.29
N GLY E 278 28.43 13.12 24.35
CA GLY E 278 27.53 13.84 23.46
C GLY E 278 26.06 13.69 23.77
N GLN E 279 25.73 12.76 24.65
CA GLN E 279 24.36 12.49 25.06
C GLN E 279 23.87 13.52 26.06
N ALA E 280 24.16 14.78 25.79
CA ALA E 280 23.61 15.85 26.58
C ALA E 280 22.55 16.56 25.76
N CYS E 281 21.43 16.86 26.41
CA CYS E 281 20.36 17.61 25.78
C CYS E 281 20.83 19.01 25.40
N ILE E 282 21.58 19.63 26.32
CA ILE E 282 22.15 20.96 26.14
C ILE E 282 23.36 20.98 25.21
N ALA E 283 23.99 19.80 25.05
CA ALA E 283 25.15 19.63 24.19
C ALA E 283 25.21 20.48 22.93
N GLY E 284 26.31 21.21 22.77
CA GLY E 284 26.45 22.10 21.63
C GLY E 284 26.73 21.34 20.34
N SER E 285 25.70 20.70 19.78
CA SER E 285 25.87 19.87 18.59
C SER E 285 25.80 20.66 17.30
N ARG E 286 26.04 21.96 17.41
CA ARG E 286 26.16 22.84 16.25
C ARG E 286 27.17 23.94 16.49
N LEU E 287 28.35 23.80 15.90
CA LEU E 287 29.38 24.84 15.96
C LEU E 287 29.10 25.89 14.91
N ILE E 288 29.40 27.14 15.22
CA ILE E 288 29.15 28.27 14.33
C ILE E 288 30.33 29.27 14.43
N LEU E 289 31.22 29.26 13.42
CA LEU E 289 32.49 29.95 13.53
C LEU E 289 32.63 31.11 12.58
N HIS E 290 33.19 32.21 13.05
CA HIS E 290 33.46 33.35 12.19
C HIS E 290 34.55 33.02 11.18
N LYS E 291 34.38 33.50 9.94
CA LYS E 291 35.35 33.25 8.88
C LYS E 291 36.81 33.43 9.31
N ASP E 292 37.12 34.59 9.89
CA ASP E 292 38.50 34.96 10.21
C ASP E 292 39.19 34.05 11.24
N ILE E 293 38.40 33.31 12.02
CA ILE E 293 38.99 32.48 13.07
C ILE E 293 38.59 31.02 12.92
N ALA E 294 37.83 30.72 11.87
CA ALA E 294 37.34 29.36 11.66
C ALA E 294 38.47 28.36 11.53
N ASP E 295 39.38 28.64 10.62
CA ASP E 295 40.52 27.76 10.37
C ASP E 295 41.35 27.57 11.63
N GLN E 296 41.78 28.69 12.22
CA GLN E 296 42.62 28.66 13.41
C GLN E 296 42.00 27.89 14.57
N PHE E 297 40.66 27.86 14.59
CA PHE E 297 39.90 27.20 15.65
C PHE E 297 39.94 25.70 15.45
N LEU E 298 39.53 25.27 14.28
CA LEU E 298 39.49 23.85 13.95
C LEU E 298 40.86 23.18 14.09
N GLU E 299 41.95 23.86 13.73
CA GLU E 299 43.30 23.33 13.90
C GLU E 299 43.46 22.84 15.34
N ARG E 300 43.18 23.74 16.28
CA ARG E 300 43.29 23.43 17.72
C ARG E 300 42.21 22.46 18.17
N PHE E 301 40.99 22.62 17.65
CA PHE E 301 39.87 21.81 18.07
C PHE E 301 40.00 20.37 17.58
N ILE E 302 40.12 20.19 16.28
CA ILE E 302 40.26 18.85 15.73
C ILE E 302 41.41 18.10 16.38
N ALA E 303 42.54 18.77 16.61
CA ALA E 303 43.68 18.17 17.30
C ALA E 303 43.24 17.62 18.63
N LEU E 304 42.52 18.43 19.40
CA LEU E 304 42.02 18.02 20.71
C LEU E 304 41.07 16.84 20.60
N ALA E 305 40.20 16.86 19.59
CA ALA E 305 39.22 15.80 19.37
C ALA E 305 39.89 14.45 19.19
N LYS E 306 40.86 14.37 18.28
CA LYS E 306 41.50 13.11 17.97
C LYS E 306 42.29 12.58 19.17
N SER E 307 42.64 13.46 20.10
CA SER E 307 43.46 13.10 21.26
C SER E 307 42.64 12.93 22.52
N ILE E 308 41.51 12.23 22.40
CA ILE E 308 40.63 12.03 23.53
C ILE E 308 40.65 10.56 23.94
N ARG E 309 41.12 10.30 25.15
CA ARG E 309 41.25 8.92 25.63
C ARG E 309 39.90 8.27 25.70
N LEU E 310 39.54 7.53 24.66
CA LEU E 310 38.24 6.90 24.58
C LEU E 310 38.38 5.46 25.02
N GLY E 311 37.55 5.03 25.98
CA GLY E 311 37.60 3.65 26.43
C GLY E 311 36.83 3.27 27.69
N ASP E 312 37.21 2.15 28.28
CA ASP E 312 36.54 1.56 29.44
C ASP E 312 36.10 2.60 30.46
N PRO E 313 34.78 2.70 30.69
CA PRO E 313 34.23 3.68 31.61
C PRO E 313 34.86 3.58 32.98
N MET E 314 35.32 2.39 33.35
CA MET E 314 35.80 2.15 34.71
C MET E 314 37.23 2.60 34.91
N ASP E 315 37.86 3.07 33.83
CA ASP E 315 39.25 3.52 33.91
C ASP E 315 39.29 4.99 34.30
N PRO E 316 39.85 5.28 35.47
CA PRO E 316 39.95 6.65 36.00
C PRO E 316 40.59 7.58 35.02
N GLU E 317 41.25 7.02 34.02
CA GLU E 317 41.91 7.82 33.01
C GLU E 317 41.14 7.90 31.71
N THR E 318 39.98 7.26 31.66
CA THR E 318 39.10 7.40 30.51
C THR E 318 38.45 8.79 30.49
N GLU E 319 38.55 9.46 29.36
CA GLU E 319 38.03 10.80 29.17
C GLU E 319 36.62 10.76 28.59
N MET E 320 36.35 9.79 27.71
CA MET E 320 35.04 9.60 27.07
C MET E 320 34.72 8.10 26.94
N GLY E 321 33.47 7.74 27.22
CA GLY E 321 33.05 6.35 27.15
C GLY E 321 32.15 6.06 25.96
N PRO E 322 31.37 4.99 26.07
CA PRO E 322 30.46 4.49 25.03
C PRO E 322 29.11 5.18 25.07
N LEU E 323 28.31 4.98 24.02
CA LEU E 323 26.93 5.38 24.07
C LEU E 323 26.20 4.35 24.95
N THR E 324 25.11 4.75 25.61
CA THR E 324 24.50 3.92 26.64
C THR E 324 23.64 2.76 26.09
N SER E 325 23.26 2.83 24.81
CA SER E 325 22.48 1.75 24.21
C SER E 325 22.98 1.37 22.84
N ALA E 326 22.79 0.11 22.48
CA ALA E 326 23.21 -0.37 21.19
C ALA E 326 22.41 0.37 20.14
N LEU E 327 21.10 0.38 20.30
CA LEU E 327 20.18 1.03 19.36
C LEU E 327 20.72 2.42 19.10
N ARG E 328 21.32 3.00 20.11
CA ARG E 328 21.84 4.36 19.99
C ARG E 328 23.06 4.41 19.08
N ARG E 329 24.09 3.64 19.39
CA ARG E 329 25.27 3.64 18.55
C ARG E 329 24.86 3.54 17.09
N ASP E 330 23.88 2.70 16.77
CA ASP E 330 23.41 2.56 15.40
C ASP E 330 22.80 3.86 14.93
N ARG E 331 21.95 4.45 15.78
CA ARG E 331 21.29 5.69 15.45
C ARG E 331 22.30 6.72 15.00
N VAL E 332 23.30 6.96 15.85
CA VAL E 332 24.30 7.98 15.58
C VAL E 332 25.06 7.70 14.28
N LEU E 333 25.45 6.46 14.07
CA LEU E 333 26.24 6.12 12.90
C LEU E 333 25.48 6.34 11.61
N SER E 334 24.19 6.06 11.60
CA SER E 334 23.40 6.32 10.40
C SER E 334 23.33 7.82 10.16
N TYR E 335 23.24 8.60 11.24
CA TYR E 335 23.23 10.05 11.09
C TYR E 335 24.51 10.54 10.45
N ILE E 336 25.60 9.84 10.72
CA ILE E 336 26.89 10.19 10.14
C ILE E 336 26.90 9.93 8.65
N ASP E 337 26.51 8.72 8.26
CA ASP E 337 26.46 8.35 6.85
C ASP E 337 25.63 9.36 6.09
N ILE E 338 24.59 9.83 6.78
CA ILE E 338 23.63 10.78 6.23
C ILE E 338 24.28 12.13 5.96
N ALA E 339 25.01 12.62 6.93
CA ALA E 339 25.70 13.88 6.77
C ALA E 339 26.62 13.84 5.56
N ILE E 340 27.15 12.66 5.24
CA ILE E 340 28.04 12.54 4.09
C ILE E 340 27.31 12.56 2.77
N GLU E 341 26.18 11.86 2.71
CA GLU E 341 25.32 11.84 1.54
C GLU E 341 24.85 13.25 1.14
N GLN E 342 24.95 14.18 2.07
CA GLN E 342 24.58 15.55 1.79
C GLN E 342 25.80 16.45 1.61
N GLY E 343 26.97 15.81 1.39
CA GLY E 343 28.19 16.50 1.05
C GLY E 343 28.98 16.98 2.24
N GLY E 344 28.86 16.27 3.35
CA GLY E 344 29.58 16.62 4.57
C GLY E 344 31.03 16.17 4.54
N LYS E 345 31.94 17.04 4.98
CA LYS E 345 33.37 16.71 4.98
C LYS E 345 33.79 16.37 6.39
N VAL E 346 33.81 15.09 6.71
CA VAL E 346 34.17 14.63 8.05
C VAL E 346 35.61 14.95 8.48
N LEU E 347 35.75 15.87 9.43
CA LEU E 347 37.05 16.43 9.80
C LEU E 347 37.78 15.67 10.92
N ALA E 348 37.05 14.85 11.67
CA ALA E 348 37.66 14.06 12.74
C ALA E 348 36.74 12.91 13.13
N GLY E 349 37.34 11.82 13.58
CA GLY E 349 36.58 10.61 13.86
C GLY E 349 35.73 10.19 12.67
N GLY E 350 34.52 9.73 12.93
CA GLY E 350 33.61 9.43 11.85
C GLY E 350 33.05 8.03 11.89
N LYS E 351 33.76 7.11 12.54
CA LYS E 351 33.24 5.76 12.71
C LYS E 351 33.64 5.17 14.04
N ALA E 352 33.23 3.93 14.30
CA ALA E 352 33.57 3.28 15.55
C ALA E 352 35.09 3.19 15.65
N PRO E 353 35.62 2.95 16.87
CA PRO E 353 37.07 2.86 17.01
C PRO E 353 37.52 1.48 16.59
N ASP E 354 38.67 1.40 15.93
CA ASP E 354 39.15 0.12 15.40
C ASP E 354 39.75 -0.75 16.52
N ASP E 355 39.74 -0.23 17.74
CA ASP E 355 40.29 -0.93 18.90
C ASP E 355 39.64 -2.23 19.28
N LYS E 356 40.40 -2.98 20.05
CA LYS E 356 40.06 -4.33 20.45
C LYS E 356 38.90 -4.43 21.44
N ALA E 357 39.18 -4.05 22.70
CA ALA E 357 38.23 -4.15 23.79
C ALA E 357 36.97 -3.40 23.42
N LEU E 358 37.15 -2.35 22.66
CA LEU E 358 36.06 -1.45 22.34
C LEU E 358 35.14 -1.99 21.24
N ALA E 359 35.59 -3.03 20.54
CA ALA E 359 34.80 -3.58 19.45
C ALA E 359 33.54 -4.26 19.98
N ASN E 360 33.51 -4.43 21.30
CA ASN E 360 32.39 -5.08 21.96
C ASN E 360 31.33 -4.14 22.50
N GLY E 361 31.76 -2.94 22.91
CA GLY E 361 30.86 -1.94 23.43
C GLY E 361 30.29 -1.02 22.37
N PHE E 362 29.32 -0.21 22.77
CA PHE E 362 28.66 0.69 21.86
C PHE E 362 29.43 1.99 21.72
N TYR E 363 30.69 1.89 21.31
CA TYR E 363 31.51 3.07 21.16
C TYR E 363 31.39 3.75 19.79
N VAL E 364 31.59 5.07 19.79
CA VAL E 364 31.73 5.87 18.58
C VAL E 364 32.75 6.95 18.91
N GLU E 365 33.58 7.36 17.95
CA GLU E 365 34.62 8.32 18.27
C GLU E 365 34.22 9.76 17.97
N PRO E 366 34.85 10.71 18.69
CA PRO E 366 34.59 12.15 18.54
C PRO E 366 34.45 12.51 17.08
N THR E 367 33.29 12.96 16.64
CA THR E 367 33.09 13.26 15.24
C THR E 367 32.82 14.72 14.99
N VAL E 368 33.54 15.31 14.05
CA VAL E 368 33.31 16.68 13.65
C VAL E 368 33.09 16.70 12.16
N VAL E 369 31.99 17.30 11.71
CA VAL E 369 31.67 17.32 10.29
C VAL E 369 31.35 18.71 9.78
N GLU E 370 32.05 19.15 8.75
CA GLU E 370 31.78 20.45 8.13
C GLU E 370 30.55 20.31 7.26
N ALA E 371 29.72 21.34 7.25
CA ALA E 371 28.47 21.31 6.49
C ALA E 371 27.90 22.68 6.27
N LYS E 372 26.64 22.68 5.85
CA LYS E 372 25.87 23.88 5.61
C LYS E 372 24.61 23.66 6.42
N PRO E 373 23.92 24.74 6.79
CA PRO E 373 22.70 24.55 7.55
C PRO E 373 21.68 23.97 6.62
N GLN E 374 20.42 23.94 7.04
CA GLN E 374 19.39 23.42 6.15
C GLN E 374 19.85 22.08 5.75
N ASP E 375 20.85 21.57 6.42
CA ASP E 375 21.34 20.27 6.10
C ASP E 375 20.63 19.50 7.14
N ARG E 376 20.23 18.30 6.76
CA ARG E 376 19.36 17.48 7.57
C ARG E 376 19.95 17.22 8.95
N VAL E 377 21.28 17.17 9.02
CA VAL E 377 21.97 16.80 10.26
C VAL E 377 22.24 18.01 11.17
N CYS E 378 21.92 19.20 10.68
CA CYS E 378 22.03 20.43 11.48
C CYS E 378 20.67 20.82 12.05
N GLN E 379 19.66 19.99 11.78
CA GLN E 379 18.29 20.26 12.18
C GLN E 379 17.82 19.31 13.27
N GLU E 380 18.05 18.01 13.06
CA GLU E 380 17.54 16.97 13.93
C GLU E 380 18.56 16.64 14.99
N GLU E 381 18.10 16.23 16.16
CA GLU E 381 19.05 16.04 17.24
C GLU E 381 19.84 14.76 17.11
N VAL E 382 21.11 14.90 16.76
CA VAL E 382 22.02 13.78 16.76
C VAL E 382 22.48 13.63 18.19
N PHE E 383 21.99 12.60 18.85
CA PHE E 383 22.27 12.45 20.26
C PHE E 383 23.54 11.66 20.48
N GLY E 384 24.68 12.27 20.15
CA GLY E 384 25.98 11.63 20.28
C GLY E 384 27.13 12.62 20.26
N PRO E 385 28.36 12.10 20.22
CA PRO E 385 29.57 12.92 20.18
C PRO E 385 29.77 13.48 18.78
N PHE E 386 28.86 14.35 18.34
CA PHE E 386 28.77 14.71 16.94
C PHE E 386 28.51 16.21 16.76
N VAL E 387 29.48 16.93 16.21
CA VAL E 387 29.39 18.37 16.03
C VAL E 387 29.43 18.75 14.57
N THR E 388 28.51 19.61 14.14
CA THR E 388 28.55 20.11 12.79
C THR E 388 29.12 21.52 12.77
N VAL E 389 30.00 21.79 11.81
CA VAL E 389 30.63 23.11 11.69
C VAL E 389 30.02 23.90 10.54
N VAL E 390 29.61 25.13 10.83
CA VAL E 390 29.19 26.04 9.80
C VAL E 390 29.92 27.36 10.02
N ARG E 391 29.96 28.20 8.98
CA ARG E 391 30.66 29.47 9.11
C ARG E 391 29.75 30.66 8.85
N PHE E 392 30.01 31.77 9.53
CA PHE E 392 29.28 33.01 9.34
C PHE E 392 30.25 34.18 9.24
N SER E 393 29.76 35.35 8.79
CA SER E 393 30.62 36.53 8.64
C SER E 393 30.12 37.79 9.35
N SER E 394 28.81 37.89 9.54
CA SER E 394 28.25 39.03 10.27
C SER E 394 27.46 38.57 11.49
N ASP E 395 27.37 39.43 12.51
CA ASP E 395 26.58 39.09 13.68
C ASP E 395 25.19 38.62 13.24
N GLU E 396 24.58 39.35 12.32
CA GLU E 396 23.19 39.11 11.97
C GLU E 396 23.00 37.74 11.32
N GLU E 397 24.01 37.30 10.57
CA GLU E 397 23.96 35.98 9.94
C GLU E 397 24.08 34.86 10.97
N ALA E 398 24.86 35.10 12.04
CA ALA E 398 25.03 34.12 13.10
C ALA E 398 23.74 33.92 13.87
N LEU E 399 23.04 35.00 14.20
CA LEU E 399 21.77 34.91 14.89
C LEU E 399 20.81 34.10 14.03
N ALA E 400 20.79 34.41 12.75
CA ALA E 400 19.86 33.74 11.85
C ALA E 400 20.09 32.24 11.84
N ILE E 401 21.34 31.83 11.83
CA ILE E 401 21.70 30.42 11.81
C ILE E 401 21.29 29.77 13.12
N ALA E 402 21.46 30.47 14.22
CA ALA E 402 21.21 29.87 15.52
C ALA E 402 19.71 29.70 15.75
N ASN E 403 18.90 30.55 15.11
CA ASN E 403 17.44 30.54 15.29
C ASN E 403 16.70 29.67 14.27
N ASN E 404 17.40 29.16 13.27
CA ASN E 404 16.76 28.36 12.22
C ASN E 404 16.53 26.89 12.62
N THR E 405 16.13 26.67 13.87
CA THR E 405 15.86 25.32 14.35
C THR E 405 14.50 25.31 15.00
N GLU E 406 13.93 24.11 15.14
CA GLU E 406 12.68 23.93 15.86
C GLU E 406 12.95 23.99 17.36
N TYR E 407 14.14 23.51 17.74
CA TYR E 407 14.58 23.43 19.13
C TYR E 407 15.12 24.76 19.64
N GLY E 408 14.90 25.01 20.92
CA GLY E 408 15.40 26.21 21.55
C GLY E 408 15.64 25.97 23.02
N LEU E 409 16.61 25.13 23.34
CA LEU E 409 16.90 24.86 24.73
C LEU E 409 18.28 25.39 25.11
N GLY E 410 19.33 24.88 24.49
CA GLY E 410 20.66 25.37 24.78
C GLY E 410 21.24 26.29 23.72
N SER E 411 22.01 27.27 24.17
CA SER E 411 22.79 28.09 23.27
C SER E 411 23.95 28.71 24.07
N GLY E 412 25.04 29.04 23.39
CA GLY E 412 26.20 29.61 24.05
C GLY E 412 26.95 30.39 23.01
N LEU E 413 27.67 31.41 23.44
CA LEU E 413 28.43 32.22 22.49
C LEU E 413 29.71 32.76 23.12
N TRP E 414 30.73 33.00 22.27
CA TRP E 414 32.04 33.37 22.75
C TRP E 414 32.51 34.68 22.13
N THR E 415 32.62 35.72 22.96
CA THR E 415 33.00 37.06 22.54
C THR E 415 33.65 37.79 23.70
N GLN E 416 34.25 38.96 23.40
CA GLN E 416 34.64 39.85 24.47
C GLN E 416 34.04 41.22 24.32
N ASN E 417 33.07 41.33 23.42
CA ASN E 417 32.34 42.57 23.22
C ASN E 417 31.09 42.63 24.08
N LEU E 418 31.11 43.55 25.06
CA LEU E 418 29.96 43.81 25.92
C LEU E 418 28.65 43.82 25.15
N ALA E 419 28.50 44.75 24.22
CA ALA E 419 27.27 44.86 23.46
C ALA E 419 26.89 43.55 22.77
N ARG E 420 27.79 43.00 21.98
CA ARG E 420 27.47 41.81 21.21
C ARG E 420 26.98 40.67 22.08
N ALA E 421 27.65 40.43 23.21
CA ALA E 421 27.24 39.33 24.11
C ALA E 421 25.78 39.44 24.58
N HIS E 422 25.39 40.62 25.08
CA HIS E 422 24.06 40.79 25.63
C HIS E 422 23.02 40.89 24.53
N LYS E 423 23.33 41.62 23.46
CA LYS E 423 22.40 41.75 22.33
C LYS E 423 22.02 40.37 21.79
N MET E 424 23.03 39.50 21.62
CA MET E 424 22.83 38.14 21.11
C MET E 424 22.02 37.25 22.05
N ALA E 425 22.38 37.24 23.33
CA ALA E 425 21.69 36.40 24.32
C ALA E 425 20.24 36.79 24.41
N HIS E 426 19.95 38.04 24.07
CA HIS E 426 18.61 38.59 24.13
C HIS E 426 17.80 38.14 22.92
N ALA E 427 18.47 38.09 21.78
CA ALA E 427 17.82 37.77 20.50
C ALA E 427 17.64 36.27 20.21
N ILE E 428 18.57 35.46 20.71
CA ILE E 428 18.50 34.02 20.53
C ILE E 428 17.26 33.44 21.22
N HIS E 429 16.41 32.76 20.47
CA HIS E 429 15.24 32.13 21.08
C HIS E 429 15.63 30.81 21.73
N ALA E 430 16.01 30.89 23.01
CA ALA E 430 16.47 29.74 23.77
C ALA E 430 16.23 29.98 25.24
N GLY E 431 15.95 28.91 25.98
CA GLY E 431 15.59 29.01 27.38
C GLY E 431 16.75 29.35 28.30
N MET E 432 17.95 29.31 27.74
CA MET E 432 19.14 29.63 28.52
C MET E 432 20.27 29.82 27.55
N CYS E 433 21.22 30.67 27.90
CA CYS E 433 22.29 31.03 27.00
C CYS E 433 23.57 31.32 27.78
N TRP E 434 24.66 30.65 27.42
CA TRP E 434 25.91 30.79 28.16
C TRP E 434 26.92 31.60 27.39
N ILE E 435 27.56 32.55 28.05
CA ILE E 435 28.56 33.38 27.40
C ILE E 435 29.99 33.12 27.94
N ASN E 436 30.91 32.84 27.03
CA ASN E 436 32.26 32.51 27.40
C ASN E 436 32.33 31.35 28.40
N CYS E 437 31.37 30.44 28.25
CA CYS E 437 31.33 29.18 29.01
C CYS E 437 30.18 28.37 28.44
N TYR E 438 30.00 27.15 28.93
CA TYR E 438 28.93 26.32 28.39
C TYR E 438 28.50 25.19 29.36
N LYS E 439 27.26 24.73 29.20
CA LYS E 439 26.71 23.63 30.01
C LYS E 439 26.87 23.86 31.52
N ARG E 440 26.89 25.13 31.95
CA ARG E 440 26.96 25.43 33.37
C ARG E 440 25.57 25.35 33.96
N VAL E 441 25.33 24.41 34.88
CA VAL E 441 24.06 24.41 35.60
C VAL E 441 24.24 24.63 37.09
N SER E 442 23.12 24.88 37.76
CA SER E 442 23.15 25.18 39.17
C SER E 442 21.71 25.11 39.65
N PRO E 443 21.47 24.41 40.79
CA PRO E 443 20.13 24.40 41.38
C PRO E 443 19.80 25.85 41.75
N GLY E 444 18.57 26.29 41.51
CA GLY E 444 18.23 27.69 41.71
C GLY E 444 18.18 28.52 40.43
N SER E 445 18.94 28.11 39.41
CA SER E 445 18.88 28.68 38.06
C SER E 445 17.98 27.87 37.10
N PRO E 446 16.81 28.43 36.74
CA PRO E 446 15.80 27.75 35.91
C PRO E 446 16.37 27.09 34.65
N PHE E 447 16.08 25.81 34.52
CA PHE E 447 16.58 24.99 33.43
C PHE E 447 15.38 24.43 32.65
N GLY E 448 15.26 24.83 31.38
CA GLY E 448 14.14 24.38 30.57
C GLY E 448 14.15 24.96 29.18
N GLY E 449 13.19 24.52 28.38
CA GLY E 449 13.15 24.93 26.99
C GLY E 449 12.18 26.05 26.66
N VAL E 450 12.14 26.37 25.38
CA VAL E 450 11.26 27.38 24.83
C VAL E 450 10.70 26.91 23.50
N GLY E 451 9.39 27.01 23.33
CA GLY E 451 8.75 26.61 22.09
C GLY E 451 8.57 25.11 21.98
N GLN E 452 9.30 24.50 21.04
CA GLN E 452 9.21 23.05 20.81
C GLN E 452 10.22 22.25 21.63
N SER E 453 10.91 22.92 22.55
CA SER E 453 11.71 22.23 23.56
C SER E 453 10.96 22.19 24.89
N GLY E 454 9.69 22.58 24.84
CA GLY E 454 8.80 22.38 25.97
C GLY E 454 8.46 23.58 26.83
N TYR E 455 7.78 23.29 27.92
CA TYR E 455 7.48 24.30 28.92
C TYR E 455 7.89 23.84 30.30
N GLY E 456 7.87 24.76 31.26
CA GLY E 456 8.21 24.44 32.62
C GLY E 456 9.71 24.42 32.83
N ARG E 457 10.14 24.81 34.03
CA ARG E 457 11.55 24.85 34.40
C ARG E 457 11.86 23.88 35.54
N GLU E 458 13.11 23.42 35.59
CA GLU E 458 13.62 22.73 36.77
C GLU E 458 14.63 23.62 37.45
N MET E 459 14.99 23.29 38.68
CA MET E 459 16.10 23.95 39.36
C MET E 459 16.06 25.28 40.14
N GLY E 460 14.98 26.05 40.01
CA GLY E 460 14.92 27.28 40.81
C GLY E 460 13.79 27.38 41.80
N PHE E 461 13.41 28.61 42.13
CA PHE E 461 12.12 28.84 42.74
C PHE E 461 11.05 28.47 41.73
N GLU E 462 11.34 28.70 40.45
CA GLU E 462 10.44 28.34 39.36
C GLU E 462 10.02 26.90 39.51
N ALA E 463 11.00 26.04 39.74
CA ALA E 463 10.75 24.61 39.80
C ALA E 463 9.71 24.29 40.83
N ILE E 464 9.85 24.90 42.01
CA ILE E 464 8.90 24.73 43.10
C ILE E 464 7.49 25.12 42.68
N HIS E 465 7.36 26.27 42.02
CA HIS E 465 6.07 26.75 41.53
C HIS E 465 5.36 25.72 40.66
N ASP E 466 6.12 25.01 39.83
CA ASP E 466 5.53 24.02 38.93
C ASP E 466 4.94 22.81 39.65
N TYR E 467 5.31 22.64 40.91
CA TYR E 467 4.84 21.48 41.68
C TYR E 467 3.91 21.91 42.79
N THR E 468 3.05 22.88 42.51
CA THR E 468 2.26 23.51 43.56
C THR E 468 1.01 24.28 43.05
N GLU E 469 -0.12 24.10 43.75
CA GLU E 469 -1.40 24.71 43.42
C GLU E 469 -1.53 25.99 44.25
N ALA E 470 -2.54 26.80 43.93
CA ALA E 470 -2.77 27.99 44.73
C ALA E 470 -4.19 28.02 45.28
N ARG E 471 -4.34 27.73 46.57
CA ARG E 471 -5.64 27.85 47.23
C ARG E 471 -5.91 29.29 47.72
N SER E 472 -6.91 29.96 47.14
CA SER E 472 -7.23 31.32 47.54
C SER E 472 -8.34 31.27 48.56
N VAL E 473 -8.15 31.93 49.68
CA VAL E 473 -9.17 31.93 50.73
C VAL E 473 -9.61 33.33 51.05
N TRP E 474 -10.92 33.57 51.01
CA TRP E 474 -11.46 34.88 51.36
C TRP E 474 -12.17 34.80 52.69
N VAL E 475 -11.83 35.72 53.57
CA VAL E 475 -12.56 35.87 54.82
C VAL E 475 -13.22 37.26 54.95
N ASN E 476 -14.54 37.24 55.07
CA ASN E 476 -15.32 38.43 55.39
C ASN E 476 -15.23 38.71 56.90
N VAL E 477 -14.51 39.77 57.29
CA VAL E 477 -14.47 40.16 58.70
C VAL E 477 -15.37 41.40 58.98
N ASP E 478 -15.38 42.36 58.06
CA ASP E 478 -16.29 43.52 58.10
C ASP E 478 -16.81 43.78 56.68
N ALA E 479 -18.11 43.89 56.50
CA ALA E 479 -18.57 44.21 55.17
C ALA E 479 -20.03 44.63 55.10
N LYS E 480 -20.26 45.70 54.33
CA LYS E 480 -21.59 46.24 54.12
C LYS E 480 -22.36 45.44 53.05
N ILE E 481 -22.00 44.16 52.85
CA ILE E 481 -22.62 43.35 51.80
C ILE E 481 -24.09 43.72 51.57
N ALA E 482 -24.29 44.62 50.59
CA ALA E 482 -25.64 45.04 50.22
C ALA E 482 -26.32 43.89 49.51
N PRO E 483 -27.33 43.28 50.15
CA PRO E 483 -28.00 42.13 49.55
C PRO E 483 -28.22 42.40 48.06
N HIS E 484 -27.74 41.52 47.18
CA HIS E 484 -27.80 41.83 45.75
C HIS E 484 -29.24 41.97 45.32
N PHE E 485 -30.04 40.96 45.67
CA PHE E 485 -31.46 41.01 45.41
C PHE E 485 -32.11 41.84 46.52
N LYS E 486 -32.28 43.14 46.24
CA LYS E 486 -32.75 44.13 47.22
C LYS E 486 -34.15 43.82 47.68
N ARG E 487 -34.26 43.03 48.75
CA ARG E 487 -35.54 42.63 49.34
C ARG E 487 -36.71 42.56 48.38
N MET F 1 -24.27 46.45 17.25
CA MET F 1 -23.70 47.68 16.65
C MET F 1 -22.46 47.48 15.77
N GLN F 2 -21.29 47.33 16.40
CA GLN F 2 -20.05 47.03 15.69
C GLN F 2 -19.94 45.52 15.55
N ASN F 3 -19.77 45.01 14.32
CA ASN F 3 -20.09 43.58 14.09
C ASN F 3 -19.16 42.72 13.23
N GLN F 4 -18.03 43.25 12.82
CA GLN F 4 -17.12 42.52 11.95
C GLN F 4 -15.88 42.03 12.71
N LEU F 5 -15.08 41.17 12.08
CA LEU F 5 -13.78 40.82 12.63
C LEU F 5 -12.98 42.08 12.82
N TYR F 6 -11.97 42.01 13.68
CA TYR F 6 -11.04 43.12 13.83
C TYR F 6 -9.63 42.61 13.71
N ILE F 7 -8.99 42.87 12.57
CA ILE F 7 -7.69 42.31 12.28
C ILE F 7 -6.72 43.37 11.79
N ASP F 8 -5.59 43.50 12.48
CA ASP F 8 -4.56 44.46 12.12
C ASP F 8 -5.16 45.87 12.14
N GLY F 9 -5.98 46.16 13.14
CA GLY F 9 -6.49 47.50 13.37
C GLY F 9 -7.60 47.99 12.43
N ARG F 10 -8.17 47.07 11.67
N ARG F 10 -8.18 47.08 11.68
CA ARG F 10 -9.29 47.37 10.78
CA ARG F 10 -9.30 47.40 10.80
C ARG F 10 -10.47 46.42 10.99
C ARG F 10 -10.45 46.42 11.01
N PHE F 11 -11.67 46.94 10.93
CA PHE F 11 -12.85 46.09 10.97
C PHE F 11 -13.03 45.53 9.57
N VAL F 12 -12.97 44.21 9.44
CA VAL F 12 -13.10 43.58 8.14
C VAL F 12 -14.11 42.44 8.17
N ASP F 13 -14.65 42.11 7.00
CA ASP F 13 -15.58 41.00 6.90
C ASP F 13 -14.79 39.70 6.90
N ALA F 14 -15.48 38.60 7.14
CA ALA F 14 -14.84 37.29 7.02
C ALA F 14 -14.37 37.09 5.58
N VAL F 15 -13.21 36.47 5.41
CA VAL F 15 -12.62 36.22 4.09
C VAL F 15 -13.58 35.52 3.13
N ALA F 16 -14.34 34.55 3.62
CA ALA F 16 -15.27 33.80 2.79
C ALA F 16 -16.70 34.29 3.00
N GLY F 17 -16.85 35.49 3.53
CA GLY F 17 -18.14 36.13 3.70
C GLY F 17 -19.04 35.51 4.75
N GLY F 18 -18.56 34.45 5.41
CA GLY F 18 -19.33 33.80 6.47
C GLY F 18 -20.00 34.70 7.50
N THR F 19 -21.19 34.32 7.93
CA THR F 19 -22.02 35.17 8.76
C THR F 19 -22.71 34.37 9.87
N ILE F 20 -22.90 35.02 11.02
CA ILE F 20 -23.55 34.40 12.17
C ILE F 20 -24.55 35.37 12.80
N ASP F 21 -25.72 34.83 13.15
CA ASP F 21 -26.79 35.62 13.76
C ASP F 21 -26.56 35.85 15.25
N VAL F 22 -26.55 37.11 15.66
CA VAL F 22 -26.51 37.40 17.08
C VAL F 22 -27.88 37.86 17.61
N VAL F 23 -28.44 37.10 18.55
CA VAL F 23 -29.83 37.27 18.99
C VAL F 23 -29.95 37.85 20.40
N SER F 24 -30.98 38.68 20.65
CA SER F 24 -31.31 39.13 22.01
C SER F 24 -32.07 38.05 22.76
N PRO F 25 -31.55 37.62 23.91
CA PRO F 25 -32.13 36.56 24.74
C PRO F 25 -33.47 36.95 25.36
N HIS F 26 -33.90 38.19 25.19
CA HIS F 26 -35.13 38.67 25.83
C HIS F 26 -36.39 38.40 25.04
N ASP F 27 -36.30 38.54 23.72
CA ASP F 27 -37.46 38.41 22.84
C ASP F 27 -37.20 37.49 21.65
N GLY F 28 -35.98 36.98 21.52
CA GLY F 28 -35.58 36.15 20.39
C GLY F 28 -35.21 36.99 19.18
N SER F 29 -35.42 38.30 19.30
CA SER F 29 -35.13 39.25 18.23
C SER F 29 -33.70 39.17 17.68
N LEU F 30 -33.54 39.42 16.39
CA LEU F 30 -32.19 39.58 15.82
C LEU F 30 -31.55 40.93 16.19
N ILE F 31 -30.31 40.87 16.71
CA ILE F 31 -29.59 42.07 17.11
C ILE F 31 -28.72 42.58 15.98
N THR F 32 -28.02 41.65 15.35
CA THR F 32 -27.20 41.96 14.17
C THR F 32 -26.48 40.70 13.70
N ARG F 33 -25.80 40.82 12.56
CA ARG F 33 -25.06 39.70 11.99
C ARG F 33 -23.55 39.88 12.15
N ILE F 34 -22.93 38.85 12.70
CA ILE F 34 -21.49 38.81 12.97
C ILE F 34 -20.72 38.22 11.81
N ALA F 35 -19.61 38.85 11.42
CA ALA F 35 -18.72 38.21 10.42
C ALA F 35 -18.18 36.95 11.04
N ALA F 36 -18.39 35.81 10.37
CA ALA F 36 -17.99 34.52 10.95
C ALA F 36 -16.59 34.10 10.50
N ALA F 37 -15.69 34.09 11.47
CA ALA F 37 -14.28 33.78 11.22
C ALA F 37 -14.07 32.29 11.03
N GLU F 38 -13.24 31.96 10.04
CA GLU F 38 -12.89 30.59 9.78
C GLU F 38 -11.38 30.48 9.72
N ALA F 39 -10.90 29.27 9.46
CA ALA F 39 -9.46 29.03 9.45
C ALA F 39 -8.67 30.14 8.73
N ALA F 40 -9.06 30.47 7.50
CA ALA F 40 -8.30 31.43 6.70
C ALA F 40 -8.16 32.77 7.40
N ASP F 41 -9.20 33.14 8.15
CA ASP F 41 -9.26 34.38 8.88
C ASP F 41 -8.26 34.40 10.04
N VAL F 42 -8.24 33.36 10.85
CA VAL F 42 -7.34 33.36 11.98
C VAL F 42 -5.89 33.38 11.49
N ASP F 43 -5.63 32.68 10.39
CA ASP F 43 -4.31 32.70 9.76
C ASP F 43 -3.78 34.12 9.58
N LEU F 44 -4.72 35.06 9.35
CA LEU F 44 -4.40 36.47 9.14
C LEU F 44 -4.25 37.20 10.46
N ALA F 45 -5.21 36.97 11.35
CA ALA F 45 -5.18 37.58 12.67
C ALA F 45 -3.88 37.20 13.38
N VAL F 46 -3.47 35.94 13.27
CA VAL F 46 -2.23 35.49 13.89
C VAL F 46 -1.02 36.08 13.20
N ALA F 47 -1.04 36.15 11.87
CA ALA F 47 0.06 36.76 11.12
C ALA F 47 0.21 38.24 11.45
N ALA F 48 -0.92 38.91 11.64
CA ALA F 48 -0.95 40.30 12.09
C ALA F 48 -0.30 40.45 13.47
N ALA F 49 -0.68 39.55 14.37
CA ALA F 49 -0.14 39.52 15.71
C ALA F 49 1.35 39.22 15.74
N LYS F 50 1.78 38.23 14.94
CA LYS F 50 3.18 37.84 14.89
C LYS F 50 4.04 38.99 14.41
N ARG F 51 3.49 39.78 13.49
CA ARG F 51 4.18 40.92 12.91
C ARG F 51 4.29 42.05 13.95
N ALA F 52 3.18 42.31 14.64
CA ALA F 52 3.13 43.38 15.62
C ALA F 52 3.97 43.12 16.88
N PHE F 53 4.23 41.85 17.17
CA PHE F 53 4.86 41.49 18.45
C PHE F 53 6.22 42.13 18.70
N PRO F 54 7.17 41.95 17.77
CA PRO F 54 8.53 42.47 18.04
C PRO F 54 8.54 43.93 18.51
N ALA F 55 7.79 44.80 17.84
CA ALA F 55 7.76 46.21 18.21
C ALA F 55 7.04 46.41 19.52
N TRP F 56 5.95 45.68 19.71
CA TRP F 56 5.14 45.81 20.90
C TRP F 56 5.90 45.38 22.16
N SER F 57 6.57 44.24 22.10
CA SER F 57 7.32 43.75 23.25
C SER F 57 8.57 44.57 23.49
N ALA F 58 9.00 45.29 22.45
CA ALA F 58 10.22 46.09 22.49
C ALA F 58 9.99 47.45 23.16
N LEU F 59 8.74 47.91 23.13
CA LEU F 59 8.31 49.03 23.96
C LEU F 59 8.80 48.84 25.38
N GLY F 60 9.07 49.94 26.06
CA GLY F 60 9.36 49.87 27.49
C GLY F 60 8.11 49.37 28.21
N ALA F 61 8.29 48.57 29.24
CA ALA F 61 7.13 48.01 29.94
C ALA F 61 6.17 49.10 30.43
N ALA F 62 6.74 50.19 30.90
CA ALA F 62 5.95 51.29 31.41
C ALA F 62 4.95 51.82 30.37
N GLU F 63 5.35 51.79 29.10
CA GLU F 63 4.49 52.20 28.00
C GLU F 63 3.26 51.29 27.82
N ARG F 64 3.50 49.98 27.70
CA ARG F 64 2.39 49.04 27.66
C ARG F 64 1.51 49.30 28.87
N GLY F 65 2.12 49.62 30.00
CA GLY F 65 1.37 49.90 31.21
C GLY F 65 0.43 51.09 31.04
N ARG F 66 0.99 52.21 30.58
CA ARG F 66 0.22 53.42 30.38
C ARG F 66 -1.00 53.19 29.48
N LEU F 67 -0.81 52.49 28.36
CA LEU F 67 -1.93 52.21 27.46
C LEU F 67 -3.04 51.48 28.17
N LEU F 68 -2.71 50.40 28.87
CA LEU F 68 -3.71 49.67 29.65
C LEU F 68 -4.41 50.59 30.64
N LEU F 69 -3.63 51.49 31.24
CA LEU F 69 -4.19 52.46 32.18
C LEU F 69 -5.24 53.38 31.53
N LYS F 70 -4.91 53.93 30.36
CA LYS F 70 -5.86 54.81 29.67
C LYS F 70 -7.10 54.02 29.24
N LEU F 71 -6.89 52.84 28.66
CA LEU F 71 -7.99 51.96 28.30
C LEU F 71 -8.95 51.79 29.48
N ALA F 72 -8.44 51.74 30.69
CA ALA F 72 -9.31 51.53 31.84
C ALA F 72 -10.16 52.78 32.06
N ASP F 73 -9.52 53.94 32.01
CA ASP F 73 -10.23 55.20 32.17
C ASP F 73 -11.27 55.34 31.06
N ARG F 74 -10.83 55.07 29.84
CA ARG F 74 -11.69 55.15 28.66
C ARG F 74 -12.92 54.23 28.74
N ILE F 75 -12.75 53.02 29.24
CA ILE F 75 -13.87 52.10 29.42
C ILE F 75 -14.89 52.67 30.37
N GLU F 76 -14.44 53.48 31.32
CA GLU F 76 -15.34 54.06 32.33
C GLU F 76 -16.07 55.28 31.77
N GLU F 77 -15.39 56.02 30.89
CA GLU F 77 -16.02 57.08 30.10
C GLU F 77 -17.21 56.52 29.31
N CYS F 78 -16.99 55.42 28.59
CA CYS F 78 -18.05 54.73 27.87
C CYS F 78 -18.84 53.77 28.79
N SER F 79 -18.84 54.06 30.08
CA SER F 79 -19.49 53.17 31.04
C SER F 79 -20.87 52.68 30.57
N GLU F 80 -21.78 53.61 30.26
CA GLU F 80 -23.16 53.26 29.90
C GLU F 80 -23.25 52.65 28.49
N GLU F 81 -22.60 53.29 27.53
CA GLU F 81 -22.57 52.75 26.18
C GLU F 81 -22.31 51.25 26.23
N LEU F 82 -21.36 50.85 27.07
CA LEU F 82 -20.97 49.43 27.17
C LEU F 82 -21.93 48.61 28.00
N ALA F 83 -22.27 49.09 29.19
CA ALA F 83 -23.15 48.31 30.06
C ALA F 83 -24.41 47.95 29.26
N GLN F 84 -24.80 48.86 28.37
CA GLN F 84 -26.01 48.71 27.56
C GLN F 84 -25.83 47.66 26.48
N LEU F 85 -24.77 47.82 25.71
CA LEU F 85 -24.40 46.84 24.68
C LEU F 85 -24.29 45.43 25.25
N GLU F 86 -23.68 45.30 26.41
CA GLU F 86 -23.48 43.99 27.04
C GLU F 86 -24.79 43.37 27.48
N SER F 87 -25.54 44.09 28.31
CA SER F 87 -26.76 43.53 28.89
C SER F 87 -27.75 43.18 27.80
N LEU F 88 -27.75 43.95 26.73
CA LEU F 88 -28.61 43.66 25.60
C LEU F 88 -28.27 42.31 24.98
N ASN F 89 -26.97 42.07 24.76
CA ASN F 89 -26.45 40.88 24.07
C ASN F 89 -26.54 39.59 24.89
N THR F 90 -26.50 39.74 26.20
CA THR F 90 -26.31 38.60 27.10
C THR F 90 -27.51 38.34 28.01
N GLY F 91 -28.35 39.34 28.16
CA GLY F 91 -29.51 39.22 29.04
C GLY F 91 -29.18 39.62 30.45
N HIS F 92 -27.97 40.16 30.68
CA HIS F 92 -27.57 40.60 32.00
C HIS F 92 -28.40 41.84 32.35
N PRO F 93 -29.09 41.83 33.51
CA PRO F 93 -29.82 43.04 33.93
C PRO F 93 -28.89 44.24 33.87
N ILE F 94 -29.35 45.44 33.52
CA ILE F 94 -28.43 46.58 33.64
C ILE F 94 -28.12 46.89 35.10
N ARG F 95 -28.99 46.43 36.02
CA ARG F 95 -28.66 46.58 37.42
C ARG F 95 -27.29 45.93 37.68
N ASP F 96 -26.96 44.94 36.84
CA ASP F 96 -25.65 44.28 36.88
C ASP F 96 -24.60 44.91 35.96
N SER F 97 -24.87 44.93 34.65
CA SER F 97 -23.94 45.51 33.68
C SER F 97 -23.39 46.84 34.12
N ARG F 98 -24.20 47.64 34.80
CA ARG F 98 -23.75 48.97 35.19
C ARG F 98 -22.84 48.96 36.41
N GLY F 99 -23.22 48.16 37.41
CA GLY F 99 -22.54 48.12 38.70
C GLY F 99 -21.46 47.05 38.87
N LEU F 100 -21.53 46.02 38.03
CA LEU F 100 -20.58 44.92 38.11
C LEU F 100 -19.76 44.78 36.82
N ASP F 101 -20.33 44.07 35.85
CA ASP F 101 -19.67 43.81 34.56
C ASP F 101 -18.74 44.90 34.02
N VAL F 102 -19.09 46.18 34.21
CA VAL F 102 -18.30 47.24 33.58
C VAL F 102 -17.19 47.74 34.51
N PRO F 103 -17.53 48.07 35.77
CA PRO F 103 -16.49 48.57 36.67
C PRO F 103 -15.41 47.54 36.94
N ARG F 104 -15.78 46.27 37.07
CA ARG F 104 -14.80 45.20 37.31
C ARG F 104 -13.94 44.90 36.09
N THR F 105 -14.44 45.19 34.90
CA THR F 105 -13.63 45.09 33.69
C THR F 105 -12.58 46.21 33.61
N ALA F 106 -12.98 47.41 34.00
CA ALA F 106 -12.05 48.53 34.02
C ALA F 106 -11.02 48.32 35.12
N ALA F 107 -11.50 47.95 36.31
CA ALA F 107 -10.65 47.76 37.48
C ALA F 107 -9.54 46.76 37.17
N CYS F 108 -9.90 45.71 36.46
CA CYS F 108 -8.95 44.67 36.11
C CYS F 108 -7.90 45.20 35.12
N PHE F 109 -8.33 45.94 34.12
CA PHE F 109 -7.38 46.49 33.17
C PHE F 109 -6.44 47.46 33.85
N ARG F 110 -6.98 48.22 34.80
CA ARG F 110 -6.21 49.19 35.57
C ARG F 110 -5.17 48.51 36.45
N TYR F 111 -5.57 47.43 37.10
CA TYR F 111 -4.62 46.60 37.85
C TYR F 111 -3.44 46.30 36.97
N PHE F 112 -3.69 45.63 35.84
CA PHE F 112 -2.62 45.17 34.99
C PHE F 112 -1.88 46.29 34.31
N GLY F 113 -2.49 47.46 34.26
CA GLY F 113 -1.80 48.61 33.73
C GLY F 113 -0.67 48.94 34.67
N GLY F 114 -1.02 48.99 35.94
CA GLY F 114 -0.07 49.29 36.99
C GLY F 114 0.88 48.13 37.23
N MET F 115 0.66 47.00 36.56
CA MET F 115 1.47 45.80 36.75
C MET F 115 2.62 45.68 35.76
N ALA F 116 2.40 46.18 34.55
CA ALA F 116 3.27 45.87 33.41
C ALA F 116 4.74 46.06 33.70
N ASP F 117 5.07 47.07 34.50
CA ASP F 117 6.47 47.41 34.77
C ASP F 117 6.93 46.98 36.17
N LYS F 118 6.22 46.01 36.75
CA LYS F 118 6.57 45.49 38.06
C LYS F 118 6.85 43.99 38.00
N ILE F 119 6.85 43.47 36.77
CA ILE F 119 7.27 42.11 36.46
C ILE F 119 8.81 42.05 36.46
N GLU F 120 9.39 41.50 37.53
CA GLU F 120 10.84 41.55 37.64
C GLU F 120 11.51 40.19 37.40
N GLY F 121 12.72 40.25 36.84
CA GLY F 121 13.53 39.06 36.66
C GLY F 121 14.16 38.68 37.99
N SER F 122 15.21 37.88 37.95
CA SER F 122 15.93 37.59 39.18
C SER F 122 17.39 37.31 38.88
N VAL F 123 18.25 37.51 39.88
CA VAL F 123 19.68 37.26 39.77
C VAL F 123 20.08 36.15 40.72
N ILE F 124 20.48 35.01 40.16
CA ILE F 124 20.74 33.77 40.94
C ILE F 124 22.12 33.69 41.58
N PRO F 125 22.15 33.31 42.87
CA PRO F 125 23.44 33.17 43.56
C PRO F 125 24.06 31.92 42.98
N VAL F 126 25.29 32.05 42.48
CA VAL F 126 25.81 31.02 41.64
C VAL F 126 27.32 30.91 41.82
N ASP F 127 27.91 29.86 41.23
CA ASP F 127 29.35 29.57 41.36
C ASP F 127 30.21 30.83 41.33
N ALA F 128 31.20 30.96 42.22
CA ALA F 128 31.99 32.18 42.23
C ALA F 128 32.54 32.52 40.86
N GLY F 129 32.57 33.82 40.53
CA GLY F 129 33.09 34.26 39.24
C GLY F 129 32.08 34.30 38.12
N PHE F 130 30.94 33.64 38.29
CA PHE F 130 29.86 33.75 37.31
C PHE F 130 28.79 34.78 37.70
N LEU F 131 28.03 35.22 36.69
CA LEU F 131 26.89 36.12 36.89
C LEU F 131 25.69 35.59 36.18
N ASN F 132 24.71 35.11 36.93
CA ASN F 132 23.55 34.46 36.32
C ASN F 132 22.27 35.27 36.53
N TYR F 133 21.85 36.01 35.51
CA TYR F 133 20.61 36.76 35.63
C TYR F 133 19.59 36.11 34.72
N VAL F 134 18.33 36.13 35.17
CA VAL F 134 17.24 35.49 34.46
C VAL F 134 16.16 36.53 34.13
N GLN F 135 16.03 36.84 32.84
CA GLN F 135 15.05 37.82 32.42
C GLN F 135 13.70 37.17 32.32
N ARG F 136 12.65 37.95 32.52
CA ARG F 136 11.32 37.42 32.33
C ARG F 136 10.72 38.11 31.12
N LYS F 137 10.50 37.37 30.03
CA LYS F 137 10.11 37.91 28.72
C LYS F 137 8.78 37.38 28.20
N PRO F 138 8.13 38.14 27.29
CA PRO F 138 6.85 37.74 26.73
C PRO F 138 6.95 36.38 26.09
N ILE F 139 5.79 35.75 25.85
CA ILE F 139 5.76 34.43 25.24
C ILE F 139 5.65 34.56 23.73
N GLY F 140 5.19 35.71 23.27
CA GLY F 140 5.00 35.93 21.85
C GLY F 140 3.55 36.12 21.54
N VAL F 141 3.06 35.42 20.52
CA VAL F 141 1.65 35.48 20.18
C VAL F 141 0.84 34.51 21.04
N VAL F 142 -0.17 35.07 21.72
CA VAL F 142 -1.05 34.34 22.63
C VAL F 142 -2.45 34.22 22.04
N ALA F 143 -3.02 33.01 22.09
CA ALA F 143 -4.38 32.81 21.60
C ALA F 143 -5.28 32.67 22.80
N GLN F 144 -6.39 33.39 22.80
CA GLN F 144 -7.34 33.25 23.91
C GLN F 144 -8.74 32.97 23.40
N ILE F 145 -9.43 32.05 24.07
CA ILE F 145 -10.79 31.65 23.73
C ILE F 145 -11.66 31.77 24.98
N VAL F 146 -12.79 32.48 24.87
CA VAL F 146 -13.66 32.65 26.04
C VAL F 146 -15.09 32.13 25.82
N PRO F 147 -15.83 31.91 26.91
CA PRO F 147 -17.26 31.61 26.82
C PRO F 147 -18.09 32.89 26.85
N TRP F 148 -19.38 32.76 27.13
CA TRP F 148 -20.30 33.86 26.87
C TRP F 148 -20.98 34.32 28.13
N ASN F 149 -20.50 33.86 29.27
CA ASN F 149 -21.16 34.27 30.52
C ASN F 149 -20.74 35.65 31.03
N PHE F 150 -19.47 36.00 30.87
CA PHE F 150 -19.04 37.34 31.24
C PHE F 150 -18.24 37.96 30.12
N PRO F 151 -18.81 38.00 28.91
CA PRO F 151 -18.07 38.38 27.71
C PRO F 151 -17.18 39.58 27.97
N LEU F 152 -17.72 40.57 28.67
CA LEU F 152 -17.04 41.85 28.86
C LEU F 152 -15.93 41.73 29.89
N MET F 153 -16.27 41.13 31.02
CA MET F 153 -15.27 40.94 32.06
C MET F 153 -14.08 40.10 31.57
N PHE F 154 -14.33 39.05 30.80
CA PHE F 154 -13.24 38.20 30.29
C PHE F 154 -12.22 38.96 29.49
N THR F 155 -12.64 39.95 28.71
CA THR F 155 -11.67 40.72 27.96
C THR F 155 -10.59 41.24 28.89
N SER F 156 -10.97 41.72 30.08
CA SER F 156 -9.98 42.25 31.00
C SER F 156 -9.24 41.11 31.72
N TRP F 157 -9.95 40.08 32.13
CA TRP F 157 -9.34 38.94 32.82
C TRP F 157 -8.24 38.28 32.00
N LYS F 158 -8.45 38.22 30.69
CA LYS F 158 -7.60 37.48 29.80
C LYS F 158 -6.54 38.34 29.14
N MET F 159 -6.94 39.46 28.54
CA MET F 159 -5.98 40.28 27.79
C MET F 159 -5.18 41.16 28.71
N GLY F 160 -5.76 41.47 29.87
CA GLY F 160 -5.10 42.30 30.86
C GLY F 160 -3.69 41.88 31.19
N PRO F 161 -3.50 40.63 31.67
CA PRO F 161 -2.18 40.03 31.95
C PRO F 161 -1.32 39.88 30.70
N ALA F 162 -1.87 39.20 29.68
CA ALA F 162 -1.13 38.87 28.47
C ALA F 162 -0.55 40.11 27.81
N LEU F 163 -1.28 41.23 27.84
CA LEU F 163 -0.78 42.46 27.23
C LEU F 163 0.29 43.13 28.09
N ALA F 164 0.02 43.26 29.38
CA ALA F 164 0.99 43.86 30.27
C ALA F 164 2.33 43.16 30.08
N ALA F 165 2.30 41.82 30.02
CA ALA F 165 3.52 41.03 29.93
C ALA F 165 4.33 41.32 28.66
N GLY F 166 3.67 41.86 27.66
CA GLY F 166 4.32 42.15 26.39
C GLY F 166 3.93 41.22 25.25
N ASN F 167 2.93 40.37 25.49
CA ASN F 167 2.46 39.47 24.44
C ASN F 167 1.58 40.22 23.46
N THR F 168 1.28 39.56 22.36
CA THR F 168 0.42 40.10 21.34
C THR F 168 -0.73 39.10 21.24
N ILE F 169 -1.95 39.55 20.97
CA ILE F 169 -3.13 38.69 21.21
C ILE F 169 -4.04 38.41 20.01
N VAL F 170 -4.57 37.20 19.98
CA VAL F 170 -5.64 36.85 19.05
C VAL F 170 -6.75 36.11 19.82
N ILE F 171 -7.90 36.76 19.96
CA ILE F 171 -8.92 36.29 20.88
C ILE F 171 -10.23 35.98 20.17
N LYS F 172 -10.77 34.79 20.45
CA LYS F 172 -12.06 34.40 19.90
C LYS F 172 -13.16 34.34 20.95
N PRO F 173 -14.06 35.35 21.01
CA PRO F 173 -15.17 35.32 21.97
C PRO F 173 -16.23 34.33 21.48
N SER F 174 -17.33 34.17 22.22
CA SER F 174 -18.36 33.24 21.78
C SER F 174 -19.17 33.79 20.61
N GLU F 175 -19.35 32.99 19.56
CA GLU F 175 -20.26 33.35 18.49
C GLU F 175 -21.56 33.98 19.06
N ILE F 176 -21.92 33.57 20.28
CA ILE F 176 -23.12 34.04 20.96
C ILE F 176 -23.02 35.47 21.55
N THR F 177 -21.85 35.86 22.07
CA THR F 177 -21.73 37.16 22.73
C THR F 177 -20.47 37.94 22.35
N PRO F 178 -20.30 38.19 21.05
CA PRO F 178 -19.09 38.84 20.52
C PRO F 178 -19.13 40.35 20.66
N LEU F 179 -20.34 40.91 20.66
CA LEU F 179 -20.51 42.35 20.48
C LEU F 179 -19.74 43.13 21.51
N SER F 180 -19.86 42.68 22.76
CA SER F 180 -19.26 43.37 23.88
C SER F 180 -17.77 43.56 23.64
N THR F 181 -17.10 42.46 23.32
CA THR F 181 -15.65 42.49 23.17
C THR F 181 -15.16 43.18 21.89
N LEU F 182 -15.99 43.25 20.85
CA LEU F 182 -15.60 43.95 19.61
C LEU F 182 -15.42 45.44 19.82
N ARG F 183 -16.33 46.01 20.61
CA ARG F 183 -16.26 47.42 20.97
C ARG F 183 -14.98 47.68 21.74
N ILE F 184 -14.60 46.72 22.59
CA ILE F 184 -13.42 46.89 23.44
C ILE F 184 -12.15 47.09 22.62
N VAL F 185 -11.96 46.29 21.58
CA VAL F 185 -10.80 46.43 20.71
C VAL F 185 -10.76 47.80 20.05
N GLU F 186 -11.92 48.30 19.62
CA GLU F 186 -12.00 49.62 19.03
C GLU F 186 -11.50 50.60 20.08
N LEU F 187 -12.02 50.47 21.30
CA LEU F 187 -11.58 51.32 22.42
C LEU F 187 -10.08 51.26 22.60
N MET F 188 -9.53 50.06 22.45
CA MET F 188 -8.09 49.91 22.55
C MET F 188 -7.39 50.81 21.55
N THR F 189 -7.57 50.56 20.26
CA THR F 189 -6.80 51.36 19.30
C THR F 189 -7.16 52.85 19.37
N GLU F 190 -8.39 53.17 19.82
CA GLU F 190 -8.78 54.56 20.12
C GLU F 190 -7.84 55.20 21.14
N VAL F 191 -7.36 54.39 22.08
CA VAL F 191 -6.53 54.85 23.18
C VAL F 191 -5.02 54.79 22.86
N GLY F 192 -4.67 54.14 21.76
CA GLY F 192 -3.31 54.17 21.26
C GLY F 192 -2.61 52.85 21.10
N PHE F 193 -3.36 51.75 21.20
CA PHE F 193 -2.78 50.43 21.02
C PHE F 193 -2.44 50.21 19.56
N PRO F 194 -1.17 49.90 19.28
CA PRO F 194 -0.74 49.63 17.90
C PRO F 194 -1.66 48.63 17.17
N LYS F 195 -1.70 48.76 15.85
CA LYS F 195 -2.46 47.83 15.05
C LYS F 195 -1.82 46.46 15.19
N GLY F 196 -2.64 45.43 15.31
CA GLY F 196 -2.15 44.07 15.24
C GLY F 196 -1.82 43.53 16.59
N VAL F 197 -1.66 44.40 17.58
CA VAL F 197 -1.35 43.97 18.93
C VAL F 197 -2.53 43.22 19.57
N VAL F 198 -3.73 43.58 19.15
CA VAL F 198 -4.91 42.82 19.54
C VAL F 198 -5.81 42.53 18.34
N ASN F 199 -6.24 41.28 18.21
CA ASN F 199 -7.04 40.85 17.07
C ASN F 199 -8.25 40.03 17.52
N VAL F 200 -9.44 40.49 17.22
CA VAL F 200 -10.64 39.77 17.60
C VAL F 200 -11.25 39.07 16.40
N VAL F 201 -11.65 37.83 16.62
CA VAL F 201 -12.00 36.92 15.54
C VAL F 201 -13.18 36.04 15.96
N PRO F 202 -14.39 36.64 16.13
CA PRO F 202 -15.54 35.87 16.60
C PRO F 202 -15.89 34.81 15.56
N GLY F 203 -16.38 33.64 15.98
CA GLY F 203 -16.63 32.56 15.04
C GLY F 203 -16.96 31.26 15.75
N TYR F 204 -17.42 30.27 15.00
CA TYR F 204 -17.81 29.01 15.63
C TYR F 204 -16.64 28.36 16.35
N GLY F 205 -16.93 27.47 17.29
CA GLY F 205 -15.89 26.81 18.04
C GLY F 205 -15.00 25.93 17.18
N HIS F 206 -15.60 25.12 16.32
CA HIS F 206 -14.88 24.15 15.50
C HIS F 206 -14.23 24.72 14.24
N THR F 207 -14.48 25.99 13.95
CA THR F 207 -13.78 26.70 12.87
C THR F 207 -12.69 27.59 13.43
N ALA F 208 -13.07 28.77 13.91
CA ALA F 208 -12.10 29.71 14.46
C ALA F 208 -11.36 29.04 15.61
N GLY F 209 -12.11 28.64 16.63
CA GLY F 209 -11.56 28.01 17.81
C GLY F 209 -10.50 26.97 17.53
N GLN F 210 -10.82 25.98 16.69
CA GLN F 210 -9.90 24.87 16.42
C GLN F 210 -8.70 25.39 15.64
N ALA F 211 -8.94 26.15 14.59
CA ALA F 211 -7.85 26.65 13.78
C ALA F 211 -6.87 27.41 14.65
N LEU F 212 -7.38 28.03 15.70
CA LEU F 212 -6.58 28.88 16.59
C LEU F 212 -5.69 28.02 17.49
N ALA F 213 -6.29 27.03 18.13
CA ALA F 213 -5.56 26.15 19.04
C ALA F 213 -4.51 25.29 18.31
N GLU F 214 -4.70 25.10 17.01
CA GLU F 214 -3.80 24.27 16.22
C GLU F 214 -2.69 25.08 15.61
N HIS F 215 -2.86 26.40 15.54
CA HIS F 215 -1.94 27.24 14.78
C HIS F 215 -0.50 27.13 15.25
N LEU F 216 0.45 27.19 14.32
CA LEU F 216 1.84 26.87 14.62
C LEU F 216 2.68 28.06 15.07
N ASP F 217 2.12 29.26 14.92
CA ASP F 217 2.82 30.47 15.32
C ASP F 217 2.27 30.97 16.66
N VAL F 218 1.31 30.24 17.22
CA VAL F 218 0.75 30.58 18.52
C VAL F 218 1.51 29.86 19.62
N GLY F 219 2.09 30.64 20.53
CA GLY F 219 3.01 30.11 21.54
C GLY F 219 2.36 29.63 22.83
N LYS F 220 1.11 30.03 23.07
CA LYS F 220 0.32 29.61 24.22
C LYS F 220 -1.15 29.82 23.88
N ILE F 221 -1.99 28.88 24.34
CA ILE F 221 -3.42 28.97 24.13
C ILE F 221 -4.12 29.03 25.51
N ALA F 222 -4.84 30.10 25.78
CA ALA F 222 -5.52 30.23 27.07
C ALA F 222 -7.00 30.05 26.87
N PHE F 223 -7.54 29.00 27.47
CA PHE F 223 -8.92 28.61 27.23
C PHE F 223 -9.76 28.67 28.51
N THR F 224 -10.95 29.24 28.40
CA THR F 224 -11.93 29.16 29.47
C THR F 224 -13.18 28.54 28.86
N GLY F 225 -13.64 27.43 29.40
CA GLY F 225 -14.77 26.75 28.80
C GLY F 225 -15.15 25.49 29.55
N SER F 226 -15.62 24.48 28.83
CA SER F 226 -16.12 23.27 29.47
C SER F 226 -15.03 22.24 29.52
N THR F 227 -15.13 21.30 30.46
CA THR F 227 -14.14 20.24 30.54
C THR F 227 -14.11 19.48 29.22
N ALA F 228 -15.28 19.21 28.66
CA ALA F 228 -15.37 18.48 27.40
C ALA F 228 -14.50 19.11 26.31
N THR F 229 -14.64 20.43 26.15
CA THR F 229 -13.94 21.18 25.10
C THR F 229 -12.47 21.40 25.42
N GLY F 230 -12.14 21.39 26.72
CA GLY F 230 -10.76 21.54 27.16
C GLY F 230 -9.90 20.44 26.61
N ARG F 231 -10.45 19.23 26.52
CA ARG F 231 -9.69 18.13 25.96
C ARG F 231 -9.40 18.32 24.46
N ARG F 232 -10.26 19.02 23.72
CA ARG F 232 -10.04 19.23 22.28
C ARG F 232 -8.95 20.26 22.11
N ILE F 233 -8.76 21.08 23.13
CA ILE F 233 -7.71 22.11 23.12
C ILE F 233 -6.35 21.48 23.39
N VAL F 234 -6.32 20.59 24.37
CA VAL F 234 -5.09 19.84 24.65
C VAL F 234 -4.65 19.04 23.42
N GLU F 235 -5.57 18.31 22.77
CA GLU F 235 -5.26 17.63 21.50
C GLU F 235 -4.67 18.61 20.49
N ALA F 236 -5.30 19.77 20.33
CA ALA F 236 -4.84 20.73 19.32
C ALA F 236 -3.43 21.22 19.62
N SER F 237 -3.12 21.42 20.88
CA SER F 237 -1.83 22.00 21.23
C SER F 237 -0.64 21.10 20.86
N LYS F 238 -0.87 19.80 20.64
CA LYS F 238 0.24 18.89 20.34
C LYS F 238 0.95 19.25 19.02
N SER F 239 0.36 20.17 18.26
CA SER F 239 0.87 20.51 16.92
C SER F 239 2.23 21.18 17.01
N ASN F 240 2.36 22.15 17.91
CA ASN F 240 3.63 22.80 18.17
C ASN F 240 3.94 22.91 19.65
N LEU F 241 3.31 22.05 20.44
CA LEU F 241 3.51 22.01 21.88
C LEU F 241 3.45 23.40 22.51
N LYS F 242 2.41 24.15 22.14
CA LYS F 242 2.14 25.45 22.73
C LYS F 242 1.71 25.28 24.18
N ARG F 243 2.02 26.27 25.03
CA ARG F 243 1.61 26.20 26.43
C ARG F 243 0.09 26.26 26.53
N ILE F 244 -0.45 25.81 27.65
CA ILE F 244 -1.88 25.78 27.84
C ILE F 244 -2.28 26.35 29.18
N GLN F 245 -3.40 27.06 29.19
CA GLN F 245 -4.06 27.47 30.43
C GLN F 245 -5.49 26.96 30.28
N LEU F 246 -6.01 26.29 31.32
CA LEU F 246 -7.38 25.81 31.28
C LEU F 246 -8.20 26.27 32.47
N GLU F 247 -9.31 26.92 32.19
CA GLU F 247 -10.22 27.23 33.26
C GLU F 247 -11.50 26.58 32.87
N LEU F 248 -11.93 25.64 33.69
CA LEU F 248 -13.04 24.79 33.32
C LEU F 248 -14.11 24.84 34.36
N GLY F 249 -15.33 24.51 33.99
CA GLY F 249 -16.42 24.67 34.92
C GLY F 249 -16.14 24.13 36.29
N GLY F 250 -17.06 24.40 37.21
CA GLY F 250 -17.12 23.76 38.51
C GLY F 250 -18.47 23.78 39.19
N LYS F 251 -18.93 22.64 39.70
CA LYS F 251 -20.15 22.64 40.49
C LYS F 251 -19.81 23.17 41.88
N GLY F 252 -19.66 24.50 42.01
CA GLY F 252 -19.35 25.10 43.29
C GLY F 252 -20.27 24.74 44.45
N ALA F 253 -19.71 24.31 45.57
CA ALA F 253 -20.49 23.98 46.77
C ALA F 253 -20.67 25.17 47.71
N ASN F 254 -21.73 25.15 48.50
CA ASN F 254 -22.05 26.28 49.37
C ASN F 254 -22.62 25.78 50.70
N ILE F 255 -21.73 25.50 51.65
CA ILE F 255 -22.10 24.90 52.93
C ILE F 255 -22.59 25.90 54.00
N VAL F 256 -23.67 25.54 54.69
CA VAL F 256 -24.20 26.35 55.80
C VAL F 256 -24.28 25.53 57.09
N PHE F 257 -23.41 25.86 58.03
CA PHE F 257 -23.32 25.13 59.29
C PHE F 257 -24.34 25.62 60.30
N GLU F 258 -24.60 24.79 61.29
CA GLU F 258 -25.61 25.07 62.31
C GLU F 258 -25.29 26.31 63.13
N ASP F 259 -24.13 26.91 62.90
CA ASP F 259 -23.75 28.11 63.63
C ASP F 259 -23.46 29.26 62.68
N ALA F 260 -24.26 29.32 61.61
CA ALA F 260 -24.16 30.38 60.61
C ALA F 260 -25.06 31.57 60.93
N ASN F 261 -24.71 32.74 60.41
CA ASN F 261 -25.59 33.88 60.44
C ASN F 261 -26.56 33.74 59.29
N ILE F 262 -27.70 33.11 59.57
CA ILE F 262 -28.59 32.62 58.54
C ILE F 262 -29.19 33.70 57.64
N GLU F 263 -29.33 34.92 58.15
CA GLU F 263 -29.77 36.00 57.26
C GLU F 263 -28.71 36.22 56.19
N ALA F 264 -27.47 36.41 56.61
CA ALA F 264 -26.39 36.73 55.68
C ALA F 264 -26.15 35.59 54.71
N ALA F 265 -26.37 34.37 55.19
CA ALA F 265 -26.13 33.18 54.40
C ALA F 265 -27.18 33.02 53.31
N VAL F 266 -28.42 33.31 53.64
CA VAL F 266 -29.49 33.25 52.66
C VAL F 266 -29.24 34.27 51.57
N ASN F 267 -28.85 35.48 51.94
CA ASN F 267 -28.54 36.53 50.98
C ASN F 267 -27.33 36.23 50.10
N GLY F 268 -26.27 35.69 50.72
CA GLY F 268 -25.11 35.28 49.98
C GLY F 268 -25.47 34.13 49.05
N ALA F 269 -26.03 33.07 49.61
CA ALA F 269 -26.37 31.88 48.82
C ALA F 269 -27.26 32.23 47.63
N ALA F 270 -28.15 33.20 47.82
CA ALA F 270 -29.04 33.60 46.76
C ALA F 270 -28.28 34.36 45.69
N TRP F 271 -27.37 35.23 46.14
CA TRP F 271 -26.53 35.98 45.21
C TRP F 271 -25.59 35.02 44.48
N ALA F 272 -25.11 34.03 45.22
CA ALA F 272 -24.20 33.04 44.68
C ALA F 272 -24.73 32.36 43.41
N ILE F 273 -25.89 31.73 43.52
CA ILE F 273 -26.41 30.95 42.40
C ILE F 273 -27.26 31.74 41.41
N PHE F 274 -27.97 32.76 41.89
CA PHE F 274 -28.93 33.44 41.03
C PHE F 274 -28.39 34.66 40.30
N HIS F 275 -27.40 35.33 40.89
CA HIS F 275 -26.81 36.45 40.18
C HIS F 275 -26.26 35.94 38.84
N ASN F 276 -26.38 36.78 37.81
CA ASN F 276 -25.96 36.41 36.47
C ASN F 276 -26.71 35.18 36.01
N GLN F 277 -27.99 35.13 36.36
CA GLN F 277 -28.87 34.06 35.92
C GLN F 277 -28.23 32.67 36.01
N GLY F 278 -27.42 32.48 37.05
CA GLY F 278 -26.85 31.18 37.36
C GLY F 278 -25.72 30.72 36.46
N GLN F 279 -25.54 31.47 35.37
CA GLN F 279 -24.49 31.20 34.39
C GLN F 279 -23.13 31.69 34.90
N ALA F 280 -22.86 31.39 36.17
CA ALA F 280 -21.55 31.63 36.74
C ALA F 280 -20.83 30.29 36.92
N CYS F 281 -19.57 30.26 36.48
CA CYS F 281 -18.73 29.11 36.68
C CYS F 281 -18.58 28.82 38.18
N ILE F 282 -18.36 29.88 38.96
CA ILE F 282 -18.19 29.77 40.40
C ILE F 282 -19.51 29.54 41.13
N ALA F 283 -20.60 29.89 40.46
CA ALA F 283 -21.96 29.74 41.01
C ALA F 283 -22.16 28.57 41.95
N GLY F 284 -22.61 28.84 43.17
CA GLY F 284 -22.94 27.79 44.11
C GLY F 284 -24.18 27.17 43.48
N SER F 285 -24.05 25.94 42.99
CA SER F 285 -25.15 25.22 42.33
C SER F 285 -25.33 23.95 43.14
N ARG F 286 -24.82 23.98 44.37
CA ARG F 286 -25.03 22.89 45.33
C ARG F 286 -25.08 23.47 46.72
N LEU F 287 -26.28 23.58 47.28
CA LEU F 287 -26.45 23.95 48.68
C LEU F 287 -26.27 22.74 49.59
N ILE F 288 -25.76 22.98 50.79
CA ILE F 288 -25.45 21.89 51.72
C ILE F 288 -25.71 22.36 53.13
N LEU F 289 -26.83 21.97 53.70
CA LEU F 289 -27.33 22.60 54.93
C LEU F 289 -27.33 21.65 56.11
N HIS F 290 -26.98 22.20 57.28
CA HIS F 290 -27.02 21.41 58.51
C HIS F 290 -28.47 21.11 58.88
N LYS F 291 -28.71 19.89 59.38
CA LYS F 291 -30.05 19.45 59.80
C LYS F 291 -30.81 20.51 60.62
N ASP F 292 -30.17 20.99 61.69
CA ASP F 292 -30.81 21.88 62.67
C ASP F 292 -31.26 23.24 62.10
N ILE F 293 -30.66 23.65 60.98
CA ILE F 293 -31.00 24.95 60.40
C ILE F 293 -31.52 24.85 58.98
N ALA F 294 -31.60 23.63 58.46
CA ALA F 294 -32.03 23.41 57.08
C ALA F 294 -33.40 24.02 56.83
N ASP F 295 -34.38 23.59 57.64
CA ASP F 295 -35.75 24.06 57.49
C ASP F 295 -35.80 25.59 57.56
N GLN F 296 -35.30 26.12 58.67
CA GLN F 296 -35.31 27.56 58.91
C GLN F 296 -34.68 28.37 57.77
N PHE F 297 -33.72 27.75 57.09
CA PHE F 297 -32.99 28.41 56.03
C PHE F 297 -33.88 28.48 54.80
N LEU F 298 -34.42 27.32 54.42
CA LEU F 298 -35.21 27.22 53.19
C LEU F 298 -36.44 28.12 53.25
N GLU F 299 -37.04 28.22 54.43
CA GLU F 299 -38.19 29.10 54.61
C GLU F 299 -37.85 30.50 54.09
N ARG F 300 -36.76 31.06 54.60
CA ARG F 300 -36.30 32.39 54.20
C ARG F 300 -35.75 32.42 52.76
N PHE F 301 -35.06 31.37 52.36
CA PHE F 301 -34.43 31.29 51.05
C PHE F 301 -35.50 31.17 49.94
N ILE F 302 -36.33 30.13 50.03
CA ILE F 302 -37.35 29.89 49.02
C ILE F 302 -38.22 31.13 48.85
N ALA F 303 -38.63 31.74 49.96
CA ALA F 303 -39.40 33.00 49.91
C ALA F 303 -38.67 34.02 49.02
N LEU F 304 -37.39 34.21 49.29
CA LEU F 304 -36.58 35.16 48.52
C LEU F 304 -36.54 34.76 47.04
N ALA F 305 -36.46 33.46 46.80
CA ALA F 305 -36.35 32.95 45.44
C ALA F 305 -37.56 33.36 44.59
N LYS F 306 -38.74 33.10 45.14
CA LYS F 306 -40.00 33.30 44.40
C LYS F 306 -40.26 34.80 44.20
N SER F 307 -39.60 35.63 45.00
CA SER F 307 -39.81 37.08 44.97
C SER F 307 -38.71 37.80 44.22
N ILE F 308 -38.30 37.22 43.09
CA ILE F 308 -37.21 37.78 42.31
C ILE F 308 -37.70 38.37 41.00
N ARG F 309 -37.59 39.69 40.89
CA ARG F 309 -38.09 40.40 39.71
C ARG F 309 -37.31 39.74 38.60
N LEU F 310 -38.01 38.93 37.82
CA LEU F 310 -37.47 38.32 36.62
C LEU F 310 -38.07 38.97 35.37
N GLY F 311 -37.22 39.46 34.46
CA GLY F 311 -37.70 40.08 33.24
C GLY F 311 -36.71 40.83 32.36
N ASP F 312 -37.25 41.67 31.48
CA ASP F 312 -36.49 42.47 30.52
C ASP F 312 -35.15 42.97 31.09
N PRO F 313 -34.06 42.51 30.50
CA PRO F 313 -32.71 42.91 30.92
C PRO F 313 -32.55 44.44 30.95
N MET F 314 -33.26 45.14 30.07
CA MET F 314 -33.11 46.60 29.96
C MET F 314 -33.85 47.38 31.05
N ASP F 315 -34.59 46.69 31.90
CA ASP F 315 -35.30 47.35 32.99
C ASP F 315 -34.41 47.48 34.22
N PRO F 316 -34.08 48.73 34.60
CA PRO F 316 -33.22 49.02 35.75
C PRO F 316 -33.73 48.35 37.01
N GLU F 317 -34.98 47.90 36.97
CA GLU F 317 -35.54 47.23 38.13
C GLU F 317 -35.58 45.73 37.99
N THR F 318 -35.07 45.21 36.87
CA THR F 318 -34.95 43.76 36.70
C THR F 318 -33.81 43.22 37.56
N GLU F 319 -34.14 42.20 38.35
CA GLU F 319 -33.17 41.58 39.24
C GLU F 319 -32.42 40.41 38.57
N MET F 320 -33.14 39.64 37.75
CA MET F 320 -32.58 38.51 37.00
C MET F 320 -33.15 38.48 35.58
N GLY F 321 -32.30 38.16 34.61
CA GLY F 321 -32.75 38.09 33.23
C GLY F 321 -32.86 36.67 32.69
N PRO F 322 -32.79 36.54 31.36
CA PRO F 322 -32.88 35.28 30.64
C PRO F 322 -31.54 34.55 30.55
N LEU F 323 -31.55 33.30 30.10
CA LEU F 323 -30.32 32.63 29.73
C LEU F 323 -29.87 33.18 28.38
N THR F 324 -28.58 33.18 28.12
CA THR F 324 -28.03 33.88 26.95
C THR F 324 -28.23 33.18 25.60
N SER F 325 -28.58 31.90 25.61
CA SER F 325 -28.84 31.17 24.38
C SER F 325 -30.08 30.31 24.50
N ALA F 326 -30.76 30.10 23.37
CA ALA F 326 -31.92 29.23 23.34
C ALA F 326 -31.52 27.81 23.72
N LEU F 327 -30.51 27.28 23.02
CA LEU F 327 -29.99 25.94 23.25
C LEU F 327 -29.83 25.78 24.76
N ARG F 328 -29.51 26.88 25.40
CA ARG F 328 -29.36 26.91 26.85
C ARG F 328 -30.53 26.52 27.75
N ARG F 329 -31.55 27.38 27.76
CA ARG F 329 -32.80 27.09 28.45
C ARG F 329 -33.23 25.64 28.24
N ASP F 330 -33.56 25.30 27.00
CA ASP F 330 -33.95 23.93 26.69
C ASP F 330 -33.07 22.98 27.48
N ARG F 331 -31.77 23.25 27.45
CA ARG F 331 -30.83 22.44 28.19
C ARG F 331 -31.19 22.42 29.66
N VAL F 332 -31.03 23.55 30.33
CA VAL F 332 -31.37 23.66 31.75
C VAL F 332 -32.67 22.95 32.11
N LEU F 333 -33.68 23.15 31.27
CA LEU F 333 -34.99 22.56 31.53
C LEU F 333 -34.96 21.03 31.50
N SER F 334 -34.20 20.44 30.57
CA SER F 334 -34.07 18.99 30.55
C SER F 334 -33.37 18.52 31.82
N TYR F 335 -32.41 19.30 32.32
CA TYR F 335 -31.74 18.94 33.57
C TYR F 335 -32.72 18.96 34.73
N ILE F 336 -33.74 19.80 34.61
CA ILE F 336 -34.74 19.88 35.65
C ILE F 336 -35.64 18.66 35.64
N ASP F 337 -36.19 18.33 34.47
CA ASP F 337 -37.02 17.13 34.31
C ASP F 337 -36.27 15.91 34.85
N ILE F 338 -34.95 15.91 34.63
CA ILE F 338 -34.06 14.82 35.03
C ILE F 338 -33.99 14.69 36.53
N ALA F 339 -33.81 15.84 37.20
CA ALA F 339 -33.73 15.86 38.66
C ALA F 339 -34.99 15.25 39.26
N ILE F 340 -36.12 15.42 38.57
CA ILE F 340 -37.39 14.88 39.09
C ILE F 340 -37.49 13.37 38.89
N GLU F 341 -37.08 12.89 37.72
CA GLU F 341 -37.04 11.46 37.42
C GLU F 341 -36.20 10.67 38.44
N GLN F 342 -35.36 11.39 39.18
CA GLN F 342 -34.53 10.76 40.21
C GLN F 342 -35.06 11.06 41.60
N GLY F 343 -36.30 11.50 41.68
CA GLY F 343 -36.98 11.71 42.95
C GLY F 343 -36.75 13.07 43.60
N GLY F 344 -36.46 14.07 42.78
CA GLY F 344 -36.23 15.41 43.29
C GLY F 344 -37.51 16.15 43.60
N LYS F 345 -37.54 16.81 44.76
CA LYS F 345 -38.72 17.57 45.17
C LYS F 345 -38.52 19.06 44.92
N VAL F 346 -39.00 19.55 43.78
CA VAL F 346 -38.84 20.95 43.40
C VAL F 346 -39.51 21.96 44.36
N LEU F 347 -38.68 22.72 45.07
CA LEU F 347 -39.14 23.59 46.15
C LEU F 347 -39.45 25.02 45.72
N ALA F 348 -38.97 25.41 44.54
CA ALA F 348 -39.28 26.75 44.02
C ALA F 348 -39.00 26.82 42.53
N GLY F 349 -39.77 27.65 41.82
CA GLY F 349 -39.71 27.71 40.37
C GLY F 349 -39.89 26.33 39.76
N GLY F 350 -39.11 26.02 38.73
CA GLY F 350 -39.16 24.71 38.14
C GLY F 350 -39.43 24.69 36.66
N LYS F 351 -40.07 25.74 36.14
CA LYS F 351 -40.25 25.83 34.70
C LYS F 351 -40.18 27.28 34.23
N ALA F 352 -40.37 27.48 32.93
CA ALA F 352 -40.33 28.84 32.38
C ALA F 352 -41.39 29.69 33.08
N PRO F 353 -41.29 31.03 32.97
CA PRO F 353 -42.31 31.87 33.58
C PRO F 353 -43.54 31.92 32.68
N ASP F 354 -44.74 31.92 33.26
CA ASP F 354 -45.96 31.89 32.46
C ASP F 354 -46.28 33.25 31.87
N ASP F 355 -45.41 34.22 32.15
CA ASP F 355 -45.59 35.59 31.68
C ASP F 355 -45.66 35.75 30.17
N LYS F 356 -45.96 36.97 29.77
CA LYS F 356 -46.34 37.34 28.43
C LYS F 356 -45.09 37.66 27.63
N ALA F 357 -44.50 38.82 27.91
CA ALA F 357 -43.31 39.29 27.20
C ALA F 357 -42.19 38.26 27.29
N LEU F 358 -42.18 37.52 28.39
CA LEU F 358 -41.12 36.58 28.68
C LEU F 358 -41.25 35.27 27.92
N ALA F 359 -42.42 35.03 27.33
CA ALA F 359 -42.65 33.80 26.60
C ALA F 359 -41.82 33.76 25.33
N ASN F 360 -41.24 34.92 24.98
CA ASN F 360 -40.43 35.04 23.76
C ASN F 360 -38.94 34.84 23.97
N GLY F 361 -38.45 35.23 25.14
CA GLY F 361 -37.06 35.09 25.48
C GLY F 361 -36.73 33.75 26.10
N PHE F 362 -35.43 33.52 26.31
CA PHE F 362 -34.97 32.25 26.86
C PHE F 362 -34.96 32.27 28.37
N TYR F 363 -36.11 32.56 28.96
CA TYR F 363 -36.21 32.69 30.41
C TYR F 363 -36.46 31.36 31.11
N VAL F 364 -35.98 31.27 32.35
CA VAL F 364 -36.28 30.17 33.26
C VAL F 364 -36.30 30.80 34.64
N GLU F 365 -37.15 30.29 35.53
CA GLU F 365 -37.26 30.93 36.84
C GLU F 365 -36.44 30.24 37.93
N PRO F 366 -36.08 31.01 38.98
CA PRO F 366 -35.25 30.55 40.09
C PRO F 366 -35.69 29.18 40.53
N THR F 367 -34.83 28.19 40.39
CA THR F 367 -35.23 26.84 40.74
C THR F 367 -34.41 26.28 41.87
N VAL F 368 -35.10 25.73 42.86
CA VAL F 368 -34.44 25.07 43.99
C VAL F 368 -35.00 23.65 44.09
N VAL F 369 -34.13 22.66 44.11
CA VAL F 369 -34.58 21.27 44.14
C VAL F 369 -33.92 20.48 45.24
N GLU F 370 -34.71 19.90 46.13
CA GLU F 370 -34.18 19.02 47.18
C GLU F 370 -33.78 17.68 46.58
N ALA F 371 -32.67 17.11 47.04
CA ALA F 371 -32.17 15.86 46.47
C ALA F 371 -31.19 15.16 47.40
N LYS F 372 -30.54 14.13 46.87
CA LYS F 372 -29.45 13.44 47.55
C LYS F 372 -28.16 13.75 46.79
N PRO F 373 -26.99 13.57 47.45
CA PRO F 373 -25.73 13.64 46.67
C PRO F 373 -25.70 12.45 45.72
N GLN F 374 -24.63 12.27 44.96
CA GLN F 374 -24.56 11.10 44.05
C GLN F 374 -25.71 11.05 43.06
N ASP F 375 -26.57 12.06 43.07
CA ASP F 375 -27.66 12.15 42.11
C ASP F 375 -26.98 12.73 40.89
N ARG F 376 -27.60 12.55 39.73
CA ARG F 376 -26.99 12.95 38.48
C ARG F 376 -26.87 14.47 38.35
N VAL F 377 -27.82 15.17 38.97
CA VAL F 377 -27.90 16.62 38.83
C VAL F 377 -27.07 17.36 39.89
N CYS F 378 -26.48 16.61 40.82
CA CYS F 378 -25.55 17.18 41.81
C CYS F 378 -24.08 16.95 41.39
N GLN F 379 -23.91 16.32 40.22
CA GLN F 379 -22.60 15.98 39.70
C GLN F 379 -22.21 16.81 38.50
N GLU F 380 -23.14 16.94 37.54
CA GLU F 380 -22.87 17.61 36.28
C GLU F 380 -23.25 19.07 36.38
N GLU F 381 -22.52 19.92 35.66
CA GLU F 381 -22.75 21.34 35.80
C GLU F 381 -24.04 21.78 35.12
N VAL F 382 -25.04 22.08 35.93
CA VAL F 382 -26.25 22.70 35.44
C VAL F 382 -25.96 24.18 35.37
N PHE F 383 -25.81 24.67 34.14
CA PHE F 383 -25.40 26.04 33.93
C PHE F 383 -26.64 26.93 33.84
N GLY F 384 -27.32 27.09 34.96
CA GLY F 384 -28.49 27.96 35.04
C GLY F 384 -28.82 28.34 36.48
N PRO F 385 -29.98 28.99 36.70
CA PRO F 385 -30.46 29.43 38.02
C PRO F 385 -30.99 28.27 38.82
N PHE F 386 -30.12 27.34 39.20
CA PHE F 386 -30.56 26.02 39.62
C PHE F 386 -29.70 25.53 40.77
N VAL F 387 -30.32 25.39 41.94
CA VAL F 387 -29.60 24.97 43.15
C VAL F 387 -30.14 23.67 43.69
N THR F 388 -29.27 22.73 44.00
CA THR F 388 -29.71 21.50 44.64
C THR F 388 -29.44 21.58 46.14
N VAL F 389 -30.40 21.12 46.93
CA VAL F 389 -30.25 21.15 48.38
C VAL F 389 -30.00 19.75 48.90
N VAL F 390 -28.99 19.61 49.74
CA VAL F 390 -28.74 18.35 50.44
C VAL F 390 -28.55 18.71 51.91
N ARG F 391 -28.62 17.71 52.77
CA ARG F 391 -28.46 17.97 54.20
C ARG F 391 -27.35 17.11 54.81
N PHE F 392 -26.65 17.67 55.79
CA PHE F 392 -25.60 16.95 56.51
C PHE F 392 -25.76 17.17 58.02
N SER F 393 -25.04 16.38 58.81
CA SER F 393 -25.16 16.49 60.27
C SER F 393 -23.83 16.69 61.01
N SER F 394 -22.73 16.21 60.43
CA SER F 394 -21.41 16.36 61.04
C SER F 394 -20.47 17.10 60.08
N ASP F 395 -19.49 17.80 60.64
CA ASP F 395 -18.51 18.47 59.79
C ASP F 395 -17.96 17.51 58.74
N GLU F 396 -17.56 16.33 59.19
CA GLU F 396 -16.89 15.36 58.32
C GLU F 396 -17.77 14.93 57.14
N GLU F 397 -19.07 14.85 57.36
CA GLU F 397 -19.99 14.46 56.30
C GLU F 397 -20.12 15.59 55.28
N ALA F 398 -20.03 16.83 55.75
CA ALA F 398 -20.14 17.96 54.85
C ALA F 398 -18.94 18.01 53.90
N LEU F 399 -17.74 17.83 54.46
CA LEU F 399 -16.52 17.80 53.65
C LEU F 399 -16.63 16.72 52.58
N ALA F 400 -17.11 15.54 53.00
CA ALA F 400 -17.24 14.41 52.09
C ALA F 400 -18.14 14.74 50.91
N ILE F 401 -19.25 15.39 51.20
CA ILE F 401 -20.21 15.81 50.17
C ILE F 401 -19.61 16.84 49.21
N ALA F 402 -18.89 17.81 49.76
CA ALA F 402 -18.31 18.89 48.95
C ALA F 402 -17.19 18.39 48.01
N ASN F 403 -16.49 17.33 48.42
CA ASN F 403 -15.37 16.75 47.66
C ASN F 403 -15.78 15.62 46.69
N ASN F 404 -17.04 15.18 46.76
CA ASN F 404 -17.50 14.09 45.88
C ASN F 404 -17.89 14.58 44.47
N THR F 405 -17.09 15.46 43.90
CA THR F 405 -17.32 15.94 42.55
C THR F 405 -16.02 15.84 41.77
N GLU F 406 -16.14 15.88 40.43
CA GLU F 406 -14.97 15.90 39.55
C GLU F 406 -14.39 17.30 39.55
N TYR F 407 -15.30 18.27 39.70
CA TYR F 407 -14.96 19.68 39.65
C TYR F 407 -14.43 20.18 40.99
N GLY F 408 -13.51 21.13 40.94
CA GLY F 408 -13.00 21.74 42.15
C GLY F 408 -12.56 23.17 41.89
N LEU F 409 -13.53 24.03 41.59
CA LEU F 409 -13.21 25.42 41.31
C LEU F 409 -13.75 26.34 42.41
N GLY F 410 -15.07 26.39 42.56
CA GLY F 410 -15.67 27.19 43.60
C GLY F 410 -15.93 26.42 44.87
N SER F 411 -16.08 27.13 45.97
CA SER F 411 -16.55 26.55 47.21
C SER F 411 -16.71 27.72 48.20
N GLY F 412 -17.69 27.64 49.09
CA GLY F 412 -17.92 28.68 50.08
C GLY F 412 -18.54 28.00 51.29
N LEU F 413 -18.35 28.57 52.48
CA LEU F 413 -18.96 27.99 53.66
C LEU F 413 -19.29 29.07 54.67
N TRP F 414 -20.31 28.82 55.49
CA TRP F 414 -20.85 29.81 56.41
C TRP F 414 -20.80 29.31 57.85
N THR F 415 -19.96 29.95 58.68
CA THR F 415 -19.77 29.56 60.07
C THR F 415 -19.28 30.75 60.85
N GLN F 416 -19.25 30.62 62.17
CA GLN F 416 -18.58 31.60 63.02
C GLN F 416 -17.58 30.92 63.95
N ASN F 417 -17.29 29.66 63.66
CA ASN F 417 -16.27 28.94 64.41
C ASN F 417 -14.91 29.08 63.73
N LEU F 418 -13.98 29.77 64.40
CA LEU F 418 -12.60 29.93 63.93
C LEU F 418 -12.03 28.64 63.37
N ALA F 419 -11.89 27.64 64.24
CA ALA F 419 -11.37 26.35 63.80
C ALA F 419 -12.09 25.81 62.57
N ARG F 420 -13.40 25.64 62.66
CA ARG F 420 -14.12 25.01 61.57
C ARG F 420 -13.90 25.71 60.23
N ALA F 421 -13.90 27.03 60.22
CA ALA F 421 -13.77 27.75 58.96
C ALA F 421 -12.45 27.42 58.26
N HIS F 422 -11.34 27.52 59.00
CA HIS F 422 -10.02 27.27 58.42
C HIS F 422 -9.76 25.80 58.10
N LYS F 423 -10.11 24.91 59.04
CA LYS F 423 -9.97 23.47 58.86
C LYS F 423 -10.64 23.06 57.54
N MET F 424 -11.86 23.56 57.34
CA MET F 424 -12.65 23.23 56.14
C MET F 424 -12.05 23.77 54.85
N ALA F 425 -11.69 25.05 54.84
CA ALA F 425 -11.13 25.67 53.65
C ALA F 425 -9.83 24.97 53.23
N HIS F 426 -9.17 24.39 54.23
CA HIS F 426 -7.92 23.69 54.01
C HIS F 426 -8.17 22.33 53.38
N ALA F 427 -9.25 21.67 53.81
CA ALA F 427 -9.57 20.30 53.38
C ALA F 427 -10.30 20.18 52.04
N ILE F 428 -11.13 21.17 51.73
CA ILE F 428 -11.88 21.17 50.50
C ILE F 428 -10.97 21.28 49.31
N HIS F 429 -11.06 20.34 48.39
CA HIS F 429 -10.24 20.39 47.19
C HIS F 429 -10.85 21.34 46.16
N ALA F 430 -10.48 22.62 46.27
CA ALA F 430 -10.96 23.66 45.39
C ALA F 430 -9.93 24.79 45.30
N GLY F 431 -9.90 25.44 44.14
CA GLY F 431 -8.88 26.45 43.89
C GLY F 431 -9.11 27.74 44.63
N MET F 432 -10.28 27.84 45.24
CA MET F 432 -10.64 29.04 45.99
C MET F 432 -11.85 28.74 46.85
N CYS F 433 -11.91 29.41 48.00
CA CYS F 433 -12.91 29.08 48.98
C CYS F 433 -13.29 30.33 49.79
N TRP F 434 -14.57 30.67 49.80
CA TRP F 434 -15.04 31.90 50.44
C TRP F 434 -15.78 31.60 51.73
N ILE F 435 -15.47 32.37 52.78
CA ILE F 435 -16.06 32.11 54.08
C ILE F 435 -16.92 33.29 54.49
N ASN F 436 -18.17 33.00 54.87
CA ASN F 436 -19.12 34.06 55.20
C ASN F 436 -19.26 35.13 54.10
N CYS F 437 -19.13 34.67 52.85
CA CYS F 437 -19.31 35.49 51.65
C CYS F 437 -19.17 34.54 50.45
N TYR F 438 -19.38 35.05 49.24
CA TYR F 438 -19.31 34.18 48.06
C TYR F 438 -19.11 34.97 46.76
N LYS F 439 -18.50 34.33 45.76
CA LYS F 439 -18.27 34.94 44.46
C LYS F 439 -17.53 36.28 44.53
N ARG F 440 -16.71 36.46 45.56
CA ARG F 440 -15.92 37.68 45.66
C ARG F 440 -14.66 37.50 44.82
N VAL F 441 -14.49 38.33 43.79
CA VAL F 441 -13.22 38.33 43.07
C VAL F 441 -12.51 39.69 43.17
N SER F 442 -11.25 39.68 42.77
CA SER F 442 -10.43 40.87 42.84
C SER F 442 -9.21 40.60 41.97
N PRO F 443 -8.83 41.57 41.10
CA PRO F 443 -7.58 41.45 40.36
C PRO F 443 -6.44 41.38 41.38
N GLY F 444 -5.49 40.49 41.19
CA GLY F 444 -4.43 40.27 42.17
C GLY F 444 -4.60 39.02 43.01
N SER F 445 -5.85 38.55 43.17
CA SER F 445 -6.17 37.28 43.84
C SER F 445 -6.41 36.17 42.82
N PRO F 446 -5.47 35.19 42.74
CA PRO F 446 -5.48 34.10 41.76
C PRO F 446 -6.81 33.37 41.64
N PHE F 447 -7.31 33.30 40.41
CA PHE F 447 -8.61 32.74 40.10
C PHE F 447 -8.41 31.59 39.13
N GLY F 448 -8.76 30.39 39.55
CA GLY F 448 -8.56 29.21 38.72
C GLY F 448 -8.98 27.92 39.39
N GLY F 449 -8.90 26.83 38.64
CA GLY F 449 -9.37 25.55 39.13
C GLY F 449 -8.29 24.62 39.68
N VAL F 450 -8.76 23.47 40.16
CA VAL F 450 -7.88 22.41 40.65
C VAL F 450 -8.36 21.05 40.15
N GLY F 451 -7.44 20.27 39.59
CA GLY F 451 -7.76 18.96 39.07
C GLY F 451 -8.42 18.97 37.70
N GLN F 452 -9.70 18.61 37.66
CA GLN F 452 -10.45 18.59 36.41
C GLN F 452 -11.18 19.90 36.12
N SER F 453 -10.89 20.93 36.91
CA SER F 453 -11.33 22.29 36.59
C SER F 453 -10.16 23.09 36.01
N GLY F 454 -9.08 22.38 35.71
CA GLY F 454 -7.97 22.90 34.92
C GLY F 454 -6.72 23.34 35.66
N TYR F 455 -5.84 24.02 34.93
CA TYR F 455 -4.64 24.59 35.53
C TYR F 455 -4.48 26.03 35.16
N GLY F 456 -3.55 26.71 35.83
CA GLY F 456 -3.31 28.11 35.56
C GLY F 456 -4.29 29.03 36.26
N ARG F 457 -3.81 30.21 36.65
CA ARG F 457 -4.61 31.20 37.35
C ARG F 457 -4.76 32.47 36.53
N GLU F 458 -5.85 33.19 36.77
CA GLU F 458 -5.99 34.56 36.28
C GLU F 458 -5.93 35.49 37.46
N MET F 459 -5.76 36.79 37.20
CA MET F 459 -5.90 37.82 38.23
C MET F 459 -4.88 38.21 39.30
N GLY F 460 -3.77 37.49 39.43
CA GLY F 460 -2.72 37.97 40.33
C GLY F 460 -1.35 38.23 39.72
N PHE F 461 -0.31 38.18 40.54
CA PHE F 461 1.03 38.06 39.99
C PHE F 461 1.13 36.72 39.25
N GLU F 462 0.39 35.73 39.74
CA GLU F 462 0.34 34.40 39.15
C GLU F 462 -0.01 34.54 37.68
N ALA F 463 -1.00 35.38 37.40
CA ALA F 463 -1.51 35.52 36.05
C ALA F 463 -0.42 35.97 35.11
N ILE F 464 0.37 36.94 35.53
CA ILE F 464 1.50 37.42 34.77
C ILE F 464 2.54 36.33 34.47
N HIS F 465 2.85 35.52 35.48
CA HIS F 465 3.78 34.40 35.31
C HIS F 465 3.35 33.46 34.16
N ASP F 466 2.05 33.20 34.05
CA ASP F 466 1.54 32.27 33.04
C ASP F 466 1.70 32.79 31.61
N TYR F 467 2.01 34.08 31.49
CA TYR F 467 2.13 34.71 30.18
C TYR F 467 3.55 35.19 29.99
N THR F 468 4.50 34.38 30.43
CA THR F 468 5.90 34.81 30.41
C THR F 468 6.94 33.67 30.49
N GLU F 469 7.98 33.78 29.66
CA GLU F 469 9.06 32.79 29.59
C GLU F 469 10.18 33.21 30.53
N ALA F 470 11.15 32.32 30.73
CA ALA F 470 12.31 32.69 31.54
C ALA F 470 13.61 32.46 30.79
N ARG F 471 14.22 33.56 30.32
CA ARG F 471 15.54 33.49 29.67
C ARG F 471 16.68 33.57 30.70
N SER F 472 17.41 32.48 30.88
CA SER F 472 18.50 32.47 31.83
C SER F 472 19.81 32.77 31.11
N VAL F 473 20.54 33.77 31.59
CA VAL F 473 21.78 34.15 30.94
C VAL F 473 22.95 33.99 31.89
N TRP F 474 23.98 33.28 31.43
CA TRP F 474 25.20 33.11 32.20
C TRP F 474 26.33 33.93 31.60
N VAL F 475 26.97 34.73 32.45
CA VAL F 475 28.18 35.46 32.04
C VAL F 475 29.41 35.04 32.87
N ASN F 476 30.42 34.52 32.18
CA ASN F 476 31.68 34.23 32.82
C ASN F 476 32.53 35.49 32.93
N VAL F 477 32.67 36.04 34.13
CA VAL F 477 33.54 37.21 34.32
C VAL F 477 34.94 36.83 34.85
N ASP F 478 35.00 35.92 35.82
CA ASP F 478 36.24 35.32 36.35
C ASP F 478 36.02 33.81 36.49
N ALA F 479 36.91 33.01 35.97
CA ALA F 479 36.73 31.59 36.17
C ALA F 479 37.96 30.76 35.82
N LYS F 480 38.28 29.83 36.72
CA LYS F 480 39.41 28.94 36.56
C LYS F 480 39.05 27.76 35.65
N ILE F 481 38.07 27.96 34.76
CA ILE F 481 37.59 26.87 33.89
C ILE F 481 38.71 25.89 33.50
N ALA F 482 38.81 24.82 34.28
CA ALA F 482 39.81 23.80 34.02
C ALA F 482 39.39 23.05 32.77
N PRO F 483 40.13 23.20 31.68
CA PRO F 483 39.76 22.52 30.44
C PRO F 483 39.30 21.10 30.77
N HIS F 484 38.09 20.70 30.36
CA HIS F 484 37.59 19.40 30.76
C HIS F 484 38.48 18.29 30.21
N PHE F 485 38.75 18.34 28.90
CA PHE F 485 39.69 17.41 28.29
C PHE F 485 41.10 17.95 28.52
N LYS F 486 41.73 17.41 29.58
CA LYS F 486 43.02 17.88 30.07
C LYS F 486 44.10 17.64 29.05
N ARG F 487 44.31 18.63 28.18
CA ARG F 487 45.32 18.60 27.14
C ARG F 487 45.63 17.19 26.63
N MET G 1 -27.10 -10.11 30.88
CA MET G 1 -26.10 -10.91 30.14
C MET G 1 -25.12 -10.16 29.19
N GLN G 2 -25.56 -9.84 27.97
CA GLN G 2 -24.78 -9.03 27.03
C GLN G 2 -25.06 -7.57 27.31
N ASN G 3 -24.03 -6.76 27.56
CA ASN G 3 -24.30 -5.49 28.23
C ASN G 3 -23.60 -4.20 27.78
N GLN G 4 -22.85 -4.25 26.69
CA GLN G 4 -22.11 -3.09 26.21
C GLN G 4 -22.75 -2.47 24.97
N LEU G 5 -22.30 -1.30 24.56
CA LEU G 5 -22.70 -0.73 23.29
C LEU G 5 -22.39 -1.72 22.20
N TYR G 6 -23.03 -1.58 21.05
CA TYR G 6 -22.70 -2.38 19.89
C TYR G 6 -22.53 -1.45 18.71
N ILE G 7 -21.28 -1.21 18.33
CA ILE G 7 -20.95 -0.26 17.29
C ILE G 7 -20.02 -0.85 16.22
N ASP G 8 -20.44 -0.81 14.96
CA ASP G 8 -19.64 -1.34 13.87
C ASP G 8 -19.36 -2.81 14.11
N GLY G 9 -20.34 -3.54 14.62
CA GLY G 9 -20.25 -5.00 14.74
C GLY G 9 -19.43 -5.53 15.90
N ARG G 10 -19.05 -4.66 16.83
N ARG G 10 -19.06 -4.67 16.84
CA ARG G 10 -18.29 -5.07 18.01
CA ARG G 10 -18.30 -5.10 18.00
C ARG G 10 -18.96 -4.57 19.28
C ARG G 10 -18.97 -4.59 19.27
N PHE G 11 -18.97 -5.41 20.31
CA PHE G 11 -19.42 -4.96 21.61
C PHE G 11 -18.32 -4.15 22.28
N VAL G 12 -18.56 -2.87 22.52
CA VAL G 12 -17.54 -2.02 23.10
C VAL G 12 -18.07 -1.28 24.31
N ASP G 13 -17.19 -0.84 25.18
CA ASP G 13 -17.59 -0.02 26.32
C ASP G 13 -17.83 1.40 25.87
N ALA G 14 -18.45 2.19 26.74
CA ALA G 14 -18.67 3.60 26.45
C ALA G 14 -17.33 4.30 26.41
N VAL G 15 -17.15 5.21 25.47
CA VAL G 15 -15.91 5.95 25.30
C VAL G 15 -15.36 6.57 26.60
N ALA G 16 -16.24 7.12 27.42
CA ALA G 16 -15.81 7.75 28.66
C ALA G 16 -16.10 6.83 29.85
N GLY G 17 -16.29 5.55 29.56
CA GLY G 17 -16.47 4.57 30.60
C GLY G 17 -17.77 4.65 31.38
N GLY G 18 -18.64 5.59 31.02
CA GLY G 18 -19.95 5.71 31.64
C GLY G 18 -20.66 4.37 31.89
N THR G 19 -21.48 4.33 32.92
CA THR G 19 -22.14 3.09 33.28
C THR G 19 -23.55 3.37 33.83
N ILE G 20 -24.48 2.44 33.60
CA ILE G 20 -25.84 2.57 34.11
C ILE G 20 -26.33 1.25 34.69
N ASP G 21 -27.03 1.33 35.81
CA ASP G 21 -27.50 0.11 36.50
C ASP G 21 -28.79 -0.43 35.90
N VAL G 22 -28.82 -1.72 35.56
CA VAL G 22 -30.05 -2.32 35.06
C VAL G 22 -30.60 -3.26 36.11
N VAL G 23 -31.80 -2.94 36.60
CA VAL G 23 -32.39 -3.61 37.75
C VAL G 23 -33.58 -4.53 37.40
N SER G 24 -33.73 -5.62 38.16
CA SER G 24 -34.92 -6.47 38.03
C SER G 24 -36.09 -5.91 38.80
N PRO G 25 -37.20 -5.64 38.10
CA PRO G 25 -38.40 -5.05 38.69
C PRO G 25 -39.08 -5.94 39.74
N HIS G 26 -38.60 -7.17 39.91
CA HIS G 26 -39.27 -8.11 40.80
C HIS G 26 -38.81 -8.04 42.26
N ASP G 27 -37.53 -7.79 42.45
CA ASP G 27 -36.94 -7.81 43.78
C ASP G 27 -36.04 -6.60 44.00
N GLY G 28 -35.89 -5.74 43.00
CA GLY G 28 -35.02 -4.58 43.11
C GLY G 28 -33.56 -4.94 42.88
N SER G 29 -33.30 -6.25 42.72
CA SER G 29 -31.96 -6.81 42.48
C SER G 29 -31.24 -6.21 41.25
N LEU G 30 -29.92 -6.09 41.34
CA LEU G 30 -29.11 -5.67 40.19
C LEU G 30 -28.96 -6.82 39.18
N ILE G 31 -29.25 -6.56 37.91
CA ILE G 31 -29.14 -7.59 36.86
C ILE G 31 -27.78 -7.51 36.17
N THR G 32 -27.33 -6.29 35.89
CA THR G 32 -26.00 -6.03 35.33
C THR G 32 -25.80 -4.55 35.11
N ARG G 33 -24.62 -4.17 34.65
CA ARG G 33 -24.30 -2.79 34.35
C ARG G 33 -24.16 -2.57 32.84
N ILE G 34 -24.87 -1.56 32.36
CA ILE G 34 -24.91 -1.20 30.94
C ILE G 34 -23.87 -0.13 30.64
N ALA G 35 -23.14 -0.30 29.54
CA ALA G 35 -22.27 0.78 29.05
C ALA G 35 -23.14 1.98 28.67
N ALA G 36 -22.91 3.12 29.32
CA ALA G 36 -23.76 4.29 29.11
C ALA G 36 -23.23 5.18 28.00
N ALA G 37 -23.96 5.19 26.90
CA ALA G 37 -23.55 5.95 25.73
C ALA G 37 -23.77 7.44 25.93
N GLU G 38 -22.84 8.24 25.44
CA GLU G 38 -22.96 9.70 25.47
C GLU G 38 -22.66 10.25 24.09
N ALA G 39 -22.75 11.57 23.94
CA ALA G 39 -22.57 12.19 22.64
C ALA G 39 -21.45 11.57 21.82
N ALA G 40 -20.26 11.46 22.42
CA ALA G 40 -19.10 10.97 21.70
C ALA G 40 -19.33 9.57 21.12
N ASP G 41 -20.12 8.77 21.82
CA ASP G 41 -20.42 7.42 21.39
C ASP G 41 -21.32 7.36 20.18
N VAL G 42 -22.38 8.16 20.18
CA VAL G 42 -23.30 8.16 19.05
C VAL G 42 -22.56 8.67 17.82
N ASP G 43 -21.71 9.68 18.00
CA ASP G 43 -20.91 10.21 16.90
C ASP G 43 -20.24 9.06 16.13
N LEU G 44 -19.87 8.01 16.85
CA LEU G 44 -19.21 6.87 16.25
C LEU G 44 -20.23 5.93 15.66
N ALA G 45 -21.27 5.64 16.40
CA ALA G 45 -22.29 4.75 15.92
C ALA G 45 -22.87 5.28 14.61
N VAL G 46 -23.05 6.60 14.53
CA VAL G 46 -23.60 7.21 13.32
C VAL G 46 -22.57 7.15 12.20
N ALA G 47 -21.31 7.41 12.53
CA ALA G 47 -20.26 7.36 11.52
C ALA G 47 -20.12 5.95 10.94
N ALA G 48 -20.31 4.96 11.81
CA ALA G 48 -20.29 3.56 11.42
C ALA G 48 -21.44 3.28 10.47
N ALA G 49 -22.61 3.77 10.84
CA ALA G 49 -23.77 3.61 10.01
C ALA G 49 -23.63 4.32 8.66
N LYS G 50 -23.06 5.52 8.67
CA LYS G 50 -22.92 6.33 7.45
C LYS G 50 -22.02 5.60 6.46
N ARG G 51 -21.03 4.92 7.03
CA ARG G 51 -20.04 4.22 6.25
C ARG G 51 -20.66 2.97 5.64
N ALA G 52 -21.43 2.26 6.45
CA ALA G 52 -22.00 0.99 6.02
C ALA G 52 -23.12 1.18 5.01
N PHE G 53 -23.71 2.37 4.96
CA PHE G 53 -24.90 2.60 4.15
C PHE G 53 -24.73 2.31 2.66
N PRO G 54 -23.78 2.98 2.01
CA PRO G 54 -23.63 2.78 0.57
C PRO G 54 -23.64 1.31 0.13
N ALA G 55 -22.88 0.47 0.81
CA ALA G 55 -22.80 -0.94 0.41
C ALA G 55 -24.10 -1.67 0.71
N TRP G 56 -24.69 -1.35 1.85
CA TRP G 56 -25.91 -1.98 2.31
C TRP G 56 -27.07 -1.68 1.36
N SER G 57 -27.26 -0.40 1.04
CA SER G 57 -28.37 -0.03 0.17
C SER G 57 -28.12 -0.49 -1.24
N ALA G 58 -26.86 -0.79 -1.56
CA ALA G 58 -26.47 -1.20 -2.90
C ALA G 58 -26.70 -2.68 -3.14
N LEU G 59 -26.76 -3.45 -2.07
CA LEU G 59 -27.27 -4.82 -2.14
C LEU G 59 -28.61 -4.87 -2.87
N GLY G 60 -28.88 -5.96 -3.58
CA GLY G 60 -30.17 -6.13 -4.20
C GLY G 60 -31.19 -6.17 -3.07
N ALA G 61 -32.41 -5.69 -3.31
CA ALA G 61 -33.40 -5.64 -2.23
C ALA G 61 -33.69 -7.02 -1.69
N ALA G 62 -33.74 -8.02 -2.57
CA ALA G 62 -34.02 -9.39 -2.15
C ALA G 62 -33.04 -9.90 -1.09
N GLU G 63 -31.79 -9.45 -1.17
CA GLU G 63 -30.77 -9.82 -0.20
C GLU G 63 -31.07 -9.27 1.20
N ARG G 64 -31.32 -7.98 1.30
CA ARG G 64 -31.75 -7.40 2.57
C ARG G 64 -32.94 -8.22 3.07
N GLY G 65 -33.80 -8.64 2.16
CA GLY G 65 -34.98 -9.39 2.53
C GLY G 65 -34.61 -10.72 3.16
N ARG G 66 -33.77 -11.48 2.46
CA ARG G 66 -33.34 -12.76 2.97
C ARG G 66 -32.74 -12.69 4.37
N LEU G 67 -31.91 -11.67 4.66
CA LEU G 67 -31.30 -11.56 5.97
C LEU G 67 -32.36 -11.35 7.04
N LEU G 68 -33.31 -10.44 6.79
CA LEU G 68 -34.41 -10.24 7.71
C LEU G 68 -35.19 -11.52 7.92
N LEU G 69 -35.45 -12.25 6.84
CA LEU G 69 -36.07 -13.57 6.96
C LEU G 69 -35.32 -14.55 7.86
N LYS G 70 -34.00 -14.63 7.72
CA LYS G 70 -33.23 -15.55 8.54
C LYS G 70 -33.27 -15.07 9.97
N LEU G 71 -33.06 -13.78 10.19
CA LEU G 71 -33.17 -13.22 11.53
C LEU G 71 -34.47 -13.63 12.21
N ALA G 72 -35.55 -13.73 11.44
CA ALA G 72 -36.82 -14.13 12.03
C ALA G 72 -36.79 -15.58 12.49
N ASP G 73 -36.34 -16.48 11.64
CA ASP G 73 -36.21 -17.88 12.01
C ASP G 73 -35.29 -18.01 13.21
N ARG G 74 -34.18 -17.29 13.16
CA ARG G 74 -33.18 -17.33 14.22
C ARG G 74 -33.75 -16.90 15.58
N ILE G 75 -34.54 -15.83 15.56
CA ILE G 75 -35.18 -15.33 16.77
C ILE G 75 -36.06 -16.41 17.38
N GLU G 76 -36.65 -17.24 16.55
CA GLU G 76 -37.53 -18.29 17.05
C GLU G 76 -36.72 -19.48 17.57
N GLU G 77 -35.57 -19.74 16.96
CA GLU G 77 -34.64 -20.73 17.50
C GLU G 77 -34.25 -20.38 18.94
N CYS G 78 -33.90 -19.11 19.17
CA CYS G 78 -33.58 -18.63 20.49
C CYS G 78 -34.83 -18.15 21.23
N SER G 79 -35.96 -18.73 20.88
CA SER G 79 -37.24 -18.34 21.49
C SER G 79 -37.16 -18.17 22.99
N GLU G 80 -36.78 -19.22 23.71
CA GLU G 80 -36.75 -19.20 25.17
C GLU G 80 -35.62 -18.33 25.72
N GLU G 81 -34.43 -18.50 25.17
CA GLU G 81 -33.32 -17.64 25.59
C GLU G 81 -33.74 -16.18 25.65
N LEU G 82 -34.53 -15.76 24.68
CA LEU G 82 -34.97 -14.36 24.62
C LEU G 82 -36.12 -14.06 25.54
N ALA G 83 -37.19 -14.85 25.44
CA ALA G 83 -38.37 -14.63 26.29
C ALA G 83 -37.95 -14.46 27.74
N GLN G 84 -36.92 -15.21 28.14
CA GLN G 84 -36.41 -15.22 29.50
C GLN G 84 -35.63 -13.96 29.81
N LEU G 85 -34.77 -13.57 28.89
CA LEU G 85 -34.00 -12.35 29.05
C LEU G 85 -34.93 -11.15 29.15
N GLU G 86 -35.98 -11.14 28.33
CA GLU G 86 -36.90 -10.01 28.28
C GLU G 86 -37.72 -9.93 29.55
N SER G 87 -38.42 -11.01 29.88
CA SER G 87 -39.30 -10.99 31.04
C SER G 87 -38.54 -10.66 32.32
N LEU G 88 -37.30 -11.10 32.41
CA LEU G 88 -36.48 -10.79 33.55
C LEU G 88 -36.25 -9.29 33.68
N ASN G 89 -35.91 -8.66 32.57
CA ASN G 89 -35.53 -7.26 32.53
C ASN G 89 -36.70 -6.28 32.70
N THR G 90 -37.89 -6.71 32.29
CA THR G 90 -39.06 -5.82 32.18
C THR G 90 -40.20 -6.15 33.15
N GLY G 91 -40.20 -7.36 33.69
CA GLY G 91 -41.25 -7.78 34.59
C GLY G 91 -42.39 -8.45 33.85
N HIS G 92 -42.29 -8.56 32.53
CA HIS G 92 -43.33 -9.24 31.76
C HIS G 92 -43.37 -10.69 32.18
N PRO G 93 -44.53 -11.17 32.60
CA PRO G 93 -44.65 -12.61 32.87
C PRO G 93 -44.07 -13.44 31.69
N ILE G 94 -43.48 -14.60 31.94
CA ILE G 94 -43.13 -15.43 30.78
C ILE G 94 -44.36 -15.97 30.08
N ARG G 95 -45.48 -16.05 30.80
CA ARG G 95 -46.73 -16.40 30.14
C ARG G 95 -46.80 -15.57 28.88
N ASP G 96 -46.37 -14.31 29.00
CA ASP G 96 -46.41 -13.33 27.92
C ASP G 96 -45.17 -13.35 27.00
N SER G 97 -44.00 -13.13 27.57
CA SER G 97 -42.76 -13.17 26.79
C SER G 97 -42.68 -14.36 25.85
N ARG G 98 -43.16 -15.52 26.28
CA ARG G 98 -43.12 -16.73 25.45
C ARG G 98 -44.16 -16.73 24.32
N GLY G 99 -45.38 -16.35 24.62
CA GLY G 99 -46.45 -16.44 23.65
C GLY G 99 -46.76 -15.17 22.87
N LEU G 100 -46.26 -14.03 23.34
CA LEU G 100 -46.53 -12.77 22.68
C LEU G 100 -45.25 -12.07 22.26
N ASP G 101 -44.62 -11.40 23.21
CA ASP G 101 -43.41 -10.63 22.94
C ASP G 101 -42.51 -11.29 21.87
N VAL G 102 -42.13 -12.54 22.07
CA VAL G 102 -41.20 -13.17 21.13
C VAL G 102 -41.74 -13.50 19.75
N PRO G 103 -42.85 -14.26 19.66
CA PRO G 103 -43.40 -14.62 18.34
C PRO G 103 -43.78 -13.41 17.49
N ARG G 104 -44.33 -12.37 18.10
CA ARG G 104 -44.75 -11.18 17.36
C ARG G 104 -43.55 -10.36 16.88
N THR G 105 -42.42 -10.50 17.58
CA THR G 105 -41.19 -9.82 17.16
C THR G 105 -40.66 -10.50 15.95
N ALA G 106 -40.67 -11.83 15.95
CA ALA G 106 -40.23 -12.63 14.80
C ALA G 106 -41.17 -12.42 13.64
N ALA G 107 -42.48 -12.53 13.88
CA ALA G 107 -43.51 -12.36 12.84
C ALA G 107 -43.36 -11.03 12.10
N CYS G 108 -43.00 -9.99 12.84
CA CYS G 108 -42.84 -8.66 12.26
C CYS G 108 -41.58 -8.57 11.38
N PHE G 109 -40.47 -9.11 11.85
CA PHE G 109 -39.27 -9.16 11.05
C PHE G 109 -39.51 -9.98 9.79
N ARG G 110 -40.26 -11.08 9.92
CA ARG G 110 -40.57 -11.96 8.79
C ARG G 110 -41.43 -11.26 7.77
N TYR G 111 -42.36 -10.46 8.25
CA TYR G 111 -43.17 -9.65 7.35
C TYR G 111 -42.25 -8.81 6.50
N PHE G 112 -41.45 -7.97 7.14
CA PHE G 112 -40.60 -7.03 6.42
C PHE G 112 -39.49 -7.68 5.62
N GLY G 113 -39.16 -8.92 5.95
CA GLY G 113 -38.21 -9.68 5.16
C GLY G 113 -38.81 -9.89 3.78
N GLY G 114 -40.06 -10.33 3.79
CA GLY G 114 -40.79 -10.61 2.56
C GLY G 114 -41.24 -9.33 1.91
N MET G 115 -40.96 -8.20 2.55
CA MET G 115 -41.38 -6.90 2.03
C MET G 115 -40.31 -6.20 1.21
N ALA G 116 -39.06 -6.42 1.58
CA ALA G 116 -37.96 -5.61 1.09
C ALA G 116 -37.92 -5.45 -0.43
N ASP G 117 -38.33 -6.48 -1.16
CA ASP G 117 -38.22 -6.47 -2.62
C ASP G 117 -39.58 -6.32 -3.30
N LYS G 118 -40.53 -5.75 -2.55
CA LYS G 118 -41.88 -5.50 -3.05
C LYS G 118 -42.21 -4.01 -2.95
N ILE G 119 -41.22 -3.22 -2.54
CA ILE G 119 -41.30 -1.77 -2.54
C ILE G 119 -41.05 -1.28 -3.96
N GLU G 120 -42.09 -0.88 -4.65
CA GLU G 120 -41.93 -0.52 -6.06
C GLU G 120 -42.04 1.00 -6.31
N GLY G 121 -41.33 1.46 -7.34
CA GLY G 121 -41.38 2.84 -7.75
C GLY G 121 -42.63 3.03 -8.58
N SER G 122 -42.66 4.08 -9.40
CA SER G 122 -43.76 4.24 -10.33
C SER G 122 -43.33 4.99 -11.59
N VAL G 123 -44.08 4.78 -12.67
CA VAL G 123 -43.81 5.46 -13.94
C VAL G 123 -44.97 6.37 -14.27
N ILE G 124 -44.73 7.69 -14.30
CA ILE G 124 -45.78 8.72 -14.43
C ILE G 124 -46.20 9.02 -15.87
N PRO G 125 -47.53 9.09 -16.13
CA PRO G 125 -48.02 9.40 -17.47
C PRO G 125 -47.77 10.87 -17.67
N VAL G 126 -47.05 11.22 -18.71
CA VAL G 126 -46.50 12.55 -18.76
C VAL G 126 -46.47 13.06 -20.23
N ASP G 127 -46.07 14.32 -20.40
CA ASP G 127 -46.10 14.96 -21.71
C ASP G 127 -45.61 13.97 -22.76
N ALA G 128 -46.13 14.05 -23.97
CA ALA G 128 -45.68 13.12 -24.99
C ALA G 128 -44.19 13.28 -25.26
N GLY G 129 -43.48 12.17 -25.52
CA GLY G 129 -42.05 12.22 -25.80
C GLY G 129 -41.11 12.18 -24.59
N PHE G 130 -41.66 12.39 -23.40
CA PHE G 130 -40.92 12.24 -22.17
C PHE G 130 -41.15 10.89 -21.49
N LEU G 131 -40.21 10.50 -20.63
CA LEU G 131 -40.32 9.30 -19.83
C LEU G 131 -39.99 9.65 -18.39
N ASN G 132 -41.00 9.64 -17.52
CA ASN G 132 -40.80 10.02 -16.13
C ASN G 132 -40.97 8.85 -15.20
N TYR G 133 -39.85 8.27 -14.74
CA TYR G 133 -39.92 7.20 -13.74
C TYR G 133 -39.46 7.74 -12.41
N VAL G 134 -40.06 7.25 -11.33
CA VAL G 134 -39.77 7.73 -9.99
C VAL G 134 -39.32 6.56 -9.15
N GLN G 135 -38.02 6.55 -8.80
CA GLN G 135 -37.48 5.47 -7.99
C GLN G 135 -37.83 5.71 -6.54
N ARG G 136 -37.95 4.64 -5.77
CA ARG G 136 -38.13 4.80 -4.35
C ARG G 136 -36.86 4.28 -3.68
N LYS G 137 -36.08 5.18 -3.06
CA LYS G 137 -34.78 4.86 -2.46
C LYS G 137 -34.68 5.09 -0.95
N PRO G 138 -33.66 4.48 -0.31
CA PRO G 138 -33.47 4.64 1.13
C PRO G 138 -33.09 6.06 1.50
N ILE G 139 -33.25 6.41 2.77
CA ILE G 139 -32.93 7.75 3.25
C ILE G 139 -31.44 7.85 3.56
N GLY G 140 -30.91 6.82 4.20
CA GLY G 140 -29.52 6.80 4.60
C GLY G 140 -29.40 6.30 6.02
N VAL G 141 -28.91 7.17 6.90
CA VAL G 141 -28.81 6.82 8.31
C VAL G 141 -30.07 7.25 9.04
N VAL G 142 -30.72 6.28 9.66
CA VAL G 142 -31.97 6.50 10.38
C VAL G 142 -31.71 6.32 11.86
N ALA G 143 -32.15 7.27 12.67
CA ALA G 143 -32.00 7.18 14.12
C ALA G 143 -33.31 6.76 14.72
N GLN G 144 -33.31 5.74 15.57
CA GLN G 144 -34.54 5.30 16.23
C GLN G 144 -34.39 5.32 17.74
N ILE G 145 -35.41 5.84 18.43
CA ILE G 145 -35.44 5.88 19.89
C ILE G 145 -36.69 5.19 20.43
N VAL G 146 -36.57 4.27 21.37
CA VAL G 146 -37.75 3.57 21.86
C VAL G 146 -37.93 3.69 23.37
N PRO G 147 -39.14 3.41 23.87
CA PRO G 147 -39.39 3.32 25.32
C PRO G 147 -39.17 1.89 25.79
N TRP G 148 -39.65 1.58 26.98
CA TRP G 148 -39.29 0.35 27.66
C TRP G 148 -40.45 -0.59 27.90
N ASN G 149 -41.57 -0.36 27.23
CA ASN G 149 -42.71 -1.19 27.50
C ASN G 149 -42.73 -2.44 26.68
N PHE G 150 -42.28 -2.36 25.42
CA PHE G 150 -42.11 -3.55 24.60
C PHE G 150 -40.73 -3.60 23.96
N PRO G 151 -39.68 -3.52 24.78
CA PRO G 151 -38.31 -3.37 24.27
C PRO G 151 -38.05 -4.33 23.12
N LEU G 152 -38.45 -5.59 23.26
CA LEU G 152 -38.17 -6.62 22.26
C LEU G 152 -39.02 -6.42 21.00
N MET G 153 -40.30 -6.18 21.20
CA MET G 153 -41.20 -6.02 20.08
C MET G 153 -40.81 -4.80 19.24
N PHE G 154 -40.36 -3.74 19.91
CA PHE G 154 -40.02 -2.51 19.19
C PHE G 154 -38.86 -2.70 18.22
N THR G 155 -37.93 -3.58 18.56
CA THR G 155 -36.83 -3.80 17.65
C THR G 155 -37.38 -4.19 16.26
N SER G 156 -38.39 -5.05 16.23
CA SER G 156 -38.97 -5.47 14.97
C SER G 156 -39.88 -4.39 14.37
N TRP G 157 -40.69 -3.76 15.20
CA TRP G 157 -41.56 -2.69 14.71
C TRP G 157 -40.78 -1.56 13.99
N LYS G 158 -39.60 -1.25 14.53
CA LYS G 158 -38.85 -0.08 14.14
C LYS G 158 -37.80 -0.42 13.10
N MET G 159 -36.97 -1.42 13.37
CA MET G 159 -35.88 -1.69 12.45
C MET G 159 -36.37 -2.50 11.26
N GLY G 160 -37.46 -3.24 11.45
CA GLY G 160 -37.99 -4.07 10.39
C GLY G 160 -38.22 -3.36 9.08
N PRO G 161 -39.00 -2.28 9.09
CA PRO G 161 -39.24 -1.44 7.93
C PRO G 161 -37.97 -0.74 7.47
N ALA G 162 -37.30 -0.02 8.38
CA ALA G 162 -36.15 0.79 8.02
C ALA G 162 -35.05 -0.01 7.31
N LEU G 163 -34.83 -1.25 7.75
CA LEU G 163 -33.82 -2.10 7.15
C LEU G 163 -34.28 -2.61 5.79
N ALA G 164 -35.48 -3.17 5.71
CA ALA G 164 -36.00 -3.65 4.44
C ALA G 164 -35.85 -2.59 3.36
N ALA G 165 -36.17 -1.34 3.72
CA ALA G 165 -36.09 -0.22 2.77
C ALA G 165 -34.69 0.09 2.25
N GLY G 166 -33.68 -0.36 3.00
CA GLY G 166 -32.29 -0.18 2.63
C GLY G 166 -31.58 0.83 3.50
N ASN G 167 -32.24 1.29 4.56
CA ASN G 167 -31.58 2.25 5.46
C ASN G 167 -30.57 1.58 6.38
N THR G 168 -29.80 2.37 7.07
CA THR G 168 -28.82 1.84 7.99
C THR G 168 -29.20 2.48 9.31
N ILE G 169 -29.03 1.78 10.43
CA ILE G 169 -29.70 2.19 11.67
C ILE G 169 -28.80 2.47 12.88
N VAL G 170 -29.18 3.47 13.67
CA VAL G 170 -28.61 3.70 15.00
C VAL G 170 -29.73 3.86 16.02
N ILE G 171 -29.86 2.90 16.94
CA ILE G 171 -31.05 2.81 17.78
C ILE G 171 -30.72 2.87 19.25
N LYS G 172 -31.41 3.73 19.98
CA LYS G 172 -31.19 3.90 21.42
C LYS G 172 -32.38 3.38 22.21
N PRO G 173 -32.27 2.19 22.81
CA PRO G 173 -33.38 1.67 23.62
C PRO G 173 -33.42 2.42 24.95
N SER G 174 -34.31 2.06 25.87
CA SER G 174 -34.37 2.75 27.15
C SER G 174 -33.31 2.28 28.14
N GLU G 175 -32.54 3.20 28.68
CA GLU G 175 -31.58 2.88 29.72
C GLU G 175 -32.15 1.78 30.67
N ILE G 176 -33.47 1.72 30.79
CA ILE G 176 -34.13 0.77 31.67
C ILE G 176 -34.24 -0.68 31.12
N THR G 177 -34.42 -0.82 29.80
CA THR G 177 -34.62 -2.16 29.22
C THR G 177 -33.84 -2.37 27.92
N PRO G 178 -32.51 -2.28 28.01
CA PRO G 178 -31.63 -2.39 26.84
C PRO G 178 -31.32 -3.84 26.54
N LEU G 179 -31.32 -4.69 27.55
CA LEU G 179 -30.73 -6.02 27.42
C LEU G 179 -31.34 -6.76 26.26
N SER G 180 -32.67 -6.69 26.18
CA SER G 180 -33.40 -7.44 25.21
C SER G 180 -32.92 -7.13 23.81
N THR G 181 -32.81 -5.84 23.50
CA THR G 181 -32.44 -5.42 22.15
C THR G 181 -30.94 -5.60 21.82
N LEU G 182 -30.08 -5.62 22.83
CA LEU G 182 -28.66 -5.86 22.61
C LEU G 182 -28.44 -7.24 22.06
N ARG G 183 -29.12 -8.23 22.63
CA ARG G 183 -29.01 -9.59 22.14
C ARG G 183 -29.46 -9.69 20.68
N ILE G 184 -30.47 -8.88 20.33
CA ILE G 184 -31.01 -8.91 18.98
C ILE G 184 -29.96 -8.53 17.92
N VAL G 185 -29.21 -7.46 18.17
CA VAL G 185 -28.16 -7.07 17.26
C VAL G 185 -27.15 -8.17 17.08
N GLU G 186 -26.79 -8.83 18.17
CA GLU G 186 -25.84 -9.93 18.09
C GLU G 186 -26.44 -10.96 17.13
N LEU G 187 -27.71 -11.30 17.35
CA LEU G 187 -28.39 -12.25 16.48
C LEU G 187 -28.40 -11.79 15.03
N MET G 188 -28.49 -10.48 14.83
CA MET G 188 -28.42 -9.97 13.49
C MET G 188 -27.10 -10.38 12.83
N THR G 189 -25.96 -9.91 13.37
CA THR G 189 -24.68 -10.16 12.70
C THR G 189 -24.34 -11.66 12.68
N GLU G 190 -24.84 -12.41 13.67
CA GLU G 190 -24.83 -13.88 13.64
C GLU G 190 -25.47 -14.44 12.38
N VAL G 191 -26.51 -13.77 11.89
CA VAL G 191 -27.27 -14.23 10.73
C VAL G 191 -26.72 -13.68 9.39
N GLY G 192 -25.81 -12.71 9.46
CA GLY G 192 -25.14 -12.21 8.28
C GLY G 192 -25.29 -10.73 7.98
N PHE G 193 -25.77 -9.96 8.94
CA PHE G 193 -25.91 -8.54 8.74
C PHE G 193 -24.54 -7.91 8.79
N PRO G 194 -24.17 -7.18 7.72
CA PRO G 194 -22.91 -6.45 7.70
C PRO G 194 -22.66 -5.62 8.96
N LYS G 195 -21.40 -5.46 9.32
CA LYS G 195 -21.05 -4.62 10.45
C LYS G 195 -21.45 -3.19 10.12
N GLY G 196 -21.99 -2.50 11.12
CA GLY G 196 -22.30 -1.08 10.98
C GLY G 196 -23.70 -0.80 10.48
N VAL G 197 -24.36 -1.80 9.89
CA VAL G 197 -25.68 -1.64 9.35
C VAL G 197 -26.68 -1.42 10.46
N VAL G 198 -26.40 -1.99 11.63
CA VAL G 198 -27.19 -1.71 12.83
C VAL G 198 -26.29 -1.42 14.01
N ASN G 199 -26.64 -0.39 14.76
CA ASN G 199 -25.83 0.06 15.86
C ASN G 199 -26.68 0.40 17.08
N VAL G 200 -26.46 -0.33 18.17
CA VAL G 200 -27.22 -0.10 19.39
C VAL G 200 -26.42 0.65 20.42
N VAL G 201 -27.05 1.62 21.07
CA VAL G 201 -26.35 2.65 21.83
C VAL G 201 -27.20 3.02 23.05
N PRO G 202 -27.39 2.07 23.99
CA PRO G 202 -28.21 2.37 25.17
C PRO G 202 -27.61 3.53 25.95
N GLY G 203 -28.44 4.33 26.59
CA GLY G 203 -27.94 5.49 27.32
C GLY G 203 -29.05 6.42 27.75
N TYR G 204 -28.72 7.39 28.61
CA TYR G 204 -29.72 8.33 29.10
C TYR G 204 -30.39 9.06 27.95
N GLY G 205 -31.60 9.55 28.19
CA GLY G 205 -32.32 10.28 27.16
C GLY G 205 -31.61 11.56 26.73
N HIS G 206 -31.19 12.36 27.71
CA HIS G 206 -30.60 13.68 27.43
C HIS G 206 -29.14 13.64 26.99
N THR G 207 -28.53 12.46 27.02
CA THR G 207 -27.19 12.29 26.47
C THR G 207 -27.26 11.62 25.11
N ALA G 208 -27.47 10.31 25.08
CA ALA G 208 -27.52 9.60 23.82
C ALA G 208 -28.66 10.12 22.97
N GLY G 209 -29.87 10.02 23.50
CA GLY G 209 -31.08 10.47 22.82
C GLY G 209 -30.96 11.83 22.15
N GLN G 210 -30.61 12.86 22.93
CA GLN G 210 -30.45 14.22 22.40
C GLN G 210 -29.37 14.29 21.33
N ALA G 211 -28.20 13.72 21.61
CA ALA G 211 -27.08 13.79 20.67
C ALA G 211 -27.48 13.17 19.34
N LEU G 212 -28.38 12.18 19.43
CA LEU G 212 -28.83 11.42 18.27
C LEU G 212 -29.78 12.22 17.42
N ALA G 213 -30.79 12.81 18.06
CA ALA G 213 -31.78 13.63 17.37
C ALA G 213 -31.20 14.90 16.76
N GLU G 214 -30.07 15.36 17.29
CA GLU G 214 -29.44 16.57 16.80
C GLU G 214 -28.43 16.29 15.69
N HIS G 215 -27.97 15.06 15.61
CA HIS G 215 -26.86 14.72 14.73
C HIS G 215 -27.13 15.12 13.29
N LEU G 216 -26.08 15.58 12.62
CA LEU G 216 -26.21 16.16 11.28
C LEU G 216 -26.14 15.18 10.11
N ASP G 217 -25.78 13.92 10.41
CA ASP G 217 -25.65 12.91 9.36
C ASP G 217 -26.86 11.97 9.43
N VAL G 218 -27.74 12.21 10.40
CA VAL G 218 -28.95 11.42 10.55
C VAL G 218 -30.09 12.05 9.72
N GLY G 219 -30.63 11.27 8.79
CA GLY G 219 -31.58 11.78 7.80
C GLY G 219 -33.03 11.75 8.23
N LYS G 220 -33.32 10.96 9.26
CA LYS G 220 -34.66 10.85 9.80
C LYS G 220 -34.55 10.33 11.21
N ILE G 221 -35.40 10.81 12.09
CA ILE G 221 -35.40 10.37 13.47
C ILE G 221 -36.78 9.82 13.74
N ALA G 222 -36.86 8.56 14.17
CA ALA G 222 -38.13 7.91 14.46
C ALA G 222 -38.27 7.70 15.96
N PHE G 223 -39.24 8.36 16.55
CA PHE G 223 -39.36 8.38 18.01
C PHE G 223 -40.66 7.78 18.52
N THR G 224 -40.57 6.95 19.54
CA THR G 224 -41.74 6.47 20.22
C THR G 224 -41.54 6.80 21.69
N GLY G 225 -42.46 7.57 22.26
CA GLY G 225 -42.30 8.04 23.61
C GLY G 225 -43.46 8.90 24.08
N SER G 226 -43.17 9.87 24.93
CA SER G 226 -44.21 10.70 25.52
C SER G 226 -44.39 11.95 24.71
N THR G 227 -45.57 12.56 24.79
CA THR G 227 -45.82 13.81 24.07
C THR G 227 -44.80 14.86 24.52
N ALA G 228 -44.53 14.90 25.81
CA ALA G 228 -43.58 15.87 26.36
C ALA G 228 -42.22 15.80 25.64
N THR G 229 -41.70 14.58 25.53
CA THR G 229 -40.37 14.35 24.96
C THR G 229 -40.38 14.53 23.45
N GLY G 230 -41.53 14.25 22.84
CA GLY G 230 -41.70 14.39 21.41
C GLY G 230 -41.37 15.79 20.95
N ARG G 231 -41.68 16.77 21.79
CA ARG G 231 -41.39 18.15 21.46
C ARG G 231 -39.88 18.44 21.51
N ARG G 232 -39.12 17.69 22.33
CA ARG G 232 -37.68 17.92 22.41
C ARG G 232 -36.99 17.32 21.19
N ILE G 233 -37.65 16.32 20.60
CA ILE G 233 -37.17 15.71 19.36
C ILE G 233 -37.39 16.64 18.19
N VAL G 234 -38.59 17.22 18.10
CA VAL G 234 -38.90 18.19 17.07
C VAL G 234 -37.88 19.34 17.12
N GLU G 235 -37.63 19.88 18.32
CA GLU G 235 -36.62 20.94 18.48
C GLU G 235 -35.27 20.50 17.94
N ALA G 236 -34.88 19.27 18.28
CA ALA G 236 -33.58 18.77 17.87
C ALA G 236 -33.46 18.68 16.35
N SER G 237 -34.55 18.28 15.69
CA SER G 237 -34.51 18.03 14.24
C SER G 237 -34.19 19.28 13.44
N LYS G 238 -34.43 20.45 14.01
CA LYS G 238 -34.28 21.69 13.26
C LYS G 238 -32.83 21.88 12.85
N SER G 239 -31.94 21.01 13.34
CA SER G 239 -30.51 21.18 13.11
C SER G 239 -30.12 20.94 11.65
N ASN G 240 -30.70 19.90 11.05
CA ASN G 240 -30.50 19.59 9.64
C ASN G 240 -31.83 19.22 8.97
N LEU G 241 -32.92 19.61 9.62
CA LEU G 241 -34.26 19.36 9.10
C LEU G 241 -34.44 17.90 8.69
N LYS G 242 -34.04 17.01 9.59
CA LYS G 242 -34.25 15.59 9.38
C LYS G 242 -35.74 15.26 9.50
N ARG G 243 -36.17 14.23 8.76
CA ARG G 243 -37.57 13.79 8.83
C ARG G 243 -37.91 13.29 10.23
N ILE G 244 -39.19 13.29 10.57
CA ILE G 244 -39.60 12.86 11.89
C ILE G 244 -40.76 11.87 11.83
N GLN G 245 -40.72 10.90 12.74
CA GLN G 245 -41.83 10.05 12.97
C GLN G 245 -42.07 10.28 14.42
N LEU G 246 -43.31 10.19 14.87
CA LEU G 246 -43.56 10.46 16.25
C LEU G 246 -44.72 9.64 16.61
N GLU G 247 -44.54 8.85 17.65
CA GLU G 247 -45.62 8.08 18.20
C GLU G 247 -45.69 8.42 19.64
N LEU G 248 -46.79 9.03 20.07
CA LEU G 248 -46.87 9.48 21.45
C LEU G 248 -47.97 8.81 22.22
N GLY G 249 -48.25 9.29 23.41
CA GLY G 249 -48.99 8.49 24.36
C GLY G 249 -50.36 8.22 23.81
N GLY G 250 -51.21 7.62 24.62
CA GLY G 250 -52.63 7.56 24.34
C GLY G 250 -53.41 7.21 25.56
N LYS G 251 -54.47 7.93 25.87
CA LYS G 251 -55.42 7.40 26.84
C LYS G 251 -56.50 6.66 26.05
N GLY G 252 -56.22 5.42 25.62
CA GLY G 252 -57.19 4.66 24.86
C GLY G 252 -58.55 4.43 25.53
N ALA G 253 -59.63 4.72 24.82
CA ALA G 253 -60.98 4.51 25.34
C ALA G 253 -61.54 3.12 25.00
N ASN G 254 -62.45 2.63 25.83
CA ASN G 254 -63.00 1.29 25.67
C ASN G 254 -64.52 1.22 26.00
N ILE G 255 -65.34 1.52 25.00
CA ILE G 255 -66.77 1.68 25.20
C ILE G 255 -67.55 0.36 25.20
N VAL G 256 -68.43 0.18 26.15
CA VAL G 256 -69.32 -0.99 26.15
C VAL G 256 -70.79 -0.56 26.09
N PHE G 257 -71.43 -0.80 24.94
CA PHE G 257 -72.84 -0.45 24.76
C PHE G 257 -73.80 -1.47 25.36
N GLU G 258 -75.07 -1.09 25.44
CA GLU G 258 -76.09 -1.90 26.08
C GLU G 258 -76.17 -3.29 25.49
N ASP G 259 -75.97 -3.40 24.19
CA ASP G 259 -76.19 -4.67 23.48
C ASP G 259 -74.92 -5.48 23.27
N ALA G 260 -73.92 -5.22 24.11
CA ALA G 260 -72.65 -5.93 24.00
C ALA G 260 -72.75 -7.34 24.54
N ASN G 261 -71.87 -8.21 24.08
CA ASN G 261 -71.71 -9.52 24.67
C ASN G 261 -70.83 -9.35 25.87
N ILE G 262 -71.46 -9.16 27.01
CA ILE G 262 -70.77 -8.73 28.23
C ILE G 262 -69.69 -9.68 28.76
N GLU G 263 -69.83 -10.97 28.49
CA GLU G 263 -68.73 -11.86 28.87
C GLU G 263 -67.49 -11.48 28.06
N ALA G 264 -67.62 -11.47 26.74
CA ALA G 264 -66.48 -11.21 25.88
C ALA G 264 -65.88 -9.83 26.13
N ALA G 265 -66.74 -8.88 26.49
CA ALA G 265 -66.29 -7.50 26.73
C ALA G 265 -65.51 -7.39 28.04
N VAL G 266 -65.94 -8.14 29.05
CA VAL G 266 -65.19 -8.16 30.31
C VAL G 266 -63.80 -8.73 30.10
N ASN G 267 -63.73 -9.83 29.35
CA ASN G 267 -62.45 -10.47 29.07
C ASN G 267 -61.53 -9.64 28.19
N GLY G 268 -62.10 -9.00 27.18
CA GLY G 268 -61.36 -8.06 26.35
C GLY G 268 -60.90 -6.87 27.15
N ALA G 269 -61.83 -6.19 27.81
CA ALA G 269 -61.48 -5.01 28.58
C ALA G 269 -60.41 -5.29 29.63
N ALA G 270 -60.43 -6.49 30.20
CA ALA G 270 -59.47 -6.89 31.22
C ALA G 270 -58.11 -7.12 30.62
N TRP G 271 -58.09 -7.80 29.48
CA TRP G 271 -56.86 -7.97 28.71
C TRP G 271 -56.32 -6.62 28.24
N ALA G 272 -57.22 -5.73 27.83
CA ALA G 272 -56.84 -4.44 27.29
C ALA G 272 -55.97 -3.63 28.23
N ILE G 273 -56.41 -3.44 29.47
CA ILE G 273 -55.71 -2.56 30.40
C ILE G 273 -54.71 -3.27 31.32
N PHE G 274 -54.97 -4.54 31.62
CA PHE G 274 -54.11 -5.26 32.55
C PHE G 274 -52.97 -6.07 31.92
N HIS G 275 -53.15 -6.55 30.69
CA HIS G 275 -52.04 -7.22 30.03
C HIS G 275 -50.88 -6.25 29.94
N ASN G 276 -49.68 -6.80 30.10
CA ASN G 276 -48.46 -6.00 30.12
C ASN G 276 -48.51 -4.96 31.22
N GLN G 277 -49.07 -5.37 32.36
CA GLN G 277 -49.13 -4.53 33.55
C GLN G 277 -49.54 -3.10 33.24
N GLY G 278 -50.47 -2.94 32.30
CA GLY G 278 -51.03 -1.64 31.98
C GLY G 278 -50.12 -0.68 31.22
N GLN G 279 -48.85 -1.05 31.11
CA GLN G 279 -47.84 -0.24 30.42
C GLN G 279 -47.95 -0.43 28.92
N ALA G 280 -49.17 -0.39 28.42
CA ALA G 280 -49.40 -0.39 26.99
C ALA G 280 -49.84 1.01 26.59
N CYS G 281 -49.25 1.49 25.51
CA CYS G 281 -49.66 2.76 24.93
C CYS G 281 -51.13 2.72 24.48
N ILE G 282 -51.51 1.62 23.84
CA ILE G 282 -52.87 1.38 23.36
C ILE G 282 -53.83 1.03 24.49
N ALA G 283 -53.28 0.56 25.61
CA ALA G 283 -54.07 0.15 26.77
C ALA G 283 -55.33 0.96 27.08
N GLY G 284 -56.46 0.27 27.20
CA GLY G 284 -57.74 0.92 27.40
C GLY G 284 -57.89 1.45 28.82
N SER G 285 -57.20 2.55 29.14
CA SER G 285 -57.16 3.12 30.49
C SER G 285 -58.36 4.03 30.80
N ARG G 286 -59.42 3.87 30.00
CA ARG G 286 -60.68 4.57 30.21
C ARG G 286 -61.83 3.68 29.80
N LEU G 287 -62.51 3.10 30.78
CA LEU G 287 -63.74 2.36 30.52
C LEU G 287 -64.92 3.30 30.38
N ILE G 288 -65.88 2.92 29.55
CA ILE G 288 -67.05 3.75 29.29
C ILE G 288 -68.27 2.86 29.11
N LEU G 289 -69.11 2.77 30.13
CA LEU G 289 -70.18 1.78 30.17
C LEU G 289 -71.59 2.38 30.10
N HIS G 290 -72.46 1.70 29.36
CA HIS G 290 -73.85 2.12 29.29
C HIS G 290 -74.56 1.87 30.62
N LYS G 291 -75.44 2.80 31.01
CA LYS G 291 -76.16 2.72 32.29
C LYS G 291 -76.73 1.33 32.56
N ASP G 292 -77.45 0.79 31.58
CA ASP G 292 -78.22 -0.43 31.75
C ASP G 292 -77.35 -1.67 32.00
N ILE G 293 -76.08 -1.61 31.64
CA ILE G 293 -75.23 -2.77 31.81
C ILE G 293 -74.01 -2.47 32.65
N ALA G 294 -73.91 -1.24 33.12
CA ALA G 294 -72.73 -0.84 33.89
C ALA G 294 -72.55 -1.73 35.11
N ASP G 295 -73.60 -1.84 35.92
CA ASP G 295 -73.53 -2.60 37.17
C ASP G 295 -73.16 -4.04 36.88
N GLN G 296 -73.92 -4.67 36.00
CA GLN G 296 -73.71 -6.08 35.66
C GLN G 296 -72.30 -6.37 35.13
N PHE G 297 -71.70 -5.37 34.48
CA PHE G 297 -70.35 -5.49 33.93
C PHE G 297 -69.32 -5.50 35.03
N LEU G 298 -69.36 -4.47 35.87
CA LEU G 298 -68.39 -4.32 36.95
C LEU G 298 -68.42 -5.52 37.90
N GLU G 299 -69.59 -6.11 38.12
CA GLU G 299 -69.68 -7.27 39.00
C GLU G 299 -68.71 -8.30 38.50
N ARG G 300 -68.85 -8.64 37.22
CA ARG G 300 -67.99 -9.64 36.57
C ARG G 300 -66.54 -9.19 36.39
N PHE G 301 -66.36 -7.92 36.04
CA PHE G 301 -65.04 -7.34 35.79
C PHE G 301 -64.22 -7.23 37.07
N ILE G 302 -64.77 -6.55 38.08
CA ILE G 302 -64.07 -6.39 39.37
C ILE G 302 -63.70 -7.74 39.97
N ALA G 303 -64.65 -8.68 39.93
CA ALA G 303 -64.36 -10.05 40.35
C ALA G 303 -63.08 -10.58 39.67
N LEU G 304 -63.06 -10.48 38.34
CA LEU G 304 -61.90 -10.90 37.55
C LEU G 304 -60.63 -10.15 37.97
N ALA G 305 -60.76 -8.86 38.24
CA ALA G 305 -59.61 -8.04 38.58
C ALA G 305 -58.93 -8.54 39.84
N LYS G 306 -59.71 -8.76 40.89
CA LYS G 306 -59.15 -9.13 42.17
C LYS G 306 -58.56 -10.54 42.14
N SER G 307 -58.97 -11.31 41.14
CA SER G 307 -58.52 -12.70 40.99
C SER G 307 -57.41 -12.87 39.96
N ILE G 308 -56.44 -11.96 39.98
CA ILE G 308 -55.37 -11.98 38.99
C ILE G 308 -54.05 -12.35 39.65
N ARG G 309 -53.50 -13.50 39.26
CA ARG G 309 -52.28 -14.00 39.89
C ARG G 309 -51.13 -13.02 39.64
N LEU G 310 -50.91 -12.14 40.61
CA LEU G 310 -49.89 -11.11 40.50
C LEU G 310 -48.63 -11.58 41.22
N GLY G 311 -47.49 -11.61 40.51
CA GLY G 311 -46.24 -12.02 41.12
C GLY G 311 -45.01 -12.17 40.23
N ASP G 312 -44.04 -12.91 40.74
CA ASP G 312 -42.75 -13.19 40.08
C ASP G 312 -42.91 -13.42 38.58
N PRO G 313 -42.33 -12.54 37.77
CA PRO G 313 -42.40 -12.61 36.31
C PRO G 313 -41.95 -13.97 35.78
N MET G 314 -41.07 -14.63 36.50
CA MET G 314 -40.47 -15.89 36.05
C MET G 314 -41.38 -17.09 36.30
N ASP G 315 -42.51 -16.87 36.98
CA ASP G 315 -43.44 -17.96 37.25
C ASP G 315 -44.38 -18.13 36.06
N PRO G 316 -44.31 -19.28 35.38
CA PRO G 316 -45.16 -19.58 34.23
C PRO G 316 -46.64 -19.39 34.56
N GLU G 317 -46.94 -19.34 35.84
CA GLU G 317 -48.32 -19.19 36.27
C GLU G 317 -48.65 -17.77 36.69
N THR G 318 -47.67 -16.87 36.61
CA THR G 318 -47.94 -15.47 36.88
C THR G 318 -48.70 -14.86 35.73
N GLU G 319 -49.79 -14.16 36.06
CA GLU G 319 -50.67 -13.55 35.09
C GLU G 319 -50.29 -12.08 34.85
N MET G 320 -49.87 -11.40 35.91
CA MET G 320 -49.42 -10.02 35.80
C MET G 320 -48.19 -9.78 36.67
N GLY G 321 -47.26 -8.99 36.19
CA GLY G 321 -46.03 -8.71 36.93
C GLY G 321 -45.97 -7.30 37.50
N PRO G 322 -44.75 -6.82 37.75
CA PRO G 322 -44.46 -5.51 38.30
C PRO G 322 -44.38 -4.44 37.23
N LEU G 323 -44.26 -3.19 37.67
CA LEU G 323 -43.94 -2.10 36.76
C LEU G 323 -42.43 -2.13 36.52
N THR G 324 -41.98 -1.70 35.34
CA THR G 324 -40.60 -1.93 34.94
C THR G 324 -39.58 -1.02 35.63
N SER G 325 -40.09 0.03 36.26
CA SER G 325 -39.26 0.92 37.05
C SER G 325 -39.97 1.31 38.34
N ALA G 326 -39.25 1.94 39.26
CA ALA G 326 -39.84 2.43 40.50
C ALA G 326 -40.52 3.75 40.21
N LEU G 327 -39.73 4.74 39.86
CA LEU G 327 -40.29 6.03 39.48
C LEU G 327 -41.64 5.74 38.87
N ARG G 328 -41.70 4.63 38.12
CA ARG G 328 -42.94 4.19 37.52
C ARG G 328 -43.92 3.85 38.62
N ARG G 329 -43.55 2.92 39.50
CA ARG G 329 -44.47 2.52 40.55
C ARG G 329 -44.88 3.72 41.39
N ASP G 330 -43.92 4.59 41.71
CA ASP G 330 -44.26 5.81 42.42
C ASP G 330 -45.21 6.66 41.61
N ARG G 331 -44.89 6.86 40.34
CA ARG G 331 -45.72 7.70 39.48
C ARG G 331 -47.16 7.24 39.49
N VAL G 332 -47.37 5.93 39.29
CA VAL G 332 -48.73 5.39 39.23
C VAL G 332 -49.47 5.59 40.55
N LEU G 333 -48.79 5.35 41.67
CA LEU G 333 -49.42 5.44 42.99
C LEU G 333 -49.84 6.86 43.33
N SER G 334 -49.03 7.84 42.95
CA SER G 334 -49.43 9.22 43.17
C SER G 334 -50.66 9.56 42.32
N TYR G 335 -50.74 9.01 41.11
CA TYR G 335 -51.93 9.20 40.25
C TYR G 335 -53.18 8.62 40.90
N ILE G 336 -53.01 7.57 41.69
CA ILE G 336 -54.12 6.96 42.40
C ILE G 336 -54.61 7.86 43.52
N ASP G 337 -53.70 8.30 44.40
CA ASP G 337 -54.03 9.21 45.48
C ASP G 337 -54.78 10.41 44.90
N ILE G 338 -54.36 10.83 43.72
CA ILE G 338 -54.93 11.99 43.05
C ILE G 338 -56.36 11.75 42.64
N ALA G 339 -56.62 10.60 42.06
CA ALA G 339 -57.97 10.26 41.63
C ALA G 339 -58.92 10.30 42.83
N ILE G 340 -58.42 9.99 44.01
CA ILE G 340 -59.26 9.98 45.20
C ILE G 340 -59.54 11.39 45.70
N GLU G 341 -58.52 12.24 45.69
CA GLU G 341 -58.67 13.65 46.06
C GLU G 341 -59.70 14.37 45.19
N GLN G 342 -60.06 13.76 44.06
CA GLN G 342 -61.08 14.32 43.17
C GLN G 342 -62.40 13.55 43.27
N GLY G 343 -62.53 12.75 44.32
CA GLY G 343 -63.78 12.06 44.63
C GLY G 343 -63.93 10.72 43.94
N GLY G 344 -62.82 10.08 43.61
CA GLY G 344 -62.85 8.79 42.96
C GLY G 344 -63.15 7.67 43.94
N LYS G 345 -64.03 6.76 43.54
CA LYS G 345 -64.39 5.61 44.38
C LYS G 345 -63.67 4.35 43.92
N VAL G 346 -62.53 4.05 44.54
CA VAL G 346 -61.71 2.90 44.15
C VAL G 346 -62.42 1.52 44.31
N LEU G 347 -62.71 0.88 43.20
CA LEU G 347 -63.54 -0.32 43.18
C LEU G 347 -62.76 -1.63 43.27
N ALA G 348 -61.46 -1.58 43.00
CA ALA G 348 -60.61 -2.77 43.09
C ALA G 348 -59.14 -2.39 43.20
N GLY G 349 -58.36 -3.22 43.91
CA GLY G 349 -56.97 -2.89 44.18
C GLY G 349 -56.83 -1.52 44.81
N GLY G 350 -55.85 -0.75 44.36
CA GLY G 350 -55.70 0.62 44.82
C GLY G 350 -54.35 0.93 45.43
N LYS G 351 -53.65 -0.08 45.93
CA LYS G 351 -52.30 0.12 46.43
C LYS G 351 -51.41 -1.08 46.15
N ALA G 352 -50.16 -1.02 46.61
CA ALA G 352 -49.23 -2.13 46.39
C ALA G 352 -49.79 -3.39 47.05
N PRO G 353 -49.28 -4.57 46.67
CA PRO G 353 -49.78 -5.80 47.29
C PRO G 353 -49.11 -5.95 48.65
N ASP G 354 -49.86 -6.45 49.63
CA ASP G 354 -49.33 -6.59 50.97
C ASP G 354 -48.41 -7.79 51.09
N ASP G 355 -48.24 -8.51 49.99
CA ASP G 355 -47.42 -9.72 49.98
C ASP G 355 -46.00 -9.55 50.50
N LYS G 356 -45.28 -10.66 50.47
CA LYS G 356 -43.96 -10.77 51.06
C LYS G 356 -42.90 -10.50 50.00
N ALA G 357 -42.74 -11.46 49.09
CA ALA G 357 -41.76 -11.39 48.02
C ALA G 357 -41.96 -10.13 47.17
N LEU G 358 -43.22 -9.70 47.08
CA LEU G 358 -43.58 -8.60 46.23
C LEU G 358 -43.27 -7.24 46.85
N ALA G 359 -42.99 -7.24 48.15
CA ALA G 359 -42.71 -5.99 48.83
C ALA G 359 -41.40 -5.38 48.35
N ASN G 360 -40.62 -6.18 47.62
CA ASN G 360 -39.31 -5.75 47.14
C ASN G 360 -39.32 -5.18 45.74
N GLY G 361 -40.22 -5.70 44.91
CA GLY G 361 -40.36 -5.24 43.54
C GLY G 361 -41.30 -4.05 43.39
N PHE G 362 -41.33 -3.50 42.18
CA PHE G 362 -42.16 -2.34 41.88
C PHE G 362 -43.58 -2.76 41.50
N TYR G 363 -44.22 -3.53 42.36
CA TYR G 363 -45.56 -4.03 42.10
C TYR G 363 -46.65 -3.02 42.47
N VAL G 364 -47.77 -3.08 41.73
CA VAL G 364 -49.01 -2.39 42.05
C VAL G 364 -50.13 -3.31 41.59
N GLU G 365 -51.24 -3.35 42.34
CA GLU G 365 -52.30 -4.29 41.97
C GLU G 365 -53.37 -3.69 41.05
N PRO G 366 -54.06 -4.56 40.28
CA PRO G 366 -55.10 -4.15 39.33
C PRO G 366 -56.02 -3.14 39.96
N THR G 367 -56.05 -1.92 39.42
CA THR G 367 -56.85 -0.87 40.02
C THR G 367 -57.97 -0.40 39.11
N VAL G 368 -59.18 -0.36 39.65
CA VAL G 368 -60.32 0.17 38.93
C VAL G 368 -60.94 1.28 39.77
N VAL G 369 -61.15 2.45 39.18
CA VAL G 369 -61.63 3.62 39.91
C VAL G 369 -62.80 4.26 39.18
N GLU G 370 -63.95 4.36 39.86
CA GLU G 370 -65.10 5.08 39.32
C GLU G 370 -64.85 6.58 39.37
N ALA G 371 -65.26 7.29 38.33
CA ALA G 371 -65.02 8.73 38.27
C ALA G 371 -65.94 9.43 37.28
N LYS G 372 -65.65 10.71 37.03
CA LYS G 372 -66.35 11.50 36.02
C LYS G 372 -65.34 11.80 34.92
N PRO G 373 -65.82 12.12 33.70
CA PRO G 373 -64.87 12.59 32.68
C PRO G 373 -64.30 13.93 33.16
N GLN G 374 -63.47 14.60 32.35
CA GLN G 374 -62.97 15.93 32.76
C GLN G 374 -62.28 15.88 34.12
N ASP G 375 -62.04 14.69 34.66
CA ASP G 375 -61.32 14.54 35.91
C ASP G 375 -59.89 14.51 35.45
N ARG G 376 -58.96 14.79 36.34
CA ARG G 376 -57.56 14.90 35.99
C ARG G 376 -56.97 13.56 35.55
N VAL G 377 -57.50 12.48 36.14
CA VAL G 377 -56.95 11.14 35.90
C VAL G 377 -57.56 10.44 34.68
N CYS G 378 -58.57 11.08 34.07
CA CYS G 378 -59.19 10.58 32.85
C CYS G 378 -58.62 11.32 31.65
N GLN G 379 -57.68 12.21 31.90
CA GLN G 379 -57.09 13.05 30.86
C GLN G 379 -55.65 12.67 30.57
N GLU G 380 -54.86 12.55 31.64
CA GLU G 380 -53.43 12.30 31.54
C GLU G 380 -53.12 10.81 31.53
N GLU G 381 -52.08 10.42 30.82
CA GLU G 381 -51.85 9.00 30.69
C GLU G 381 -51.29 8.42 31.97
N VAL G 382 -52.13 7.66 32.67
CA VAL G 382 -51.66 6.84 33.77
C VAL G 382 -51.08 5.57 33.17
N PHE G 383 -49.76 5.46 33.22
CA PHE G 383 -49.08 4.35 32.58
C PHE G 383 -48.93 3.22 33.57
N GLY G 384 -50.05 2.55 33.86
CA GLY G 384 -50.04 1.41 34.76
C GLY G 384 -51.35 0.63 34.66
N PRO G 385 -51.54 -0.35 35.56
CA PRO G 385 -52.71 -1.23 35.57
C PRO G 385 -53.90 -0.49 36.15
N PHE G 386 -54.37 0.54 35.47
CA PHE G 386 -55.25 1.53 36.06
C PHE G 386 -56.35 1.94 35.10
N VAL G 387 -57.59 1.60 35.45
CA VAL G 387 -58.76 1.88 34.59
C VAL G 387 -59.75 2.81 35.28
N THR G 388 -60.18 3.85 34.60
CA THR G 388 -61.23 4.69 35.16
C THR G 388 -62.56 4.31 34.52
N VAL G 389 -63.61 4.22 35.34
CA VAL G 389 -64.93 3.92 34.82
C VAL G 389 -65.83 5.15 34.78
N VAL G 390 -66.45 5.38 33.63
CA VAL G 390 -67.45 6.44 33.53
C VAL G 390 -68.69 5.81 32.93
N ARG G 391 -69.84 6.48 33.05
CA ARG G 391 -71.09 5.97 32.49
C ARG G 391 -71.73 6.94 31.49
N PHE G 392 -72.37 6.37 30.47
CA PHE G 392 -73.07 7.14 29.45
C PHE G 392 -74.44 6.51 29.20
N SER G 393 -75.32 7.23 28.51
CA SER G 393 -76.65 6.70 28.26
C SER G 393 -77.09 6.77 26.79
N SER G 394 -76.48 7.66 26.01
CA SER G 394 -76.79 7.75 24.59
C SER G 394 -75.52 7.59 23.77
N ASP G 395 -75.64 7.05 22.57
CA ASP G 395 -74.50 6.96 21.66
C ASP G 395 -73.73 8.29 21.62
N GLU G 396 -74.46 9.39 21.42
CA GLU G 396 -73.83 10.67 21.17
C GLU G 396 -73.00 11.13 22.37
N GLU G 397 -73.43 10.71 23.56
CA GLU G 397 -72.73 11.08 24.79
C GLU G 397 -71.44 10.28 24.91
N ALA G 398 -71.49 9.04 24.44
CA ALA G 398 -70.32 8.17 24.47
C ALA G 398 -69.23 8.70 23.56
N LEU G 399 -69.60 9.07 22.33
CA LEU G 399 -68.66 9.66 21.38
C LEU G 399 -67.97 10.89 21.97
N ALA G 400 -68.78 11.74 22.60
CA ALA G 400 -68.31 12.98 23.20
C ALA G 400 -67.25 12.71 24.26
N ILE G 401 -67.51 11.71 25.10
CA ILE G 401 -66.58 11.30 26.14
C ILE G 401 -65.27 10.78 25.56
N ALA G 402 -65.38 9.95 24.53
CA ALA G 402 -64.21 9.33 23.92
C ALA G 402 -63.31 10.36 23.24
N ASN G 403 -63.91 11.42 22.68
CA ASN G 403 -63.17 12.45 21.99
C ASN G 403 -62.65 13.61 22.85
N ASN G 404 -63.05 13.67 24.11
CA ASN G 404 -62.62 14.75 25.00
C ASN G 404 -61.22 14.57 25.58
N THR G 405 -60.29 14.11 24.75
CA THR G 405 -58.91 13.91 25.17
C THR G 405 -57.97 14.57 24.18
N GLU G 406 -56.75 14.86 24.61
CA GLU G 406 -55.70 15.36 23.71
C GLU G 406 -55.17 14.22 22.87
N TYR G 407 -55.19 13.03 23.45
CA TYR G 407 -54.68 11.81 22.81
C TYR G 407 -55.71 11.17 21.90
N GLY G 408 -55.20 10.56 20.83
CA GLY G 408 -56.04 9.85 19.88
C GLY G 408 -55.23 8.76 19.23
N LEU G 409 -54.87 7.74 20.01
CA LEU G 409 -54.09 6.66 19.46
C LEU G 409 -54.86 5.37 19.39
N GLY G 410 -55.73 5.12 20.36
CA GLY G 410 -56.43 3.85 20.37
C GLY G 410 -57.76 3.86 21.05
N SER G 411 -58.69 3.04 20.58
CA SER G 411 -59.98 3.08 21.15
C SER G 411 -60.63 1.82 20.67
N GLY G 412 -61.65 1.37 21.35
CA GLY G 412 -62.29 0.14 20.95
C GLY G 412 -63.71 0.26 21.42
N LEU G 413 -64.60 -0.59 20.92
CA LEU G 413 -65.99 -0.51 21.33
C LEU G 413 -66.67 -1.85 21.17
N TRP G 414 -67.68 -2.11 21.99
CA TRP G 414 -68.32 -3.42 22.01
C TRP G 414 -69.82 -3.31 21.79
N THR G 415 -70.30 -3.80 20.64
CA THR G 415 -71.70 -3.71 20.24
C THR G 415 -72.02 -4.88 19.34
N GLN G 416 -73.29 -5.07 19.02
CA GLN G 416 -73.67 -5.99 17.98
C GLN G 416 -74.53 -5.32 16.90
N ASN G 417 -74.60 -4.00 16.98
CA ASN G 417 -75.35 -3.23 16.01
C ASN G 417 -74.44 -2.80 14.89
N LEU G 418 -74.70 -3.35 13.70
CA LEU G 418 -74.00 -3.00 12.48
C LEU G 418 -73.76 -1.50 12.36
N ALA G 419 -74.85 -0.73 12.28
CA ALA G 419 -74.73 0.71 12.14
C ALA G 419 -73.88 1.35 13.25
N ARG G 420 -74.23 1.06 14.50
CA ARG G 420 -73.52 1.68 15.60
C ARG G 420 -72.02 1.48 15.53
N ALA G 421 -71.60 0.23 15.27
CA ALA G 421 -70.18 -0.09 15.23
C ALA G 421 -69.42 0.77 14.21
N HIS G 422 -69.92 0.82 12.97
CA HIS G 422 -69.23 1.58 11.94
C HIS G 422 -69.32 3.09 12.13
N LYS G 423 -70.51 3.58 12.47
CA LYS G 423 -70.74 5.02 12.68
C LYS G 423 -69.74 5.52 13.71
N MET G 424 -69.59 4.76 14.80
CA MET G 424 -68.72 5.15 15.90
C MET G 424 -67.25 5.13 15.53
N ALA G 425 -66.79 4.05 14.89
CA ALA G 425 -65.39 3.91 14.46
C ALA G 425 -65.01 5.03 13.50
N HIS G 426 -66.02 5.54 12.79
CA HIS G 426 -65.82 6.59 11.82
C HIS G 426 -65.67 7.95 12.49
N ALA G 427 -66.44 8.14 13.56
CA ALA G 427 -66.50 9.41 14.28
C ALA G 427 -65.39 9.61 15.33
N ILE G 428 -64.95 8.53 15.98
CA ILE G 428 -63.91 8.63 16.98
C ILE G 428 -62.60 9.12 16.36
N HIS G 429 -62.02 10.19 16.91
CA HIS G 429 -60.77 10.67 16.36
C HIS G 429 -59.62 9.87 16.97
N ALA G 430 -59.25 8.78 16.30
CA ALA G 430 -58.20 7.88 16.76
C ALA G 430 -57.60 7.14 15.58
N GLY G 431 -56.31 6.85 15.64
CA GLY G 431 -55.62 6.26 14.52
C GLY G 431 -55.99 4.82 14.25
N MET G 432 -56.73 4.23 15.19
CA MET G 432 -57.12 2.84 15.06
C MET G 432 -58.19 2.54 16.08
N CYS G 433 -59.07 1.61 15.74
CA CYS G 433 -60.26 1.39 16.53
C CYS G 433 -60.71 -0.05 16.40
N TRP G 434 -60.84 -0.73 17.54
CA TRP G 434 -61.16 -2.16 17.56
C TRP G 434 -62.57 -2.43 17.98
N ILE G 435 -63.27 -3.24 17.23
CA ILE G 435 -64.65 -3.57 17.52
C ILE G 435 -64.81 -5.02 18.00
N ASN G 436 -65.44 -5.20 19.15
CA ASN G 436 -65.61 -6.53 19.73
C ASN G 436 -64.28 -7.26 19.90
N CYS G 437 -63.24 -6.49 20.15
CA CYS G 437 -61.90 -7.03 20.44
C CYS G 437 -61.03 -5.83 20.79
N TYR G 438 -59.79 -6.06 21.20
CA TYR G 438 -58.95 -4.94 21.59
C TYR G 438 -57.45 -5.28 21.51
N LYS G 439 -56.61 -4.26 21.32
CA LYS G 439 -55.15 -4.44 21.28
C LYS G 439 -54.69 -5.50 20.27
N ARG G 440 -55.46 -5.70 19.19
CA ARG G 440 -55.05 -6.60 18.12
C ARG G 440 -54.09 -5.88 17.17
N VAL G 441 -52.85 -6.34 17.09
CA VAL G 441 -51.97 -5.78 16.09
C VAL G 441 -51.54 -6.86 15.12
N SER G 442 -50.93 -6.41 14.03
CA SER G 442 -50.53 -7.26 12.92
C SER G 442 -49.59 -6.46 12.02
N PRO G 443 -48.44 -7.04 11.66
CA PRO G 443 -47.59 -6.38 10.68
C PRO G 443 -48.39 -6.24 9.39
N GLY G 444 -48.31 -5.09 8.73
CA GLY G 444 -49.13 -4.85 7.55
C GLY G 444 -50.32 -3.93 7.80
N SER G 445 -50.78 -3.91 9.05
CA SER G 445 -51.84 -3.00 9.51
C SER G 445 -51.27 -1.77 10.22
N PRO G 446 -51.38 -0.58 9.60
CA PRO G 446 -50.78 0.68 10.07
C PRO G 446 -51.10 0.96 11.52
N PHE G 447 -50.04 1.20 12.30
CA PHE G 447 -50.13 1.44 13.72
C PHE G 447 -49.54 2.81 14.03
N GLY G 448 -50.37 3.73 14.51
CA GLY G 448 -49.91 5.08 14.77
C GLY G 448 -50.99 5.99 15.32
N GLY G 449 -50.60 7.21 15.69
CA GLY G 449 -51.53 8.13 16.31
C GLY G 449 -52.13 9.17 15.38
N VAL G 450 -52.98 10.00 15.98
CA VAL G 450 -53.62 11.09 15.26
C VAL G 450 -53.63 12.33 16.15
N GLY G 451 -53.18 13.46 15.59
CA GLY G 451 -53.16 14.73 16.30
C GLY G 451 -51.99 14.87 17.26
N GLN G 452 -52.27 14.85 18.56
CA GLN G 452 -51.23 14.93 19.58
C GLN G 452 -50.67 13.57 20.04
N SER G 453 -51.06 12.52 19.34
CA SER G 453 -50.44 11.20 19.51
C SER G 453 -49.47 10.96 18.34
N GLY G 454 -49.21 12.02 17.57
CA GLY G 454 -48.14 12.03 16.60
C GLY G 454 -48.51 11.79 15.14
N TYR G 455 -47.47 11.59 14.33
CA TYR G 455 -47.63 11.27 12.92
C TYR G 455 -46.81 10.05 12.50
N GLY G 456 -47.07 9.55 11.31
CA GLY G 456 -46.36 8.39 10.82
C GLY G 456 -46.92 7.10 11.38
N ARG G 457 -46.84 6.04 10.57
CA ARG G 457 -47.33 4.73 10.94
C ARG G 457 -46.20 3.69 10.97
N GLU G 458 -46.39 2.66 11.77
CA GLU G 458 -45.53 1.49 11.73
C GLU G 458 -46.36 0.34 11.18
N MET G 459 -45.71 -0.74 10.77
CA MET G 459 -46.40 -1.98 10.44
C MET G 459 -46.67 -2.29 8.94
N GLY G 460 -47.27 -1.35 8.20
CA GLY G 460 -47.82 -1.69 6.89
C GLY G 460 -46.92 -1.42 5.69
N PHE G 461 -47.54 -1.25 4.52
CA PHE G 461 -46.83 -0.64 3.40
C PHE G 461 -46.52 0.81 3.78
N GLU G 462 -47.44 1.40 4.55
CA GLU G 462 -47.27 2.74 5.07
C GLU G 462 -45.90 2.88 5.72
N ALA G 463 -45.58 1.92 6.60
CA ALA G 463 -44.34 1.97 7.36
C ALA G 463 -43.13 2.12 6.44
N ILE G 464 -43.10 1.33 5.37
CA ILE G 464 -42.03 1.38 4.37
C ILE G 464 -41.93 2.75 3.71
N HIS G 465 -43.06 3.30 3.31
CA HIS G 465 -43.10 4.64 2.75
C HIS G 465 -42.36 5.67 3.66
N ASP G 466 -42.56 5.58 4.98
CA ASP G 466 -41.97 6.54 5.92
C ASP G 466 -40.44 6.46 5.97
N TYR G 467 -39.89 5.38 5.43
CA TYR G 467 -38.45 5.18 5.48
C TYR G 467 -37.88 5.18 4.08
N THR G 468 -38.37 6.10 3.25
CA THR G 468 -37.98 6.11 1.86
C THR G 468 -38.24 7.43 1.14
N GLU G 469 -37.29 7.82 0.28
CA GLU G 469 -37.32 9.08 -0.50
C GLU G 469 -37.88 8.80 -1.87
N ALA G 470 -38.21 9.85 -2.62
CA ALA G 470 -38.66 9.64 -3.97
C ALA G 470 -37.80 10.39 -4.99
N ARG G 471 -36.96 9.67 -5.71
CA ARG G 471 -36.16 10.26 -6.78
C ARG G 471 -36.92 10.25 -8.11
N SER G 472 -37.27 11.44 -8.61
CA SER G 472 -37.98 11.55 -9.87
C SER G 472 -37.00 11.79 -10.99
N VAL G 473 -37.05 10.96 -12.03
CA VAL G 473 -36.13 11.12 -13.13
C VAL G 473 -36.88 11.34 -14.43
N TRP G 474 -36.53 12.40 -15.15
CA TRP G 474 -37.15 12.71 -16.44
C TRP G 474 -36.17 12.46 -17.56
N VAL G 475 -36.60 11.67 -18.54
CA VAL G 475 -35.80 11.44 -19.72
C VAL G 475 -36.47 11.98 -20.98
N ASN G 476 -35.84 12.94 -21.63
CA ASN G 476 -36.29 13.42 -22.93
C ASN G 476 -35.87 12.47 -24.07
N VAL G 477 -36.82 11.71 -24.62
CA VAL G 477 -36.51 10.82 -25.73
C VAL G 477 -36.88 11.39 -27.09
N ASP G 478 -38.11 11.93 -27.18
CA ASP G 478 -38.61 12.51 -28.41
C ASP G 478 -39.29 13.82 -28.06
N ALA G 479 -38.47 14.78 -27.63
CA ALA G 479 -38.99 16.08 -27.24
C ALA G 479 -38.39 17.16 -28.12
N LYS G 480 -39.24 18.02 -28.64
CA LYS G 480 -38.75 19.10 -29.48
C LYS G 480 -39.35 20.41 -29.04
N ILE G 481 -39.07 20.78 -27.80
CA ILE G 481 -39.57 22.03 -27.26
C ILE G 481 -38.89 23.19 -27.97
N ALA G 482 -39.66 24.23 -28.26
CA ALA G 482 -39.10 25.41 -28.90
C ALA G 482 -38.18 26.05 -27.86
N PRO G 483 -37.07 26.65 -28.32
CA PRO G 483 -36.18 27.27 -27.35
C PRO G 483 -37.02 28.32 -26.64
N HIS G 484 -36.93 28.42 -25.33
CA HIS G 484 -37.80 29.38 -24.64
C HIS G 484 -37.46 30.79 -25.07
N PHE G 485 -36.19 31.13 -25.03
CA PHE G 485 -35.73 32.41 -25.53
C PHE G 485 -35.56 32.27 -27.04
N LYS G 486 -36.62 32.67 -27.76
CA LYS G 486 -36.71 32.47 -29.21
C LYS G 486 -35.65 33.25 -29.99
N ARG G 487 -34.50 32.61 -30.17
CA ARG G 487 -33.37 33.21 -30.87
C ARG G 487 -33.25 34.73 -30.71
N MET H 1 -55.48 45.25 -7.30
CA MET H 1 -56.95 45.32 -7.42
C MET H 1 -57.75 44.88 -6.17
N GLN H 2 -57.88 43.57 -5.96
CA GLN H 2 -58.53 43.02 -4.78
C GLN H 2 -57.47 42.88 -3.70
N ASN H 3 -57.65 43.49 -2.52
CA ASN H 3 -56.50 43.73 -1.64
C ASN H 3 -56.59 43.46 -0.14
N GLN H 4 -57.70 42.90 0.31
CA GLN H 4 -57.88 42.66 1.73
C GLN H 4 -57.71 41.19 2.10
N LEU H 5 -57.68 40.91 3.39
CA LEU H 5 -57.73 39.52 3.85
C LEU H 5 -59.00 38.89 3.28
N TYR H 6 -59.03 37.56 3.23
CA TYR H 6 -60.25 36.83 2.87
C TYR H 6 -60.55 35.75 3.90
N ILE H 7 -61.50 36.02 4.78
CA ILE H 7 -61.77 35.13 5.90
C ILE H 7 -63.25 34.79 5.98
N ASP H 8 -63.54 33.49 5.99
CA ASP H 8 -64.92 33.03 6.09
C ASP H 8 -65.75 33.64 4.95
N GLY H 9 -65.16 33.68 3.76
CA GLY H 9 -65.92 34.05 2.58
C GLY H 9 -66.19 35.53 2.37
N ARG H 10 -65.53 36.37 3.17
N ARG H 10 -65.53 36.37 3.15
CA ARG H 10 -65.67 37.82 3.06
CA ARG H 10 -65.68 37.82 3.01
C ARG H 10 -64.30 38.49 2.97
C ARG H 10 -64.31 38.48 2.95
N PHE H 11 -64.19 39.51 2.13
CA PHE H 11 -62.99 40.34 2.12
C PHE H 11 -63.05 41.33 3.28
N VAL H 12 -62.14 41.19 4.23
CA VAL H 12 -62.16 42.05 5.41
C VAL H 12 -60.80 42.69 5.62
N ASP H 13 -60.78 43.83 6.30
CA ASP H 13 -59.53 44.49 6.63
C ASP H 13 -58.86 43.76 7.80
N ALA H 14 -57.58 44.04 8.01
CA ALA H 14 -56.89 43.51 9.16
C ALA H 14 -57.54 44.03 10.44
N VAL H 15 -57.65 43.16 11.44
CA VAL H 15 -58.27 43.49 12.72
C VAL H 15 -57.71 44.79 13.33
N ALA H 16 -56.40 44.97 13.26
CA ALA H 16 -55.75 46.15 13.84
C ALA H 16 -55.43 47.19 12.77
N GLY H 17 -56.07 47.04 11.61
CA GLY H 17 -55.93 48.00 10.54
C GLY H 17 -54.58 47.98 9.83
N GLY H 18 -53.71 47.05 10.22
CA GLY H 18 -52.40 46.93 9.59
C GLY H 18 -52.44 47.05 8.06
N THR H 19 -51.35 47.55 7.50
CA THR H 19 -51.28 47.75 6.06
C THR H 19 -49.87 47.48 5.54
N ILE H 20 -49.79 46.98 4.31
CA ILE H 20 -48.51 46.72 3.66
C ILE H 20 -48.52 47.17 2.20
N ASP H 21 -47.44 47.84 1.79
CA ASP H 21 -47.34 48.35 0.43
C ASP H 21 -46.99 47.26 -0.57
N VAL H 22 -47.80 47.12 -1.62
CA VAL H 22 -47.44 46.21 -2.73
C VAL H 22 -46.98 46.99 -3.96
N VAL H 23 -45.72 46.77 -4.37
CA VAL H 23 -45.08 47.59 -5.38
C VAL H 23 -44.91 46.86 -6.70
N SER H 24 -44.94 47.60 -7.82
CA SER H 24 -44.58 47.05 -9.13
C SER H 24 -43.05 47.07 -9.34
N PRO H 25 -42.47 45.88 -9.60
CA PRO H 25 -41.04 45.71 -9.79
C PRO H 25 -40.46 46.40 -11.01
N HIS H 26 -41.32 46.95 -11.85
CA HIS H 26 -40.87 47.54 -13.10
C HIS H 26 -40.45 49.00 -12.96
N ASP H 27 -41.15 49.74 -12.12
CA ASP H 27 -40.92 51.18 -12.02
C ASP H 27 -40.81 51.63 -10.56
N GLY H 28 -40.99 50.71 -9.64
CA GLY H 28 -41.02 51.06 -8.23
C GLY H 28 -42.37 51.60 -7.78
N SER H 29 -43.27 51.79 -8.74
CA SER H 29 -44.60 52.35 -8.51
C SER H 29 -45.43 51.55 -7.49
N LEU H 30 -46.28 52.26 -6.73
CA LEU H 30 -47.20 51.61 -5.80
C LEU H 30 -48.36 51.01 -6.60
N ILE H 31 -48.67 49.74 -6.34
CA ILE H 31 -49.79 49.07 -7.03
C ILE H 31 -51.05 49.15 -6.18
N THR H 32 -50.90 48.88 -4.88
CA THR H 32 -52.00 48.99 -3.93
C THR H 32 -51.54 48.65 -2.52
N ARG H 33 -52.44 48.81 -1.55
CA ARG H 33 -52.13 48.51 -0.18
C ARG H 33 -52.87 47.26 0.29
N ILE H 34 -52.10 46.33 0.86
CA ILE H 34 -52.58 45.04 1.34
C ILE H 34 -52.97 45.13 2.81
N ALA H 35 -54.12 44.58 3.16
CA ALA H 35 -54.45 44.45 4.59
C ALA H 35 -53.41 43.52 5.22
N ALA H 36 -52.69 44.00 6.23
CA ALA H 36 -51.61 43.20 6.84
C ALA H 36 -52.09 42.36 8.01
N ALA H 37 -52.12 41.05 7.80
CA ALA H 37 -52.59 40.11 8.79
C ALA H 37 -51.59 39.93 9.93
N GLU H 38 -52.13 39.83 11.15
CA GLU H 38 -51.33 39.60 12.35
C GLU H 38 -51.97 38.48 13.16
N ALA H 39 -51.34 38.14 14.28
CA ALA H 39 -51.77 37.00 15.06
C ALA H 39 -53.28 36.91 15.22
N ALA H 40 -53.90 38.01 15.60
CA ALA H 40 -55.34 38.03 15.88
C ALA H 40 -56.16 37.65 14.66
N ASP H 41 -55.67 38.04 13.48
CA ASP H 41 -56.31 37.73 12.21
C ASP H 41 -56.29 36.24 11.88
N VAL H 42 -55.13 35.59 12.05
CA VAL H 42 -55.04 34.18 11.71
C VAL H 42 -55.91 33.39 12.68
N ASP H 43 -55.94 33.81 13.94
CA ASP H 43 -56.77 33.15 14.92
C ASP H 43 -58.17 32.99 14.35
N LEU H 44 -58.59 33.96 13.54
CA LEU H 44 -59.94 33.98 13.00
C LEU H 44 -60.02 33.08 11.78
N ALA H 45 -59.06 33.28 10.88
CA ALA H 45 -58.99 32.49 9.66
C ALA H 45 -58.99 31.00 10.01
N VAL H 46 -58.22 30.63 11.03
CA VAL H 46 -58.13 29.24 11.45
C VAL H 46 -59.46 28.78 12.10
N ALA H 47 -60.05 29.64 12.93
CA ALA H 47 -61.33 29.31 13.55
C ALA H 47 -62.41 29.13 12.48
N ALA H 48 -62.35 29.95 11.43
CA ALA H 48 -63.24 29.84 10.28
C ALA H 48 -63.07 28.49 9.62
N ALA H 49 -61.81 28.14 9.37
CA ALA H 49 -61.46 26.87 8.74
C ALA H 49 -61.87 25.67 9.59
N LYS H 50 -61.68 25.78 10.90
CA LYS H 50 -61.99 24.68 11.82
C LYS H 50 -63.46 24.40 11.77
N ARG H 51 -64.24 25.47 11.61
CA ARG H 51 -65.69 25.42 11.65
C ARG H 51 -66.22 24.82 10.35
N ALA H 52 -65.67 25.28 9.22
CA ALA H 52 -66.04 24.76 7.90
C ALA H 52 -65.63 23.30 7.63
N PHE H 53 -64.62 22.80 8.34
CA PHE H 53 -64.05 21.50 8.03
C PHE H 53 -65.08 20.37 8.08
N PRO H 54 -65.76 20.19 9.22
CA PRO H 54 -66.64 19.03 9.33
C PRO H 54 -67.59 18.85 8.15
N ALA H 55 -68.23 19.94 7.72
CA ALA H 55 -69.17 19.86 6.59
C ALA H 55 -68.45 19.61 5.27
N TRP H 56 -67.32 20.28 5.09
CA TRP H 56 -66.54 20.16 3.86
C TRP H 56 -66.02 18.74 3.64
N SER H 57 -65.42 18.14 4.68
CA SER H 57 -64.88 16.80 4.57
C SER H 57 -66.00 15.78 4.50
N ALA H 58 -67.19 16.18 4.95
CA ALA H 58 -68.37 15.29 4.97
C ALA H 58 -69.05 15.21 3.61
N LEU H 59 -68.85 16.21 2.78
CA LEU H 59 -69.18 16.12 1.37
C LEU H 59 -68.63 14.84 0.74
N GLY H 60 -69.38 14.26 -0.21
CA GLY H 60 -68.84 13.15 -0.99
C GLY H 60 -67.56 13.61 -1.69
N ALA H 61 -66.58 12.72 -1.84
CA ALA H 61 -65.32 13.14 -2.45
C ALA H 61 -65.54 13.71 -3.83
N ALA H 62 -66.40 13.06 -4.58
CA ALA H 62 -66.71 13.51 -5.93
C ALA H 62 -67.14 15.00 -6.00
N GLU H 63 -67.83 15.47 -4.96
CA GLU H 63 -68.26 16.87 -4.91
C GLU H 63 -67.08 17.81 -4.80
N ARG H 64 -66.19 17.55 -3.84
CA ARG H 64 -64.97 18.33 -3.72
C ARG H 64 -64.29 18.31 -5.08
N GLY H 65 -64.35 17.17 -5.75
CA GLY H 65 -63.71 17.04 -7.03
C GLY H 65 -64.27 18.00 -8.04
N ARG H 66 -65.60 18.00 -8.12
CA ARG H 66 -66.29 18.80 -9.11
C ARG H 66 -65.98 20.29 -8.94
N LEU H 67 -65.97 20.78 -7.69
CA LEU H 67 -65.64 22.19 -7.46
C LEU H 67 -64.25 22.54 -7.99
N LEU H 68 -63.25 21.74 -7.63
CA LEU H 68 -61.90 21.95 -8.13
C LEU H 68 -61.93 22.00 -9.66
N LEU H 69 -62.69 21.07 -10.24
CA LEU H 69 -62.78 20.99 -11.69
C LEU H 69 -63.30 22.29 -12.28
N LYS H 70 -64.37 22.84 -11.68
CA LYS H 70 -64.96 24.08 -12.20
C LYS H 70 -63.98 25.23 -12.00
N LEU H 71 -63.38 25.29 -10.82
CA LEU H 71 -62.36 26.27 -10.56
C LEU H 71 -61.33 26.29 -11.68
N ALA H 72 -60.98 25.11 -12.19
CA ALA H 72 -59.96 25.05 -13.24
C ALA H 72 -60.42 25.69 -14.54
N ASP H 73 -61.64 25.34 -14.97
CA ASP H 73 -62.27 25.93 -16.14
C ASP H 73 -62.38 27.45 -15.96
N ARG H 74 -62.84 27.84 -14.77
CA ARG H 74 -63.06 29.24 -14.42
C ARG H 74 -61.76 30.06 -14.51
N ILE H 75 -60.68 29.49 -14.00
CA ILE H 75 -59.38 30.15 -14.05
C ILE H 75 -58.96 30.40 -15.50
N GLU H 76 -59.38 29.53 -16.40
CA GLU H 76 -59.00 29.68 -17.80
C GLU H 76 -59.87 30.73 -18.50
N GLU H 77 -61.12 30.83 -18.06
CA GLU H 77 -62.04 31.89 -18.48
C GLU H 77 -61.42 33.24 -18.15
N CYS H 78 -60.94 33.38 -16.92
CA CYS H 78 -60.25 34.60 -16.52
C CYS H 78 -58.77 34.58 -16.88
N SER H 79 -58.43 33.76 -17.88
CA SER H 79 -57.03 33.59 -18.29
C SER H 79 -56.25 34.90 -18.32
N GLU H 80 -56.71 35.89 -19.11
CA GLU H 80 -55.97 37.15 -19.28
C GLU H 80 -56.05 38.05 -18.02
N GLU H 81 -57.24 38.14 -17.47
CA GLU H 81 -57.43 38.91 -16.26
C GLU H 81 -56.31 38.56 -15.29
N LEU H 82 -56.10 37.26 -15.10
CA LEU H 82 -55.09 36.76 -14.14
C LEU H 82 -53.64 36.93 -14.61
N ALA H 83 -53.32 36.43 -15.80
CA ALA H 83 -51.98 36.57 -16.34
C ALA H 83 -51.50 38.00 -16.16
N GLN H 84 -52.41 38.95 -16.33
CA GLN H 84 -52.09 40.36 -16.28
C GLN H 84 -51.83 40.81 -14.83
N LEU H 85 -52.70 40.38 -13.93
CA LEU H 85 -52.57 40.72 -12.50
C LEU H 85 -51.27 40.17 -11.94
N GLU H 86 -50.96 38.95 -12.32
CA GLU H 86 -49.75 38.29 -11.87
C GLU H 86 -48.50 38.98 -12.40
N SER H 87 -48.36 39.05 -13.73
CA SER H 87 -47.14 39.59 -14.31
C SER H 87 -46.86 41.02 -13.82
N LEU H 88 -47.93 41.76 -13.54
CA LEU H 88 -47.81 43.12 -13.01
C LEU H 88 -47.16 43.12 -11.63
N ASN H 89 -47.66 42.24 -10.77
CA ASN H 89 -47.25 42.13 -9.37
C ASN H 89 -45.84 41.58 -9.17
N THR H 90 -45.41 40.72 -10.09
CA THR H 90 -44.21 39.91 -9.90
C THR H 90 -43.09 40.23 -10.89
N GLY H 91 -43.45 40.87 -12.00
CA GLY H 91 -42.47 41.23 -13.00
C GLY H 91 -42.32 40.14 -14.04
N HIS H 92 -43.13 39.09 -13.93
CA HIS H 92 -43.10 38.01 -14.92
C HIS H 92 -43.57 38.57 -16.27
N PRO H 93 -42.77 38.39 -17.32
CA PRO H 93 -43.24 38.81 -18.65
C PRO H 93 -44.63 38.22 -18.91
N ILE H 94 -45.50 38.92 -19.63
CA ILE H 94 -46.76 38.26 -19.99
C ILE H 94 -46.49 37.13 -20.98
N ARG H 95 -45.36 37.19 -21.69
CA ARG H 95 -44.98 36.09 -22.55
C ARG H 95 -45.08 34.81 -21.72
N ASP H 96 -44.79 34.95 -20.42
CA ASP H 96 -44.81 33.85 -19.46
C ASP H 96 -46.16 33.68 -18.74
N SER H 97 -46.62 34.70 -18.02
CA SER H 97 -47.92 34.65 -17.33
C SER H 97 -49.05 34.08 -18.20
N ARG H 98 -49.01 34.37 -19.48
CA ARG H 98 -50.08 33.90 -20.36
C ARG H 98 -49.93 32.44 -20.70
N GLY H 99 -48.69 32.05 -21.07
CA GLY H 99 -48.41 30.71 -21.58
C GLY H 99 -48.02 29.64 -20.56
N LEU H 100 -47.57 30.09 -19.38
CA LEU H 100 -47.07 29.20 -18.35
C LEU H 100 -47.82 29.36 -17.06
N ASP H 101 -47.46 30.39 -16.29
CA ASP H 101 -48.10 30.61 -14.99
C ASP H 101 -49.58 30.19 -14.96
N VAL H 102 -50.40 30.74 -15.85
CA VAL H 102 -51.84 30.51 -15.76
C VAL H 102 -52.30 29.12 -16.17
N PRO H 103 -51.92 28.65 -17.37
CA PRO H 103 -52.38 27.33 -17.79
C PRO H 103 -51.97 26.21 -16.82
N ARG H 104 -50.75 26.32 -16.28
CA ARG H 104 -50.20 25.30 -15.39
C ARG H 104 -50.88 25.35 -14.05
N THR H 105 -51.38 26.52 -13.69
CA THR H 105 -52.15 26.64 -12.45
C THR H 105 -53.50 25.96 -12.60
N ALA H 106 -54.11 26.15 -13.78
CA ALA H 106 -55.39 25.54 -14.07
C ALA H 106 -55.24 24.04 -14.20
N ALA H 107 -54.25 23.62 -14.98
CA ALA H 107 -53.97 22.21 -15.22
C ALA H 107 -53.79 21.42 -13.91
N CYS H 108 -53.13 22.06 -12.95
CA CYS H 108 -52.87 21.44 -11.67
C CYS H 108 -54.14 21.28 -10.84
N PHE H 109 -54.96 22.33 -10.77
CA PHE H 109 -56.26 22.23 -10.11
C PHE H 109 -57.15 21.16 -10.74
N ARG H 110 -57.15 21.11 -12.07
CA ARG H 110 -57.90 20.12 -12.84
C ARG H 110 -57.45 18.71 -12.49
N TYR H 111 -56.13 18.49 -12.46
CA TYR H 111 -55.59 17.23 -12.02
C TYR H 111 -56.28 16.81 -10.71
N PHE H 112 -56.13 17.66 -9.69
CA PHE H 112 -56.60 17.30 -8.37
C PHE H 112 -58.10 17.30 -8.25
N GLY H 113 -58.75 17.93 -9.21
CA GLY H 113 -60.21 17.84 -9.30
C GLY H 113 -60.55 16.39 -9.60
N GLY H 114 -59.89 15.85 -10.61
CA GLY H 114 -60.10 14.46 -11.01
C GLY H 114 -59.52 13.45 -10.03
N MET H 115 -58.82 13.95 -9.02
CA MET H 115 -58.13 13.08 -8.09
C MET H 115 -58.96 12.81 -6.85
N ALA H 116 -59.74 13.80 -6.43
CA ALA H 116 -60.35 13.77 -5.11
C ALA H 116 -61.10 12.47 -4.78
N ASP H 117 -61.68 11.83 -5.80
CA ASP H 117 -62.48 10.62 -5.53
C ASP H 117 -61.77 9.35 -5.97
N LYS H 118 -60.45 9.42 -6.09
CA LYS H 118 -59.64 8.27 -6.46
C LYS H 118 -58.63 7.94 -5.36
N ILE H 119 -58.72 8.69 -4.26
CA ILE H 119 -57.96 8.42 -3.05
C ILE H 119 -58.62 7.26 -2.33
N GLU H 120 -58.01 6.08 -2.40
CA GLU H 120 -58.63 4.89 -1.85
C GLU H 120 -57.93 4.39 -0.58
N GLY H 121 -58.71 3.80 0.32
CA GLY H 121 -58.18 3.18 1.52
C GLY H 121 -57.64 1.82 1.16
N SER H 122 -57.46 0.95 2.13
CA SER H 122 -57.07 -0.41 1.83
C SER H 122 -57.62 -1.41 2.84
N VAL H 123 -57.75 -2.66 2.42
CA VAL H 123 -58.19 -3.73 3.30
C VAL H 123 -57.07 -4.76 3.55
N ILE H 124 -56.57 -4.80 4.78
CA ILE H 124 -55.42 -5.63 5.16
C ILE H 124 -55.74 -7.12 5.38
N PRO H 125 -54.91 -8.00 4.80
CA PRO H 125 -55.08 -9.45 5.01
C PRO H 125 -54.62 -9.71 6.41
N VAL H 126 -55.47 -10.30 7.22
CA VAL H 126 -55.22 -10.30 8.65
C VAL H 126 -55.73 -11.60 9.29
N ASP H 127 -55.43 -11.77 10.58
CA ASP H 127 -55.76 -13.00 11.29
C ASP H 127 -57.13 -13.49 10.85
N ALA H 128 -57.33 -14.81 10.79
CA ALA H 128 -58.63 -15.32 10.34
C ALA H 128 -59.74 -14.84 11.27
N GLY H 129 -60.92 -14.57 10.70
CA GLY H 129 -62.04 -14.09 11.48
C GLY H 129 -62.11 -12.58 11.73
N PHE H 130 -61.00 -11.88 11.52
CA PHE H 130 -61.04 -10.43 11.61
C PHE H 130 -61.17 -9.75 10.27
N LEU H 131 -61.55 -8.49 10.30
CA LEU H 131 -61.70 -7.68 9.09
C LEU H 131 -61.05 -6.34 9.37
N ASN H 132 -59.93 -6.09 8.74
CA ASN H 132 -59.21 -4.87 9.01
C ASN H 132 -59.19 -3.93 7.81
N TYR H 133 -60.04 -2.91 7.83
CA TYR H 133 -60.01 -1.91 6.77
C TYR H 133 -59.46 -0.61 7.27
N VAL H 134 -58.73 0.07 6.41
CA VAL H 134 -58.02 1.29 6.78
C VAL H 134 -58.51 2.43 5.90
N GLN H 135 -59.23 3.37 6.50
CA GLN H 135 -59.74 4.51 5.77
C GLN H 135 -58.68 5.58 5.62
N ARG H 136 -58.71 6.29 4.51
CA ARG H 136 -57.79 7.41 4.32
C ARG H 136 -58.61 8.73 4.42
N LYS H 137 -58.42 9.47 5.52
CA LYS H 137 -59.23 10.65 5.86
C LYS H 137 -58.44 11.95 5.92
N PRO H 138 -59.15 13.08 5.77
CA PRO H 138 -58.52 14.39 5.86
C PRO H 138 -57.82 14.55 7.20
N ILE H 139 -57.00 15.59 7.33
CA ILE H 139 -56.30 15.85 8.57
C ILE H 139 -57.12 16.79 9.43
N GLY H 140 -57.42 17.97 8.86
CA GLY H 140 -58.19 18.98 9.56
C GLY H 140 -57.93 20.33 8.93
N VAL H 141 -57.40 21.25 9.73
CA VAL H 141 -57.08 22.57 9.24
C VAL H 141 -55.62 22.62 8.83
N VAL H 142 -55.37 22.78 7.55
CA VAL H 142 -54.03 22.75 7.03
C VAL H 142 -53.57 24.19 6.85
N ALA H 143 -52.35 24.49 7.26
CA ALA H 143 -51.79 25.82 7.07
C ALA H 143 -50.77 25.75 5.96
N GLN H 144 -50.83 26.67 5.01
CA GLN H 144 -49.84 26.70 3.95
C GLN H 144 -49.18 28.07 3.81
N ILE H 145 -47.87 28.08 3.59
CA ILE H 145 -47.12 29.33 3.47
C ILE H 145 -46.30 29.25 2.20
N VAL H 146 -46.37 30.27 1.36
CA VAL H 146 -45.63 30.20 0.10
C VAL H 146 -44.68 31.39 -0.10
N PRO H 147 -43.71 31.27 -1.01
CA PRO H 147 -42.86 32.39 -1.40
C PRO H 147 -43.47 33.15 -2.57
N TRP H 148 -42.69 33.97 -3.23
CA TRP H 148 -43.24 34.93 -4.17
C TRP H 148 -42.77 34.73 -5.59
N ASN H 149 -42.17 33.59 -5.87
CA ASN H 149 -41.64 33.39 -7.20
C ASN H 149 -42.67 32.87 -8.18
N PHE H 150 -43.59 32.03 -7.71
CA PHE H 150 -44.70 31.59 -8.56
C PHE H 150 -46.02 31.71 -7.83
N PRO H 151 -46.33 32.91 -7.31
CA PRO H 151 -47.45 33.10 -6.39
C PRO H 151 -48.70 32.41 -6.91
N LEU H 152 -48.92 32.50 -8.22
CA LEU H 152 -50.14 31.97 -8.84
C LEU H 152 -50.10 30.45 -8.92
N MET H 153 -48.98 29.93 -9.44
CA MET H 153 -48.81 28.50 -9.59
C MET H 153 -48.90 27.77 -8.25
N PHE H 154 -48.35 28.38 -7.20
CA PHE H 154 -48.36 27.76 -5.86
C PHE H 154 -49.75 27.53 -5.32
N THR H 155 -50.69 28.40 -5.64
CA THR H 155 -52.05 28.22 -5.15
C THR H 155 -52.53 26.85 -5.58
N SER H 156 -52.22 26.46 -6.81
CA SER H 156 -52.66 25.16 -7.32
C SER H 156 -51.81 24.04 -6.75
N TRP H 157 -50.49 24.23 -6.73
CA TRP H 157 -49.58 23.22 -6.20
C TRP H 157 -49.93 22.82 -4.76
N LYS H 158 -50.28 23.82 -3.96
CA LYS H 158 -50.48 23.64 -2.53
C LYS H 158 -51.92 23.32 -2.13
N MET H 159 -52.88 24.11 -2.59
CA MET H 159 -54.27 23.91 -2.18
C MET H 159 -54.90 22.75 -2.94
N GLY H 160 -54.45 22.56 -4.20
CA GLY H 160 -54.95 21.50 -5.05
C GLY H 160 -55.09 20.17 -4.33
N PRO H 161 -53.96 19.63 -3.85
CA PRO H 161 -53.96 18.38 -3.09
C PRO H 161 -54.79 18.49 -1.80
N ALA H 162 -54.46 19.48 -0.97
CA ALA H 162 -55.06 19.61 0.36
C ALA H 162 -56.58 19.67 0.32
N LEU H 163 -57.11 20.35 -0.70
CA LEU H 163 -58.56 20.45 -0.85
C LEU H 163 -59.17 19.14 -1.32
N ALA H 164 -58.64 18.58 -2.40
CA ALA H 164 -59.18 17.31 -2.88
C ALA H 164 -59.29 16.30 -1.75
N ALA H 165 -58.27 16.24 -0.91
CA ALA H 165 -58.22 15.27 0.18
C ALA H 165 -59.33 15.47 1.19
N GLY H 166 -59.89 16.68 1.25
CA GLY H 166 -60.95 16.99 2.19
C GLY H 166 -60.54 17.92 3.33
N ASN H 167 -59.32 18.44 3.25
CA ASN H 167 -58.83 19.39 4.25
C ASN H 167 -59.42 20.77 4.04
N THR H 168 -59.27 21.61 5.04
CA THR H 168 -59.75 22.97 5.00
C THR H 168 -58.49 23.83 5.16
N ILE H 169 -58.42 24.98 4.49
CA ILE H 169 -57.14 25.66 4.33
C ILE H 169 -57.03 27.09 4.88
N VAL H 170 -55.85 27.41 5.39
CA VAL H 170 -55.50 28.79 5.70
C VAL H 170 -54.12 29.08 5.12
N ILE H 171 -54.06 29.95 4.14
CA ILE H 171 -52.85 30.14 3.38
C ILE H 171 -52.30 31.56 3.43
N LYS H 172 -50.99 31.69 3.71
CA LYS H 172 -50.33 32.99 3.75
C LYS H 172 -49.33 33.19 2.61
N PRO H 173 -49.71 33.96 1.57
CA PRO H 173 -48.79 34.23 0.46
C PRO H 173 -47.75 35.24 0.89
N SER H 174 -46.85 35.64 0.00
CA SER H 174 -45.81 36.59 0.38
C SER H 174 -46.32 38.02 0.44
N GLU H 175 -46.12 38.70 1.57
CA GLU H 175 -46.45 40.10 1.61
C GLU H 175 -46.03 40.83 0.33
N ILE H 176 -45.14 40.22 -0.44
CA ILE H 176 -44.68 40.82 -1.69
C ILE H 176 -45.59 40.54 -2.89
N THR H 177 -46.19 39.35 -2.95
CA THR H 177 -47.00 38.97 -4.12
C THR H 177 -48.32 38.27 -3.75
N PRO H 178 -49.19 39.00 -3.02
CA PRO H 178 -50.44 38.44 -2.52
C PRO H 178 -51.54 38.55 -3.54
N LEU H 179 -51.42 39.55 -4.42
CA LEU H 179 -52.56 39.95 -5.24
C LEU H 179 -53.07 38.76 -6.03
N SER H 180 -52.13 38.05 -6.65
CA SER H 180 -52.46 36.96 -7.52
C SER H 180 -53.39 35.96 -6.82
N THR H 181 -53.01 35.57 -5.62
CA THR H 181 -53.72 34.50 -4.92
C THR H 181 -55.02 34.98 -4.28
N LEU H 182 -55.15 36.28 -4.04
CA LEU H 182 -56.38 36.80 -3.45
C LEU H 182 -57.56 36.66 -4.44
N ARG H 183 -57.27 36.98 -5.70
CA ARG H 183 -58.24 36.82 -6.78
C ARG H 183 -58.67 35.36 -6.88
N ILE H 184 -57.73 34.45 -6.70
CA ILE H 184 -58.05 33.03 -6.77
C ILE H 184 -59.10 32.57 -5.76
N VAL H 185 -59.00 33.03 -4.51
CA VAL H 185 -60.01 32.68 -3.53
C VAL H 185 -61.38 33.22 -3.91
N GLU H 186 -61.41 34.43 -4.44
CA GLU H 186 -62.67 34.98 -4.89
C GLU H 186 -63.24 34.00 -5.91
N LEU H 187 -62.41 33.63 -6.89
CA LEU H 187 -62.79 32.71 -7.96
C LEU H 187 -63.32 31.42 -7.37
N MET H 188 -62.71 30.99 -6.27
CA MET H 188 -63.17 29.78 -5.63
C MET H 188 -64.62 29.94 -5.21
N THR H 189 -64.91 30.89 -4.33
CA THR H 189 -66.28 30.97 -3.81
C THR H 189 -67.26 31.33 -4.92
N GLU H 190 -66.80 32.07 -5.95
CA GLU H 190 -67.57 32.29 -7.19
C GLU H 190 -68.06 30.98 -7.81
N VAL H 191 -67.22 29.95 -7.71
CA VAL H 191 -67.47 28.66 -8.35
C VAL H 191 -68.23 27.69 -7.42
N GLY H 192 -68.31 28.02 -6.14
CA GLY H 192 -69.18 27.29 -5.23
C GLY H 192 -68.52 26.74 -3.99
N PHE H 193 -67.30 27.19 -3.72
CA PHE H 193 -66.59 26.73 -2.54
C PHE H 193 -67.22 27.33 -1.30
N PRO H 194 -67.68 26.48 -0.36
CA PRO H 194 -68.23 26.97 0.89
C PRO H 194 -67.36 28.05 1.56
N LYS H 195 -68.00 28.92 2.32
CA LYS H 195 -67.25 29.93 3.04
C LYS H 195 -66.44 29.24 4.12
N GLY H 196 -65.21 29.72 4.32
CA GLY H 196 -64.39 29.20 5.38
C GLY H 196 -63.50 28.01 5.00
N VAL H 197 -63.81 27.35 3.88
CA VAL H 197 -63.02 26.21 3.40
C VAL H 197 -61.66 26.67 2.89
N VAL H 198 -61.58 27.91 2.43
CA VAL H 198 -60.29 28.48 2.10
C VAL H 198 -60.18 29.89 2.68
N ASN H 199 -59.05 30.21 3.29
CA ASN H 199 -58.88 31.50 3.92
C ASN H 199 -57.49 32.07 3.62
N VAL H 200 -57.46 33.23 2.97
CA VAL H 200 -56.20 33.87 2.64
C VAL H 200 -55.89 35.01 3.59
N VAL H 201 -54.63 35.11 3.99
CA VAL H 201 -54.22 35.95 5.11
C VAL H 201 -52.81 36.52 4.84
N PRO H 202 -52.67 37.39 3.80
CA PRO H 202 -51.35 37.93 3.45
C PRO H 202 -50.81 38.70 4.63
N GLY H 203 -49.49 38.71 4.83
CA GLY H 203 -48.92 39.35 6.00
C GLY H 203 -47.45 39.05 6.18
N TYR H 204 -46.79 39.77 7.08
CA TYR H 204 -45.36 39.58 7.30
C TYR H 204 -45.06 38.16 7.76
N GLY H 205 -43.85 37.68 7.46
CA GLY H 205 -43.45 36.35 7.87
C GLY H 205 -43.55 36.12 9.38
N HIS H 206 -42.95 37.03 10.16
CA HIS H 206 -42.88 36.92 11.62
C HIS H 206 -44.17 37.25 12.37
N THR H 207 -45.17 37.75 11.65
CA THR H 207 -46.49 37.96 12.26
C THR H 207 -47.47 36.86 11.85
N ALA H 208 -48.02 36.98 10.65
CA ALA H 208 -48.95 35.98 10.15
C ALA H 208 -48.27 34.61 10.15
N GLY H 209 -47.16 34.51 9.40
CA GLY H 209 -46.41 33.28 9.23
C GLY H 209 -46.15 32.50 10.52
N GLN H 210 -45.57 33.18 11.51
CA GLN H 210 -45.29 32.57 12.81
C GLN H 210 -46.57 32.17 13.57
N ALA H 211 -47.54 33.09 13.63
CA ALA H 211 -48.77 32.82 14.36
C ALA H 211 -49.45 31.58 13.80
N LEU H 212 -49.24 31.35 12.51
CA LEU H 212 -49.87 30.26 11.79
C LEU H 212 -49.20 28.94 12.11
N ALA H 213 -47.87 28.90 11.99
CA ALA H 213 -47.09 27.70 12.28
C ALA H 213 -47.20 27.27 13.74
N GLU H 214 -47.52 28.21 14.61
CA GLU H 214 -47.60 27.91 16.03
C GLU H 214 -49.01 27.50 16.46
N HIS H 215 -49.98 27.79 15.62
CA HIS H 215 -51.39 27.64 16.01
C HIS H 215 -51.77 26.22 16.41
N LEU H 216 -52.62 26.09 17.43
CA LEU H 216 -52.86 24.79 18.05
C LEU H 216 -53.99 24.00 17.43
N ASP H 217 -54.72 24.64 16.51
CA ASP H 217 -55.82 23.98 15.84
C ASP H 217 -55.39 23.55 14.42
N VAL H 218 -54.16 23.90 14.06
CA VAL H 218 -53.63 23.56 12.74
C VAL H 218 -52.94 22.21 12.84
N GLY H 219 -53.43 21.24 12.07
CA GLY H 219 -52.95 19.87 12.11
C GLY H 219 -51.73 19.51 11.26
N LYS H 220 -51.38 20.40 10.32
CA LYS H 220 -50.22 20.22 9.47
C LYS H 220 -49.85 21.58 8.91
N ILE H 221 -48.55 21.82 8.79
CA ILE H 221 -48.08 23.07 8.22
C ILE H 221 -47.23 22.77 6.97
N ALA H 222 -47.65 23.30 5.81
CA ALA H 222 -46.92 23.04 4.58
C ALA H 222 -46.16 24.29 4.14
N PHE H 223 -44.85 24.22 4.15
CA PHE H 223 -44.02 25.39 3.91
C PHE H 223 -43.17 25.26 2.66
N THR H 224 -43.11 26.32 1.86
CA THR H 224 -42.18 26.41 0.76
C THR H 224 -41.42 27.71 0.96
N GLY H 225 -40.10 27.62 1.09
CA GLY H 225 -39.30 28.79 1.38
C GLY H 225 -37.82 28.50 1.48
N SER H 226 -37.12 29.22 2.35
CA SER H 226 -35.67 29.07 2.46
C SER H 226 -35.33 28.08 3.56
N THR H 227 -34.15 27.48 3.45
CA THR H 227 -33.71 26.56 4.48
C THR H 227 -33.71 27.28 5.82
N ALA H 228 -33.20 28.52 5.83
CA ALA H 228 -33.14 29.28 7.07
C ALA H 228 -34.49 29.32 7.77
N THR H 229 -35.53 29.63 7.00
CA THR H 229 -36.86 29.86 7.54
C THR H 229 -37.53 28.55 7.89
N GLY H 230 -37.13 27.51 7.16
CA GLY H 230 -37.67 26.19 7.42
C GLY H 230 -37.45 25.75 8.87
N ARG H 231 -36.29 26.13 9.42
CA ARG H 231 -35.99 25.79 10.79
C ARG H 231 -36.92 26.50 11.76
N ARG H 232 -37.39 27.71 11.41
CA ARG H 232 -38.28 28.46 12.31
C ARG H 232 -39.67 27.83 12.31
N ILE H 233 -39.98 27.15 11.21
CA ILE H 233 -41.22 26.43 11.08
C ILE H 233 -41.20 25.15 11.90
N VAL H 234 -40.08 24.43 11.84
CA VAL H 234 -39.88 23.24 12.64
C VAL H 234 -40.02 23.58 14.12
N GLU H 235 -39.34 24.64 14.57
CA GLU H 235 -39.48 25.15 15.94
C GLU H 235 -40.94 25.42 16.30
N ALA H 236 -41.65 26.10 15.41
CA ALA H 236 -43.04 26.44 15.70
C ALA H 236 -43.93 25.20 15.88
N SER H 237 -43.69 24.17 15.07
CA SER H 237 -44.56 23.00 15.06
C SER H 237 -44.57 22.24 16.41
N LYS H 238 -43.56 22.47 17.23
CA LYS H 238 -43.42 21.68 18.46
C LYS H 238 -44.55 22.00 19.43
N SER H 239 -45.35 22.99 19.07
CA SER H 239 -46.42 23.46 19.94
C SER H 239 -47.54 22.44 20.12
N ASN H 240 -47.97 21.86 19.00
CA ASN H 240 -48.94 20.78 19.02
C ASN H 240 -48.50 19.60 18.14
N LEU H 241 -47.20 19.56 17.81
CA LEU H 241 -46.63 18.50 17.00
C LEU H 241 -47.44 18.30 15.71
N LYS H 242 -47.72 19.41 15.04
CA LYS H 242 -48.40 19.34 13.76
C LYS H 242 -47.46 18.77 12.71
N ARG H 243 -48.01 18.03 11.73
CA ARG H 243 -47.19 17.50 10.65
C ARG H 243 -46.53 18.64 9.87
N ILE H 244 -45.44 18.31 9.16
CA ILE H 244 -44.70 19.32 8.39
C ILE H 244 -44.38 18.85 6.97
N GLN H 245 -44.45 19.78 6.02
CA GLN H 245 -43.95 19.53 4.69
C GLN H 245 -42.99 20.67 4.46
N LEU H 246 -41.79 20.36 3.98
CA LEU H 246 -40.83 21.42 3.90
C LEU H 246 -40.28 21.46 2.52
N GLU H 247 -40.50 22.58 1.87
CA GLU H 247 -39.98 22.77 0.55
C GLU H 247 -38.98 23.87 0.68
N LEU H 248 -37.73 23.54 0.95
CA LEU H 248 -36.72 24.57 0.96
C LEU H 248 -36.37 24.41 -0.47
N GLY H 249 -35.33 25.06 -0.97
CA GLY H 249 -35.00 24.83 -2.36
C GLY H 249 -33.53 24.88 -2.63
N GLY H 250 -33.04 24.54 -3.81
CA GLY H 250 -31.60 24.46 -3.89
C GLY H 250 -30.86 25.01 -5.08
N LYS H 251 -29.55 24.78 -5.08
CA LYS H 251 -28.68 25.21 -6.16
C LYS H 251 -28.65 24.11 -7.23
N GLY H 252 -29.68 24.06 -8.08
CA GLY H 252 -29.74 23.08 -9.14
C GLY H 252 -28.56 23.04 -10.12
N ALA H 253 -27.98 21.85 -10.32
CA ALA H 253 -26.86 21.69 -11.24
C ALA H 253 -27.32 21.34 -12.66
N ASN H 254 -26.53 21.71 -13.65
CA ASN H 254 -26.89 21.50 -15.04
C ASN H 254 -25.69 21.06 -15.87
N ILE H 255 -25.45 19.75 -15.93
CA ILE H 255 -24.27 19.18 -16.57
C ILE H 255 -24.39 19.00 -18.10
N VAL H 256 -23.34 19.38 -18.84
CA VAL H 256 -23.29 19.13 -20.26
C VAL H 256 -22.07 18.31 -20.65
N PHE H 257 -22.29 17.05 -21.00
CA PHE H 257 -21.21 16.15 -21.39
C PHE H 257 -20.73 16.37 -22.81
N GLU H 258 -19.62 15.72 -23.14
CA GLU H 258 -18.95 15.90 -24.42
C GLU H 258 -19.86 15.59 -25.60
N ASP H 259 -20.72 14.59 -25.40
CA ASP H 259 -21.54 14.07 -26.50
C ASP H 259 -22.96 14.66 -26.51
N ALA H 260 -23.13 15.82 -25.89
CA ALA H 260 -24.44 16.46 -25.84
C ALA H 260 -24.80 17.07 -27.19
N ASN H 261 -26.09 17.30 -27.37
CA ASN H 261 -26.57 18.07 -28.51
C ASN H 261 -26.48 19.51 -28.10
N ILE H 262 -25.39 20.16 -28.47
CA ILE H 262 -25.04 21.45 -27.90
C ILE H 262 -26.01 22.60 -28.21
N GLU H 263 -26.68 22.54 -29.36
CA GLU H 263 -27.72 23.52 -29.60
C GLU H 263 -28.81 23.38 -28.54
N ALA H 264 -29.36 22.18 -28.41
CA ALA H 264 -30.49 21.94 -27.51
C ALA H 264 -30.13 22.23 -26.06
N ALA H 265 -28.87 21.97 -25.72
CA ALA H 265 -28.42 22.19 -24.35
C ALA H 265 -28.25 23.68 -24.04
N VAL H 266 -27.79 24.46 -25.02
CA VAL H 266 -27.68 25.88 -24.81
C VAL H 266 -29.05 26.46 -24.58
N ASN H 267 -30.02 26.02 -25.38
CA ASN H 267 -31.40 26.51 -25.26
C ASN H 267 -32.11 26.08 -23.96
N GLY H 268 -31.87 24.84 -23.56
CA GLY H 268 -32.38 24.35 -22.29
C GLY H 268 -31.70 25.09 -21.14
N ALA H 269 -30.37 25.10 -21.14
CA ALA H 269 -29.62 25.74 -20.05
C ALA H 269 -30.00 27.23 -19.87
N ALA H 270 -30.26 27.90 -20.99
CA ALA H 270 -30.67 29.29 -20.98
C ALA H 270 -32.07 29.40 -20.40
N TRP H 271 -32.96 28.53 -20.83
CA TRP H 271 -34.31 28.51 -20.28
C TRP H 271 -34.28 28.17 -18.79
N ALA H 272 -33.38 27.25 -18.44
CA ALA H 272 -33.28 26.77 -17.07
C ALA H 272 -33.04 27.88 -16.05
N ILE H 273 -32.02 28.70 -16.27
CA ILE H 273 -31.64 29.69 -15.27
C ILE H 273 -32.29 31.04 -15.49
N PHE H 274 -32.56 31.39 -16.74
CA PHE H 274 -33.03 32.74 -17.04
C PHE H 274 -34.55 32.90 -17.07
N HIS H 275 -35.29 31.84 -17.40
CA HIS H 275 -36.73 31.93 -17.34
C HIS H 275 -37.15 32.29 -15.93
N ASN H 276 -38.21 33.08 -15.82
CA ASN H 276 -38.66 33.57 -14.54
C ASN H 276 -37.55 34.31 -13.84
N GLN H 277 -36.79 35.07 -14.61
CA GLN H 277 -35.73 35.93 -14.08
C GLN H 277 -34.88 35.25 -13.01
N GLY H 278 -34.63 33.96 -13.21
CA GLY H 278 -33.75 33.18 -12.34
C GLY H 278 -34.30 32.83 -10.98
N GLN H 279 -35.44 33.43 -10.64
CA GLN H 279 -36.06 33.22 -9.34
C GLN H 279 -36.81 31.91 -9.34
N ALA H 280 -36.18 30.87 -9.90
CA ALA H 280 -36.74 29.54 -9.82
C ALA H 280 -35.93 28.75 -8.79
N CYS H 281 -36.66 28.03 -7.94
CA CYS H 281 -36.04 27.13 -6.98
C CYS H 281 -35.23 26.03 -7.69
N ILE H 282 -35.83 25.47 -8.75
CA ILE H 282 -35.20 24.43 -9.57
C ILE H 282 -34.12 24.99 -10.50
N ALA H 283 -34.18 26.30 -10.75
CA ALA H 283 -33.25 26.99 -11.64
C ALA H 283 -31.86 26.42 -11.62
N GLY H 284 -31.33 26.12 -12.80
CA GLY H 284 -29.96 25.64 -12.93
C GLY H 284 -28.90 26.71 -12.75
N SER H 285 -28.67 27.12 -11.50
CA SER H 285 -27.74 28.19 -11.18
C SER H 285 -26.28 27.72 -11.04
N ARG H 286 -25.99 26.56 -11.62
CA ARG H 286 -24.64 26.01 -11.68
C ARG H 286 -24.47 25.22 -12.97
N LEU H 287 -23.74 25.80 -13.92
CA LEU H 287 -23.40 25.09 -15.15
C LEU H 287 -22.16 24.25 -14.92
N ILE H 288 -22.07 23.13 -15.62
CA ILE H 288 -20.97 22.20 -15.44
C ILE H 288 -20.61 21.58 -16.78
N LEU H 289 -19.55 22.06 -17.40
CA LEU H 289 -19.27 21.74 -18.80
C LEU H 289 -18.03 20.87 -19.02
N HIS H 290 -18.12 19.92 -19.93
CA HIS H 290 -16.95 19.14 -20.28
C HIS H 290 -15.90 19.99 -21.00
N LYS H 291 -14.63 19.77 -20.69
CA LYS H 291 -13.53 20.52 -21.30
C LYS H 291 -13.67 20.66 -22.81
N ASP H 292 -13.91 19.55 -23.51
CA ASP H 292 -13.88 19.52 -24.98
C ASP H 292 -14.98 20.35 -25.65
N ILE H 293 -16.06 20.66 -24.92
CA ILE H 293 -17.18 21.40 -25.51
C ILE H 293 -17.48 22.67 -24.75
N ALA H 294 -16.69 22.95 -23.71
CA ALA H 294 -16.93 24.11 -22.86
C ALA H 294 -16.87 25.39 -23.66
N ASP H 295 -15.77 25.60 -24.38
CA ASP H 295 -15.58 26.81 -25.17
C ASP H 295 -16.73 26.97 -26.18
N GLN H 296 -16.90 25.95 -27.01
CA GLN H 296 -17.93 25.95 -28.04
C GLN H 296 -19.33 26.24 -27.48
N PHE H 297 -19.58 25.82 -26.25
CA PHE H 297 -20.88 26.02 -25.62
C PHE H 297 -21.07 27.47 -25.24
N LEU H 298 -20.09 28.02 -24.52
CA LEU H 298 -20.17 29.38 -24.04
C LEU H 298 -20.28 30.41 -25.19
N GLU H 299 -19.59 30.14 -26.29
CA GLU H 299 -19.71 31.02 -27.45
C GLU H 299 -21.17 31.21 -27.81
N ARG H 300 -21.87 30.09 -28.00
CA ARG H 300 -23.29 30.12 -28.33
C ARG H 300 -24.16 30.60 -27.16
N PHE H 301 -23.81 30.19 -25.94
CA PHE H 301 -24.62 30.52 -24.76
C PHE H 301 -24.51 32.00 -24.44
N ILE H 302 -23.28 32.49 -24.26
CA ILE H 302 -23.08 33.89 -23.93
C ILE H 302 -23.73 34.82 -24.96
N ALA H 303 -23.56 34.51 -26.25
CA ALA H 303 -24.25 35.24 -27.31
C ALA H 303 -25.75 35.34 -27.04
N LEU H 304 -26.37 34.20 -26.75
CA LEU H 304 -27.78 34.15 -26.46
C LEU H 304 -28.12 35.01 -25.23
N ALA H 305 -27.24 34.98 -24.24
CA ALA H 305 -27.50 35.68 -22.97
C ALA H 305 -27.61 37.19 -23.19
N LYS H 306 -26.63 37.74 -23.93
CA LYS H 306 -26.56 39.18 -24.16
C LYS H 306 -27.71 39.65 -25.06
N SER H 307 -28.28 38.73 -25.83
CA SER H 307 -29.38 39.05 -26.75
C SER H 307 -30.77 38.72 -26.17
N ILE H 308 -30.97 39.08 -24.91
CA ILE H 308 -32.24 38.78 -24.26
C ILE H 308 -33.04 40.04 -24.02
N ARG H 309 -34.18 40.16 -24.70
CA ARG H 309 -34.99 41.34 -24.55
C ARG H 309 -35.36 41.41 -23.07
N LEU H 310 -34.77 42.38 -22.38
CA LEU H 310 -35.00 42.58 -20.96
C LEU H 310 -35.76 43.90 -20.82
N GLY H 311 -36.90 43.86 -20.14
CA GLY H 311 -37.67 45.08 -19.93
C GLY H 311 -39.08 44.91 -19.39
N ASP H 312 -39.89 45.94 -19.64
CA ASP H 312 -41.26 46.03 -19.13
C ASP H 312 -42.00 44.71 -19.19
N PRO H 313 -42.39 44.18 -18.02
CA PRO H 313 -43.10 42.91 -17.95
C PRO H 313 -44.37 42.91 -18.82
N MET H 314 -44.99 44.07 -19.02
CA MET H 314 -46.25 44.14 -19.72
C MET H 314 -46.10 44.12 -21.23
N ASP H 315 -44.85 44.11 -21.70
CA ASP H 315 -44.59 44.05 -23.14
C ASP H 315 -44.57 42.60 -23.59
N PRO H 316 -45.53 42.23 -24.45
CA PRO H 316 -45.65 40.86 -24.98
C PRO H 316 -44.36 40.40 -25.62
N GLU H 317 -43.48 41.34 -25.91
CA GLU H 317 -42.20 41.01 -26.52
C GLU H 317 -41.04 41.01 -25.52
N THR H 318 -41.37 41.24 -24.25
CA THR H 318 -40.34 41.13 -23.22
C THR H 318 -40.06 39.66 -22.94
N GLU H 319 -38.76 39.31 -22.97
CA GLU H 319 -38.32 37.94 -22.75
C GLU H 319 -38.01 37.68 -21.26
N MET H 320 -37.43 38.67 -20.61
CA MET H 320 -37.10 38.60 -19.18
C MET H 320 -37.42 39.91 -18.46
N GLY H 321 -37.98 39.81 -17.25
CA GLY H 321 -38.35 41.01 -16.51
C GLY H 321 -37.41 41.31 -15.35
N PRO H 322 -37.90 42.06 -14.35
CA PRO H 322 -37.17 42.47 -13.15
C PRO H 322 -37.23 41.43 -12.05
N LEU H 323 -36.45 41.63 -10.99
CA LEU H 323 -36.61 40.83 -9.79
C LEU H 323 -37.80 41.37 -9.04
N THR H 324 -38.52 40.50 -8.31
CA THR H 324 -39.81 40.87 -7.71
C THR H 324 -39.74 41.81 -6.49
N SER H 325 -38.55 41.93 -5.89
CA SER H 325 -38.39 42.84 -4.75
C SER H 325 -37.10 43.65 -4.84
N ALA H 326 -37.12 44.85 -4.27
CA ALA H 326 -35.94 45.71 -4.27
C ALA H 326 -34.83 45.04 -3.47
N LEU H 327 -35.17 44.64 -2.24
CA LEU H 327 -34.24 43.95 -1.34
C LEU H 327 -33.55 42.84 -2.13
N ARG H 328 -34.27 42.27 -3.08
CA ARG H 328 -33.71 41.21 -3.93
C ARG H 328 -32.60 41.46 -4.94
N ARG H 329 -32.90 42.27 -5.96
CA ARG H 329 -31.89 42.79 -6.88
C ARG H 329 -30.66 43.23 -6.11
N ASP H 330 -30.88 43.93 -5.01
CA ASP H 330 -29.76 44.34 -4.17
C ASP H 330 -28.95 43.11 -3.83
N ARG H 331 -29.60 42.19 -3.10
CA ARG H 331 -28.95 40.95 -2.71
C ARG H 331 -28.22 40.30 -3.87
N VAL H 332 -28.91 40.03 -4.98
CA VAL H 332 -28.24 39.43 -6.12
C VAL H 332 -26.96 40.17 -6.49
N LEU H 333 -27.01 41.50 -6.50
CA LEU H 333 -25.88 42.30 -6.92
C LEU H 333 -24.69 42.16 -5.97
N SER H 334 -24.98 42.09 -4.67
CA SER H 334 -23.89 41.85 -3.71
C SER H 334 -23.27 40.48 -3.95
N TYR H 335 -24.09 39.48 -4.30
CA TYR H 335 -23.57 38.14 -4.61
C TYR H 335 -22.64 38.18 -5.82
N ILE H 336 -22.90 39.13 -6.71
CA ILE H 336 -22.07 39.28 -7.90
C ILE H 336 -20.71 39.86 -7.53
N ASP H 337 -20.73 40.96 -6.78
CA ASP H 337 -19.49 41.60 -6.34
C ASP H 337 -18.64 40.55 -5.64
N ILE H 338 -19.32 39.67 -4.91
CA ILE H 338 -18.68 38.63 -4.10
C ILE H 338 -17.96 37.61 -4.98
N ALA H 339 -18.63 37.18 -6.04
CA ALA H 339 -18.06 36.20 -6.95
C ALA H 339 -16.78 36.74 -7.56
N ILE H 340 -16.71 38.06 -7.72
CA ILE H 340 -15.50 38.66 -8.31
C ILE H 340 -14.34 38.71 -7.33
N GLU H 341 -14.65 39.07 -6.07
CA GLU H 341 -13.67 39.10 -4.97
C GLU H 341 -13.00 37.74 -4.77
N GLN H 342 -13.61 36.68 -5.32
CA GLN H 342 -13.06 35.34 -5.22
C GLN H 342 -12.46 34.91 -6.55
N GLY H 343 -12.22 35.88 -7.44
CA GLY H 343 -11.54 35.62 -8.70
C GLY H 343 -12.44 35.17 -9.83
N GLY H 344 -13.71 35.56 -9.76
CA GLY H 344 -14.65 35.19 -10.81
C GLY H 344 -14.49 36.06 -12.04
N LYS H 345 -14.52 35.44 -13.22
CA LYS H 345 -14.44 36.14 -14.51
C LYS H 345 -15.82 36.29 -15.16
N VAL H 346 -16.47 37.43 -14.91
CA VAL H 346 -17.81 37.70 -15.44
C VAL H 346 -17.87 37.72 -16.97
N LEU H 347 -18.54 36.72 -17.54
CA LEU H 347 -18.56 36.49 -19.00
C LEU H 347 -19.73 37.16 -19.73
N ALA H 348 -20.77 37.56 -19.00
CA ALA H 348 -21.91 38.23 -19.60
C ALA H 348 -22.73 38.96 -18.53
N GLY H 349 -23.34 40.07 -18.92
CA GLY H 349 -24.03 40.91 -17.97
C GLY H 349 -23.11 41.29 -16.81
N GLY H 350 -23.63 41.27 -15.60
CA GLY H 350 -22.82 41.58 -14.45
C GLY H 350 -23.35 42.71 -13.58
N LYS H 351 -24.08 43.66 -14.17
CA LYS H 351 -24.72 44.70 -13.38
C LYS H 351 -26.09 45.08 -13.91
N ALA H 352 -26.73 46.07 -13.27
CA ALA H 352 -28.04 46.53 -13.71
C ALA H 352 -27.94 47.01 -15.16
N PRO H 353 -29.09 47.12 -15.86
CA PRO H 353 -29.02 47.60 -17.24
C PRO H 353 -28.92 49.11 -17.22
N ASP H 354 -28.14 49.68 -18.15
CA ASP H 354 -27.91 51.12 -18.18
C ASP H 354 -29.09 51.86 -18.78
N ASP H 355 -30.12 51.11 -19.16
CA ASP H 355 -31.32 51.68 -19.75
C ASP H 355 -31.99 52.79 -18.94
N LYS H 356 -33.05 53.30 -19.52
CA LYS H 356 -33.75 54.47 -19.04
C LYS H 356 -34.89 54.04 -18.14
N ALA H 357 -35.94 53.51 -18.77
CA ALA H 357 -37.15 53.06 -18.08
C ALA H 357 -36.79 52.06 -16.98
N LEU H 358 -35.73 51.31 -17.23
CA LEU H 358 -35.37 50.20 -16.37
C LEU H 358 -34.60 50.67 -15.13
N ALA H 359 -34.14 51.91 -15.15
CA ALA H 359 -33.38 52.43 -14.02
C ALA H 359 -34.27 52.59 -12.81
N ASN H 360 -35.57 52.43 -13.00
CA ASN H 360 -36.55 52.61 -11.93
C ASN H 360 -36.99 51.32 -11.25
N GLY H 361 -37.00 50.24 -12.03
CA GLY H 361 -37.36 48.93 -11.53
C GLY H 361 -36.18 48.14 -10.98
N PHE H 362 -36.49 46.98 -10.40
CA PHE H 362 -35.46 46.15 -9.79
C PHE H 362 -34.84 45.20 -10.79
N TYR H 363 -34.31 45.75 -11.88
CA TYR H 363 -33.74 44.93 -12.94
C TYR H 363 -32.28 44.56 -12.68
N VAL H 364 -31.89 43.41 -13.21
CA VAL H 364 -30.50 42.95 -13.29
C VAL H 364 -30.39 42.14 -14.57
N GLU H 365 -29.26 42.22 -15.25
CA GLU H 365 -29.16 41.56 -16.54
C GLU H 365 -28.57 40.16 -16.44
N PRO H 366 -28.88 39.31 -17.44
CA PRO H 366 -28.37 37.93 -17.53
C PRO H 366 -26.89 37.87 -17.18
N THR H 367 -26.56 37.21 -16.08
CA THR H 367 -25.17 37.16 -15.67
C THR H 367 -24.60 35.74 -15.68
N VAL H 368 -23.46 35.60 -16.33
CA VAL H 368 -22.74 34.33 -16.37
C VAL H 368 -21.31 34.54 -15.85
N VAL H 369 -20.91 33.77 -14.84
CA VAL H 369 -19.62 33.97 -14.21
C VAL H 369 -18.82 32.69 -14.15
N GLU H 370 -17.63 32.71 -14.75
CA GLU H 370 -16.71 31.57 -14.65
C GLU H 370 -16.11 31.50 -13.25
N ALA H 371 -15.96 30.30 -12.70
CA ALA H 371 -15.44 30.12 -11.34
C ALA H 371 -14.93 28.72 -11.08
N LYS H 372 -14.67 28.44 -9.81
CA LYS H 372 -14.29 27.11 -9.36
C LYS H 372 -15.42 26.60 -8.45
N PRO H 373 -15.52 25.28 -8.25
CA PRO H 373 -16.46 24.79 -7.24
C PRO H 373 -15.95 25.25 -5.89
N GLN H 374 -16.60 24.87 -4.80
CA GLN H 374 -16.10 25.26 -3.47
C GLN H 374 -15.97 26.76 -3.32
N ASP H 375 -16.41 27.53 -4.31
CA ASP H 375 -16.41 28.98 -4.24
C ASP H 375 -17.69 29.28 -3.48
N ARG H 376 -17.77 30.45 -2.89
CA ARG H 376 -18.88 30.81 -2.02
C ARG H 376 -20.17 30.94 -2.82
N VAL H 377 -20.04 31.34 -4.09
CA VAL H 377 -21.21 31.64 -4.90
C VAL H 377 -21.73 30.41 -5.66
N CYS H 378 -21.00 29.31 -5.54
CA CYS H 378 -21.40 28.02 -6.12
C CYS H 378 -22.05 27.15 -5.05
N GLN H 379 -22.16 27.70 -3.85
CA GLN H 379 -22.69 26.95 -2.71
C GLN H 379 -24.04 27.49 -2.28
N GLU H 380 -24.13 28.81 -2.15
CA GLU H 380 -25.32 29.45 -1.60
C GLU H 380 -26.26 29.82 -2.72
N GLU H 381 -27.56 29.78 -2.43
CA GLU H 381 -28.50 30.01 -3.49
C GLU H 381 -28.57 31.48 -3.88
N VAL H 382 -28.00 31.79 -5.03
CA VAL H 382 -28.18 33.09 -5.65
C VAL H 382 -29.51 33.07 -6.37
N PHE H 383 -30.49 33.75 -5.79
CA PHE H 383 -31.84 33.71 -6.30
C PHE H 383 -32.03 34.80 -7.35
N GLY H 384 -31.38 34.63 -8.50
CA GLY H 384 -31.49 35.57 -9.60
C GLY H 384 -31.02 34.98 -10.91
N PRO H 385 -30.92 35.81 -11.97
CA PRO H 385 -30.50 35.41 -13.32
C PRO H 385 -28.99 35.22 -13.38
N PHE H 386 -28.49 34.23 -12.64
CA PHE H 386 -27.08 34.14 -12.32
C PHE H 386 -26.60 32.70 -12.41
N VAL H 387 -25.70 32.45 -13.34
CA VAL H 387 -25.17 31.11 -13.57
C VAL H 387 -23.66 31.08 -13.37
N THR H 388 -23.17 30.13 -12.59
CA THR H 388 -21.73 29.96 -12.48
C THR H 388 -21.29 28.80 -13.39
N VAL H 389 -20.18 29.01 -14.09
CA VAL H 389 -19.63 27.97 -14.97
C VAL H 389 -18.40 27.29 -14.36
N VAL H 390 -18.41 25.96 -14.33
CA VAL H 390 -17.24 25.20 -13.92
C VAL H 390 -16.99 24.17 -14.99
N ARG H 391 -15.78 23.62 -15.02
CA ARG H 391 -15.43 22.61 -16.02
C ARG H 391 -14.98 21.30 -15.39
N PHE H 392 -15.29 20.20 -16.07
CA PHE H 392 -14.93 18.85 -15.63
C PHE H 392 -14.39 18.06 -16.81
N SER H 393 -13.74 16.92 -16.54
CA SER H 393 -13.15 16.12 -17.61
C SER H 393 -13.56 14.63 -17.61
N SER H 394 -13.97 14.12 -16.45
CA SER H 394 -14.42 12.75 -16.34
C SER H 394 -15.81 12.69 -15.72
N ASP H 395 -16.57 11.67 -16.07
CA ASP H 395 -17.90 11.51 -15.50
C ASP H 395 -17.83 11.65 -13.99
N GLU H 396 -16.86 10.95 -13.39
CA GLU H 396 -16.78 10.84 -11.93
C GLU H 396 -16.54 12.20 -11.28
N GLU H 397 -15.84 13.08 -12.00
CA GLU H 397 -15.55 14.41 -11.48
C GLU H 397 -16.80 15.25 -11.54
N ALA H 398 -17.63 15.00 -12.56
CA ALA H 398 -18.87 15.76 -12.71
C ALA H 398 -19.85 15.43 -11.58
N LEU H 399 -20.01 14.14 -11.29
CA LEU H 399 -20.89 13.71 -10.21
C LEU H 399 -20.46 14.36 -8.90
N ALA H 400 -19.15 14.38 -8.67
CA ALA H 400 -18.59 14.90 -7.44
C ALA H 400 -18.93 16.37 -7.28
N ILE H 401 -18.84 17.12 -8.38
CA ILE H 401 -19.15 18.54 -8.39
C ILE H 401 -20.62 18.77 -8.12
N ALA H 402 -21.48 17.96 -8.72
CA ALA H 402 -22.93 18.12 -8.55
C ALA H 402 -23.40 17.80 -7.14
N ASN H 403 -22.70 16.90 -6.45
CA ASN H 403 -23.09 16.47 -5.13
C ASN H 403 -22.45 17.26 -3.98
N ASN H 404 -21.51 18.15 -4.31
CA ASN H 404 -20.83 18.94 -3.28
C ASN H 404 -21.62 20.16 -2.80
N THR H 405 -22.92 20.00 -2.62
CA THR H 405 -23.78 21.07 -2.14
C THR H 405 -24.62 20.56 -0.97
N GLU H 406 -25.16 21.50 -0.18
CA GLU H 406 -26.09 21.15 0.90
C GLU H 406 -27.46 20.87 0.31
N TYR H 407 -27.75 21.54 -0.80
CA TYR H 407 -29.01 21.44 -1.50
C TYR H 407 -29.06 20.24 -2.46
N GLY H 408 -30.24 19.66 -2.61
CA GLY H 408 -30.44 18.56 -3.52
C GLY H 408 -31.89 18.52 -4.00
N LEU H 409 -32.25 19.53 -4.78
CA LEU H 409 -33.62 19.58 -5.29
C LEU H 409 -33.64 19.42 -6.80
N GLY H 410 -33.02 20.36 -7.51
CA GLY H 410 -32.93 20.26 -8.95
C GLY H 410 -31.66 19.58 -9.42
N SER H 411 -31.66 19.14 -10.67
CA SER H 411 -30.47 18.64 -11.33
C SER H 411 -30.90 18.39 -12.78
N GLY H 412 -29.96 18.23 -13.68
CA GLY H 412 -30.31 18.00 -15.07
C GLY H 412 -29.01 17.74 -15.79
N LEU H 413 -29.03 16.91 -16.83
CA LEU H 413 -27.79 16.58 -17.53
C LEU H 413 -28.05 16.31 -18.99
N TRP H 414 -27.06 16.59 -19.81
CA TRP H 414 -27.21 16.52 -21.27
C TRP H 414 -26.20 15.57 -21.94
N THR H 415 -26.69 14.47 -22.50
CA THR H 415 -25.86 13.40 -23.06
C THR H 415 -26.66 12.67 -24.09
N GLN H 416 -26.01 11.77 -24.82
CA GLN H 416 -26.72 10.83 -25.65
C GLN H 416 -26.29 9.41 -25.39
N ASN H 417 -25.58 9.20 -24.29
CA ASN H 417 -25.16 7.87 -23.87
C ASN H 417 -26.15 7.28 -22.91
N LEU H 418 -26.81 6.20 -23.35
CA LEU H 418 -27.76 5.46 -22.55
C LEU H 418 -27.26 5.26 -21.13
N ALA H 419 -26.14 4.55 -21.01
CA ALA H 419 -25.58 4.24 -19.69
C ALA H 419 -25.33 5.51 -18.88
N ARG H 420 -24.62 6.47 -19.47
CA ARG H 420 -24.23 7.65 -18.71
C ARG H 420 -25.43 8.38 -18.14
N ALA H 421 -26.46 8.54 -18.95
CA ALA H 421 -27.65 9.24 -18.51
C ALA H 421 -28.30 8.62 -17.25
N HIS H 422 -28.54 7.31 -17.29
CA HIS H 422 -29.18 6.64 -16.16
C HIS H 422 -28.26 6.49 -14.95
N LYS H 423 -26.99 6.13 -15.19
CA LYS H 423 -26.00 5.97 -14.12
C LYS H 423 -25.95 7.25 -13.32
N MET H 424 -25.93 8.37 -14.03
CA MET H 424 -25.81 9.68 -13.42
C MET H 424 -27.05 10.07 -12.61
N ALA H 425 -28.21 9.94 -13.21
CA ALA H 425 -29.46 10.33 -12.55
C ALA H 425 -29.67 9.51 -11.28
N HIS H 426 -29.08 8.32 -11.27
CA HIS H 426 -29.18 7.40 -10.14
C HIS H 426 -28.27 7.84 -9.00
N ALA H 427 -27.10 8.38 -9.38
CA ALA H 427 -26.05 8.76 -8.43
C ALA H 427 -26.20 10.14 -7.82
N ILE H 428 -26.73 11.08 -8.59
CA ILE H 428 -26.94 12.44 -8.10
C ILE H 428 -27.95 12.46 -6.97
N HIS H 429 -27.56 13.02 -5.84
CA HIS H 429 -28.48 13.12 -4.71
C HIS H 429 -29.40 14.34 -4.88
N ALA H 430 -30.52 14.11 -5.55
CA ALA H 430 -31.49 15.16 -5.87
C ALA H 430 -32.87 14.54 -6.01
N GLY H 431 -33.91 15.28 -5.61
CA GLY H 431 -35.27 14.78 -5.61
C GLY H 431 -35.87 14.61 -6.99
N MET H 432 -35.15 15.11 -8.00
CA MET H 432 -35.61 15.04 -9.38
C MET H 432 -34.48 15.41 -10.29
N CYS H 433 -34.45 14.82 -11.47
CA CYS H 433 -33.32 14.96 -12.39
C CYS H 433 -33.78 14.87 -13.85
N TRP H 434 -33.46 15.89 -14.63
CA TRP H 434 -33.94 15.99 -16.01
C TRP H 434 -32.85 15.71 -17.01
N ILE H 435 -33.13 14.86 -17.99
CA ILE H 435 -32.13 14.48 -18.97
C ILE H 435 -32.51 15.01 -20.33
N ASN H 436 -31.57 15.69 -20.97
CA ASN H 436 -31.83 16.35 -22.25
C ASN H 436 -33.05 17.26 -22.22
N CYS H 437 -33.30 17.87 -21.07
CA CYS H 437 -34.36 18.84 -20.91
C CYS H 437 -34.20 19.41 -19.50
N TYR H 438 -35.02 20.39 -19.14
CA TYR H 438 -34.88 20.97 -17.81
C TYR H 438 -36.18 21.68 -17.35
N LYS H 439 -36.37 21.74 -16.02
CA LYS H 439 -37.50 22.46 -15.42
C LYS H 439 -38.84 21.98 -15.94
N ARG H 440 -38.92 20.73 -16.37
CA ARG H 440 -40.19 20.15 -16.81
C ARG H 440 -40.98 19.71 -15.59
N VAL H 441 -42.14 20.30 -15.35
CA VAL H 441 -43.00 19.77 -14.30
C VAL H 441 -44.33 19.30 -14.86
N SER H 442 -45.08 18.59 -14.02
CA SER H 442 -46.35 18.01 -14.41
C SER H 442 -47.05 17.59 -13.14
N PRO H 443 -48.35 17.92 -13.02
CA PRO H 443 -49.11 17.40 -11.89
C PRO H 443 -49.10 15.89 -11.99
N GLY H 444 -48.93 15.19 -10.90
CA GLY H 444 -48.83 13.73 -10.92
C GLY H 444 -47.41 13.21 -10.78
N SER H 445 -46.43 14.02 -11.18
CA SER H 445 -45.00 13.74 -10.98
C SER H 445 -44.45 14.46 -9.75
N PRO H 446 -44.11 13.68 -8.69
CA PRO H 446 -43.68 14.18 -7.38
C PRO H 446 -42.57 15.22 -7.49
N PHE H 447 -42.81 16.36 -6.84
CA PHE H 447 -41.93 17.51 -6.89
C PHE H 447 -41.50 17.85 -5.47
N GLY H 448 -40.22 17.73 -5.17
CA GLY H 448 -39.74 18.00 -3.83
C GLY H 448 -38.26 17.73 -3.65
N GLY H 449 -37.77 18.05 -2.47
CA GLY H 449 -36.35 17.96 -2.24
C GLY H 449 -35.87 16.70 -1.55
N VAL H 450 -34.55 16.66 -1.35
CA VAL H 450 -33.89 15.59 -0.64
C VAL H 450 -32.85 16.15 0.33
N GLY H 451 -32.90 15.71 1.59
CA GLY H 451 -31.94 16.15 2.58
C GLY H 451 -32.25 17.52 3.16
N GLN H 452 -31.39 18.49 2.83
CA GLN H 452 -31.55 19.86 3.31
C GLN H 452 -32.38 20.73 2.38
N SER H 453 -32.99 20.12 1.37
CA SER H 453 -34.00 20.78 0.56
C SER H 453 -35.38 20.31 0.99
N GLY H 454 -35.44 19.59 2.10
CA GLY H 454 -36.69 19.29 2.76
C GLY H 454 -37.26 17.89 2.62
N TYR H 455 -38.50 17.73 3.08
CA TYR H 455 -39.23 16.48 2.88
C TYR H 455 -40.62 16.72 2.32
N GLY H 456 -41.29 15.65 1.90
CA GLY H 456 -42.62 15.76 1.32
C GLY H 456 -42.60 16.18 -0.13
N ARG H 457 -43.57 15.69 -0.88
CA ARG H 457 -43.68 15.98 -2.30
C ARG H 457 -44.98 16.75 -2.60
N GLU H 458 -44.96 17.50 -3.69
CA GLU H 458 -46.18 18.05 -4.26
C GLU H 458 -46.43 17.34 -5.59
N MET H 459 -47.64 17.47 -6.13
CA MET H 459 -47.92 17.06 -7.53
C MET H 459 -48.32 15.66 -7.97
N GLY H 460 -48.54 14.72 -7.09
CA GLY H 460 -48.57 13.33 -7.50
C GLY H 460 -49.62 12.67 -6.65
N PHE H 461 -49.71 11.35 -6.69
CA PHE H 461 -50.45 10.63 -5.67
C PHE H 461 -49.77 10.86 -4.33
N GLU H 462 -48.45 11.02 -4.39
CA GLU H 462 -47.63 11.31 -3.22
C GLU H 462 -48.19 12.51 -2.50
N ALA H 463 -48.51 13.55 -3.28
CA ALA H 463 -48.97 14.80 -2.71
C ALA H 463 -50.23 14.60 -1.88
N ILE H 464 -51.16 13.82 -2.40
CA ILE H 464 -52.38 13.48 -1.67
C ILE H 464 -52.11 12.75 -0.36
N HIS H 465 -51.19 11.80 -0.38
CA HIS H 465 -50.80 11.07 0.83
C HIS H 465 -50.36 12.03 1.95
N ASP H 466 -49.60 13.06 1.60
CA ASP H 466 -49.08 14.01 2.60
C ASP H 466 -50.19 14.80 3.30
N TYR H 467 -51.38 14.82 2.72
CA TYR H 467 -52.50 15.61 3.27
C TYR H 467 -53.60 14.67 3.76
N THR H 468 -53.20 13.59 4.41
CA THR H 468 -54.18 12.58 4.76
C THR H 468 -53.71 11.61 5.86
N GLU H 469 -54.58 11.33 6.82
CA GLU H 469 -54.31 10.41 7.93
C GLU H 469 -54.76 9.00 7.57
N ALA H 470 -54.43 8.02 8.41
CA ALA H 470 -54.89 6.67 8.17
C ALA H 470 -55.59 6.13 9.40
N ARG H 471 -56.91 6.05 9.33
CA ARG H 471 -57.72 5.41 10.37
C ARG H 471 -57.87 3.89 10.13
N SER H 472 -57.30 3.11 11.03
CA SER H 472 -57.34 1.66 10.91
C SER H 472 -58.48 1.15 11.76
N VAL H 473 -59.36 0.38 11.15
CA VAL H 473 -60.50 -0.16 11.90
C VAL H 473 -60.51 -1.69 11.92
N TRP H 474 -60.59 -2.27 13.12
CA TRP H 474 -60.65 -3.72 13.24
C TRP H 474 -62.04 -4.16 13.62
N VAL H 475 -62.57 -5.12 12.88
CA VAL H 475 -63.86 -5.71 13.23
C VAL H 475 -63.73 -7.21 13.51
N ASN H 476 -64.02 -7.61 14.73
CA ASN H 476 -64.08 -9.02 15.07
C ASN H 476 -65.41 -9.62 14.61
N VAL H 477 -65.41 -10.40 13.54
CA VAL H 477 -66.64 -11.09 13.11
C VAL H 477 -66.74 -12.56 13.59
N ASP H 478 -65.63 -13.30 13.55
CA ASP H 478 -65.50 -14.64 14.15
C ASP H 478 -64.16 -14.72 14.88
N ALA H 479 -64.14 -15.20 16.11
CA ALA H 479 -62.86 -15.31 16.78
C ALA H 479 -62.90 -16.11 18.08
N LYS H 480 -61.95 -17.01 18.20
CA LYS H 480 -61.83 -17.84 19.37
C LYS H 480 -61.13 -17.10 20.53
N ILE H 481 -61.23 -15.76 20.54
CA ILE H 481 -60.51 -14.97 21.54
C ILE H 481 -60.41 -15.70 22.88
N ALA H 482 -59.29 -16.37 23.08
CA ALA H 482 -59.03 -17.06 24.34
C ALA H 482 -58.77 -16.02 25.43
N PRO H 483 -59.70 -15.91 26.39
CA PRO H 483 -59.53 -14.90 27.44
C PRO H 483 -58.08 -14.91 27.90
N HIS H 484 -57.40 -13.76 27.88
CA HIS H 484 -55.97 -13.75 28.17
C HIS H 484 -55.73 -14.20 29.60
N PHE H 485 -56.43 -13.58 30.54
CA PHE H 485 -56.39 -14.01 31.93
C PHE H 485 -57.33 -15.20 32.09
N LYS H 486 -56.75 -16.39 31.98
CA LYS H 486 -57.50 -17.64 31.94
C LYS H 486 -58.24 -17.88 33.25
N ARG H 487 -59.47 -17.39 33.31
CA ARG H 487 -60.33 -17.53 34.48
C ARG H 487 -59.58 -17.59 35.82
PA NAD I . 8.22 -49.02 -35.37
O1A NAD I . 8.91 -47.63 -35.70
O2A NAD I . 7.31 -49.40 -36.52
O5B NAD I . 7.30 -49.06 -33.98
C5B NAD I . 7.14 -47.99 -33.08
C4B NAD I . 5.86 -47.07 -33.22
O4B NAD I . 5.79 -46.33 -34.42
C3B NAD I . 4.47 -47.71 -33.10
O3B NAD I . 3.75 -47.59 -31.85
C2B NAD I . 3.77 -47.36 -34.32
O2B NAD I . 2.32 -47.37 -34.41
C1B NAD I . 4.45 -46.14 -34.82
N9A NAD I . 4.37 -46.27 -36.30
C8A NAD I . 4.68 -47.45 -36.93
N7A NAD I . 4.44 -47.28 -38.27
C5A NAD I . 3.96 -46.01 -38.51
C6A NAD I . 3.55 -45.31 -39.68
N6A NAD I . 3.62 -46.02 -40.95
N1A NAD I . 3.12 -44.01 -39.57
C2A NAD I . 3.07 -43.38 -38.34
N3A NAD I . 3.46 -44.04 -37.19
C4A NAD I . 3.91 -45.36 -37.23
O3 NAD I . 9.37 -50.21 -35.26
PN NAD I . 9.72 -50.92 -33.90
O1N NAD I . 10.57 -52.24 -34.15
O2N NAD I . 8.27 -51.41 -33.35
O5D NAD I . 10.31 -49.94 -32.78
C5D NAD I . 11.51 -50.20 -32.02
C4D NAD I . 12.76 -49.30 -32.18
O4D NAD I . 12.72 -47.99 -31.47
C3D NAD I . 14.23 -49.81 -32.01
O3D NAD I . 15.02 -50.14 -33.19
C2D NAD I . 14.85 -48.90 -30.93
O2D NAD I . 16.24 -48.90 -30.67
C1D NAD I . 14.09 -47.57 -31.15
N1N NAD I . 14.00 -46.77 -29.84
C2N NAD I . 14.75 -45.53 -29.92
C3N NAD I . 14.74 -44.70 -28.67
C7N NAD I . 15.45 -43.37 -28.62
O7N NAD I . 15.23 -42.65 -27.66
N7N NAD I . 16.30 -42.93 -29.67
C4N NAD I . 13.99 -45.13 -27.51
C5N NAD I . 13.28 -46.39 -27.55
C6N NAD I . 13.34 -47.16 -28.78
PA NAD J . 11.70 -20.97 -54.40
O1A NAD J . 11.48 -21.95 -53.17
O2A NAD J . 11.31 -21.66 -55.69
O5B NAD J . 13.25 -20.45 -54.59
C5B NAD J . 14.16 -20.39 -53.52
C4B NAD J . 15.52 -21.16 -53.72
O4B NAD J . 15.43 -22.56 -53.58
C3B NAD J . 16.26 -20.93 -55.03
O3B NAD J . 17.53 -20.24 -54.98
C2B NAD J . 16.17 -22.17 -55.77
O2B NAD J . 17.14 -22.52 -56.79
C1B NAD J . 15.99 -23.20 -54.71
N9A NAD J . 15.09 -24.31 -55.20
C8A NAD J . 14.05 -24.15 -56.10
N7A NAD J . 13.50 -25.39 -56.30
C5A NAD J . 14.18 -26.34 -55.54
C6A NAD J . 14.06 -27.76 -55.34
N6A NAD J . 13.02 -28.48 -56.07
N1A NAD J . 14.90 -28.43 -54.50
C2A NAD J . 15.88 -27.73 -53.84
N3A NAD J . 16.03 -26.39 -54.01
C4A NAD J . 15.20 -25.64 -54.85
O3 NAD J . 10.74 -19.61 -54.24
PN NAD J . 11.08 -18.16 -54.74
O1N NAD J . 9.82 -17.44 -55.38
O2N NAD J . 12.16 -18.35 -55.94
O5D NAD J . 11.75 -17.28 -53.61
C5D NAD J . 10.94 -16.36 -52.84
C4D NAD J . 10.39 -16.72 -51.43
O4D NAD J . 11.37 -16.64 -50.31
C3D NAD J . 9.08 -16.12 -50.85
O3D NAD J . 7.85 -16.90 -50.96
C2D NAD J . 9.44 -15.52 -49.49
O2D NAD J . 8.44 -15.30 -48.52
C1D NAD J . 10.64 -16.39 -49.07
N1N NAD J . 11.65 -15.64 -48.18
C2N NAD J . 11.52 -16.04 -46.81
C3N NAD J . 12.46 -15.38 -45.86
C7N NAD J . 12.41 -15.76 -44.41
O7N NAD J . 13.18 -15.17 -43.65
N7N NAD J . 11.54 -16.81 -43.96
C4N NAD J . 13.45 -14.43 -46.31
C5N NAD J . 13.50 -14.11 -47.72
C6N NAD J . 12.55 -14.78 -48.59
PA NAD K . 47.40 -3.71 -1.96
O1A NAD K . 45.89 -3.65 -1.58
O2A NAD K . 48.22 -3.01 -0.87
O5B NAD K . 47.71 -3.05 -3.43
C5B NAD K . 46.80 -3.16 -4.50
C4B NAD K . 46.02 -1.85 -4.90
O4B NAD K . 45.13 -1.40 -3.90
C3B NAD K . 46.86 -0.63 -5.24
O3B NAD K . 46.87 -0.16 -6.60
C2B NAD K . 46.60 0.32 -4.19
O2B NAD K . 46.93 1.71 -4.40
C1B NAD K . 45.18 -0.01 -3.77
N9A NAD K . 44.90 0.39 -2.34
C8A NAD K . 45.84 0.24 -1.34
N7A NAD K . 45.31 0.75 -0.18
C5A NAD K . 44.04 1.23 -0.41
C6A NAD K . 43.04 1.85 0.41
N6A NAD K . 43.39 2.10 1.81
N1A NAD K . 41.83 2.20 -0.11
C2A NAD K . 41.57 1.98 -1.45
N3A NAD K . 42.51 1.39 -2.26
C4A NAD K . 43.76 0.99 -1.80
O3 NAD K . 48.00 -5.25 -2.06
PN NAD K . 49.31 -5.69 -2.83
O1N NAD K . 50.17 -6.69 -1.96
O2N NAD K . 50.18 -4.35 -3.02
O5D NAD K . 49.09 -6.30 -4.25
C5D NAD K . 49.30 -7.72 -4.38
C4D NAD K . 48.08 -8.67 -4.29
O4D NAD K . 47.33 -8.89 -5.56
C3D NAD K . 48.19 -10.07 -3.66
O3D NAD K . 48.03 -10.15 -2.23
C2D NAD K . 47.38 -11.02 -4.59
O2D NAD K . 46.77 -12.16 -4.05
C1D NAD K . 46.47 -10.06 -5.38
N1N NAD K . 46.06 -10.46 -6.82
C2N NAD K . 44.74 -11.05 -6.86
C3N NAD K . 44.21 -11.43 -8.22
C7N NAD K . 42.84 -12.06 -8.37
O7N NAD K . 42.27 -11.87 -9.44
N7N NAD K . 42.24 -12.80 -7.29
C4N NAD K . 45.00 -11.19 -9.41
C5N NAD K . 46.30 -10.58 -9.26
C6N NAD K . 46.75 -10.24 -7.91
PA NAD L . 15.87 -2.81 11.30
O1A NAD L . 17.33 -3.03 10.59
O2A NAD L . 15.96 -1.97 12.52
O5B NAD L . 15.17 -4.32 11.63
C5B NAD L . 15.40 -5.35 10.70
C4B NAD L . 16.18 -6.62 11.15
O4B NAD L . 17.62 -6.60 11.28
C3B NAD L . 15.74 -7.33 12.47
O3B NAD L . 15.97 -8.71 12.52
C2B NAD L . 16.65 -6.50 13.42
O2B NAD L . 16.51 -6.78 14.78
C1B NAD L . 17.95 -6.76 12.63
N9A NAD L . 19.07 -5.83 13.03
C8A NAD L . 18.86 -4.52 13.41
N7A NAD L . 20.12 -3.94 13.72
C5A NAD L . 21.11 -4.91 13.51
C6A NAD L . 22.50 -4.84 13.67
N6A NAD L . 23.10 -3.59 14.15
N1A NAD L . 23.29 -5.95 13.39
C2A NAD L . 22.70 -7.09 12.98
N3A NAD L . 21.28 -7.15 12.82
C4A NAD L . 20.50 -6.07 13.10
O3 NAD L . 14.88 -2.08 10.22
PN NAD L . 13.31 -2.06 10.68
O1N NAD L . 12.74 -0.50 10.61
O2N NAD L . 13.19 -2.57 12.05
O5D NAD L . 12.52 -3.07 9.59
C5D NAD L . 11.72 -2.50 8.56
C4D NAD L . 12.46 -2.18 7.22
O4D NAD L . 12.72 -3.23 6.28
C3D NAD L . 12.07 -0.87 6.35
O3D NAD L . 12.92 0.31 6.37
C2D NAD L . 11.68 -1.59 5.00
O2D NAD L . 11.31 -0.87 3.85
C1D NAD L . 12.75 -2.71 4.96
N1N NAD L . 12.31 -3.78 3.98
C2N NAD L . 13.03 -4.10 2.82
C3N NAD L . 12.56 -5.13 1.92
C7N NAD L . 13.32 -5.52 0.66
O7N NAD L . 13.00 -6.51 0.06
N7N NAD L . 14.41 -4.62 0.13
C4N NAD L . 11.38 -5.84 2.24
C5N NAD L . 10.63 -5.52 3.43
C6N NAD L . 11.06 -4.55 4.28
PA NAD M . 12.70 8.99 24.61
O1A NAD M . 11.45 9.97 24.55
O2A NAD M . 12.52 7.86 23.61
O5B NAD M . 13.10 8.34 26.07
C5B NAD M . 13.02 9.05 27.28
C4B NAD M . 12.07 8.48 28.41
O4B NAD M . 10.70 8.64 28.12
C3B NAD M . 12.21 7.00 28.79
O3B NAD M . 12.37 6.63 30.17
C2B NAD M . 11.13 6.34 28.09
O2B NAD M . 10.71 4.99 28.47
C1B NAD M . 10.06 7.36 28.13
N9A NAD M . 9.06 7.17 27.03
C8A NAD M . 9.39 6.87 25.73
N7A NAD M . 8.22 6.72 25.03
C5A NAD M . 7.14 6.91 25.87
C6A NAD M . 5.73 6.89 25.71
N6A NAD M . 5.23 6.60 24.37
N1A NAD M . 4.89 7.13 26.76
C2A NAD M . 5.42 7.40 28.01
N3A NAD M . 6.77 7.44 28.19
C4A NAD M . 7.68 7.20 27.16
O3 NAD M . 14.02 9.85 24.11
PN NAD M . 15.50 9.36 24.24
O1N NAD M . 16.31 9.68 22.92
O2N NAD M . 15.34 7.75 24.37
O5D NAD M . 16.16 9.95 25.55
C5D NAD M . 17.02 11.11 25.42
C4D NAD M . 16.38 12.50 25.14
O4D NAD M . 16.23 13.36 26.34
C3D NAD M . 16.87 13.46 24.03
O3D NAD M . 16.26 13.41 22.73
C2D NAD M . 16.98 14.86 24.63
O2D NAD M . 16.71 15.94 23.77
C1D NAD M . 16.20 14.78 25.99
N1N NAD M . 16.86 15.50 27.21
C2N NAD M . 16.07 16.65 27.62
C3N NAD M . 16.57 17.44 28.80
C7N NAD M . 15.81 18.69 29.30
O7N NAD M . 15.95 19.02 30.48
N7N NAD M . 14.96 19.47 28.45
C4N NAD M . 17.78 17.02 29.48
C5N NAD M . 18.49 15.84 29.01
C6N NAD M . 17.94 15.13 27.86
PA NAD N . -17.65 25.49 25.43
O1A NAD N . -16.16 25.08 25.69
O2A NAD N . -18.25 24.66 24.31
O5B NAD N . -17.80 27.08 25.02
C5B NAD N . -16.82 28.01 25.36
C4B NAD N . -15.78 28.36 24.25
O4B NAD N . -15.19 27.21 23.70
C3B NAD N . -16.21 29.15 23.02
O3B NAD N . -15.50 30.37 22.77
C2B NAD N . -16.21 28.18 21.96
O2B NAD N . -16.34 28.56 20.54
C1B NAD N . -15.01 27.43 22.32
N9A NAD N . -14.92 26.09 21.64
C8A NAD N . -15.96 25.18 21.61
N7A NAD N . -15.52 24.09 20.91
C5A NAD N . -14.23 24.30 20.49
C6A NAD N . -13.26 23.56 19.75
N6A NAD N . -13.68 22.24 19.25
N1A NAD N . -12.02 24.05 19.51
C2A NAD N . -11.66 25.29 19.97
N3A NAD N . -12.55 26.04 20.68
C4A NAD N . -13.84 25.59 20.97
O3 NAD N . -18.62 25.23 26.75
PN NAD N . -19.83 26.17 27.14
O1N NAD N . -21.05 25.43 27.84
O2N NAD N . -20.35 26.79 25.73
O5D NAD N . -19.31 27.42 27.98
C5D NAD N . -19.60 27.58 29.38
C4D NAD N . -18.53 27.21 30.41
O4D NAD N . -17.73 28.33 30.96
C3D NAD N . -18.84 26.35 31.66
O3D NAD N . -18.89 24.91 31.52
C2D NAD N . -18.04 26.96 32.82
O2D NAD N . -17.65 26.15 33.88
C1D NAD N . -16.96 27.77 32.08
N1N NAD N . -16.49 29.05 32.79
C2N NAD N . -15.26 28.81 33.51
C3N NAD N . -14.69 29.99 34.23
C7N NAD N . -13.41 29.86 35.01
O7N NAD N . -12.85 30.91 35.30
N7N NAD N . -12.89 28.58 35.40
C4N NAD N . -15.35 31.28 34.17
C5N NAD N . -16.57 31.41 33.42
C6N NAD N . -17.07 30.22 32.75
PA NAD O . -39.77 9.25 27.72
O1A NAD O . -39.92 10.05 26.37
O2A NAD O . -39.02 10.13 28.71
O5B NAD O . -38.98 7.81 27.53
C5B NAD O . -38.96 7.21 26.29
C4B NAD O . -37.64 7.30 25.43
O4B NAD O . -37.21 8.56 24.91
C3B NAD O . -36.35 6.65 25.90
O3B NAD O . -35.81 5.74 24.94
C2B NAD O . -35.55 7.79 26.24
O2B NAD O . -34.15 7.58 26.58
C1B NAD O . -35.83 8.75 25.13
N9A NAD O . -35.54 10.19 25.51
C8A NAD O . -35.87 10.68 26.75
N7A NAD O . -35.48 12.01 26.80
C5A NAD O . -34.91 12.37 25.62
C6A NAD O . -34.33 13.60 25.15
N6A NAD O . -34.30 14.70 26.09
N1A NAD O . -33.81 13.70 23.90
C2A NAD O . -33.86 12.59 23.09
N3A NAD O . -34.40 11.39 23.51
C4A NAD O . -34.94 11.22 24.78
O3 NAD O . -41.26 8.84 28.34
PN NAD O . -41.71 7.47 28.98
O1N NAD O . -42.91 7.70 29.99
O2N NAD O . -40.47 6.93 29.87
O5D NAD O . -42.04 6.34 27.92
C5D NAD O . -43.37 5.77 27.81
C4D NAD O . -44.34 6.36 26.78
O4D NAD O . -44.36 5.67 25.45
C3D NAD O . -45.84 6.65 27.09
O3D NAD O . -46.23 8.00 27.44
C2D NAD O . -46.62 5.90 26.01
O2D NAD O . -48.00 6.14 25.81
C1D NAD O . -45.65 5.95 24.81
N1N NAD O . -45.79 4.76 23.86
C2N NAD O . -46.34 5.17 22.57
C3N NAD O . -46.52 4.07 21.57
C7N NAD O . -47.10 4.33 20.18
O7N NAD O . -47.20 3.36 19.44
N7N NAD O . -47.56 5.62 19.74
C4N NAD O . -46.16 2.71 21.93
C5N NAD O . -45.62 2.42 23.24
C6N NAD O . -45.46 3.54 24.16
PA NAD P . -38.58 33.19 3.20
O1A NAD P . -38.59 31.70 3.71
O2A NAD P . -38.77 34.18 4.34
O5B NAD P . -39.80 33.37 2.14
C5B NAD P . -40.80 32.41 2.14
C4B NAD P . -42.08 32.68 3.04
O4B NAD P . -41.86 32.48 4.41
C3B NAD P . -42.80 34.02 2.96
O3B NAD P . -44.00 34.03 2.19
C2B NAD P . -42.87 34.54 4.33
O2B NAD P . -43.96 35.43 4.74
C1B NAD P . -42.70 33.34 5.16
N9A NAD P . -41.94 33.58 6.43
C8A NAD P . -40.80 34.35 6.56
N7A NAD P . -40.44 34.27 7.89
C5A NAD P . -41.32 33.46 8.59
C6A NAD P . -41.47 33.00 9.94
N6A NAD P . -40.48 33.42 10.94
N1A NAD P . -42.49 32.17 10.30
C2A NAD P . -43.42 31.77 9.36
N3A NAD P . -43.31 32.18 8.07
C4A NAD P . -42.28 33.02 7.63
O3 NAD P . -37.17 33.58 2.39
PN NAD P . -37.22 33.75 0.82
O1N NAD P . -35.80 34.08 0.19
O2N NAD P . -38.14 35.06 0.67
O5D NAD P . -38.00 32.58 0.07
C5D NAD P . -37.68 32.03 -1.24
C4D NAD P . -37.12 30.59 -1.42
O4D NAD P . -38.14 29.55 -1.73
C3D NAD P . -35.94 30.27 -2.39
O3D NAD P . -34.59 30.44 -1.91
C2D NAD P . -36.26 28.93 -3.06
O2D NAD P . -35.21 28.05 -3.35
C1D NAD P . -37.48 28.35 -2.28
N1N NAD P . -38.49 27.73 -3.27
C2N NAD P . -38.67 26.31 -3.10
C3N NAD P . -39.61 25.65 -4.07
C7N NAD P . -39.96 24.17 -4.02
O7N NAD P . -40.96 23.82 -4.63
N7N NAD P . -39.18 23.20 -3.30
C4N NAD P . -40.28 26.43 -5.08
C5N NAD P . -40.02 27.84 -5.16
C6N NAD P . -39.10 28.41 -4.20
#